data_9IGN
#
_entry.id   9IGN
#
_cell.length_a   1.00
_cell.length_b   1.00
_cell.length_c   1.00
_cell.angle_alpha   90.00
_cell.angle_beta   90.00
_cell.angle_gamma   90.00
#
_symmetry.space_group_name_H-M   'P 1'
#
_entity_poly.entity_id   1
_entity_poly.type   'polypeptide(L)'
_entity_poly.pdbx_seq_one_letter_code
;AEPVYPDQLRLFSLGQGVCGDKYRPVNREEAQSVKSNIVGMMGQWQISGLANGWVIMGPGYNGEIKPGTASNTWCYPTNP
VTGEIPTLSALDIPDGDEVDVQWRLVHDSANFIKPTSYLAHYLGYAWVGGNHSQYVGEDMDVTRDGDGWVIRGNNDGGCD
GYRCGDKTAIKVSNFAYNLDPDSFKHGDVTQSDRQLVKTVVGWAVNDSDTPQSGYDVTLRYDTATNWSKTNTYGLSEKVT
TKNKFKWPLVGETALSIAIAANQSWASQNGGSTTTSLSQSVRPTVPARSKIPVKIELYKADISYPYEFKADVSYDLTLSG
FLRWGGNAWYTHPDNRPNWNHTFVIGPYKDKASSIRYQWDKRYIPGEVKWWDWNWTIQQNGLSTMQNNLARVLRPVRAGI
TGDFSAESQFAGNIEIGAPVPLAA
;
_entity_poly.pdbx_strand_id   A,B,C,D,E,F,G,H,I,J,K,L,M,N
#
# COMPACT_ATOMS: atom_id res chain seq x y z
N ALA A 1 -36.93 57.10 0.43
CA ALA A 1 -37.08 56.62 1.84
C ALA A 1 -35.75 56.71 2.58
N GLU A 2 -35.81 57.03 3.87
CA GLU A 2 -34.64 57.13 4.73
C GLU A 2 -34.82 56.23 5.94
N PRO A 3 -33.72 55.75 6.53
CA PRO A 3 -33.86 54.88 7.71
C PRO A 3 -34.55 55.61 8.86
N VAL A 4 -35.39 54.89 9.62
CA VAL A 4 -36.13 55.46 10.76
C VAL A 4 -35.70 54.73 12.02
N TYR A 5 -35.31 55.49 13.08
CA TYR A 5 -34.91 54.91 14.36
C TYR A 5 -36.10 55.03 15.31
N PRO A 6 -36.61 53.93 15.91
CA PRO A 6 -37.84 54.00 16.72
C PRO A 6 -37.81 55.03 17.83
N ASP A 7 -36.63 55.37 18.37
CA ASP A 7 -36.50 56.31 19.50
C ASP A 7 -36.75 57.76 19.09
N GLN A 8 -36.78 58.07 17.77
CA GLN A 8 -36.97 59.43 17.26
C GLN A 8 -38.43 59.73 16.93
N LEU A 9 -39.28 58.69 16.81
CA LEU A 9 -40.67 58.87 16.41
C LEU A 9 -41.43 59.68 17.46
N ARG A 10 -42.40 60.48 17.00
CA ARG A 10 -43.20 61.31 17.89
C ARG A 10 -44.64 61.33 17.40
N LEU A 11 -45.59 61.03 18.28
CA LEU A 11 -46.99 60.98 17.91
C LEU A 11 -47.67 62.30 18.25
N PHE A 12 -48.05 63.07 17.23
CA PHE A 12 -48.72 64.35 17.40
C PHE A 12 -50.22 64.19 17.27
N SER A 13 -50.94 65.04 18.01
CA SER A 13 -52.41 65.08 18.00
C SER A 13 -52.91 66.48 17.63
N LEU A 14 -52.09 67.24 16.91
CA LEU A 14 -52.49 68.59 16.51
C LEU A 14 -53.73 68.55 15.63
N GLY A 15 -53.62 67.94 14.46
CA GLY A 15 -54.73 67.86 13.54
C GLY A 15 -54.43 66.86 12.45
N GLN A 16 -55.46 66.58 11.65
CA GLN A 16 -55.34 65.60 10.57
C GLN A 16 -54.24 66.01 9.59
N GLY A 17 -53.19 65.19 9.52
CA GLY A 17 -52.09 65.46 8.60
C GLY A 17 -51.29 66.71 8.94
N VAL A 18 -51.11 66.99 10.23
CA VAL A 18 -50.33 68.14 10.68
C VAL A 18 -49.31 67.65 11.70
N CYS A 19 -48.04 67.97 11.47
CA CYS A 19 -46.95 67.60 12.36
C CYS A 19 -46.47 68.83 13.12
N GLY A 20 -45.45 68.62 13.95
CA GLY A 20 -44.86 69.70 14.72
C GLY A 20 -44.03 70.62 13.86
N ASP A 21 -43.41 71.60 14.53
CA ASP A 21 -42.62 72.61 13.82
C ASP A 21 -41.59 71.96 12.90
N LYS A 22 -40.60 71.30 13.48
CA LYS A 22 -39.58 70.58 12.72
C LYS A 22 -39.91 69.08 12.72
N TYR A 23 -40.92 68.71 11.94
CA TYR A 23 -41.37 67.32 11.90
C TYR A 23 -42.04 67.04 10.57
N ARG A 24 -41.70 65.89 9.99
CA ARG A 24 -42.22 65.38 8.73
C ARG A 24 -43.14 64.18 8.97
N PRO A 25 -44.29 64.07 8.29
CA PRO A 25 -45.17 62.88 8.49
C PRO A 25 -44.48 61.60 8.05
N VAL A 26 -44.58 60.53 8.87
CA VAL A 26 -43.98 59.23 8.54
C VAL A 26 -44.74 58.64 7.36
N ASN A 27 -44.03 58.07 6.36
CA ASN A 27 -44.65 57.52 5.13
C ASN A 27 -45.17 56.10 5.44
N ARG A 28 -46.12 55.59 4.61
CA ARG A 28 -46.65 54.25 4.79
C ARG A 28 -45.57 53.20 4.57
N GLU A 29 -44.62 53.46 3.63
CA GLU A 29 -43.47 52.58 3.39
C GLU A 29 -42.54 52.59 4.59
N GLU A 30 -42.23 53.82 5.12
CA GLU A 30 -41.32 53.97 6.25
C GLU A 30 -41.88 53.33 7.52
N ALA A 31 -43.23 53.40 7.70
CA ALA A 31 -43.90 52.79 8.85
C ALA A 31 -43.83 51.28 8.76
N GLN A 32 -43.89 50.73 7.52
CA GLN A 32 -43.81 49.29 7.29
C GLN A 32 -42.44 48.76 7.67
N SER A 33 -41.37 49.59 7.51
CA SER A 33 -39.99 49.16 7.81
C SER A 33 -39.79 48.84 9.28
N VAL A 34 -40.50 49.53 10.19
CA VAL A 34 -40.36 49.34 11.63
C VAL A 34 -41.71 48.98 12.22
N LYS A 35 -42.50 48.22 11.46
CA LYS A 35 -43.88 47.94 11.83
C LYS A 35 -43.99 47.43 13.27
N SER A 36 -43.15 46.48 13.66
CA SER A 36 -43.30 45.86 14.97
C SER A 36 -43.10 46.86 16.10
N ASN A 37 -42.11 47.74 15.98
CA ASN A 37 -41.86 48.71 17.03
C ASN A 37 -43.04 49.66 17.21
N ILE A 38 -43.52 50.25 16.13
CA ILE A 38 -44.62 51.21 16.23
C ILE A 38 -45.87 50.51 16.74
N VAL A 39 -46.11 49.28 16.30
CA VAL A 39 -47.27 48.55 16.81
C VAL A 39 -47.13 48.28 18.29
N GLY A 40 -45.91 48.02 18.76
CA GLY A 40 -45.69 47.82 20.18
C GLY A 40 -45.81 49.09 21.00
N MET A 41 -45.66 50.26 20.37
CA MET A 41 -45.80 51.53 21.06
C MET A 41 -47.23 52.07 21.02
N MET A 42 -48.22 51.24 20.69
CA MET A 42 -49.60 51.68 20.55
C MET A 42 -50.52 50.92 21.49
N GLY A 43 -51.68 51.52 21.76
CA GLY A 43 -52.71 50.84 22.51
C GLY A 43 -53.43 49.79 21.68
N GLN A 44 -54.16 48.91 22.38
CA GLN A 44 -54.74 47.74 21.73
C GLN A 44 -55.69 48.13 20.59
N TRP A 45 -56.58 49.09 20.82
CA TRP A 45 -57.58 49.49 19.84
C TRP A 45 -57.34 50.91 19.32
N GLN A 46 -56.07 51.31 19.22
CA GLN A 46 -55.72 52.63 18.72
C GLN A 46 -55.51 52.59 17.21
N ILE A 47 -55.88 53.68 16.54
CA ILE A 47 -55.63 53.86 15.12
C ILE A 47 -55.04 55.26 14.92
N SER A 48 -53.95 55.34 14.16
CA SER A 48 -53.21 56.58 13.98
C SER A 48 -52.96 56.84 12.51
N GLY A 49 -52.71 58.11 12.17
CA GLY A 49 -52.60 58.50 10.79
C GLY A 49 -51.18 58.48 10.25
N LEU A 50 -51.09 58.34 8.93
CA LEU A 50 -49.83 58.36 8.20
C LEU A 50 -49.93 59.40 7.08
N ALA A 51 -48.90 59.44 6.24
CA ALA A 51 -48.87 60.37 5.12
C ALA A 51 -49.58 59.80 3.91
N ASN A 52 -50.20 60.70 3.13
CA ASN A 52 -50.86 60.34 1.88
C ASN A 52 -52.09 59.46 2.11
N GLY A 53 -52.85 59.77 3.14
CA GLY A 53 -54.08 59.05 3.41
C GLY A 53 -53.88 57.58 3.72
N TRP A 54 -53.17 57.29 4.81
CA TRP A 54 -53.00 55.93 5.29
C TRP A 54 -53.16 55.92 6.80
N VAL A 55 -53.29 54.73 7.37
CA VAL A 55 -53.57 54.58 8.79
C VAL A 55 -52.90 53.31 9.29
N ILE A 56 -52.39 53.36 10.52
CA ILE A 56 -51.80 52.22 11.20
C ILE A 56 -52.70 51.85 12.38
N MET A 57 -52.87 50.56 12.61
CA MET A 57 -53.78 50.06 13.64
C MET A 57 -52.99 49.31 14.71
N GLY A 58 -53.59 49.22 15.90
CA GLY A 58 -52.92 48.69 17.05
C GLY A 58 -52.89 47.18 17.08
N PRO A 59 -52.33 46.63 18.15
CA PRO A 59 -52.22 45.16 18.26
C PRO A 59 -53.54 44.43 18.17
N GLY A 60 -54.64 45.05 18.60
CA GLY A 60 -55.93 44.40 18.49
C GLY A 60 -56.30 44.06 17.06
N TYR A 61 -55.85 44.89 16.11
CA TYR A 61 -56.10 44.66 14.70
C TYR A 61 -54.95 43.95 14.00
N ASN A 62 -53.98 43.45 14.77
CA ASN A 62 -52.82 42.75 14.22
C ASN A 62 -51.92 43.68 13.41
N GLY A 63 -51.96 44.97 13.72
CA GLY A 63 -51.06 45.93 13.09
C GLY A 63 -51.25 46.08 11.60
N GLU A 64 -52.50 46.22 11.15
CA GLU A 64 -52.81 46.35 9.74
C GLU A 64 -52.64 47.80 9.30
N ILE A 65 -52.09 47.99 8.09
CA ILE A 65 -51.96 49.30 7.47
C ILE A 65 -52.96 49.36 6.32
N LYS A 66 -53.92 50.28 6.41
CA LYS A 66 -54.99 50.39 5.43
C LYS A 66 -55.25 51.86 5.11
N PRO A 67 -55.81 52.15 3.93
CA PRO A 67 -56.21 53.53 3.62
C PRO A 67 -57.23 54.06 4.61
N GLY A 68 -57.11 55.34 4.94
CA GLY A 68 -58.04 55.95 5.87
C GLY A 68 -57.54 57.32 6.30
N THR A 69 -58.20 57.87 7.32
CA THR A 69 -57.81 59.16 7.88
C THR A 69 -58.06 59.14 9.38
N ALA A 70 -57.26 59.91 10.12
CA ALA A 70 -57.36 59.96 11.56
C ALA A 70 -56.83 61.31 12.05
N SER A 71 -57.16 61.62 13.31
CA SER A 71 -56.76 62.90 13.88
C SER A 71 -55.29 62.91 14.28
N ASN A 72 -54.76 61.79 14.78
CA ASN A 72 -53.37 61.71 15.19
C ASN A 72 -52.46 61.58 13.98
N THR A 73 -51.15 61.59 14.22
CA THR A 73 -50.19 61.39 13.15
C THR A 73 -48.82 61.10 13.72
N TRP A 74 -48.19 60.01 13.27
CA TRP A 74 -46.79 59.75 13.60
C TRP A 74 -45.88 60.63 12.73
N CYS A 75 -44.99 61.36 13.38
CA CYS A 75 -44.06 62.27 12.70
C CYS A 75 -42.64 61.97 13.14
N TYR A 76 -41.70 62.21 12.22
CA TYR A 76 -40.27 62.01 12.38
C TYR A 76 -39.55 63.36 12.30
N PRO A 77 -38.52 63.61 13.11
CA PRO A 77 -37.88 64.93 13.08
C PRO A 77 -37.36 65.27 11.68
N THR A 78 -37.53 66.55 11.30
CA THR A 78 -37.11 66.98 9.98
C THR A 78 -35.59 66.94 9.83
N ASN A 79 -34.86 67.15 10.91
CA ASN A 79 -33.40 67.07 10.92
C ASN A 79 -32.99 66.11 12.03
N PRO A 80 -33.01 64.81 11.77
CA PRO A 80 -32.71 63.84 12.83
C PRO A 80 -31.29 63.98 13.32
N VAL A 81 -31.09 63.69 14.60
CA VAL A 81 -29.78 63.75 15.24
C VAL A 81 -29.17 62.36 15.22
N THR A 82 -27.85 62.30 15.07
CA THR A 82 -27.14 61.03 15.07
C THR A 82 -27.02 60.50 16.50
N GLY A 83 -27.47 59.27 16.71
CA GLY A 83 -27.42 58.62 18.00
C GLY A 83 -26.19 57.76 18.22
N GLU A 84 -25.13 57.97 17.43
CA GLU A 84 -23.96 57.11 17.53
C GLU A 84 -23.26 57.28 18.86
N ILE A 85 -22.54 56.24 19.27
CA ILE A 85 -21.83 56.21 20.55
C ILE A 85 -20.61 57.11 20.46
N PRO A 86 -20.45 58.09 21.35
CA PRO A 86 -19.30 58.99 21.26
C PRO A 86 -18.00 58.28 21.62
N THR A 87 -16.89 58.97 21.35
CA THR A 87 -15.56 58.47 21.64
C THR A 87 -14.89 59.36 22.67
N LEU A 88 -14.28 58.75 23.69
CA LEU A 88 -13.64 59.47 24.78
C LEU A 88 -12.13 59.46 24.62
N SER A 89 -11.47 60.28 25.42
CA SER A 89 -10.02 60.35 25.42
C SER A 89 -9.42 59.06 25.96
N ALA A 90 -8.23 58.72 25.48
CA ALA A 90 -7.60 57.46 25.84
C ALA A 90 -7.18 57.45 27.30
N LEU A 91 -7.07 56.23 27.85
CA LEU A 91 -6.59 56.01 29.21
C LEU A 91 -5.24 55.32 29.13
N ASP A 92 -4.22 55.94 29.72
CA ASP A 92 -2.85 55.46 29.63
C ASP A 92 -2.45 54.79 30.95
N ILE A 93 -1.94 53.57 30.85
CA ILE A 93 -1.50 52.82 32.03
C ILE A 93 -0.02 53.10 32.25
N PRO A 94 0.42 53.32 33.48
CA PRO A 94 1.86 53.51 33.71
C PRO A 94 2.66 52.29 33.31
N ASP A 95 3.91 52.53 32.89
CA ASP A 95 4.72 51.47 32.31
C ASP A 95 4.94 50.33 33.31
N GLY A 96 4.98 49.11 32.78
CA GLY A 96 5.17 47.94 33.61
C GLY A 96 5.07 46.68 32.77
N ASP A 97 5.14 45.51 33.43
CA ASP A 97 5.11 44.19 32.74
C ASP A 97 3.68 43.86 32.35
N GLU A 98 3.45 42.84 31.49
CA GLU A 98 2.11 42.43 31.05
C GLU A 98 1.12 42.24 32.19
N VAL A 99 1.48 41.48 33.26
CA VAL A 99 0.55 41.15 34.36
C VAL A 99 0.30 42.35 35.26
N ASP A 100 1.26 43.28 35.37
CA ASP A 100 1.08 44.54 36.10
C ASP A 100 0.07 45.44 35.40
N VAL A 101 0.13 45.52 34.07
CA VAL A 101 -0.83 46.34 33.33
C VAL A 101 -2.24 45.80 33.54
N GLN A 102 -2.39 44.47 33.44
CA GLN A 102 -3.73 43.90 33.64
C GLN A 102 -4.23 44.16 35.06
N TRP A 103 -3.35 44.02 36.05
CA TRP A 103 -3.74 44.25 37.45
C TRP A 103 -4.21 45.69 37.66
N ARG A 104 -3.46 46.66 37.12
CA ARG A 104 -3.87 48.05 37.24
C ARG A 104 -5.17 48.32 36.49
N LEU A 105 -5.39 47.63 35.37
CA LEU A 105 -6.63 47.83 34.62
C LEU A 105 -7.84 47.34 35.41
N VAL A 106 -7.79 46.10 35.91
CA VAL A 106 -9.00 45.49 36.46
C VAL A 106 -9.33 45.94 37.88
N HIS A 107 -8.45 46.70 38.53
CA HIS A 107 -8.70 47.20 39.87
C HIS A 107 -9.15 48.66 39.89
N ASP A 108 -9.43 49.24 38.73
CA ASP A 108 -9.89 50.62 38.65
C ASP A 108 -11.41 50.65 38.78
N SER A 109 -11.91 51.48 39.70
CA SER A 109 -13.35 51.51 39.99
C SER A 109 -14.09 52.48 39.08
N ALA A 110 -13.54 53.67 38.83
CA ALA A 110 -14.24 54.66 38.03
C ALA A 110 -14.22 54.30 36.55
N ASN A 111 -13.08 53.83 36.04
CA ASN A 111 -12.91 53.51 34.64
C ASN A 111 -13.17 52.04 34.33
N PHE A 112 -13.49 51.23 35.34
CA PHE A 112 -13.74 49.81 35.16
C PHE A 112 -14.57 49.35 36.35
N ILE A 113 -15.12 48.14 36.24
CA ILE A 113 -15.93 47.55 37.30
C ILE A 113 -17.31 48.20 37.30
N LYS A 114 -17.38 49.51 37.56
CA LYS A 114 -18.66 50.25 37.64
C LYS A 114 -19.24 50.46 36.23
N PRO A 115 -18.47 50.87 35.19
CA PRO A 115 -19.03 50.95 33.83
C PRO A 115 -19.43 49.57 33.34
N THR A 116 -18.71 48.50 33.74
CA THR A 116 -18.99 47.13 33.32
C THR A 116 -20.15 46.52 34.09
N SER A 117 -20.34 46.92 35.37
CA SER A 117 -21.42 46.40 36.23
C SER A 117 -22.75 47.02 35.83
N TYR A 118 -22.74 48.28 35.36
CA TYR A 118 -23.96 48.96 34.89
C TYR A 118 -24.42 48.40 33.55
N LEU A 119 -23.48 48.05 32.66
CA LEU A 119 -23.87 47.40 31.41
C LEU A 119 -24.60 46.09 31.68
N ALA A 120 -24.03 45.27 32.57
CA ALA A 120 -24.68 44.00 32.90
C ALA A 120 -26.05 44.22 33.51
N HIS A 121 -26.18 45.22 34.38
CA HIS A 121 -27.47 45.51 35.00
C HIS A 121 -28.49 45.95 33.95
N TYR A 122 -28.08 46.81 33.02
CA TYR A 122 -29.00 47.29 31.98
C TYR A 122 -29.45 46.15 31.09
N LEU A 123 -28.54 45.23 30.76
CA LEU A 123 -28.91 44.12 29.90
C LEU A 123 -29.90 43.15 30.56
N GLY A 124 -30.07 43.24 31.87
CA GLY A 124 -31.06 42.44 32.56
C GLY A 124 -30.52 41.31 33.44
N TYR A 125 -29.25 41.33 33.81
CA TYR A 125 -28.72 40.34 34.72
C TYR A 125 -29.13 40.67 36.16
N ALA A 126 -29.06 39.66 37.02
CA ALA A 126 -29.60 39.74 38.37
C ALA A 126 -28.48 39.83 39.41
N TRP A 127 -28.71 40.65 40.43
CA TRP A 127 -27.83 40.73 41.60
C TRP A 127 -26.40 41.09 41.21
N VAL A 128 -26.24 42.31 40.70
CA VAL A 128 -24.92 42.84 40.34
C VAL A 128 -24.49 43.75 41.49
N GLY A 129 -23.82 43.17 42.47
CA GLY A 129 -23.39 43.90 43.64
C GLY A 129 -23.27 42.99 44.84
N GLY A 130 -22.58 43.49 45.87
CA GLY A 130 -22.33 42.73 47.07
C GLY A 130 -23.39 42.93 48.13
N ASN A 131 -23.26 42.17 49.22
CA ASN A 131 -24.24 42.19 50.29
C ASN A 131 -24.14 43.41 51.20
N HIS A 132 -23.05 44.16 51.13
CA HIS A 132 -22.82 45.27 52.04
C HIS A 132 -23.19 46.62 51.44
N SER A 133 -23.91 46.63 50.32
CA SER A 133 -24.36 47.87 49.71
C SER A 133 -25.63 47.61 48.91
N GLN A 134 -26.34 48.69 48.60
CA GLN A 134 -27.58 48.62 47.82
C GLN A 134 -27.41 49.03 46.37
N TYR A 135 -26.27 49.60 46.00
CA TYR A 135 -26.05 50.11 44.66
C TYR A 135 -25.28 49.10 43.82
N VAL A 136 -25.51 49.16 42.51
CA VAL A 136 -24.93 48.17 41.59
C VAL A 136 -23.42 48.42 41.48
N GLY A 137 -22.65 47.34 41.57
CA GLY A 137 -21.21 47.42 41.41
C GLY A 137 -20.52 48.22 42.49
N GLU A 138 -20.89 48.02 43.77
CA GLU A 138 -20.34 48.80 44.89
C GLU A 138 -19.42 47.97 45.76
N ASP A 139 -19.88 46.79 46.24
CA ASP A 139 -19.09 45.92 47.11
C ASP A 139 -18.67 44.69 46.31
N MET A 140 -17.70 44.85 45.38
CA MET A 140 -17.29 43.77 44.46
C MET A 140 -15.90 43.25 44.81
N ASP A 141 -15.60 41.97 44.48
CA ASP A 141 -14.33 41.32 44.75
C ASP A 141 -13.70 40.89 43.44
N VAL A 142 -12.37 40.98 43.38
CA VAL A 142 -11.59 40.68 42.18
C VAL A 142 -10.62 39.57 42.50
N THR A 143 -10.57 38.55 41.65
CA THR A 143 -9.69 37.40 41.85
C THR A 143 -8.99 37.03 40.55
N ARG A 144 -7.78 36.50 40.69
CA ARG A 144 -7.00 36.00 39.56
C ARG A 144 -7.32 34.52 39.36
N ASP A 145 -7.92 34.18 38.22
CA ASP A 145 -8.34 32.82 37.92
C ASP A 145 -7.60 32.35 36.67
N GLY A 146 -6.60 31.49 36.87
CA GLY A 146 -5.85 30.98 35.73
C GLY A 146 -5.16 32.12 35.01
N ASP A 147 -5.49 32.28 33.73
CA ASP A 147 -4.90 33.32 32.89
C ASP A 147 -5.82 34.53 32.74
N GLY A 148 -6.88 34.61 33.55
CA GLY A 148 -7.81 35.72 33.46
C GLY A 148 -8.20 36.26 34.82
N TRP A 149 -9.17 37.18 34.83
CA TRP A 149 -9.63 37.79 36.07
C TRP A 149 -11.14 37.64 36.20
N VAL A 150 -11.62 37.58 37.44
CA VAL A 150 -13.03 37.42 37.75
C VAL A 150 -13.45 38.48 38.75
N ILE A 151 -14.54 39.19 38.44
CA ILE A 151 -15.12 40.20 39.31
C ILE A 151 -16.54 39.76 39.65
N ARG A 152 -16.87 39.77 40.95
CA ARG A 152 -18.23 39.42 41.34
C ARG A 152 -18.52 39.94 42.75
N GLY A 153 -19.81 40.06 43.06
CA GLY A 153 -20.21 40.64 44.32
C GLY A 153 -19.83 39.76 45.50
N ASN A 154 -19.47 40.41 46.61
CA ASN A 154 -19.17 39.69 47.84
C ASN A 154 -20.43 39.05 48.41
N ASN A 155 -20.27 37.83 48.95
CA ASN A 155 -21.41 37.02 49.39
C ASN A 155 -21.32 36.63 50.86
N ASP A 156 -20.59 37.41 51.67
CA ASP A 156 -20.51 37.13 53.10
C ASP A 156 -21.71 37.75 53.82
N GLY A 157 -22.15 37.10 54.90
CA GLY A 157 -23.33 37.57 55.67
C GLY A 157 -24.59 37.06 55.01
N GLY A 158 -25.76 37.65 55.35
CA GLY A 158 -27.05 37.25 54.81
C GLY A 158 -27.54 38.26 53.77
N CYS A 159 -28.70 37.96 53.12
CA CYS A 159 -29.30 38.86 52.11
C CYS A 159 -30.79 38.54 52.00
N ASP A 160 -31.61 39.55 51.62
CA ASP A 160 -33.07 39.37 51.42
C ASP A 160 -33.37 39.50 49.93
N GLY A 161 -34.17 38.55 49.37
CA GLY A 161 -34.53 38.55 47.94
C GLY A 161 -34.57 37.11 47.45
N TYR A 162 -35.44 36.85 46.44
CA TYR A 162 -35.51 35.50 45.85
C TYR A 162 -34.22 35.18 45.10
N ARG A 163 -33.63 34.04 45.43
CA ARG A 163 -32.40 33.57 44.80
C ARG A 163 -31.25 34.57 44.98
N CYS A 164 -31.26 35.34 46.06
CA CYS A 164 -30.11 36.18 46.39
C CYS A 164 -29.00 35.27 46.89
N GLY A 165 -27.87 35.29 46.21
CA GLY A 165 -26.81 34.33 46.46
C GLY A 165 -26.23 33.85 45.16
N ASP A 166 -27.05 33.85 44.11
CA ASP A 166 -26.59 33.63 42.75
C ASP A 166 -26.26 34.99 42.15
N LYS A 167 -24.99 35.37 42.22
CA LYS A 167 -24.54 36.69 41.80
C LYS A 167 -23.82 36.58 40.46
N THR A 168 -24.17 37.47 39.54
CA THR A 168 -23.58 37.44 38.20
C THR A 168 -22.10 37.76 38.27
N ALA A 169 -21.34 37.20 37.33
CA ALA A 169 -19.89 37.32 37.29
C ALA A 169 -19.44 37.96 35.99
N ILE A 170 -18.37 38.76 36.08
CA ILE A 170 -17.73 39.39 34.93
C ILE A 170 -16.34 38.79 34.82
N LYS A 171 -16.01 38.23 33.66
CA LYS A 171 -14.74 37.53 33.46
C LYS A 171 -13.97 38.22 32.33
N VAL A 172 -12.76 38.68 32.63
CA VAL A 172 -11.91 39.34 31.66
C VAL A 172 -10.79 38.37 31.24
N SER A 173 -10.56 38.25 29.94
CA SER A 173 -9.60 37.26 29.46
C SER A 173 -9.07 37.68 28.09
N ASN A 174 -8.11 36.90 27.60
CA ASN A 174 -7.60 36.97 26.23
C ASN A 174 -7.13 38.38 25.87
N PHE A 175 -6.12 38.85 26.59
CA PHE A 175 -5.55 40.16 26.32
C PHE A 175 -4.64 40.12 25.09
N ALA A 176 -4.54 41.27 24.43
CA ALA A 176 -3.67 41.42 23.27
C ALA A 176 -3.26 42.88 23.15
N TYR A 177 -2.13 43.10 22.49
CA TYR A 177 -1.52 44.43 22.42
C TYR A 177 -1.12 44.71 20.99
N ASN A 178 -1.67 45.76 20.41
CA ASN A 178 -1.39 46.13 19.02
C ASN A 178 -0.77 47.52 18.98
N LEU A 179 0.37 47.65 18.31
CA LEU A 179 1.10 48.91 18.25
C LEU A 179 0.63 49.75 17.08
N ASP A 180 0.53 51.07 17.30
CA ASP A 180 0.20 52.02 16.24
C ASP A 180 1.42 52.86 15.88
N PRO A 181 1.60 53.19 14.59
CA PRO A 181 2.84 53.90 14.19
C PRO A 181 2.81 55.40 14.42
N ASP A 182 1.69 55.98 14.81
CA ASP A 182 1.56 57.43 14.91
C ASP A 182 1.94 57.98 16.27
N SER A 183 2.40 57.14 17.20
CA SER A 183 2.77 57.56 18.54
C SER A 183 4.28 57.70 18.72
N PHE A 184 5.05 57.64 17.63
CA PHE A 184 6.50 57.68 17.75
C PHE A 184 6.96 58.99 18.37
N LYS A 185 7.97 58.90 19.23
CA LYS A 185 8.57 60.06 19.85
C LYS A 185 9.98 59.71 20.28
N HIS A 186 10.91 60.65 20.13
CA HIS A 186 12.31 60.44 20.45
C HIS A 186 12.84 61.61 21.26
N GLY A 187 13.94 61.37 21.96
CA GLY A 187 14.56 62.38 22.79
C GLY A 187 15.72 63.08 22.10
N ASP A 188 16.91 63.00 22.71
CA ASP A 188 18.09 63.62 22.14
C ASP A 188 18.65 62.75 21.01
N VAL A 189 19.71 63.25 20.37
CA VAL A 189 20.31 62.55 19.23
C VAL A 189 21.80 62.36 19.49
N THR A 190 22.19 62.25 20.75
CA THR A 190 23.59 62.05 21.11
C THR A 190 24.13 60.77 20.50
N TYR A 304 19.27 57.10 19.69
CA TYR A 304 18.42 57.90 20.55
C TYR A 304 17.35 57.05 21.21
N PRO A 305 16.79 57.54 22.33
CA PRO A 305 15.72 56.81 23.02
C PRO A 305 14.37 57.06 22.37
N TYR A 306 13.68 55.99 21.98
CA TYR A 306 12.37 56.07 21.35
C TYR A 306 11.27 55.78 22.38
N GLU A 307 10.03 55.91 21.93
CA GLU A 307 8.88 55.69 22.80
C GLU A 307 7.65 55.44 21.93
N PHE A 308 6.83 54.48 22.33
CA PHE A 308 5.62 54.12 21.61
C PHE A 308 4.50 53.86 22.61
N LYS A 309 3.28 53.76 22.08
CA LYS A 309 2.11 53.36 22.87
C LYS A 309 1.33 52.32 22.10
N ALA A 310 0.91 51.26 22.78
CA ALA A 310 0.18 50.16 22.18
C ALA A 310 -1.21 50.05 22.78
N ASP A 311 -2.20 49.81 21.91
CA ASP A 311 -3.58 49.66 22.35
C ASP A 311 -3.85 48.25 22.85
N VAL A 312 -4.65 48.15 23.90
CA VAL A 312 -4.95 46.88 24.54
C VAL A 312 -6.37 46.45 24.18
N SER A 313 -6.54 45.15 23.92
CA SER A 313 -7.85 44.58 23.62
C SER A 313 -8.02 43.29 24.42
N TYR A 314 -9.28 42.93 24.66
CA TYR A 314 -9.57 41.77 25.49
C TYR A 314 -11.00 41.29 25.23
N ASP A 315 -11.36 40.21 25.90
CA ASP A 315 -12.70 39.63 25.83
C ASP A 315 -13.35 39.70 27.20
N LEU A 316 -14.64 40.08 27.20
CA LEU A 316 -15.42 40.29 28.41
C LEU A 316 -16.60 39.34 28.40
N THR A 317 -16.74 38.53 29.43
CA THR A 317 -17.80 37.54 29.52
C THR A 317 -18.71 37.86 30.70
N LEU A 318 -20.02 37.85 30.45
CA LEU A 318 -21.03 38.05 31.46
C LEU A 318 -21.75 36.74 31.70
N SER A 319 -21.85 36.33 32.98
CA SER A 319 -22.47 35.06 33.34
C SER A 319 -23.47 35.28 34.46
N GLY A 320 -24.68 34.76 34.29
CA GLY A 320 -25.72 34.90 35.30
C GLY A 320 -27.07 34.57 34.72
N PHE A 321 -28.10 34.71 35.56
CA PHE A 321 -29.47 34.41 35.13
C PHE A 321 -30.24 35.71 34.91
N LEU A 322 -31.11 35.69 33.90
CA LEU A 322 -31.84 36.88 33.49
C LEU A 322 -33.07 37.12 34.35
N ARG A 323 -33.36 38.39 34.61
CA ARG A 323 -34.45 38.75 35.49
C ARG A 323 -35.81 38.36 34.90
N TRP A 324 -36.74 38.02 35.78
CA TRP A 324 -38.07 37.63 35.35
C TRP A 324 -38.89 38.82 34.89
N GLY A 325 -38.77 39.95 35.59
CA GLY A 325 -39.56 41.11 35.24
C GLY A 325 -39.28 41.62 33.83
N GLY A 326 -38.01 41.71 33.47
CA GLY A 326 -37.64 42.19 32.15
C GLY A 326 -36.16 42.09 31.86
N ASN A 327 -35.82 41.60 30.67
CA ASN A 327 -34.44 41.51 30.21
C ASN A 327 -34.37 41.96 28.76
N ALA A 328 -33.14 42.10 28.25
CA ALA A 328 -32.91 42.67 26.93
C ALA A 328 -32.72 41.64 25.84
N TRP A 329 -32.80 40.35 26.15
CA TRP A 329 -32.66 39.33 25.11
C TRP A 329 -33.86 39.41 24.16
N TYR A 330 -33.60 39.18 22.87
CA TYR A 330 -34.61 39.49 21.87
C TYR A 330 -35.84 38.60 22.00
N THR A 331 -35.70 37.38 22.51
CA THR A 331 -36.86 36.54 22.75
C THR A 331 -37.54 36.83 24.08
N HIS A 332 -36.88 37.58 24.97
CA HIS A 332 -37.45 37.96 26.26
C HIS A 332 -37.90 36.73 27.05
N PRO A 333 -36.96 35.85 27.44
CA PRO A 333 -37.35 34.69 28.24
C PRO A 333 -37.92 35.10 29.59
N ASP A 334 -38.80 34.27 30.12
CA ASP A 334 -39.54 34.61 31.34
C ASP A 334 -39.43 33.52 32.40
N ASN A 335 -38.45 32.63 32.30
CA ASN A 335 -38.30 31.52 33.25
C ASN A 335 -36.97 31.56 34.00
N ARG A 336 -36.35 32.74 34.11
CA ARG A 336 -35.10 32.91 34.83
C ARG A 336 -34.04 31.88 34.43
N PRO A 337 -33.67 31.83 33.16
CA PRO A 337 -32.64 30.87 32.72
C PRO A 337 -31.23 31.40 32.96
N ASN A 338 -30.28 30.48 33.01
CA ASN A 338 -28.87 30.84 33.06
C ASN A 338 -28.41 31.29 31.67
N TRP A 339 -27.36 32.12 31.66
CA TRP A 339 -26.93 32.75 30.42
C TRP A 339 -25.46 33.13 30.53
N ASN A 340 -24.74 32.94 29.42
CA ASN A 340 -23.36 33.37 29.28
C ASN A 340 -23.23 34.07 27.94
N HIS A 341 -22.57 35.23 27.92
CA HIS A 341 -22.34 35.94 26.68
C HIS A 341 -20.96 36.58 26.69
N THR A 342 -20.40 36.78 25.50
CA THR A 342 -19.05 37.33 25.35
C THR A 342 -19.05 38.50 24.37
N PHE A 343 -18.28 39.53 24.72
CA PHE A 343 -18.02 40.66 23.86
C PHE A 343 -16.52 40.81 23.64
N VAL A 344 -16.15 41.34 22.48
CA VAL A 344 -14.75 41.63 22.16
C VAL A 344 -14.57 43.13 22.23
N ILE A 345 -13.79 43.60 23.20
CA ILE A 345 -13.57 45.04 23.39
C ILE A 345 -12.34 45.39 22.56
N GLY A 346 -12.57 45.72 21.30
CA GLY A 346 -11.50 46.01 20.37
C GLY A 346 -11.99 46.02 18.94
N PRO A 347 -11.11 45.69 17.99
CA PRO A 347 -11.52 45.72 16.58
C PRO A 347 -12.59 44.67 16.28
N TYR A 348 -13.43 45.00 15.29
CA TYR A 348 -14.53 44.13 14.92
C TYR A 348 -14.03 42.75 14.50
N LYS A 349 -14.71 41.71 14.99
CA LYS A 349 -14.45 40.34 14.55
C LYS A 349 -15.70 39.60 14.10
N ASP A 350 -16.83 39.82 14.77
CA ASP A 350 -18.07 39.12 14.44
C ASP A 350 -19.25 40.01 14.78
N LYS A 351 -20.41 39.65 14.22
CA LYS A 351 -21.63 40.40 14.52
C LYS A 351 -22.13 40.10 15.92
N ALA A 352 -21.97 38.86 16.39
CA ALA A 352 -22.51 38.47 17.67
C ALA A 352 -21.76 39.12 18.83
N SER A 353 -20.48 39.44 18.65
CA SER A 353 -19.64 39.95 19.73
C SER A 353 -19.28 41.41 19.55
N SER A 354 -19.97 42.15 18.68
CA SER A 354 -19.68 43.55 18.42
C SER A 354 -20.82 44.41 18.94
N ILE A 355 -20.53 45.26 19.93
CA ILE A 355 -21.54 46.17 20.45
C ILE A 355 -21.87 47.26 19.44
N ARG A 356 -20.84 47.87 18.83
CA ARG A 356 -21.08 49.01 17.92
C ARG A 356 -21.95 48.60 16.74
N TYR A 357 -21.65 47.43 16.11
CA TYR A 357 -22.42 46.90 14.99
C TYR A 357 -23.91 46.74 15.33
N GLN A 358 -24.21 46.02 16.44
CA GLN A 358 -25.59 45.75 16.83
C GLN A 358 -26.37 47.03 17.12
N TRP A 359 -25.69 48.06 17.69
CA TRP A 359 -26.31 49.35 18.04
C TRP A 359 -26.63 50.16 16.78
N ASP A 360 -25.82 50.02 15.71
CA ASP A 360 -25.99 50.78 14.47
C ASP A 360 -27.03 50.17 13.54
N LYS A 361 -27.43 48.90 13.74
CA LYS A 361 -28.41 48.21 12.90
C LYS A 361 -29.71 48.00 13.68
N ARG A 362 -30.05 48.94 14.59
CA ARG A 362 -31.24 48.83 15.44
C ARG A 362 -32.47 49.33 14.69
N TYR A 363 -32.29 49.81 13.43
CA TYR A 363 -33.37 50.29 12.57
C TYR A 363 -33.81 49.20 11.58
N ILE A 364 -33.07 48.06 11.48
CA ILE A 364 -33.44 46.91 10.66
C ILE A 364 -33.99 45.81 11.59
N PRO A 365 -35.32 45.55 11.63
CA PRO A 365 -35.85 44.52 12.56
C PRO A 365 -35.30 43.12 12.35
N GLY A 366 -34.93 42.72 11.13
CA GLY A 366 -34.47 41.37 10.81
C GLY A 366 -33.02 41.11 11.17
N GLU A 367 -32.25 42.16 11.52
CA GLU A 367 -30.85 42.03 11.96
C GLU A 367 -30.76 41.81 13.46
N VAL A 368 -31.86 42.04 14.20
CA VAL A 368 -31.89 41.94 15.68
C VAL A 368 -32.01 40.47 16.05
N LYS A 369 -30.89 39.83 16.48
CA LYS A 369 -30.86 38.42 16.80
C LYS A 369 -30.20 38.09 18.13
N TRP A 370 -29.48 39.02 18.76
CA TRP A 370 -28.85 38.75 20.05
C TRP A 370 -29.40 39.63 21.16
N TRP A 371 -29.31 40.95 21.05
CA TRP A 371 -29.78 41.86 22.08
C TRP A 371 -30.68 42.92 21.47
N ASP A 372 -31.67 43.35 22.24
CA ASP A 372 -32.64 44.35 21.81
C ASP A 372 -32.29 45.68 22.47
N TRP A 373 -31.53 46.51 21.75
CA TRP A 373 -31.08 47.78 22.31
C TRP A 373 -32.18 48.83 22.35
N ASN A 374 -33.17 48.73 21.47
CA ASN A 374 -34.31 49.64 21.55
C ASN A 374 -35.03 49.50 22.88
N TRP A 375 -35.09 48.26 23.40
CA TRP A 375 -35.69 48.05 24.71
C TRP A 375 -34.93 48.78 25.80
N THR A 376 -33.60 48.72 25.76
CA THR A 376 -32.80 49.43 26.76
C THR A 376 -32.98 50.93 26.63
N ILE A 377 -33.05 51.44 25.40
CA ILE A 377 -33.26 52.87 25.20
C ILE A 377 -34.60 53.30 25.79
N GLN A 378 -35.66 52.51 25.55
CA GLN A 378 -36.96 52.83 26.12
C GLN A 378 -36.92 52.77 27.64
N GLN A 379 -36.20 51.79 28.20
CA GLN A 379 -36.23 51.58 29.64
C GLN A 379 -35.45 52.67 30.38
N ASN A 380 -34.29 53.08 29.86
CA ASN A 380 -33.39 53.94 30.61
C ASN A 380 -33.16 55.31 29.98
N GLY A 381 -33.46 55.50 28.71
CA GLY A 381 -33.20 56.77 28.04
C GLY A 381 -31.98 56.70 27.14
N LEU A 382 -31.99 57.54 26.11
CA LEU A 382 -30.95 57.47 25.08
C LEU A 382 -29.61 57.98 25.60
N SER A 383 -29.60 59.11 26.29
CA SER A 383 -28.33 59.73 26.68
C SER A 383 -27.57 58.85 27.66
N THR A 384 -28.25 58.31 28.66
CA THR A 384 -27.58 57.48 29.66
C THR A 384 -26.97 56.24 29.03
N MET A 385 -27.70 55.60 28.13
CA MET A 385 -27.21 54.37 27.51
C MET A 385 -25.96 54.63 26.68
N GLN A 386 -25.96 55.70 25.89
CA GLN A 386 -24.80 55.98 25.06
C GLN A 386 -23.62 56.47 25.90
N ASN A 387 -23.86 57.20 26.98
CA ASN A 387 -22.77 57.55 27.88
C ASN A 387 -22.14 56.31 28.49
N ASN A 388 -22.96 55.36 28.96
CA ASN A 388 -22.42 54.15 29.54
C ASN A 388 -21.63 53.35 28.51
N LEU A 389 -22.18 53.21 27.30
CA LEU A 389 -21.46 52.45 26.27
C LEU A 389 -20.18 53.15 25.85
N ALA A 390 -20.15 54.49 25.85
CA ALA A 390 -18.92 55.21 25.58
C ALA A 390 -17.88 54.92 26.65
N ARG A 391 -18.30 54.89 27.92
CA ARG A 391 -17.34 54.59 28.99
C ARG A 391 -16.85 53.15 28.91
N VAL A 392 -17.70 52.22 28.49
CA VAL A 392 -17.27 50.82 28.41
C VAL A 392 -16.23 50.63 27.31
N LEU A 393 -16.37 51.34 26.19
CA LEU A 393 -15.50 51.17 25.04
C LEU A 393 -14.35 52.17 25.01
N ARG A 394 -13.98 52.71 26.16
CA ARG A 394 -12.91 53.71 26.21
C ARG A 394 -11.58 53.07 25.84
N PRO A 395 -10.80 53.66 24.93
CA PRO A 395 -9.52 53.06 24.55
C PRO A 395 -8.55 53.00 25.72
N VAL A 396 -7.69 51.98 25.70
CA VAL A 396 -6.69 51.74 26.74
C VAL A 396 -5.34 51.56 26.07
N ARG A 397 -4.32 52.30 26.55
CA ARG A 397 -3.00 52.30 25.96
C ARG A 397 -1.94 52.00 27.02
N ALA A 398 -0.86 51.38 26.58
CA ALA A 398 0.28 51.04 27.43
C ALA A 398 1.57 51.49 26.77
N GLY A 399 2.47 52.05 27.57
CA GLY A 399 3.70 52.61 27.03
C GLY A 399 4.76 51.54 26.75
N ILE A 400 5.64 51.84 25.80
CA ILE A 400 6.76 51.00 25.45
C ILE A 400 7.97 51.89 25.21
N THR A 401 9.12 51.47 25.74
CA THR A 401 10.36 52.23 25.59
C THR A 401 11.50 51.32 25.17
N ALA B 1 -29.06 38.59 -47.87
CA ALA B 1 -30.14 38.50 -46.84
C ALA B 1 -29.73 39.24 -45.57
N GLU B 2 -30.71 39.87 -44.92
CA GLU B 2 -30.49 40.60 -43.68
C GLU B 2 -31.44 40.08 -42.61
N PRO B 3 -31.06 40.19 -41.34
CA PRO B 3 -31.95 39.69 -40.27
C PRO B 3 -33.29 40.43 -40.27
N VAL B 4 -34.38 39.70 -39.99
CA VAL B 4 -35.74 40.28 -39.96
C VAL B 4 -36.30 40.13 -38.55
N TYR B 5 -36.80 41.24 -37.96
CA TYR B 5 -37.41 41.22 -36.63
C TYR B 5 -38.92 41.19 -36.81
N PRO B 6 -39.65 40.19 -36.25
CA PRO B 6 -41.09 40.05 -36.52
C PRO B 6 -41.92 41.30 -36.24
N ASP B 7 -41.48 42.16 -35.31
CA ASP B 7 -42.24 43.37 -34.92
C ASP B 7 -42.20 44.47 -35.97
N GLN B 8 -41.29 44.36 -36.98
CA GLN B 8 -41.12 45.37 -38.02
C GLN B 8 -41.94 45.04 -39.28
N LEU B 9 -42.40 43.79 -39.43
CA LEU B 9 -43.11 43.37 -40.63
C LEU B 9 -44.42 44.11 -40.78
N ARG B 10 -44.82 44.37 -42.03
CA ARG B 10 -46.06 45.09 -42.31
C ARG B 10 -46.71 44.47 -43.54
N LEU B 11 -47.99 44.13 -43.42
CA LEU B 11 -48.72 43.49 -44.52
C LEU B 11 -49.50 44.55 -45.31
N PHE B 12 -49.08 44.81 -46.55
CA PHE B 12 -49.74 45.78 -47.40
C PHE B 12 -50.70 45.09 -48.35
N SER B 13 -51.77 45.81 -48.70
CA SER B 13 -52.79 45.33 -49.64
C SER B 13 -52.95 46.31 -50.80
N LEU B 14 -51.90 47.07 -51.10
CA LEU B 14 -51.96 48.03 -52.20
C LEU B 14 -52.21 47.32 -53.52
N GLY B 15 -51.27 46.48 -53.94
CA GLY B 15 -51.40 45.77 -55.20
C GLY B 15 -50.37 44.67 -55.28
N GLN B 16 -50.51 43.85 -56.31
CA GLN B 16 -49.61 42.70 -56.49
C GLN B 16 -48.17 43.18 -56.63
N GLY B 17 -47.33 42.78 -55.67
CA GLY B 17 -45.93 43.15 -55.70
C GLY B 17 -45.67 44.63 -55.53
N VAL B 18 -46.47 45.31 -54.70
CA VAL B 18 -46.29 46.74 -54.43
C VAL B 18 -46.27 46.94 -52.92
N CYS B 19 -45.23 47.59 -52.42
CA CYS B 19 -45.07 47.89 -51.01
C CYS B 19 -45.34 49.37 -50.75
N GLY B 20 -45.20 49.77 -49.49
CA GLY B 20 -45.38 51.14 -49.11
C GLY B 20 -44.23 52.02 -49.55
N ASP B 21 -44.31 53.30 -49.17
CA ASP B 21 -43.30 54.27 -49.58
C ASP B 21 -41.90 53.79 -49.24
N LYS B 22 -41.58 53.70 -47.96
CA LYS B 22 -40.28 53.19 -47.51
C LYS B 22 -40.45 51.74 -47.05
N TYR B 23 -40.58 50.84 -48.02
CA TYR B 23 -40.80 49.43 -47.71
C TYR B 23 -40.32 48.57 -48.87
N ARG B 24 -39.62 47.50 -48.53
CA ARG B 24 -39.07 46.51 -49.44
C ARG B 24 -39.83 45.18 -49.32
N PRO B 25 -40.15 44.50 -50.43
CA PRO B 25 -40.85 43.18 -50.32
C PRO B 25 -39.99 42.15 -49.62
N VAL B 26 -40.59 41.39 -48.67
CA VAL B 26 -39.87 40.33 -47.94
C VAL B 26 -39.54 39.21 -48.92
N ASN B 27 -38.30 38.67 -48.87
CA ASN B 27 -37.85 37.62 -49.81
C ASN B 27 -38.36 36.26 -49.30
N ARG B 28 -38.42 35.25 -50.21
CA ARG B 28 -38.85 33.90 -49.84
C ARG B 28 -37.88 33.27 -48.84
N GLU B 29 -36.56 33.57 -48.98
CA GLU B 29 -35.54 33.11 -48.02
C GLU B 29 -35.73 33.78 -46.68
N GLU B 30 -35.96 35.13 -46.68
CA GLU B 30 -36.13 35.91 -45.44
C GLU B 30 -37.38 35.49 -44.71
N ALA B 31 -38.46 35.14 -45.44
CA ALA B 31 -39.72 34.68 -44.85
C ALA B 31 -39.54 33.33 -44.19
N GLN B 32 -38.68 32.47 -44.80
CA GLN B 32 -38.38 31.14 -44.26
C GLN B 32 -37.65 31.23 -42.93
N SER B 33 -36.84 32.31 -42.73
CA SER B 33 -36.06 32.48 -41.50
C SER B 33 -36.94 32.67 -40.28
N VAL B 34 -38.12 33.31 -40.43
CA VAL B 34 -39.04 33.59 -39.33
C VAL B 34 -40.39 32.96 -39.63
N LYS B 35 -40.37 31.80 -40.27
CA LYS B 35 -41.59 31.17 -40.76
C LYS B 35 -42.67 31.09 -39.69
N SER B 36 -42.30 30.63 -38.49
CA SER B 36 -43.30 30.39 -37.45
C SER B 36 -44.01 31.67 -37.04
N ASN B 37 -43.27 32.77 -36.89
CA ASN B 37 -43.89 34.03 -36.49
C ASN B 37 -44.90 34.51 -37.52
N ILE B 38 -44.49 34.57 -38.78
CA ILE B 38 -45.38 35.08 -39.83
C ILE B 38 -46.60 34.17 -39.97
N VAL B 39 -46.40 32.86 -39.86
CA VAL B 39 -47.53 31.95 -39.93
C VAL B 39 -48.47 32.17 -38.76
N GLY B 40 -47.93 32.49 -37.58
CA GLY B 40 -48.78 32.78 -36.44
C GLY B 40 -49.50 34.11 -36.54
N MET B 41 -49.01 35.03 -37.37
CA MET B 41 -49.66 36.32 -37.58
C MET B 41 -50.66 36.30 -38.73
N MET B 42 -51.08 35.13 -39.18
CA MET B 42 -51.97 35.00 -40.33
C MET B 42 -53.25 34.27 -39.96
N GLY B 43 -54.28 34.48 -40.77
CA GLY B 43 -55.51 33.73 -40.63
C GLY B 43 -55.38 32.31 -41.15
N GLN B 44 -56.35 31.46 -40.77
CA GLN B 44 -56.24 30.03 -41.04
C GLN B 44 -56.11 29.74 -42.53
N TRP B 45 -56.96 30.36 -43.36
CA TRP B 45 -56.98 30.09 -44.79
C TRP B 45 -56.51 31.30 -45.60
N GLN B 46 -55.56 32.06 -45.06
CA GLN B 46 -55.03 33.23 -45.74
C GLN B 46 -53.81 32.85 -46.57
N ILE B 47 -53.65 33.51 -47.71
CA ILE B 47 -52.47 33.36 -48.55
C ILE B 47 -51.98 34.76 -48.94
N SER B 48 -50.68 34.99 -48.79
CA SER B 48 -50.10 36.31 -48.99
C SER B 48 -48.88 36.21 -49.90
N GLY B 49 -48.54 37.35 -50.53
CA GLY B 49 -47.50 37.35 -51.53
C GLY B 49 -46.12 37.66 -50.98
N LEU B 50 -45.10 37.20 -51.72
CA LEU B 50 -43.70 37.45 -51.42
C LEU B 50 -43.03 38.04 -52.65
N ALA B 51 -41.71 38.19 -52.59
CA ALA B 51 -40.95 38.73 -53.70
C ALA B 51 -40.56 37.63 -54.68
N ASN B 52 -40.49 38.00 -55.96
CA ASN B 52 -40.05 37.10 -57.03
C ASN B 52 -41.03 35.95 -57.25
N GLY B 53 -42.32 36.25 -57.19
CA GLY B 53 -43.34 35.27 -57.47
C GLY B 53 -43.34 34.10 -56.49
N TRP B 54 -43.59 34.39 -55.22
CA TRP B 54 -43.74 33.36 -54.20
C TRP B 54 -44.93 33.72 -53.32
N VAL B 55 -45.37 32.77 -52.50
CA VAL B 55 -46.56 32.94 -51.69
C VAL B 55 -46.39 32.17 -50.40
N ILE B 56 -46.91 32.74 -49.30
CA ILE B 56 -46.92 32.11 -47.98
C ILE B 56 -48.37 31.80 -47.63
N MET B 57 -48.59 30.65 -47.00
CA MET B 57 -49.93 30.18 -46.68
C MET B 57 -50.11 30.08 -45.18
N GLY B 58 -51.37 30.12 -44.73
CA GLY B 58 -51.68 30.20 -43.33
C GLY B 58 -51.61 28.86 -42.64
N PRO B 59 -51.95 28.86 -41.36
CA PRO B 59 -51.87 27.62 -40.57
C PRO B 59 -52.70 26.48 -41.12
N GLY B 60 -53.82 26.78 -41.81
CA GLY B 60 -54.62 25.72 -42.39
C GLY B 60 -53.84 24.89 -43.40
N TYR B 61 -52.89 25.52 -44.09
CA TYR B 61 -52.06 24.84 -45.07
C TYR B 61 -50.72 24.40 -44.48
N ASN B 62 -50.56 24.49 -43.17
CA ASN B 62 -49.32 24.12 -42.49
C ASN B 62 -48.16 25.03 -42.87
N GLY B 63 -48.47 26.27 -43.26
CA GLY B 63 -47.44 27.25 -43.53
C GLY B 63 -46.52 26.91 -44.68
N GLU B 64 -47.09 26.49 -45.81
CA GLU B 64 -46.31 26.10 -46.97
C GLU B 64 -45.95 27.33 -47.80
N ILE B 65 -44.72 27.35 -48.31
CA ILE B 65 -44.25 28.39 -49.22
C ILE B 65 -44.13 27.78 -50.62
N LYS B 66 -44.92 28.30 -51.55
CA LYS B 66 -44.99 27.76 -52.91
C LYS B 66 -45.01 28.89 -53.92
N PRO B 67 -44.59 28.63 -55.16
CA PRO B 67 -44.71 29.65 -56.20
C PRO B 67 -46.16 30.05 -56.44
N GLY B 68 -46.37 31.33 -56.71
CA GLY B 68 -47.71 31.82 -56.97
C GLY B 68 -47.73 33.34 -56.98
N THR B 69 -48.95 33.89 -56.97
CA THR B 69 -49.13 35.33 -56.94
C THR B 69 -50.37 35.65 -56.11
N ALA B 70 -50.36 36.82 -55.48
CA ALA B 70 -51.46 37.23 -54.62
C ALA B 70 -51.51 38.76 -54.58
N SER B 71 -52.64 39.28 -54.11
CA SER B 71 -52.82 40.73 -54.04
C SER B 71 -52.08 41.36 -52.88
N ASN B 72 -52.02 40.68 -51.73
CA ASN B 72 -51.32 41.19 -50.57
C ASN B 72 -49.81 41.04 -50.73
N THR B 73 -49.06 41.58 -49.76
CA THR B 73 -47.61 41.43 -49.78
C THR B 73 -47.04 41.80 -48.41
N TRP B 74 -46.23 40.92 -47.85
CA TRP B 74 -45.46 41.26 -46.65
C TRP B 74 -44.25 42.11 -47.03
N CYS B 75 -44.12 43.26 -46.37
CA CYS B 75 -43.03 44.20 -46.65
C CYS B 75 -42.32 44.54 -45.35
N TYR B 76 -41.02 44.83 -45.46
CA TYR B 76 -40.11 45.18 -44.38
C TYR B 76 -39.62 46.62 -44.57
N PRO B 77 -39.48 47.42 -43.52
CA PRO B 77 -39.07 48.82 -43.72
C PRO B 77 -37.74 48.92 -44.46
N THR B 78 -37.65 49.89 -45.38
CA THR B 78 -36.43 50.05 -46.16
C THR B 78 -35.25 50.49 -45.30
N ASN B 79 -35.52 51.23 -44.23
CA ASN B 79 -34.49 51.68 -43.27
C ASN B 79 -34.95 51.26 -41.89
N PRO B 80 -34.71 50.02 -41.49
CA PRO B 80 -35.21 49.56 -40.19
C PRO B 80 -34.56 50.30 -39.05
N VAL B 81 -35.32 50.47 -37.97
CA VAL B 81 -34.85 51.15 -36.77
C VAL B 81 -34.34 50.11 -35.79
N THR B 82 -33.30 50.48 -35.03
CA THR B 82 -32.74 49.57 -34.03
C THR B 82 -33.64 49.54 -32.81
N GLY B 83 -34.05 48.34 -32.41
CA GLY B 83 -34.89 48.14 -31.24
C GLY B 83 -34.14 47.86 -29.96
N GLU B 84 -32.85 48.18 -29.91
CA GLU B 84 -32.05 47.84 -28.75
C GLU B 84 -32.52 48.62 -27.51
N ILE B 85 -32.25 48.04 -26.35
CA ILE B 85 -32.66 48.62 -25.07
C ILE B 85 -31.78 49.82 -24.76
N PRO B 86 -32.35 51.00 -24.52
CA PRO B 86 -31.51 52.18 -24.26
C PRO B 86 -30.83 52.09 -22.90
N THR B 87 -29.88 53.01 -22.70
CA THR B 87 -29.12 53.11 -21.45
C THR B 87 -29.44 54.42 -20.77
N LEU B 88 -29.69 54.37 -19.47
CA LEU B 88 -30.05 55.54 -18.68
C LEU B 88 -28.87 56.01 -17.83
N SER B 89 -29.02 57.19 -17.27
CA SER B 89 -28.00 57.75 -16.40
C SER B 89 -27.89 56.95 -15.10
N ALA B 90 -26.70 56.93 -14.52
CA ALA B 90 -26.46 56.11 -13.35
C ALA B 90 -27.19 56.66 -12.13
N LEU B 91 -27.45 55.76 -11.18
CA LEU B 91 -28.06 56.11 -9.90
C LEU B 91 -27.02 55.93 -8.81
N ASP B 92 -26.76 57.00 -8.06
CA ASP B 92 -25.70 57.02 -7.06
C ASP B 92 -26.32 56.92 -5.66
N ILE B 93 -25.84 55.98 -4.87
CA ILE B 93 -26.32 55.79 -3.50
C ILE B 93 -25.45 56.61 -2.56
N PRO B 94 -26.03 57.31 -1.58
CA PRO B 94 -25.19 58.04 -0.62
C PRO B 94 -24.27 57.10 0.15
N ASP B 95 -23.12 57.63 0.54
CA ASP B 95 -22.08 56.80 1.14
C ASP B 95 -22.58 56.13 2.43
N GLY B 96 -22.12 54.91 2.64
CA GLY B 96 -22.52 54.16 3.82
C GLY B 96 -21.93 52.75 3.77
N ASP B 97 -22.30 51.92 4.76
CA ASP B 97 -21.76 50.53 4.88
C ASP B 97 -22.47 49.64 3.87
N GLU B 98 -21.97 48.40 3.63
CA GLU B 98 -22.58 47.44 2.70
C GLU B 98 -24.07 47.26 2.90
N VAL B 99 -24.54 47.00 4.15
CA VAL B 99 -25.96 46.68 4.43
C VAL B 99 -26.84 47.93 4.32
N ASP B 100 -26.29 49.13 4.59
CA ASP B 100 -26.99 50.40 4.39
C ASP B 100 -27.26 50.67 2.91
N VAL B 101 -26.27 50.39 2.06
CA VAL B 101 -26.46 50.58 0.63
C VAL B 101 -27.57 49.67 0.11
N GLN B 102 -27.55 48.39 0.53
CA GLN B 102 -28.61 47.48 0.09
C GLN B 102 -29.97 47.94 0.58
N TRP B 103 -30.06 48.40 1.83
CA TRP B 103 -31.33 48.86 2.39
C TRP B 103 -31.87 50.04 1.61
N ARG B 104 -31.01 51.02 1.30
CA ARG B 104 -31.46 52.16 0.50
C ARG B 104 -31.85 51.75 -0.90
N LEU B 105 -31.18 50.73 -1.47
CA LEU B 105 -31.53 50.28 -2.81
C LEU B 105 -32.91 49.65 -2.84
N VAL B 106 -33.17 48.69 -1.93
CA VAL B 106 -34.39 47.88 -2.06
C VAL B 106 -35.65 48.57 -1.54
N HIS B 107 -35.53 49.74 -0.91
CA HIS B 107 -36.68 50.48 -0.42
C HIS B 107 -37.08 51.64 -1.33
N ASP B 108 -36.48 51.74 -2.52
CA ASP B 108 -36.82 52.79 -3.47
C ASP B 108 -37.99 52.33 -4.34
N SER B 109 -39.03 53.16 -4.41
CA SER B 109 -40.24 52.78 -5.13
C SER B 109 -40.17 53.14 -6.62
N ALA B 110 -39.66 54.32 -6.96
CA ALA B 110 -39.63 54.74 -8.36
C ALA B 110 -38.55 54.01 -9.13
N ASN B 111 -37.37 53.84 -8.54
CA ASN B 111 -36.24 53.21 -9.21
C ASN B 111 -36.13 51.72 -8.92
N PHE B 112 -37.02 51.17 -8.11
CA PHE B 112 -37.01 49.76 -7.76
C PHE B 112 -38.42 49.40 -7.30
N ILE B 113 -38.67 48.09 -7.17
CA ILE B 113 -39.97 47.59 -6.74
C ILE B 113 -40.97 47.68 -7.89
N LYS B 114 -41.27 48.91 -8.34
CA LYS B 114 -42.24 49.15 -9.41
C LYS B 114 -41.67 48.75 -10.77
N PRO B 115 -40.41 49.09 -11.14
CA PRO B 115 -39.85 48.59 -12.41
C PRO B 115 -39.72 47.08 -12.37
N THR B 116 -39.44 46.48 -11.19
CA THR B 116 -39.27 45.03 -11.03
C THR B 116 -40.60 44.31 -10.98
N SER B 117 -41.67 44.96 -10.45
CA SER B 117 -43.01 44.36 -10.34
C SER B 117 -43.69 44.34 -11.70
N TYR B 118 -43.41 45.35 -12.55
CA TYR B 118 -43.96 45.40 -13.91
C TYR B 118 -43.31 44.37 -14.81
N LEU B 119 -42.00 44.13 -14.65
CA LEU B 119 -41.37 43.06 -15.43
C LEU B 119 -42.00 41.71 -15.12
N ALA B 120 -42.20 41.43 -13.83
CA ALA B 120 -42.82 40.15 -13.46
C ALA B 120 -44.23 40.05 -14.01
N HIS B 121 -44.99 41.15 -13.96
CA HIS B 121 -46.35 41.14 -14.50
C HIS B 121 -46.34 40.89 -16.01
N TYR B 122 -45.44 41.54 -16.74
CA TYR B 122 -45.38 41.36 -18.19
C TYR B 122 -45.00 39.93 -18.54
N LEU B 123 -44.07 39.32 -17.79
CA LEU B 123 -43.67 37.96 -18.09
C LEU B 123 -44.79 36.94 -17.84
N GLY B 124 -45.84 37.32 -17.15
CA GLY B 124 -47.00 36.47 -16.95
C GLY B 124 -47.19 35.89 -15.56
N TYR B 125 -46.55 36.44 -14.54
CA TYR B 125 -46.78 35.99 -13.18
C TYR B 125 -48.10 36.55 -12.65
N ALA B 126 -48.61 35.91 -11.60
CA ALA B 126 -49.96 36.18 -11.10
C ALA B 126 -49.90 36.93 -9.77
N TRP B 127 -50.84 37.88 -9.61
CA TRP B 127 -51.05 38.58 -8.34
C TRP B 127 -49.78 39.28 -7.86
N VAL B 128 -49.37 40.29 -8.63
CA VAL B 128 -48.21 41.12 -8.28
C VAL B 128 -48.77 42.40 -7.67
N GLY B 129 -48.97 42.39 -6.36
CA GLY B 129 -49.52 43.52 -5.65
C GLY B 129 -50.25 43.08 -4.41
N GLY B 130 -50.51 44.06 -3.53
CA GLY B 130 -51.16 43.80 -2.27
C GLY B 130 -52.67 43.91 -2.33
N ASN B 131 -53.31 43.58 -1.21
CA ASN B 131 -54.76 43.56 -1.13
C ASN B 131 -55.39 44.94 -1.02
N HIS B 132 -54.61 45.97 -0.72
CA HIS B 132 -55.15 47.30 -0.47
C HIS B 132 -55.05 48.21 -1.69
N SER B 133 -54.76 47.66 -2.87
CA SER B 133 -54.70 48.44 -4.09
C SER B 133 -55.01 47.54 -5.28
N GLN B 134 -55.35 48.18 -6.40
CA GLN B 134 -55.67 47.48 -7.63
C GLN B 134 -54.55 47.50 -8.66
N TYR B 135 -53.51 48.30 -8.44
CA TYR B 135 -52.42 48.45 -9.39
C TYR B 135 -51.23 47.58 -9.01
N VAL B 136 -50.47 47.18 -10.03
CA VAL B 136 -49.37 46.25 -9.82
C VAL B 136 -48.24 46.95 -9.07
N GLY B 137 -47.70 46.27 -8.06
CA GLY B 137 -46.58 46.80 -7.30
C GLY B 137 -46.91 48.06 -6.52
N GLU B 138 -48.06 48.11 -5.85
CA GLU B 138 -48.49 49.31 -5.12
C GLU B 138 -48.43 49.12 -3.61
N ASP B 139 -49.03 48.04 -3.08
CA ASP B 139 -49.06 47.78 -1.62
C ASP B 139 -48.14 46.60 -1.35
N MET B 140 -46.80 46.82 -1.42
CA MET B 140 -45.80 45.73 -1.28
C MET B 140 -45.05 45.84 0.05
N ASP B 141 -44.55 44.71 0.58
CA ASP B 141 -43.81 44.64 1.83
C ASP B 141 -42.42 44.10 1.56
N VAL B 142 -41.44 44.62 2.31
CA VAL B 142 -40.03 44.29 2.15
C VAL B 142 -39.52 43.71 3.46
N THR B 143 -38.83 42.58 3.39
CA THR B 143 -38.31 41.91 4.56
C THR B 143 -36.87 41.45 4.33
N ARG B 144 -36.10 41.43 5.40
CA ARG B 144 -34.72 40.94 5.37
C ARG B 144 -34.73 39.44 5.70
N ASP B 145 -34.33 38.62 4.74
CA ASP B 145 -34.34 37.16 4.88
C ASP B 145 -32.92 36.66 4.75
N GLY B 146 -32.32 36.27 5.86
CA GLY B 146 -30.95 35.76 5.83
C GLY B 146 -30.01 36.82 5.29
N ASP B 147 -29.34 36.49 4.18
CA ASP B 147 -28.38 37.38 3.54
C ASP B 147 -28.98 38.12 2.34
N GLY B 148 -30.30 38.04 2.17
CA GLY B 148 -30.95 38.70 1.05
C GLY B 148 -32.21 39.43 1.44
N TRP B 149 -32.95 39.92 0.45
CA TRP B 149 -34.18 40.66 0.69
C TRP B 149 -35.32 40.03 -0.10
N VAL B 150 -36.55 40.17 0.44
CA VAL B 150 -37.75 39.62 -0.18
C VAL B 150 -38.80 40.71 -0.26
N ILE B 151 -39.38 40.89 -1.44
CA ILE B 151 -40.47 41.84 -1.68
C ILE B 151 -41.68 41.05 -2.15
N ARG B 152 -42.83 41.31 -1.53
CA ARG B 152 -44.05 40.63 -1.97
C ARG B 152 -45.27 41.39 -1.46
N GLY B 153 -46.41 41.15 -2.12
CA GLY B 153 -47.61 41.88 -1.80
C GLY B 153 -48.14 41.56 -0.41
N ASN B 154 -48.70 42.57 0.23
CA ASN B 154 -49.33 42.37 1.54
C ASN B 154 -50.58 41.52 1.40
N ASN B 155 -50.80 40.64 2.39
CA ASN B 155 -51.87 39.65 2.32
C ASN B 155 -52.83 39.74 3.51
N ASP B 156 -52.93 40.91 4.14
CA ASP B 156 -53.88 41.09 5.24
C ASP B 156 -55.26 41.44 4.69
N GLY B 157 -56.30 41.01 5.40
CA GLY B 157 -57.70 41.24 4.96
C GLY B 157 -58.10 40.16 3.97
N GLY B 158 -59.20 40.39 3.20
CA GLY B 158 -59.69 39.43 2.22
C GLY B 158 -59.35 39.87 0.80
N CYS B 159 -59.69 39.02 -0.21
CA CYS B 159 -59.44 39.34 -1.64
C CYS B 159 -60.40 38.52 -2.49
N ASP B 160 -60.76 39.03 -3.69
CA ASP B 160 -61.63 38.31 -4.65
C ASP B 160 -60.79 37.90 -5.86
N GLY B 161 -60.91 36.62 -6.30
CA GLY B 161 -60.15 36.10 -7.44
C GLY B 161 -59.76 34.65 -7.15
N TYR B 162 -59.65 33.84 -8.23
CA TYR B 162 -59.21 32.44 -8.06
C TYR B 162 -57.76 32.39 -7.61
N ARG B 163 -57.52 31.66 -6.52
CA ARG B 163 -56.19 31.49 -5.94
C ARG B 163 -55.55 32.83 -5.57
N CYS B 164 -56.36 33.82 -5.21
CA CYS B 164 -55.83 35.06 -4.65
C CYS B 164 -55.36 34.76 -3.23
N GLY B 165 -54.08 34.98 -2.98
CA GLY B 165 -53.47 34.56 -1.74
C GLY B 165 -52.11 33.97 -2.01
N ASP B 166 -51.95 33.38 -3.20
CA ASP B 166 -50.65 32.97 -3.69
C ASP B 166 -50.05 34.13 -4.48
N LYS B 167 -49.23 34.93 -3.82
CA LYS B 167 -48.68 36.15 -4.39
C LYS B 167 -47.23 35.92 -4.76
N THR B 168 -46.85 36.34 -5.97
CA THR B 168 -45.49 36.14 -6.45
C THR B 168 -44.51 36.96 -5.62
N ALA B 169 -43.28 36.45 -5.52
CA ALA B 169 -42.25 37.05 -4.69
C ALA B 169 -41.03 37.41 -5.54
N ILE B 170 -40.39 38.52 -5.17
CA ILE B 170 -39.15 38.99 -5.78
C ILE B 170 -38.06 38.90 -4.73
N LYS B 171 -36.99 38.18 -5.03
CA LYS B 171 -35.92 37.94 -4.07
C LYS B 171 -34.61 38.50 -4.61
N VAL B 172 -33.99 39.41 -3.86
CA VAL B 172 -32.73 40.02 -4.27
C VAL B 172 -31.61 39.43 -3.42
N SER B 173 -30.51 39.03 -4.06
CA SER B 173 -29.45 38.34 -3.35
C SER B 173 -28.12 38.52 -4.08
N ASN B 174 -27.06 38.01 -3.45
CA ASN B 174 -25.74 37.86 -4.06
C ASN B 174 -25.22 39.20 -4.62
N PHE B 175 -25.04 40.16 -3.72
CA PHE B 175 -24.52 41.46 -4.13
C PHE B 175 -23.01 41.39 -4.34
N ALA B 176 -22.51 42.26 -5.22
CA ALA B 176 -21.09 42.37 -5.49
C ALA B 176 -20.79 43.79 -5.96
N TYR B 177 -19.53 44.20 -5.78
CA TYR B 177 -19.12 45.58 -6.03
C TYR B 177 -17.83 45.56 -6.83
N ASN B 178 -17.86 46.15 -8.02
CA ASN B 178 -16.69 46.19 -8.90
C ASN B 178 -16.30 47.64 -9.16
N LEU B 179 -15.03 47.95 -8.94
CA LEU B 179 -14.54 49.32 -9.08
C LEU B 179 -14.07 49.58 -10.50
N ASP B 180 -14.37 50.80 -11.00
CA ASP B 180 -13.91 51.24 -12.31
C ASP B 180 -12.83 52.31 -12.16
N PRO B 181 -11.81 52.31 -13.02
CA PRO B 181 -10.68 53.25 -12.83
C PRO B 181 -10.93 54.65 -13.36
N ASP B 182 -12.02 54.90 -14.06
CA ASP B 182 -12.25 56.18 -14.71
C ASP B 182 -12.99 57.19 -13.83
N SER B 183 -13.27 56.85 -12.58
CA SER B 183 -13.99 57.73 -11.66
C SER B 183 -13.06 58.42 -10.68
N PHE B 184 -11.75 58.33 -10.88
CA PHE B 184 -10.81 58.90 -9.91
C PHE B 184 -10.98 60.41 -9.80
N LYS B 185 -10.87 60.91 -8.57
CA LYS B 185 -10.95 62.33 -8.31
C LYS B 185 -10.25 62.63 -7.00
N HIS B 186 -9.54 63.75 -6.94
CA HIS B 186 -8.77 64.12 -5.77
C HIS B 186 -9.03 65.59 -5.43
N GLY B 187 -8.74 65.95 -4.18
CA GLY B 187 -8.94 67.30 -3.71
C GLY B 187 -7.67 68.13 -3.74
N ASP B 188 -7.25 68.64 -2.59
CA ASP B 188 -6.05 69.44 -2.48
C ASP B 188 -4.82 68.54 -2.49
N VAL B 189 -3.64 69.17 -2.46
CA VAL B 189 -2.38 68.43 -2.51
C VAL B 189 -1.50 68.85 -1.33
N THR B 190 -2.13 69.24 -0.23
CA THR B 190 -1.39 69.64 0.97
C THR B 190 -0.50 68.51 1.47
N TYR B 304 -3.17 63.32 -0.46
CA TYR B 304 -4.43 63.99 -0.79
C TYR B 304 -5.60 63.04 -0.64
N PRO B 305 -6.81 63.59 -0.50
CA PRO B 305 -8.02 62.77 -0.38
C PRO B 305 -8.52 62.35 -1.76
N TYR B 306 -8.67 61.04 -1.96
CA TYR B 306 -9.16 60.49 -3.22
C TYR B 306 -10.64 60.14 -3.11
N GLU B 307 -11.20 59.70 -4.24
CA GLU B 307 -12.61 59.34 -4.29
C GLU B 307 -12.85 58.46 -5.50
N PHE B 308 -13.67 57.43 -5.33
CA PHE B 308 -14.00 56.49 -6.39
C PHE B 308 -15.47 56.15 -6.33
N LYS B 309 -15.97 55.49 -7.38
CA LYS B 309 -17.32 54.96 -7.42
C LYS B 309 -17.27 53.53 -7.96
N ALA B 310 -18.00 52.63 -7.30
CA ALA B 310 -18.02 51.22 -7.66
C ALA B 310 -19.43 50.81 -8.08
N ASP B 311 -19.50 50.02 -9.15
CA ASP B 311 -20.77 49.53 -9.67
C ASP B 311 -21.24 48.32 -8.89
N VAL B 312 -22.56 48.25 -8.66
CA VAL B 312 -23.16 47.19 -7.87
C VAL B 312 -23.87 46.21 -8.80
N SER B 313 -23.75 44.92 -8.50
CA SER B 313 -24.43 43.87 -9.25
C SER B 313 -25.06 42.88 -8.29
N TYR B 314 -26.10 42.19 -8.73
CA TYR B 314 -26.83 41.28 -7.87
C TYR B 314 -27.62 40.28 -8.72
N ASP B 315 -28.31 39.38 -8.03
CA ASP B 315 -29.17 38.38 -8.65
C ASP B 315 -30.61 38.61 -8.21
N LEU B 316 -31.52 38.51 -9.17
CA LEU B 316 -32.94 38.76 -8.97
C LEU B 316 -33.72 37.50 -9.30
N THR B 317 -34.52 37.02 -8.36
CA THR B 317 -35.27 35.79 -8.51
C THR B 317 -36.77 36.09 -8.47
N LEU B 318 -37.51 35.56 -9.44
CA LEU B 318 -38.95 35.68 -9.49
C LEU B 318 -39.57 34.33 -9.21
N SER B 319 -40.52 34.28 -8.27
CA SER B 319 -41.15 33.03 -7.86
C SER B 319 -42.66 33.19 -7.85
N GLY B 320 -43.36 32.26 -8.48
CA GLY B 320 -44.81 32.31 -8.53
C GLY B 320 -45.34 31.39 -9.60
N PHE B 321 -46.67 31.40 -9.78
CA PHE B 321 -47.31 30.54 -10.76
C PHE B 321 -47.76 31.37 -11.96
N LEU B 322 -47.66 30.78 -13.14
CA LEU B 322 -47.93 31.48 -14.39
C LEU B 322 -49.42 31.51 -14.70
N ARG B 323 -49.87 32.62 -15.28
CA ARG B 323 -51.29 32.82 -15.55
C ARG B 323 -51.80 31.83 -16.59
N TRP B 324 -53.06 31.45 -16.45
CA TRP B 324 -53.67 30.52 -17.40
C TRP B 324 -53.98 31.19 -18.73
N GLY B 325 -54.45 32.43 -18.69
CA GLY B 325 -54.81 33.10 -19.93
C GLY B 325 -53.65 33.26 -20.88
N GLY B 326 -52.49 33.68 -20.36
CA GLY B 326 -51.32 33.87 -21.20
C GLY B 326 -50.07 34.20 -20.43
N ASN B 327 -48.96 33.55 -20.77
CA ASN B 327 -47.66 33.81 -20.17
C ASN B 327 -46.61 33.83 -21.26
N ALA B 328 -45.39 34.23 -20.89
CA ALA B 328 -44.33 34.47 -21.85
C ALA B 328 -43.36 33.29 -21.98
N TRP B 329 -43.57 32.20 -21.26
CA TRP B 329 -42.69 31.04 -21.40
C TRP B 329 -42.86 30.43 -22.79
N TYR B 330 -41.76 29.96 -23.37
CA TYR B 330 -41.77 29.61 -24.78
C TYR B 330 -42.69 28.42 -25.07
N THR B 331 -42.89 27.52 -24.11
CA THR B 331 -43.84 26.44 -24.31
C THR B 331 -45.27 26.84 -23.99
N HIS B 332 -45.48 27.99 -23.34
CA HIS B 332 -46.81 28.49 -23.04
C HIS B 332 -47.63 27.46 -22.25
N PRO B 333 -47.20 27.10 -21.04
CA PRO B 333 -47.98 26.15 -20.24
C PRO B 333 -49.36 26.70 -19.90
N ASP B 334 -50.33 25.80 -19.74
CA ASP B 334 -51.72 26.19 -19.56
C ASP B 334 -52.34 25.55 -18.33
N ASN B 335 -51.54 25.06 -17.38
CA ASN B 335 -52.05 24.38 -16.20
C ASN B 335 -51.64 25.09 -14.90
N ARG B 336 -51.34 26.39 -14.97
CA ARG B 336 -50.98 27.17 -13.80
C ARG B 336 -49.90 26.50 -12.94
N PRO B 337 -48.73 26.23 -13.51
CA PRO B 337 -47.66 25.61 -12.73
C PRO B 337 -46.86 26.63 -11.93
N ASN B 338 -46.19 26.15 -10.89
CA ASN B 338 -45.25 26.97 -10.16
C ASN B 338 -43.96 27.14 -10.96
N TRP B 339 -43.25 28.23 -10.69
CA TRP B 339 -42.10 28.60 -11.50
C TRP B 339 -41.16 29.48 -10.68
N ASN B 340 -39.87 29.25 -10.87
CA ASN B 340 -38.81 30.07 -10.29
C ASN B 340 -37.81 30.37 -11.39
N HIS B 341 -37.39 31.63 -11.50
CA HIS B 341 -36.38 31.99 -12.48
C HIS B 341 -35.45 33.05 -11.89
N THR B 342 -34.22 33.09 -12.40
CA THR B 342 -33.18 33.99 -11.91
C THR B 342 -32.55 34.77 -13.05
N PHE B 343 -32.30 36.06 -12.81
CA PHE B 343 -31.56 36.92 -13.71
C PHE B 343 -30.36 37.51 -12.97
N VAL B 344 -29.31 37.80 -13.72
CA VAL B 344 -28.10 38.44 -13.20
C VAL B 344 -28.11 39.87 -13.70
N ILE B 345 -28.26 40.83 -12.79
CA ILE B 345 -28.31 42.24 -13.16
C ILE B 345 -26.88 42.75 -13.09
N GLY B 346 -26.16 42.61 -14.20
CA GLY B 346 -24.77 42.98 -14.26
C GLY B 346 -24.10 42.43 -15.50
N PRO B 347 -22.79 42.16 -15.42
CA PRO B 347 -22.07 41.65 -16.60
C PRO B 347 -22.57 40.27 -17.00
N TYR B 348 -22.46 39.99 -18.29
CA TYR B 348 -22.94 38.72 -18.85
C TYR B 348 -22.22 37.55 -18.20
N LYS B 349 -22.99 36.52 -17.85
CA LYS B 349 -22.44 35.26 -17.35
C LYS B 349 -22.96 34.04 -18.11
N ASP B 350 -24.24 34.04 -18.47
CA ASP B 350 -24.85 32.89 -19.14
C ASP B 350 -25.97 33.38 -20.05
N LYS B 351 -26.37 32.50 -20.98
CA LYS B 351 -27.47 32.83 -21.87
C LYS B 351 -28.81 32.79 -21.14
N ALA B 352 -28.96 31.85 -20.20
CA ALA B 352 -30.24 31.68 -19.52
C ALA B 352 -30.56 32.84 -18.60
N SER B 353 -29.55 33.52 -18.07
CA SER B 353 -29.74 34.56 -17.07
C SER B 353 -29.43 35.96 -17.60
N SER B 354 -29.35 36.13 -18.92
CA SER B 354 -29.02 37.42 -19.52
C SER B 354 -30.24 37.94 -20.27
N ILE B 355 -30.77 39.08 -19.83
CA ILE B 355 -31.89 39.69 -20.52
C ILE B 355 -31.46 40.27 -21.86
N ARG B 356 -30.34 41.01 -21.89
CA ARG B 356 -29.92 41.68 -23.13
C ARG B 356 -29.67 40.69 -24.25
N TYR B 357 -28.95 39.57 -23.95
CA TYR B 357 -28.68 38.51 -24.93
C TYR B 357 -29.96 37.96 -25.55
N GLN B 358 -30.91 37.51 -24.71
CA GLN B 358 -32.16 36.91 -25.20
C GLN B 358 -32.97 37.87 -26.06
N TRP B 359 -32.94 39.19 -25.72
CA TRP B 359 -33.69 40.22 -26.45
C TRP B 359 -33.06 40.49 -27.82
N ASP B 360 -31.73 40.34 -27.95
CA ASP B 360 -31.00 40.61 -29.19
C ASP B 360 -31.05 39.45 -30.18
N LYS B 361 -31.41 38.23 -29.74
CA LYS B 361 -31.48 37.04 -30.57
C LYS B 361 -32.93 36.63 -30.79
N ARG B 362 -33.86 37.61 -30.82
CA ARG B 362 -35.29 37.34 -30.97
C ARG B 362 -35.65 37.15 -32.44
N TYR B 363 -34.66 37.29 -33.36
CA TYR B 363 -34.83 37.11 -34.80
C TYR B 363 -34.38 35.70 -35.22
N ILE B 364 -33.74 34.91 -34.32
CA ILE B 364 -33.36 33.52 -34.58
C ILE B 364 -34.35 32.60 -33.83
N PRO B 365 -35.30 31.92 -34.52
CA PRO B 365 -36.28 31.08 -33.80
C PRO B 365 -35.69 29.95 -32.98
N GLY B 366 -34.54 29.38 -33.36
CA GLY B 366 -33.92 28.24 -32.68
C GLY B 366 -33.15 28.61 -31.43
N GLU B 367 -32.90 29.91 -31.19
CA GLU B 367 -32.23 30.40 -29.99
C GLU B 367 -33.22 30.66 -28.86
N VAL B 368 -34.53 30.69 -29.17
CA VAL B 368 -35.59 31.00 -28.17
C VAL B 368 -35.86 29.75 -27.36
N LYS B 369 -35.34 29.68 -26.11
CA LYS B 369 -35.48 28.52 -25.25
C LYS B 369 -35.95 28.82 -23.84
N TRP B 370 -35.93 30.08 -23.39
CA TRP B 370 -36.39 30.41 -22.05
C TRP B 370 -37.61 31.33 -22.06
N TRP B 371 -37.53 32.51 -22.66
CA TRP B 371 -38.63 33.45 -22.68
C TRP B 371 -38.88 33.92 -24.11
N ASP B 372 -40.16 34.19 -24.41
CA ASP B 372 -40.58 34.63 -25.74
C ASP B 372 -40.87 36.12 -25.68
N TRP B 373 -39.86 36.92 -26.05
CA TRP B 373 -40.00 38.37 -25.95
C TRP B 373 -40.86 38.95 -27.07
N ASN B 374 -40.92 38.27 -28.22
CA ASN B 374 -41.83 38.72 -29.28
C ASN B 374 -43.26 38.71 -28.80
N TRP B 375 -43.62 37.73 -27.96
CA TRP B 375 -44.97 37.70 -27.39
C TRP B 375 -45.24 38.92 -26.54
N THR B 376 -44.26 39.31 -25.70
CA THR B 376 -44.45 40.50 -24.87
C THR B 376 -44.56 41.75 -25.73
N ILE B 377 -43.77 41.84 -26.80
CA ILE B 377 -43.84 43.00 -27.69
C ILE B 377 -45.21 43.08 -28.33
N GLN B 378 -45.75 41.95 -28.78
CA GLN B 378 -47.08 41.94 -29.37
C GLN B 378 -48.14 42.33 -28.34
N GLN B 379 -47.98 41.85 -27.10
CA GLN B 379 -49.01 42.06 -26.09
C GLN B 379 -49.04 43.51 -25.61
N ASN B 380 -47.88 44.13 -25.41
CA ASN B 380 -47.80 45.43 -24.74
C ASN B 380 -47.26 46.56 -25.61
N GLY B 381 -46.58 46.27 -26.71
CA GLY B 381 -46.00 47.30 -27.53
C GLY B 381 -44.49 47.40 -27.33
N LEU B 382 -43.81 47.87 -28.37
CA LEU B 382 -42.34 47.87 -28.36
C LEU B 382 -41.79 48.94 -27.42
N SER B 383 -42.33 50.16 -27.46
CA SER B 383 -41.75 51.25 -26.69
C SER B 383 -41.86 51.00 -25.20
N THR B 384 -43.03 50.56 -24.73
CA THR B 384 -43.22 50.33 -23.30
C THR B 384 -42.28 49.25 -22.78
N MET B 385 -42.13 48.17 -23.54
CA MET B 385 -41.29 47.07 -23.09
C MET B 385 -39.83 47.50 -22.96
N GLN B 386 -39.32 48.24 -23.96
CA GLN B 386 -37.93 48.66 -23.89
C GLN B 386 -37.72 49.74 -22.83
N ASN B 387 -38.70 50.61 -22.60
CA ASN B 387 -38.58 51.55 -21.50
C ASN B 387 -38.51 50.83 -20.16
N ASN B 388 -39.38 49.83 -19.95
CA ASN B 388 -39.34 49.09 -18.70
C ASN B 388 -38.02 48.35 -18.53
N LEU B 389 -37.53 47.70 -19.59
CA LEU B 389 -36.27 46.98 -19.48
C LEU B 389 -35.10 47.93 -19.25
N ALA B 390 -35.15 49.14 -19.82
CA ALA B 390 -34.12 50.13 -19.56
C ALA B 390 -34.14 50.53 -18.09
N ARG B 391 -35.33 50.71 -17.52
CA ARG B 391 -35.40 51.08 -16.10
C ARG B 391 -34.93 49.94 -15.21
N VAL B 392 -35.18 48.68 -15.60
CA VAL B 392 -34.76 47.56 -14.77
C VAL B 392 -33.24 47.44 -14.74
N LEU B 393 -32.58 47.71 -15.87
CA LEU B 393 -31.13 47.53 -16.01
C LEU B 393 -30.36 48.82 -15.76
N ARG B 394 -30.94 49.76 -15.01
CA ARG B 394 -30.28 51.04 -14.75
C ARG B 394 -29.05 50.82 -13.88
N PRO B 395 -27.88 51.36 -14.25
CA PRO B 395 -26.68 51.16 -13.43
C PRO B 395 -26.82 51.76 -12.05
N VAL B 396 -26.15 51.13 -11.08
CA VAL B 396 -26.18 51.56 -9.68
C VAL B 396 -24.74 51.68 -9.18
N ARG B 397 -24.40 52.82 -8.57
CA ARG B 397 -23.05 53.10 -8.13
C ARG B 397 -23.05 53.50 -6.66
N ALA B 398 -21.94 53.19 -5.99
CA ALA B 398 -21.73 53.52 -4.58
C ALA B 398 -20.37 54.18 -4.41
N GLY B 399 -20.33 55.22 -3.58
CA GLY B 399 -19.11 55.99 -3.41
C GLY B 399 -18.12 55.32 -2.46
N ILE B 400 -16.84 55.63 -2.67
CA ILE B 400 -15.76 55.16 -1.82
C ILE B 400 -14.79 56.31 -1.61
N THR B 401 -14.33 56.47 -0.37
CA THR B 401 -13.39 57.54 -0.03
C THR B 401 -12.24 57.00 0.79
N ALA C 1 11.62 11.17 -66.07
CA ALA C 1 10.13 11.01 -66.04
C ALA C 1 9.48 12.17 -65.28
N GLU C 2 8.31 12.57 -65.75
CA GLU C 2 7.54 13.65 -65.13
C GLU C 2 6.14 13.16 -64.80
N PRO C 3 5.50 13.75 -63.79
CA PRO C 3 4.14 13.29 -63.43
C PRO C 3 3.17 13.49 -64.59
N VAL C 4 2.23 12.55 -64.77
CA VAL C 4 1.23 12.61 -65.85
C VAL C 4 -0.15 12.67 -65.22
N TYR C 5 -0.98 13.66 -65.64
CA TYR C 5 -2.35 13.81 -65.14
C TYR C 5 -3.29 13.20 -66.20
N PRO C 6 -4.16 12.22 -65.84
CA PRO C 6 -4.97 11.52 -66.86
C PRO C 6 -5.81 12.44 -67.73
N ASP C 7 -6.21 13.62 -67.24
CA ASP C 7 -7.08 14.55 -67.99
C ASP C 7 -6.34 15.25 -69.12
N GLN C 8 -4.99 15.19 -69.17
CA GLN C 8 -4.18 15.86 -70.19
C GLN C 8 -3.85 14.94 -71.36
N LEU C 9 -4.01 13.61 -71.20
CA LEU C 9 -3.63 12.64 -72.23
C LEU C 9 -4.49 12.82 -73.47
N ARG C 10 -3.89 12.57 -74.64
CA ARG C 10 -4.59 12.70 -75.91
C ARG C 10 -4.16 11.58 -76.84
N LEU C 11 -5.13 10.87 -77.41
CA LEU C 11 -4.82 9.74 -78.28
C LEU C 11 -4.87 10.19 -79.75
N PHE C 12 -3.71 10.23 -80.40
CA PHE C 12 -3.61 10.63 -81.79
C PHE C 12 -3.58 9.41 -82.70
N SER C 13 -4.12 9.59 -83.91
CA SER C 13 -4.15 8.55 -84.94
C SER C 13 -3.48 9.04 -86.23
N LEU C 14 -2.57 10.01 -86.11
CA LEU C 14 -1.89 10.54 -87.28
C LEU C 14 -1.09 9.45 -87.98
N GLY C 15 -0.09 8.90 -87.29
CA GLY C 15 0.75 7.87 -87.87
C GLY C 15 1.58 7.21 -86.79
N GLN C 16 2.25 6.14 -87.19
CA GLN C 16 3.07 5.37 -86.25
C GLN C 16 4.16 6.25 -85.64
N GLY C 17 4.08 6.45 -84.33
CA GLY C 17 5.08 7.26 -83.64
C GLY C 17 5.07 8.73 -84.01
N VAL C 18 3.89 9.29 -84.28
CA VAL C 18 3.75 10.71 -84.62
C VAL C 18 2.69 11.31 -83.73
N CYS C 19 3.03 12.40 -83.05
CA CYS C 19 2.13 13.11 -82.16
C CYS C 19 1.69 14.41 -82.81
N GLY C 20 0.88 15.18 -82.08
CA GLY C 20 0.40 16.46 -82.56
C GLY C 20 1.48 17.52 -82.52
N ASP C 21 1.09 18.74 -82.88
CA ASP C 21 2.05 19.84 -82.95
C ASP C 21 2.82 19.99 -81.65
N LYS C 22 2.14 20.38 -80.58
CA LYS C 22 2.75 20.49 -79.26
C LYS C 22 2.38 19.26 -78.42
N TYR C 23 3.02 18.14 -78.74
CA TYR C 23 2.72 16.89 -78.05
C TYR C 23 3.92 15.96 -78.12
N ARG C 24 4.23 15.33 -77.00
CA ARG C 24 5.31 14.38 -76.79
C ARG C 24 4.75 12.96 -76.61
N PRO C 25 5.34 11.93 -77.23
CA PRO C 25 4.84 10.54 -77.02
C PRO C 25 5.00 10.11 -75.58
N VAL C 26 3.94 9.49 -74.99
CA VAL C 26 3.98 9.00 -73.61
C VAL C 26 4.95 7.83 -73.55
N ASN C 27 5.82 7.78 -72.50
CA ASN C 27 6.86 6.73 -72.36
C ASN C 27 6.20 5.48 -71.76
N ARG C 28 6.86 4.30 -71.92
CA ARG C 28 6.34 3.05 -71.36
C ARG C 28 6.36 3.09 -69.84
N GLU C 29 7.37 3.78 -69.24
CA GLU C 29 7.43 3.99 -67.78
C GLU C 29 6.30 4.90 -67.33
N GLU C 30 6.09 6.03 -68.06
CA GLU C 30 5.06 7.01 -67.72
C GLU C 30 3.67 6.41 -67.83
N ALA C 31 3.45 5.52 -68.82
CA ALA C 31 2.17 4.84 -69.02
C ALA C 31 1.90 3.88 -67.88
N GLN C 32 2.97 3.24 -67.37
CA GLN C 32 2.87 2.30 -66.24
C GLN C 32 2.42 3.01 -64.97
N SER C 33 2.81 4.30 -64.81
CA SER C 33 2.47 5.08 -63.61
C SER C 33 0.97 5.29 -63.44
N VAL C 34 0.22 5.40 -64.56
CA VAL C 34 -1.22 5.65 -64.54
C VAL C 34 -1.92 4.54 -65.29
N LYS C 35 -1.40 3.32 -65.18
CA LYS C 35 -1.87 2.20 -65.99
C LYS C 35 -3.39 2.06 -65.93
N SER C 36 -3.96 2.11 -64.72
CA SER C 36 -5.38 1.84 -64.57
C SER C 36 -6.25 2.86 -65.31
N ASN C 37 -5.88 4.14 -65.24
CA ASN C 37 -6.67 5.17 -65.91
C ASN C 37 -6.67 4.97 -67.42
N ILE C 38 -5.48 4.81 -68.01
CA ILE C 38 -5.40 4.67 -69.46
C ILE C 38 -6.10 3.39 -69.91
N VAL C 39 -5.98 2.31 -69.14
CA VAL C 39 -6.68 1.09 -69.49
C VAL C 39 -8.19 1.29 -69.41
N GLY C 40 -8.66 2.10 -68.46
CA GLY C 40 -10.08 2.39 -68.37
C GLY C 40 -10.58 3.30 -69.47
N MET C 41 -9.69 4.06 -70.11
CA MET C 41 -10.06 4.93 -71.22
C MET C 41 -9.94 4.25 -72.57
N MET C 42 -9.86 2.92 -72.62
CA MET C 42 -9.67 2.18 -73.86
C MET C 42 -10.80 1.19 -74.08
N GLY C 43 -10.96 0.80 -75.35
CA GLY C 43 -11.89 -0.26 -75.69
C GLY C 43 -11.36 -1.63 -75.32
N GLN C 44 -12.27 -2.62 -75.30
CA GLN C 44 -11.93 -3.94 -74.77
C GLN C 44 -10.78 -4.57 -75.53
N TRP C 45 -10.81 -4.54 -76.87
CA TRP C 45 -9.80 -5.19 -77.69
C TRP C 45 -8.95 -4.17 -78.45
N GLN C 46 -8.71 -3.01 -77.85
CA GLN C 46 -7.91 -1.97 -78.47
C GLN C 46 -6.44 -2.12 -78.08
N ILE C 47 -5.55 -1.80 -79.02
CA ILE C 47 -4.12 -1.76 -78.77
C ILE C 47 -3.57 -0.45 -79.32
N SER C 48 -2.77 0.25 -78.52
CA SER C 48 -2.28 1.57 -78.87
C SER C 48 -0.77 1.65 -78.66
N GLY C 49 -0.14 2.61 -79.35
CA GLY C 49 1.30 2.69 -79.36
C GLY C 49 1.87 3.60 -78.28
N LEU C 50 3.12 3.33 -77.92
CA LEU C 50 3.88 4.12 -76.97
C LEU C 50 5.20 4.53 -77.61
N ALA C 51 6.08 5.13 -76.81
CA ALA C 51 7.38 5.57 -77.29
C ALA C 51 8.40 4.44 -77.21
N ASN C 52 9.34 4.44 -78.15
CA ASN C 52 10.46 3.49 -78.17
C ASN C 52 9.98 2.05 -78.42
N GLY C 53 9.01 1.90 -79.31
CA GLY C 53 8.54 0.59 -79.70
C GLY C 53 7.90 -0.18 -78.56
N TRP C 54 6.80 0.35 -78.01
CA TRP C 54 6.02 -0.34 -77.00
C TRP C 54 4.55 -0.18 -77.32
N VAL C 55 3.71 -0.96 -76.65
CA VAL C 55 2.28 -0.99 -76.94
C VAL C 55 1.53 -1.26 -75.64
N ILE C 56 0.37 -0.62 -75.51
CA ILE C 56 -0.55 -0.82 -74.39
C ILE C 56 -1.81 -1.49 -74.93
N MET C 57 -2.35 -2.42 -74.15
CA MET C 57 -3.50 -3.22 -74.57
C MET C 57 -4.69 -2.94 -73.66
N GLY C 58 -5.89 -3.22 -74.18
CA GLY C 58 -7.11 -2.86 -73.50
C GLY C 58 -7.48 -3.84 -72.42
N PRO C 59 -8.64 -3.60 -71.80
CA PRO C 59 -9.08 -4.46 -70.68
C PRO C 59 -9.21 -5.93 -71.07
N GLY C 60 -9.52 -6.24 -72.32
CA GLY C 60 -9.63 -7.62 -72.74
C GLY C 60 -8.33 -8.38 -72.54
N TYR C 61 -7.20 -7.68 -72.68
CA TYR C 61 -5.88 -8.28 -72.49
C TYR C 61 -5.33 -8.05 -71.09
N ASN C 62 -6.16 -7.54 -70.17
CA ASN C 62 -5.75 -7.27 -68.80
C ASN C 62 -4.71 -6.15 -68.73
N GLY C 63 -4.71 -5.25 -69.71
CA GLY C 63 -3.84 -4.10 -69.69
C GLY C 63 -2.36 -4.41 -69.71
N GLU C 64 -1.94 -5.30 -70.61
CA GLU C 64 -0.54 -5.71 -70.70
C GLU C 64 0.23 -4.72 -71.55
N ILE C 65 1.46 -4.41 -71.13
CA ILE C 65 2.38 -3.57 -71.89
C ILE C 65 3.48 -4.47 -72.45
N LYS C 66 3.58 -4.54 -73.78
CA LYS C 66 4.50 -5.43 -74.46
C LYS C 66 5.15 -4.70 -75.63
N PRO C 67 6.34 -5.14 -76.05
CA PRO C 67 6.96 -4.56 -77.25
C PRO C 67 6.08 -4.77 -78.48
N GLY C 68 6.06 -3.77 -79.35
CA GLY C 68 5.27 -3.87 -80.58
C GLY C 68 5.19 -2.51 -81.26
N THR C 69 4.30 -2.44 -82.25
CA THR C 69 4.08 -1.20 -82.99
C THR C 69 2.60 -1.10 -83.35
N ALA C 70 2.11 0.12 -83.46
CA ALA C 70 0.70 0.35 -83.77
C ALA C 70 0.57 1.72 -84.44
N SER C 71 -0.59 1.93 -85.07
CA SER C 71 -0.84 3.18 -85.79
C SER C 71 -1.17 4.33 -84.85
N ASN C 72 -1.89 4.06 -83.77
CA ASN C 72 -2.26 5.09 -82.81
C ASN C 72 -1.08 5.43 -81.91
N THR C 73 -1.25 6.44 -81.05
CA THR C 73 -0.22 6.80 -80.09
C THR C 73 -0.80 7.71 -79.02
N TRP C 74 -0.59 7.36 -77.75
CA TRP C 74 -0.92 8.26 -76.65
C TRP C 74 0.16 9.33 -76.53
N CYS C 75 -0.26 10.60 -76.52
CA CYS C 75 0.65 11.74 -76.43
C CYS C 75 0.21 12.65 -75.31
N TYR C 76 1.19 13.32 -74.70
CA TYR C 76 1.05 14.25 -73.59
C TYR C 76 1.46 15.66 -74.05
N PRO C 77 0.77 16.72 -73.63
CA PRO C 77 1.14 18.05 -74.13
C PRO C 77 2.59 18.39 -73.82
N THR C 78 3.26 19.04 -74.78
CA THR C 78 4.66 19.39 -74.60
C THR C 78 4.86 20.43 -73.51
N ASN C 79 3.87 21.30 -73.31
CA ASN C 79 3.91 22.31 -72.25
C ASN C 79 2.61 22.18 -71.44
N PRO C 80 2.56 21.25 -70.50
CA PRO C 80 1.32 21.03 -69.76
C PRO C 80 0.92 22.25 -68.95
N VAL C 81 -0.39 22.44 -68.80
CA VAL C 81 -0.93 23.55 -68.02
C VAL C 81 -1.22 23.07 -66.61
N THR C 82 -1.04 23.96 -65.64
CA THR C 82 -1.31 23.62 -64.25
C THR C 82 -2.82 23.63 -64.00
N GLY C 83 -3.33 22.53 -63.47
CA GLY C 83 -4.74 22.38 -63.15
C GLY C 83 -5.10 22.74 -61.73
N GLU C 84 -4.25 23.49 -61.04
CA GLU C 84 -4.49 23.80 -59.63
C GLU C 84 -5.73 24.67 -59.47
N ILE C 85 -6.34 24.57 -58.29
CA ILE C 85 -7.57 25.30 -57.98
C ILE C 85 -7.22 26.78 -57.76
N PRO C 86 -7.84 27.70 -58.47
CA PRO C 86 -7.50 29.12 -58.30
C PRO C 86 -7.98 29.66 -56.96
N THR C 87 -7.51 30.87 -56.66
CA THR C 87 -7.86 31.56 -55.41
C THR C 87 -8.63 32.83 -55.74
N LEU C 88 -9.73 33.05 -55.04
CA LEU C 88 -10.60 34.20 -55.27
C LEU C 88 -10.39 35.26 -54.20
N SER C 89 -10.96 36.43 -54.44
CA SER C 89 -10.87 37.53 -53.49
C SER C 89 -11.69 37.21 -52.24
N ALA C 90 -11.25 37.76 -51.12
CA ALA C 90 -11.87 37.44 -49.84
C ALA C 90 -13.28 38.02 -49.75
N LEU C 91 -14.09 37.40 -48.89
CA LEU C 91 -15.45 37.85 -48.60
C LEU C 91 -15.49 38.36 -47.17
N ASP C 92 -15.88 39.62 -46.99
CA ASP C 92 -15.85 40.28 -45.69
C ASP C 92 -17.26 40.37 -45.14
N ILE C 93 -17.45 39.91 -43.91
CA ILE C 93 -18.74 39.95 -43.24
C ILE C 93 -18.84 41.26 -42.45
N PRO C 94 -19.98 41.96 -42.48
CA PRO C 94 -20.09 43.17 -41.66
C PRO C 94 -19.96 42.86 -40.18
N ASP C 95 -19.45 43.84 -39.44
CA ASP C 95 -19.10 43.62 -38.04
C ASP C 95 -20.33 43.21 -37.23
N GLY C 96 -20.10 42.33 -36.26
CA GLY C 96 -21.18 41.85 -35.42
C GLY C 96 -20.66 40.79 -34.46
N ASP C 97 -21.59 40.19 -33.68
CA ASP C 97 -21.22 39.17 -32.65
C ASP C 97 -20.96 37.83 -33.36
N GLU C 98 -20.38 36.83 -32.65
CA GLU C 98 -20.10 35.50 -33.22
C GLU C 98 -21.29 34.87 -33.94
N VAL C 99 -22.49 34.84 -33.30
CA VAL C 99 -23.68 34.15 -33.87
C VAL C 99 -24.27 34.93 -35.02
N ASP C 100 -24.14 36.27 -35.05
CA ASP C 100 -24.55 37.11 -36.17
C ASP C 100 -23.70 36.84 -37.40
N VAL C 101 -22.39 36.69 -37.22
CA VAL C 101 -21.51 36.40 -38.36
C VAL C 101 -21.88 35.05 -38.97
N GLN C 102 -22.11 34.04 -38.13
CA GLN C 102 -22.50 32.74 -38.67
C GLN C 102 -23.83 32.81 -39.41
N TRP C 103 -24.80 33.54 -38.85
CA TRP C 103 -26.11 33.68 -39.48
C TRP C 103 -26.00 34.33 -40.85
N ARG C 104 -25.21 35.42 -40.94
CA ARG C 104 -25.02 36.06 -42.24
C ARG C 104 -24.28 35.16 -43.21
N LEU C 105 -23.36 34.32 -42.72
CA LEU C 105 -22.64 33.42 -43.60
C LEU C 105 -23.55 32.37 -44.20
N VAL C 106 -24.33 31.68 -43.36
CA VAL C 106 -25.06 30.50 -43.83
C VAL C 106 -26.34 30.83 -44.59
N HIS C 107 -26.76 32.09 -44.62
CA HIS C 107 -27.96 32.50 -45.34
C HIS C 107 -27.65 33.14 -46.69
N ASP C 108 -26.40 33.11 -47.12
CA ASP C 108 -26.00 33.66 -48.42
C ASP C 108 -26.19 32.61 -49.50
N SER C 109 -26.91 32.97 -50.57
CA SER C 109 -27.23 32.01 -51.63
C SER C 109 -26.15 31.94 -52.69
N ALA C 110 -25.61 33.09 -53.12
CA ALA C 110 -24.62 33.08 -54.19
C ALA C 110 -23.27 32.57 -53.70
N ASN C 111 -22.84 32.99 -52.51
CA ASN C 111 -21.54 32.63 -51.96
C ASN C 111 -21.61 31.42 -51.05
N PHE C 112 -22.79 30.84 -50.83
CA PHE C 112 -22.96 29.69 -49.97
C PHE C 112 -24.25 29.01 -50.40
N ILE C 113 -24.46 27.79 -49.90
CA ILE C 113 -25.65 27.00 -50.20
C ILE C 113 -25.55 26.43 -51.60
N LYS C 114 -25.51 27.30 -52.62
CA LYS C 114 -25.44 26.87 -54.03
C LYS C 114 -24.05 26.33 -54.38
N PRO C 115 -22.92 26.96 -53.99
CA PRO C 115 -21.60 26.35 -54.23
C PRO C 115 -21.46 25.06 -53.46
N THR C 116 -22.07 24.95 -52.26
CA THR C 116 -21.99 23.76 -51.41
C THR C 116 -22.93 22.65 -51.89
N SER C 117 -24.09 23.02 -52.50
CA SER C 117 -25.08 22.06 -53.00
C SER C 117 -24.60 21.43 -54.29
N TYR C 118 -23.84 22.18 -55.12
CA TYR C 118 -23.27 21.66 -56.36
C TYR C 118 -22.12 20.70 -56.09
N LEU C 119 -21.31 20.99 -55.06
CA LEU C 119 -20.26 20.04 -54.70
C LEU C 119 -20.86 18.69 -54.30
N ALA C 120 -21.89 18.73 -53.45
CA ALA C 120 -22.53 17.48 -53.05
C ALA C 120 -23.13 16.75 -54.24
N HIS C 121 -23.76 17.48 -55.16
CA HIS C 121 -24.32 16.85 -56.35
C HIS C 121 -23.25 16.21 -57.21
N TYR C 122 -22.12 16.90 -57.40
CA TYR C 122 -21.04 16.35 -58.23
C TYR C 122 -20.45 15.10 -57.59
N LEU C 123 -20.32 15.09 -56.26
CA LEU C 123 -19.75 13.92 -55.61
C LEU C 123 -20.66 12.70 -55.69
N GLY C 124 -21.92 12.87 -56.06
CA GLY C 124 -22.82 11.76 -56.28
C GLY C 124 -23.91 11.56 -55.24
N TYR C 125 -24.22 12.57 -54.42
CA TYR C 125 -25.32 12.46 -53.49
C TYR C 125 -26.65 12.65 -54.22
N ALA C 126 -27.72 12.20 -53.58
CA ALA C 126 -29.04 12.12 -54.20
C ALA C 126 -29.98 13.18 -53.65
N TRP C 127 -30.79 13.76 -54.53
CA TRP C 127 -31.88 14.67 -54.16
C TRP C 127 -31.35 15.87 -53.36
N VAL C 128 -30.58 16.70 -54.05
CA VAL C 128 -30.04 17.93 -53.47
C VAL C 128 -30.94 19.07 -53.98
N GLY C 129 -32.00 19.35 -53.25
CA GLY C 129 -32.95 20.38 -53.64
C GLY C 129 -34.32 20.08 -53.09
N GLY C 130 -35.17 21.11 -53.12
CA GLY C 130 -36.51 21.01 -52.59
C GLY C 130 -37.53 20.57 -53.63
N ASN C 131 -38.77 20.37 -53.15
CA ASN C 131 -39.85 19.88 -53.99
C ASN C 131 -40.42 20.92 -54.92
N HIS C 132 -40.15 22.20 -54.69
CA HIS C 132 -40.76 23.28 -55.45
C HIS C 132 -39.87 23.79 -56.58
N SER C 133 -38.81 23.07 -56.92
CA SER C 133 -37.94 23.44 -58.03
C SER C 133 -37.27 22.20 -58.59
N GLN C 134 -36.74 22.34 -59.81
CA GLN C 134 -36.05 21.25 -60.49
C GLN C 134 -34.54 21.38 -60.47
N TYR C 135 -34.01 22.51 -60.03
CA TYR C 135 -32.57 22.75 -60.05
C TYR C 135 -31.96 22.48 -58.67
N VAL C 136 -30.69 22.11 -58.68
CA VAL C 136 -30.02 21.71 -57.45
C VAL C 136 -29.78 22.93 -56.57
N GLY C 137 -30.09 22.80 -55.28
CA GLY C 137 -29.87 23.86 -54.33
C GLY C 137 -30.71 25.10 -54.58
N GLU C 138 -32.00 24.94 -54.88
CA GLU C 138 -32.89 26.07 -55.22
C GLU C 138 -33.90 26.34 -54.12
N ASP C 139 -34.65 25.32 -53.67
CA ASP C 139 -35.68 25.48 -52.63
C ASP C 139 -35.18 24.82 -51.35
N MET C 140 -34.19 25.45 -50.67
CA MET C 140 -33.54 24.86 -49.48
C MET C 140 -33.95 25.59 -48.20
N ASP C 141 -33.92 24.89 -47.04
CA ASP C 141 -34.29 25.44 -45.74
C ASP C 141 -33.09 25.36 -44.82
N VAL C 142 -32.96 26.37 -43.95
CA VAL C 142 -31.84 26.51 -43.03
C VAL C 142 -32.39 26.55 -41.61
N THR C 143 -31.78 25.74 -40.73
CA THR C 143 -32.22 25.65 -39.35
C THR C 143 -31.02 25.67 -38.41
N ARG C 144 -31.23 26.22 -37.21
CA ARG C 144 -30.23 26.25 -36.16
C ARG C 144 -30.39 24.99 -35.31
N ASP C 145 -29.38 24.12 -35.30
CA ASP C 145 -29.43 22.85 -34.59
C ASP C 145 -28.30 22.85 -33.56
N GLY C 146 -28.66 23.03 -32.30
CA GLY C 146 -27.64 23.03 -31.25
C GLY C 146 -26.64 24.15 -31.47
N ASP C 147 -25.37 23.77 -31.63
CA ASP C 147 -24.29 24.73 -31.84
C ASP C 147 -23.90 24.84 -33.31
N GLY C 148 -24.70 24.27 -34.21
CA GLY C 148 -24.40 24.32 -35.63
C GLY C 148 -25.60 24.65 -36.49
N TRP C 149 -25.44 24.57 -37.80
CA TRP C 149 -26.51 24.87 -38.74
C TRP C 149 -26.72 23.69 -39.69
N VAL C 150 -27.97 23.55 -40.16
CA VAL C 150 -28.35 22.47 -41.05
C VAL C 150 -29.09 23.06 -42.24
N ILE C 151 -28.67 22.68 -43.46
CA ILE C 151 -29.31 23.10 -44.69
C ILE C 151 -29.80 21.85 -45.41
N ARG C 152 -31.06 21.85 -45.85
CA ARG C 152 -31.58 20.71 -46.58
C ARG C 152 -32.82 21.10 -47.36
N GLY C 153 -33.15 20.31 -48.38
CA GLY C 153 -34.26 20.65 -49.24
C GLY C 153 -35.60 20.56 -48.52
N ASN C 154 -36.51 21.46 -48.91
CA ASN C 154 -37.85 21.43 -48.36
C ASN C 154 -38.60 20.20 -48.85
N ASN C 155 -39.41 19.61 -47.96
CA ASN C 155 -40.07 18.34 -48.23
C ASN C 155 -41.58 18.42 -48.11
N ASP C 156 -42.16 19.61 -48.27
CA ASP C 156 -43.61 19.75 -48.23
C ASP C 156 -44.21 19.44 -49.60
N GLY C 157 -45.43 18.89 -49.60
CA GLY C 157 -46.11 18.48 -50.86
C GLY C 157 -45.64 17.11 -51.27
N GLY C 158 -45.88 16.72 -52.55
CA GLY C 158 -45.50 15.42 -53.07
C GLY C 158 -44.27 15.53 -53.97
N CYS C 159 -43.74 14.38 -54.46
CA CYS C 159 -42.58 14.35 -55.36
C CYS C 159 -42.61 13.04 -56.15
N ASP C 160 -42.02 13.03 -57.38
CA ASP C 160 -41.93 11.82 -58.22
C ASP C 160 -40.46 11.41 -58.30
N GLY C 161 -40.17 10.10 -58.09
CA GLY C 161 -38.80 9.57 -58.14
C GLY C 161 -38.66 8.49 -57.06
N TYR C 162 -37.77 7.50 -57.33
CA TYR C 162 -37.52 6.44 -56.34
C TYR C 162 -36.81 7.02 -55.12
N ARG C 163 -37.38 6.75 -53.95
CA ARG C 163 -36.85 7.22 -52.67
C ARG C 163 -36.73 8.74 -52.62
N CYS C 164 -37.60 9.45 -53.34
CA CYS C 164 -37.68 10.90 -53.19
C CYS C 164 -38.34 11.20 -51.84
N GLY C 165 -37.63 11.90 -50.98
CA GLY C 165 -38.07 12.08 -49.61
C GLY C 165 -36.89 11.94 -48.68
N ASP C 166 -35.91 11.15 -49.10
CA ASP C 166 -34.61 11.08 -48.42
C ASP C 166 -33.70 12.11 -49.08
N LYS C 167 -33.63 13.29 -48.49
CA LYS C 167 -32.90 14.42 -49.05
C LYS C 167 -31.60 14.61 -48.29
N THR C 168 -30.50 14.77 -49.02
CA THR C 168 -29.19 14.93 -48.39
C THR C 168 -29.12 16.23 -47.61
N ALA C 169 -28.31 16.23 -46.56
CA ALA C 169 -28.20 17.35 -45.64
C ALA C 169 -26.76 17.86 -45.60
N ILE C 170 -26.62 19.18 -45.45
CA ILE C 170 -25.34 19.84 -45.28
C ILE C 170 -25.32 20.44 -43.88
N LYS C 171 -24.31 20.08 -43.08
CA LYS C 171 -24.23 20.51 -41.70
C LYS C 171 -22.95 21.31 -41.49
N VAL C 172 -23.08 22.54 -41.02
CA VAL C 172 -21.95 23.41 -40.76
C VAL C 172 -21.73 23.50 -39.25
N SER C 173 -20.48 23.34 -38.82
CA SER C 173 -20.21 23.29 -37.39
C SER C 173 -18.77 23.70 -37.11
N ASN C 174 -18.44 23.79 -35.82
CA ASN C 174 -17.07 23.94 -35.33
C ASN C 174 -16.37 25.15 -35.96
N PHE C 175 -16.92 26.33 -35.69
CA PHE C 175 -16.33 27.56 -36.20
C PHE C 175 -15.12 27.96 -35.37
N ALA C 176 -14.19 28.67 -36.02
CA ALA C 176 -13.00 29.18 -35.35
C ALA C 176 -12.53 30.42 -36.10
N TYR C 177 -11.79 31.26 -35.38
CA TYR C 177 -11.39 32.58 -35.89
C TYR C 177 -9.92 32.77 -35.60
N ASN C 178 -9.12 32.97 -36.65
CA ASN C 178 -7.68 33.16 -36.52
C ASN C 178 -7.29 34.51 -37.08
N LEU C 179 -6.56 35.30 -36.28
CA LEU C 179 -6.19 36.65 -36.67
C LEU C 179 -4.86 36.65 -37.42
N ASP C 180 -4.78 37.49 -38.46
CA ASP C 180 -3.54 37.68 -39.21
C ASP C 180 -2.94 39.06 -38.91
N PRO C 181 -1.61 39.17 -38.84
CA PRO C 181 -1.00 40.45 -38.43
C PRO C 181 -0.87 41.47 -39.54
N ASP C 182 -1.16 41.12 -40.79
CA ASP C 182 -0.92 42.01 -41.93
C ASP C 182 -2.10 42.90 -42.25
N SER C 183 -3.18 42.85 -41.46
CA SER C 183 -4.37 43.65 -41.70
C SER C 183 -4.46 44.87 -40.79
N PHE C 184 -3.39 45.19 -40.07
CA PHE C 184 -3.44 46.28 -39.11
C PHE C 184 -3.71 47.61 -39.81
N LYS C 185 -4.53 48.44 -39.18
CA LYS C 185 -4.84 49.76 -39.68
C LYS C 185 -5.30 50.64 -38.53
N HIS C 186 -4.89 51.90 -38.54
CA HIS C 186 -5.20 52.83 -37.47
C HIS C 186 -5.69 54.14 -38.06
N GLY C 187 -6.38 54.92 -37.23
CA GLY C 187 -6.92 56.20 -37.65
C GLY C 187 -6.04 57.37 -37.24
N ASP C 188 -6.60 58.29 -36.45
CA ASP C 188 -5.87 59.46 -36.00
C ASP C 188 -4.95 59.07 -34.84
N VAL C 189 -4.17 60.04 -34.37
CA VAL C 189 -3.21 59.81 -33.28
C VAL C 189 -3.45 60.81 -32.16
N THR C 190 -4.70 61.26 -32.01
CA THR C 190 -5.04 62.20 -30.96
C THR C 190 -4.71 61.63 -29.58
N TYR C 304 -4.98 55.53 -30.19
CA TYR C 304 -5.66 55.60 -31.49
C TYR C 304 -6.55 54.38 -31.70
N PRO C 305 -7.53 54.51 -32.61
CA PRO C 305 -8.42 53.38 -32.92
C PRO C 305 -7.77 52.45 -33.93
N TYR C 306 -7.68 51.17 -33.58
CA TYR C 306 -7.10 50.16 -34.46
C TYR C 306 -8.20 49.36 -35.16
N GLU C 307 -7.78 48.46 -36.03
CA GLU C 307 -8.71 47.64 -36.79
C GLU C 307 -7.98 46.42 -37.34
N PHE C 308 -8.63 45.27 -37.28
CA PHE C 308 -8.06 44.02 -37.75
C PHE C 308 -9.12 43.22 -38.48
N LYS C 309 -8.69 42.16 -39.18
CA LYS C 309 -9.59 41.21 -39.81
C LYS C 309 -9.11 39.81 -39.50
N ALA C 310 -10.04 38.93 -39.13
CA ALA C 310 -9.74 37.56 -38.75
C ALA C 310 -10.41 36.59 -39.72
N ASP C 311 -9.66 35.55 -40.10
CA ASP C 311 -10.17 34.54 -41.02
C ASP C 311 -10.99 33.50 -40.27
N VAL C 312 -12.07 33.05 -40.90
CA VAL C 312 -13.01 32.12 -40.30
C VAL C 312 -12.80 30.73 -40.91
N SER C 313 -12.86 29.70 -40.08
CA SER C 313 -12.75 28.32 -40.52
C SER C 313 -13.84 27.48 -39.86
N TYR C 314 -14.21 26.38 -40.50
CA TYR C 314 -15.30 25.56 -39.99
C TYR C 314 -15.21 24.15 -40.59
N ASP C 315 -16.13 23.30 -40.17
CA ASP C 315 -16.25 21.93 -40.66
C ASP C 315 -17.59 21.77 -41.37
N LEU C 316 -17.55 21.09 -42.52
CA LEU C 316 -18.70 20.89 -43.38
C LEU C 316 -18.95 19.39 -43.52
N THR C 317 -20.16 18.96 -43.19
CA THR C 317 -20.52 17.55 -43.23
C THR C 317 -21.62 17.32 -44.25
N LEU C 318 -21.42 16.32 -45.11
CA LEU C 318 -22.41 15.91 -46.10
C LEU C 318 -22.98 14.57 -45.70
N SER C 319 -24.31 14.46 -45.67
CA SER C 319 -24.98 13.24 -45.24
C SER C 319 -26.06 12.87 -46.25
N GLY C 320 -26.06 11.61 -46.68
CA GLY C 320 -27.05 11.15 -47.64
C GLY C 320 -26.61 9.83 -48.25
N PHE C 321 -27.43 9.34 -49.19
CA PHE C 321 -27.14 8.08 -49.85
C PHE C 321 -26.65 8.33 -51.27
N LEU C 322 -25.70 7.50 -51.71
CA LEU C 322 -25.04 7.68 -53.00
C LEU C 322 -25.88 7.12 -54.14
N ARG C 323 -25.84 7.79 -55.28
CA ARG C 323 -26.66 7.41 -56.42
C ARG C 323 -26.22 6.05 -56.98
N TRP C 324 -27.20 5.32 -57.51
CA TRP C 324 -26.91 4.00 -58.09
C TRP C 324 -26.22 4.12 -59.44
N GLY C 325 -26.63 5.09 -60.26
CA GLY C 325 -26.05 5.22 -61.58
C GLY C 325 -24.55 5.49 -61.54
N GLY C 326 -24.13 6.41 -60.68
CA GLY C 326 -22.73 6.75 -60.57
C GLY C 326 -22.41 7.70 -59.44
N ASN C 327 -21.36 7.40 -58.69
CA ASN C 327 -20.88 8.24 -57.60
C ASN C 327 -19.36 8.32 -57.67
N ALA C 328 -18.79 9.21 -56.84
CA ALA C 328 -17.37 9.51 -56.90
C ALA C 328 -16.54 8.76 -55.86
N TRP C 329 -17.14 7.90 -55.05
CA TRP C 329 -16.37 7.13 -54.09
C TRP C 329 -15.48 6.14 -54.82
N TYR C 330 -14.27 5.93 -54.30
CA TYR C 330 -13.25 5.21 -55.06
C TYR C 330 -13.65 3.76 -55.31
N THR C 331 -14.42 3.15 -54.41
CA THR C 331 -14.90 1.80 -54.65
C THR C 331 -16.14 1.75 -55.52
N HIS C 332 -16.80 2.89 -55.73
CA HIS C 332 -17.99 2.97 -56.58
C HIS C 332 -19.07 1.98 -56.12
N PRO C 333 -19.61 2.15 -54.91
CA PRO C 333 -20.68 1.25 -54.46
C PRO C 333 -21.91 1.36 -55.34
N ASP C 334 -22.66 0.27 -55.45
CA ASP C 334 -23.79 0.19 -56.36
C ASP C 334 -25.08 -0.25 -55.68
N ASN C 335 -25.15 -0.15 -54.34
CA ASN C 335 -26.32 -0.60 -53.60
C ASN C 335 -26.98 0.53 -52.82
N ARG C 336 -26.79 1.78 -53.25
CA ARG C 336 -27.41 2.94 -52.61
C ARG C 336 -27.22 2.95 -51.09
N PRO C 337 -25.98 2.95 -50.60
CA PRO C 337 -25.76 2.98 -49.17
C PRO C 337 -25.80 4.39 -48.60
N ASN C 338 -26.04 4.48 -47.30
CA ASN C 338 -25.94 5.75 -46.60
C ASN C 338 -24.47 6.12 -46.40
N TRP C 339 -24.22 7.43 -46.26
CA TRP C 339 -22.85 7.92 -46.23
C TRP C 339 -22.82 9.26 -45.50
N ASN C 340 -21.76 9.45 -44.72
CA ASN C 340 -21.47 10.71 -44.05
C ASN C 340 -20.00 11.01 -44.27
N HIS C 341 -19.69 12.26 -44.64
CA HIS C 341 -18.29 12.66 -44.80
C HIS C 341 -18.11 14.09 -44.31
N THR C 342 -16.88 14.40 -43.89
CA THR C 342 -16.55 15.71 -43.33
C THR C 342 -15.33 16.30 -44.02
N PHE C 343 -15.40 17.61 -44.27
CA PHE C 343 -14.28 18.38 -44.78
C PHE C 343 -13.99 19.53 -43.81
N VAL C 344 -12.73 19.94 -43.77
CA VAL C 344 -12.28 21.08 -42.97
C VAL C 344 -12.01 22.22 -43.93
N ILE C 345 -12.80 23.28 -43.86
CA ILE C 345 -12.64 24.42 -44.76
C ILE C 345 -11.71 25.40 -44.05
N GLY C 346 -10.41 25.21 -44.25
CA GLY C 346 -9.40 26.00 -43.58
C GLY C 346 -8.02 25.38 -43.73
N PRO C 347 -7.15 25.62 -42.75
CA PRO C 347 -5.78 25.08 -42.84
C PRO C 347 -5.78 23.55 -42.79
N TYR C 348 -4.77 22.98 -43.45
CA TYR C 348 -4.66 21.53 -43.54
C TYR C 348 -4.56 20.90 -42.15
N LYS C 349 -5.30 19.81 -41.96
CA LYS C 349 -5.20 19.01 -40.74
C LYS C 349 -4.98 17.53 -41.01
N ASP C 350 -5.61 16.98 -42.04
CA ASP C 350 -5.51 15.56 -42.35
C ASP C 350 -5.68 15.36 -43.84
N LYS C 351 -5.26 14.17 -44.31
CA LYS C 351 -5.42 13.84 -45.72
C LYS C 351 -6.87 13.55 -46.05
N ALA C 352 -7.61 12.93 -45.12
CA ALA C 352 -8.97 12.51 -45.41
C ALA C 352 -9.91 13.70 -45.53
N SER C 353 -9.61 14.81 -44.85
CA SER C 353 -10.50 15.96 -44.79
C SER C 353 -9.98 17.16 -45.55
N SER C 354 -8.99 16.98 -46.42
CA SER C 354 -8.40 18.08 -47.18
C SER C 354 -8.74 17.91 -48.66
N ILE C 355 -9.49 18.88 -49.20
CA ILE C 355 -9.82 18.85 -50.62
C ILE C 355 -8.59 19.14 -51.48
N ARG C 356 -7.81 20.17 -51.11
CA ARG C 356 -6.68 20.58 -51.95
C ARG C 356 -5.65 19.46 -52.08
N TYR C 357 -5.31 18.78 -50.96
CA TYR C 357 -4.37 17.65 -50.95
C TYR C 357 -4.81 16.55 -51.91
N GLN C 358 -6.06 16.06 -51.76
CA GLN C 358 -6.55 14.95 -52.58
C GLN C 358 -6.56 15.29 -54.06
N TRP C 359 -6.85 16.57 -54.42
CA TRP C 359 -6.90 17.04 -55.81
C TRP C 359 -5.50 17.11 -56.42
N ASP C 360 -4.47 17.40 -55.61
CA ASP C 360 -3.09 17.55 -56.08
C ASP C 360 -2.37 16.22 -56.24
N LYS C 361 -2.87 15.12 -55.64
CA LYS C 361 -2.26 13.79 -55.70
C LYS C 361 -3.11 12.86 -56.55
N ARG C 362 -3.80 13.41 -57.58
CA ARG C 362 -4.69 12.64 -58.45
C ARG C 362 -3.89 11.93 -59.55
N TYR C 363 -2.55 12.14 -59.59
CA TYR C 363 -1.63 11.52 -60.54
C TYR C 363 -0.95 10.29 -59.93
N ILE C 364 -1.09 10.05 -58.59
CA ILE C 364 -0.59 8.87 -57.91
C ILE C 364 -1.77 7.91 -57.63
N PRO C 365 -1.91 6.78 -58.37
CA PRO C 365 -3.07 5.90 -58.15
C PRO C 365 -3.18 5.32 -56.74
N GLY C 366 -2.08 5.10 -56.03
CA GLY C 366 -2.07 4.48 -54.70
C GLY C 366 -2.43 5.43 -53.57
N GLU C 367 -2.49 6.75 -53.84
CA GLU C 367 -2.90 7.75 -52.85
C GLU C 367 -4.40 7.96 -52.85
N VAL C 368 -5.11 7.45 -53.88
CA VAL C 368 -6.57 7.64 -54.03
C VAL C 368 -7.28 6.65 -53.13
N LYS C 369 -7.80 7.12 -51.97
CA LYS C 369 -8.44 6.27 -50.98
C LYS C 369 -9.79 6.78 -50.50
N TRP C 370 -10.16 8.04 -50.75
CA TRP C 370 -11.45 8.56 -50.31
C TRP C 370 -12.35 8.95 -51.48
N TRP C 371 -11.92 9.87 -52.34
CA TRP C 371 -12.73 10.33 -53.46
C TRP C 371 -11.91 10.26 -54.74
N ASP C 372 -12.61 9.98 -55.84
CA ASP C 372 -11.98 9.85 -57.17
C ASP C 372 -12.29 11.11 -57.96
N TRP C 373 -11.38 12.08 -57.92
CA TRP C 373 -11.60 13.35 -58.59
C TRP C 373 -11.44 13.26 -60.11
N ASN C 374 -10.64 12.31 -60.59
CA ASN C 374 -10.54 12.10 -62.03
C ASN C 374 -11.90 11.74 -62.61
N TRP C 375 -12.70 10.97 -61.86
CA TRP C 375 -14.04 10.64 -62.32
C TRP C 375 -14.90 11.88 -62.47
N THR C 376 -14.84 12.80 -61.50
CA THR C 376 -15.60 14.03 -61.59
C THR C 376 -15.13 14.87 -62.78
N ILE C 377 -13.82 14.93 -63.01
CA ILE C 377 -13.30 15.69 -64.15
C ILE C 377 -13.82 15.11 -65.45
N GLN C 378 -13.81 13.78 -65.58
CA GLN C 378 -14.34 13.16 -66.79
C GLN C 378 -15.83 13.43 -66.94
N GLN C 379 -16.58 13.41 -65.82
CA GLN C 379 -18.03 13.52 -65.91
C GLN C 379 -18.46 14.95 -66.26
N ASN C 380 -17.81 15.95 -65.68
CA ASN C 380 -18.29 17.32 -65.78
C ASN C 380 -17.36 18.29 -66.49
N GLY C 381 -16.09 17.95 -66.65
CA GLY C 381 -15.14 18.85 -67.28
C GLY C 381 -14.23 19.52 -66.26
N LEU C 382 -13.03 19.87 -66.70
CA LEU C 382 -12.02 20.39 -65.80
C LEU C 382 -12.34 21.79 -65.31
N SER C 383 -12.75 22.69 -66.21
CA SER C 383 -12.94 24.08 -65.84
C SER C 383 -14.06 24.24 -64.83
N THR C 384 -15.19 23.58 -65.06
CA THR C 384 -16.33 23.71 -64.15
C THR C 384 -15.98 23.20 -62.76
N MET C 385 -15.29 22.07 -62.68
CA MET C 385 -14.96 21.51 -61.37
C MET C 385 -14.05 22.43 -60.58
N GLN C 386 -13.02 22.99 -61.23
CA GLN C 386 -12.11 23.86 -60.51
C GLN C 386 -12.77 25.20 -60.16
N ASN C 387 -13.66 25.70 -61.01
CA ASN C 387 -14.41 26.90 -60.64
C ASN C 387 -15.27 26.65 -59.40
N ASN C 388 -15.98 25.51 -59.37
CA ASN C 388 -16.80 25.21 -58.22
C ASN C 388 -15.96 25.06 -56.96
N LEU C 389 -14.83 24.34 -57.05
CA LEU C 389 -13.99 24.17 -55.88
C LEU C 389 -13.38 25.48 -55.43
N ALA C 390 -13.06 26.38 -56.36
CA ALA C 390 -12.57 27.70 -55.99
C ALA C 390 -13.65 28.47 -55.22
N ARG C 391 -14.90 28.38 -55.67
CA ARG C 391 -15.96 29.08 -54.96
C ARG C 391 -16.22 28.47 -53.58
N VAL C 392 -16.05 27.15 -53.44
CA VAL C 392 -16.29 26.52 -52.15
C VAL C 392 -15.23 26.94 -51.13
N LEU C 393 -13.98 27.10 -51.57
CA LEU C 393 -12.87 27.40 -50.68
C LEU C 393 -12.56 28.89 -50.61
N ARG C 394 -13.54 29.74 -50.90
CA ARG C 394 -13.32 31.18 -50.89
C ARG C 394 -13.06 31.65 -49.46
N PRO C 395 -12.01 32.44 -49.21
CA PRO C 395 -11.74 32.90 -47.84
C PRO C 395 -12.84 33.78 -47.30
N VAL C 396 -13.03 33.72 -45.98
CA VAL C 396 -14.06 34.48 -45.28
C VAL C 396 -13.40 35.22 -44.11
N ARG C 397 -13.66 36.53 -44.02
CA ARG C 397 -13.04 37.38 -43.02
C ARG C 397 -14.09 38.15 -42.24
N ALA C 398 -13.77 38.44 -40.97
CA ALA C 398 -14.63 39.20 -40.08
C ALA C 398 -13.83 40.31 -39.42
N GLY C 399 -14.45 41.49 -39.31
CA GLY C 399 -13.74 42.64 -38.78
C GLY C 399 -13.69 42.66 -37.26
N ILE C 400 -12.66 43.31 -36.74
CA ILE C 400 -12.47 43.50 -35.30
C ILE C 400 -12.00 44.92 -35.07
N THR C 401 -12.56 45.57 -34.06
CA THR C 401 -12.18 46.95 -33.73
C THR C 401 -11.95 47.10 -32.23
N ALA D 1 54.47 -4.51 -40.47
CA ALA D 1 53.41 -5.15 -41.29
C ALA D 1 52.37 -4.13 -41.72
N GLU D 2 51.84 -4.29 -42.94
CA GLU D 2 50.82 -3.42 -43.48
C GLU D 2 49.62 -4.25 -43.93
N PRO D 3 48.43 -3.67 -43.93
CA PRO D 3 47.24 -4.44 -44.35
C PRO D 3 47.36 -4.91 -45.79
N VAL D 4 46.88 -6.13 -46.06
CA VAL D 4 46.94 -6.73 -47.42
C VAL D 4 45.51 -6.97 -47.89
N TYR D 5 45.18 -6.49 -49.12
CA TYR D 5 43.86 -6.69 -49.72
C TYR D 5 43.97 -7.85 -50.70
N PRO D 6 43.16 -8.93 -50.58
CA PRO D 6 43.35 -10.12 -51.44
C PRO D 6 43.33 -9.83 -52.94
N ASP D 7 42.65 -8.77 -53.39
CA ASP D 7 42.52 -8.44 -54.81
C ASP D 7 43.80 -7.88 -55.42
N GLN D 8 44.78 -7.48 -54.57
CA GLN D 8 46.06 -6.90 -55.02
C GLN D 8 47.16 -7.94 -55.17
N LEU D 9 46.99 -9.13 -54.57
CA LEU D 9 48.04 -10.15 -54.58
C LEU D 9 48.31 -10.64 -56.01
N ARG D 10 49.57 -10.99 -56.27
CA ARG D 10 49.96 -11.46 -57.59
C ARG D 10 50.99 -12.58 -57.43
N LEU D 11 50.76 -13.72 -58.08
CA LEU D 11 51.64 -14.87 -57.96
C LEU D 11 52.61 -14.88 -59.13
N PHE D 12 53.90 -14.64 -58.86
CA PHE D 12 54.93 -14.63 -59.87
C PHE D 12 55.66 -15.98 -59.91
N SER D 13 56.13 -16.33 -61.10
CA SER D 13 56.89 -17.56 -61.33
C SER D 13 58.24 -17.25 -61.96
N LEU D 14 58.76 -16.04 -61.74
CA LEU D 14 60.04 -15.66 -62.31
C LEU D 14 61.15 -16.56 -61.79
N GLY D 15 61.39 -16.51 -60.48
CA GLY D 15 62.44 -17.31 -59.88
C GLY D 15 62.30 -17.31 -58.37
N GLN D 16 63.10 -18.16 -57.74
CA GLN D 16 63.04 -18.30 -56.28
C GLN D 16 63.34 -16.96 -55.60
N GLY D 17 62.34 -16.44 -54.89
CA GLY D 17 62.51 -15.18 -54.18
C GLY D 17 62.70 -13.97 -55.08
N VAL D 18 62.04 -13.95 -56.23
CA VAL D 18 62.11 -12.82 -57.16
C VAL D 18 60.70 -12.39 -57.51
N CYS D 19 60.40 -11.11 -57.33
CA CYS D 19 59.11 -10.53 -57.63
C CYS D 19 59.19 -9.70 -58.90
N GLY D 20 58.07 -9.09 -59.28
CA GLY D 20 58.02 -8.25 -60.44
C GLY D 20 58.69 -6.91 -60.21
N ASP D 21 58.62 -6.06 -61.23
CA ASP D 21 59.29 -4.75 -61.17
C ASP D 21 58.90 -3.99 -59.91
N LYS D 22 57.64 -3.58 -59.81
CA LYS D 22 57.13 -2.89 -58.62
C LYS D 22 56.34 -3.89 -57.77
N TYR D 23 57.06 -4.77 -57.09
CA TYR D 23 56.43 -5.81 -56.28
C TYR D 23 57.36 -6.24 -55.17
N ARG D 24 56.81 -6.37 -53.96
CA ARG D 24 57.48 -6.80 -52.75
C ARG D 24 57.03 -8.21 -52.35
N PRO D 25 57.93 -9.11 -51.94
CA PRO D 25 57.49 -10.46 -51.49
C PRO D 25 56.60 -10.40 -50.27
N VAL D 26 55.48 -11.16 -50.28
CA VAL D 26 54.55 -11.20 -49.14
C VAL D 26 55.24 -11.89 -47.97
N ASN D 27 55.12 -11.34 -46.74
CA ASN D 27 55.80 -11.88 -45.55
C ASN D 27 54.97 -13.06 -45.00
N ARG D 28 55.61 -13.94 -44.18
CA ARG D 28 54.91 -15.08 -43.59
C ARG D 28 53.84 -14.61 -42.61
N GLU D 29 54.09 -13.48 -41.89
CA GLU D 29 53.09 -12.86 -41.01
C GLU D 29 51.94 -12.31 -41.81
N GLU D 30 52.24 -11.57 -42.93
CA GLU D 30 51.22 -10.95 -43.77
C GLU D 30 50.35 -11.99 -44.45
N ALA D 31 50.96 -13.15 -44.83
CA ALA D 31 50.22 -14.25 -45.46
C ALA D 31 49.27 -14.89 -44.47
N GLN D 32 49.69 -14.95 -43.18
CA GLN D 32 48.87 -15.51 -42.11
C GLN D 32 47.62 -14.67 -41.87
N SER D 33 47.71 -13.33 -42.10
CA SER D 33 46.59 -12.42 -41.87
C SER D 33 45.41 -12.70 -42.79
N VAL D 34 45.67 -13.17 -44.03
CA VAL D 34 44.62 -13.44 -45.02
C VAL D 34 44.72 -14.89 -45.46
N LYS D 35 45.07 -15.77 -44.52
CA LYS D 35 45.36 -17.16 -44.85
C LYS D 35 44.25 -17.80 -45.69
N SER D 36 42.99 -17.60 -45.28
CA SER D 36 41.90 -18.30 -45.95
C SER D 36 41.77 -17.89 -47.41
N ASN D 37 41.91 -16.59 -47.71
CA ASN D 37 41.79 -16.13 -49.08
C ASN D 37 42.87 -16.73 -49.98
N ILE D 38 44.13 -16.63 -49.55
CA ILE D 38 45.22 -17.14 -50.37
C ILE D 38 45.10 -18.65 -50.54
N VAL D 39 44.69 -19.35 -49.48
CA VAL D 39 44.51 -20.80 -49.61
C VAL D 39 43.38 -21.11 -50.59
N GLY D 40 42.34 -20.28 -50.61
CA GLY D 40 41.27 -20.48 -51.57
C GLY D 40 41.64 -20.15 -53.00
N MET D 41 42.69 -19.34 -53.19
CA MET D 41 43.17 -18.99 -54.52
C MET D 41 44.24 -19.95 -55.03
N MET D 42 44.40 -21.12 -54.42
CA MET D 42 45.45 -22.06 -54.78
C MET D 42 44.86 -23.41 -55.19
N GLY D 43 45.66 -24.17 -55.94
CA GLY D 43 45.30 -25.53 -56.27
C GLY D 43 45.48 -26.47 -55.09
N GLN D 44 44.87 -27.66 -55.21
CA GLN D 44 44.80 -28.58 -54.08
C GLN D 44 46.19 -28.97 -53.57
N TRP D 45 47.11 -29.32 -54.47
CA TRP D 45 48.43 -29.79 -54.08
C TRP D 45 49.52 -28.80 -54.50
N GLN D 46 49.21 -27.51 -54.48
CA GLN D 46 50.17 -26.48 -54.84
C GLN D 46 50.93 -26.00 -53.61
N ILE D 47 52.20 -25.66 -53.80
CA ILE D 47 53.04 -25.07 -52.76
C ILE D 47 53.74 -23.85 -53.36
N SER D 48 53.70 -22.73 -52.65
CA SER D 48 54.23 -21.47 -53.16
C SER D 48 55.14 -20.83 -52.13
N GLY D 49 56.03 -19.94 -52.60
CA GLY D 49 57.05 -19.38 -51.74
C GLY D 49 56.64 -18.07 -51.10
N LEU D 50 57.28 -17.77 -49.96
CA LEU D 50 57.10 -16.54 -49.22
C LEU D 50 58.46 -15.89 -48.99
N ALA D 51 58.48 -14.83 -48.20
CA ALA D 51 59.72 -14.12 -47.89
C ALA D 51 60.43 -14.76 -46.70
N ASN D 52 61.76 -14.70 -46.73
CA ASN D 52 62.61 -15.18 -45.63
C ASN D 52 62.51 -16.69 -45.45
N GLY D 53 62.48 -17.42 -46.57
CA GLY D 53 62.47 -18.86 -46.53
C GLY D 53 61.26 -19.46 -45.85
N TRP D 54 60.08 -19.21 -46.41
CA TRP D 54 58.84 -19.80 -45.93
C TRP D 54 58.03 -20.26 -47.14
N VAL D 55 56.99 -21.06 -46.88
CA VAL D 55 56.19 -21.65 -47.94
C VAL D 55 54.76 -21.79 -47.46
N ILE D 56 53.82 -21.58 -48.37
CA ILE D 56 52.39 -21.76 -48.12
C ILE D 56 51.91 -22.95 -48.97
N MET D 57 51.03 -23.76 -48.38
CA MET D 57 50.56 -24.98 -49.02
C MET D 57 49.07 -24.89 -49.29
N GLY D 58 48.60 -25.69 -50.25
CA GLY D 58 47.24 -25.60 -50.73
C GLY D 58 46.26 -26.31 -49.82
N PRO D 59 44.99 -26.31 -50.25
CA PRO D 59 43.94 -26.93 -49.43
C PRO D 59 44.19 -28.39 -49.11
N GLY D 60 44.88 -29.13 -49.98
CA GLY D 60 45.17 -30.52 -49.70
C GLY D 60 45.97 -30.70 -48.43
N TYR D 61 46.84 -29.73 -48.12
CA TYR D 61 47.65 -29.76 -46.93
C TYR D 61 47.03 -28.96 -45.78
N ASN D 62 45.78 -28.54 -45.92
CA ASN D 62 45.08 -27.76 -44.90
C ASN D 62 45.71 -26.39 -44.69
N GLY D 63 46.37 -25.86 -45.73
CA GLY D 63 46.90 -24.52 -45.68
C GLY D 63 47.97 -24.30 -44.64
N GLU D 64 48.94 -25.20 -44.57
CA GLU D 64 50.01 -25.11 -43.58
C GLU D 64 51.12 -24.19 -44.08
N ILE D 65 51.67 -23.38 -43.19
CA ILE D 65 52.81 -22.52 -43.47
C ILE D 65 54.03 -23.11 -42.76
N LYS D 66 55.04 -23.51 -43.53
CA LYS D 66 56.22 -24.18 -42.99
C LYS D 66 57.47 -23.63 -43.67
N PRO D 67 58.63 -23.73 -43.01
CA PRO D 67 59.88 -23.34 -43.67
C PRO D 67 60.14 -24.17 -44.91
N GLY D 68 60.71 -23.53 -45.93
CA GLY D 68 61.02 -24.23 -47.17
C GLY D 68 61.38 -23.23 -48.26
N THR D 69 61.46 -23.75 -49.48
CA THR D 69 61.76 -22.92 -50.65
C THR D 69 60.98 -23.45 -51.84
N ALA D 70 60.64 -22.55 -52.76
CA ALA D 70 59.87 -22.91 -53.94
C ALA D 70 60.19 -21.92 -55.05
N SER D 71 59.81 -22.31 -56.27
CA SER D 71 60.08 -21.48 -57.44
C SER D 71 59.12 -20.29 -57.54
N ASN D 72 57.85 -20.48 -57.18
CA ASN D 72 56.87 -19.42 -57.24
C ASN D 72 57.05 -18.45 -56.07
N THR D 73 56.26 -17.37 -56.08
CA THR D 73 56.29 -16.42 -54.97
C THR D 73 55.08 -15.51 -55.05
N TRP D 74 54.35 -15.40 -53.94
CA TRP D 74 53.30 -14.39 -53.83
C TRP D 74 53.91 -13.02 -53.54
N CYS D 75 53.56 -12.04 -54.36
CA CYS D 75 54.08 -10.68 -54.24
C CYS D 75 52.92 -9.69 -54.19
N TYR D 76 53.15 -8.58 -53.49
CA TYR D 76 52.22 -7.48 -53.27
C TYR D 76 52.76 -6.21 -53.93
N PRO D 77 51.93 -5.38 -54.55
CA PRO D 77 52.48 -4.20 -55.23
C PRO D 77 53.26 -3.31 -54.27
N THR D 78 54.38 -2.77 -54.77
CA THR D 78 55.23 -1.93 -53.94
C THR D 78 54.54 -0.62 -53.57
N ASN D 79 53.66 -0.12 -54.43
CA ASN D 79 52.88 1.10 -54.17
C ASN D 79 51.42 0.76 -54.40
N PRO D 80 50.75 0.18 -53.41
CA PRO D 80 49.36 -0.24 -53.61
C PRO D 80 48.45 0.94 -53.87
N VAL D 81 47.41 0.70 -54.66
CA VAL D 81 46.43 1.72 -54.99
C VAL D 81 45.25 1.58 -54.05
N THR D 82 44.65 2.72 -53.70
CA THR D 82 43.47 2.72 -52.82
C THR D 82 42.24 2.28 -53.60
N GLY D 83 41.57 1.26 -53.09
CA GLY D 83 40.36 0.73 -53.69
C GLY D 83 39.07 1.33 -53.16
N GLU D 84 39.14 2.49 -52.51
CA GLU D 84 37.96 3.07 -51.89
C GLU D 84 36.93 3.48 -52.93
N ILE D 85 35.67 3.51 -52.51
CA ILE D 85 34.54 3.83 -53.39
C ILE D 85 34.57 5.33 -53.68
N PRO D 86 34.60 5.74 -54.94
CA PRO D 86 34.64 7.18 -55.24
C PRO D 86 33.33 7.87 -54.91
N THR D 87 33.38 9.21 -54.95
CA THR D 87 32.23 10.06 -54.67
C THR D 87 31.86 10.83 -55.93
N LEU D 88 30.57 10.85 -56.26
CA LEU D 88 30.06 11.51 -57.45
C LEU D 88 29.40 12.84 -57.09
N SER D 89 29.12 13.62 -58.12
CA SER D 89 28.44 14.90 -57.94
C SER D 89 27.01 14.68 -57.49
N ALA D 90 26.49 15.65 -56.73
CA ALA D 90 25.16 15.51 -56.15
C ALA D 90 24.08 15.56 -57.22
N LEU D 91 22.93 14.96 -56.91
CA LEU D 91 21.75 14.99 -57.76
C LEU D 91 20.69 15.83 -57.07
N ASP D 92 20.22 16.87 -57.76
CA ASP D 92 19.29 17.84 -57.20
C ASP D 92 17.89 17.59 -57.75
N ILE D 93 16.92 17.46 -56.86
CA ILE D 93 15.53 17.24 -57.26
C ILE D 93 14.84 18.60 -57.39
N PRO D 94 14.02 18.83 -58.42
CA PRO D 94 13.30 20.10 -58.51
C PRO D 94 12.36 20.29 -57.33
N ASP D 95 12.14 21.55 -56.95
CA ASP D 95 11.41 21.86 -55.74
C ASP D 95 9.99 21.30 -55.79
N GLY D 96 9.51 20.86 -54.64
CA GLY D 96 8.17 20.30 -54.55
C GLY D 96 7.91 19.79 -53.15
N ASP D 97 6.74 19.15 -52.95
CA ASP D 97 6.32 18.65 -51.60
C ASP D 97 7.06 17.34 -51.31
N GLU D 98 7.03 16.84 -50.05
CA GLU D 98 7.69 15.59 -49.66
C GLU D 98 7.39 14.42 -50.59
N VAL D 99 6.09 14.15 -50.90
CA VAL D 99 5.69 12.97 -51.70
C VAL D 99 6.06 13.13 -53.17
N ASP D 100 6.10 14.38 -53.69
CA ASP D 100 6.57 14.68 -55.04
C ASP D 100 8.06 14.38 -55.20
N VAL D 101 8.85 14.75 -54.20
CA VAL D 101 10.29 14.47 -54.26
C VAL D 101 10.53 12.96 -54.30
N GLN D 102 9.83 12.21 -53.44
CA GLN D 102 10.00 10.76 -53.45
C GLN D 102 9.57 10.16 -54.79
N TRP D 103 8.46 10.64 -55.35
CA TRP D 103 7.99 10.13 -56.64
C TRP D 103 9.00 10.38 -57.74
N ARG D 104 9.57 11.59 -57.80
CA ARG D 104 10.59 11.87 -58.80
C ARG D 104 11.84 11.05 -58.57
N LEU D 105 12.18 10.75 -57.31
CA LEU D 105 13.37 9.95 -57.03
C LEU D 105 13.18 8.52 -57.53
N VAL D 106 12.08 7.87 -57.16
CA VAL D 106 11.96 6.43 -57.40
C VAL D 106 11.58 6.07 -58.83
N HIS D 107 11.25 7.05 -59.67
CA HIS D 107 10.90 6.79 -61.06
C HIS D 107 12.04 7.10 -62.03
N ASP D 108 13.23 7.38 -61.52
CA ASP D 108 14.39 7.66 -62.35
C ASP D 108 15.08 6.34 -62.70
N SER D 109 15.32 6.12 -64.00
CA SER D 109 15.88 4.85 -64.46
C SER D 109 17.41 4.86 -64.46
N ALA D 110 18.04 5.95 -64.90
CA ALA D 110 19.49 5.99 -64.97
C ALA D 110 20.12 6.14 -63.59
N ASN D 111 19.55 6.99 -62.74
CA ASN D 111 20.10 7.27 -61.42
C ASN D 111 19.46 6.42 -60.33
N PHE D 112 18.51 5.56 -60.67
CA PHE D 112 17.84 4.70 -59.71
C PHE D 112 17.26 3.53 -60.49
N ILE D 113 16.82 2.50 -59.76
CA ILE D 113 16.23 1.31 -60.34
C ILE D 113 17.33 0.43 -60.95
N LYS D 114 18.03 0.95 -61.96
CA LYS D 114 19.10 0.19 -62.64
C LYS D 114 20.35 0.09 -61.76
N PRO D 115 20.84 1.15 -61.09
CA PRO D 115 21.97 0.99 -60.15
C PRO D 115 21.59 0.09 -59.00
N THR D 116 20.31 0.12 -58.55
CA THR D 116 19.82 -0.68 -57.42
C THR D 116 19.55 -2.13 -57.84
N SER D 117 19.15 -2.37 -59.11
CA SER D 117 18.85 -3.71 -59.62
C SER D 117 20.14 -4.47 -59.89
N TYR D 118 21.22 -3.76 -60.28
CA TYR D 118 22.52 -4.38 -60.50
C TYR D 118 23.19 -4.77 -59.18
N LEU D 119 23.03 -3.95 -58.15
CA LEU D 119 23.56 -4.34 -56.84
C LEU D 119 22.92 -5.64 -56.36
N ALA D 120 21.58 -5.73 -56.47
CA ALA D 120 20.90 -6.95 -56.05
C ALA D 120 21.36 -8.15 -56.87
N HIS D 121 21.54 -7.96 -58.18
CA HIS D 121 22.02 -9.05 -59.02
C HIS D 121 23.42 -9.50 -58.63
N TYR D 122 24.31 -8.55 -58.36
CA TYR D 122 25.68 -8.90 -57.98
C TYR D 122 25.71 -9.64 -56.65
N LEU D 123 24.87 -9.23 -55.70
CA LEU D 123 24.85 -9.90 -54.40
C LEU D 123 24.33 -11.33 -54.49
N GLY D 124 23.70 -11.71 -55.59
CA GLY D 124 23.27 -13.08 -55.80
C GLY D 124 21.78 -13.34 -55.71
N TYR D 125 20.94 -12.32 -55.83
CA TYR D 125 19.50 -12.53 -55.86
C TYR D 125 19.07 -13.02 -57.24
N ALA D 126 17.88 -13.61 -57.30
CA ALA D 126 17.41 -14.32 -58.48
C ALA D 126 16.30 -13.53 -59.17
N TRP D 127 16.33 -13.54 -60.51
CA TRP D 127 15.25 -12.99 -61.34
C TRP D 127 15.00 -11.52 -61.03
N VAL D 128 15.99 -10.70 -61.36
CA VAL D 128 15.89 -9.25 -61.20
C VAL D 128 15.59 -8.69 -62.58
N GLY D 129 14.30 -8.59 -62.89
CA GLY D 129 13.87 -8.11 -64.19
C GLY D 129 12.51 -8.69 -64.56
N GLY D 130 11.89 -8.07 -65.56
CA GLY D 130 10.57 -8.47 -66.01
C GLY D 130 10.61 -9.50 -67.12
N ASN D 131 9.42 -9.97 -67.48
CA ASN D 131 9.28 -11.03 -68.48
C ASN D 131 9.48 -10.55 -69.91
N HIS D 132 9.45 -9.24 -70.16
CA HIS D 132 9.51 -8.71 -71.51
C HIS D 132 10.90 -8.25 -71.91
N SER D 133 11.93 -8.63 -71.14
CA SER D 133 13.30 -8.30 -71.49
C SER D 133 14.23 -9.35 -70.89
N GLN D 134 15.46 -9.38 -71.41
CA GLN D 134 16.48 -10.31 -70.94
C GLN D 134 17.52 -9.67 -70.04
N TYR D 135 17.54 -8.35 -69.92
CA TYR D 135 18.54 -7.64 -69.15
C TYR D 135 18.02 -7.29 -67.76
N VAL D 136 18.94 -7.19 -66.81
CA VAL D 136 18.55 -6.97 -65.42
C VAL D 136 18.04 -5.55 -65.25
N GLY D 137 16.92 -5.42 -64.54
CA GLY D 137 16.34 -4.12 -64.26
C GLY D 137 15.87 -3.36 -65.49
N GLU D 138 15.18 -4.04 -66.41
CA GLU D 138 14.74 -3.42 -67.68
C GLU D 138 13.24 -3.22 -67.73
N ASP D 139 12.44 -4.27 -67.45
CA ASP D 139 10.96 -4.19 -67.49
C ASP D 139 10.45 -4.25 -66.05
N MET D 140 10.62 -3.15 -65.27
CA MET D 140 10.28 -3.12 -63.84
C MET D 140 9.04 -2.25 -63.59
N ASP D 141 8.28 -2.55 -62.52
CA ASP D 141 7.07 -1.82 -62.15
C ASP D 141 7.26 -1.21 -60.76
N VAL D 142 6.69 -0.02 -60.57
CA VAL D 142 6.82 0.75 -59.34
C VAL D 142 5.43 0.98 -58.78
N THR D 143 5.26 0.72 -57.48
CA THR D 143 3.97 0.88 -56.81
C THR D 143 4.16 1.57 -55.47
N ARG D 144 3.14 2.32 -55.07
CA ARG D 144 3.09 2.99 -53.77
C ARG D 144 2.44 2.04 -52.77
N ASP D 145 3.19 1.61 -51.77
CA ASP D 145 2.71 0.67 -50.76
C ASP D 145 2.77 1.34 -49.40
N GLY D 146 1.62 1.73 -48.88
CA GLY D 146 1.58 2.37 -47.57
C GLY D 146 2.39 3.66 -47.59
N ASP D 147 3.42 3.71 -46.74
CA ASP D 147 4.28 4.88 -46.62
C ASP D 147 5.59 4.70 -47.38
N GLY D 148 5.70 3.67 -48.21
CA GLY D 148 6.91 3.42 -48.96
C GLY D 148 6.66 3.06 -50.40
N TRP D 149 7.71 2.67 -51.12
CA TRP D 149 7.60 2.31 -52.53
C TRP D 149 8.18 0.92 -52.75
N VAL D 150 7.65 0.23 -53.76
CA VAL D 150 8.06 -1.12 -54.11
C VAL D 150 8.36 -1.18 -55.60
N ILE D 151 9.53 -1.71 -55.95
CA ILE D 151 9.95 -1.91 -57.34
C ILE D 151 10.17 -3.40 -57.55
N ARG D 152 9.59 -3.95 -58.62
CA ARG D 152 9.80 -5.36 -58.91
C ARG D 152 9.46 -5.65 -60.36
N GLY D 153 9.99 -6.76 -60.87
CA GLY D 153 9.80 -7.08 -62.28
C GLY D 153 8.36 -7.42 -62.60
N ASN D 154 7.95 -7.04 -63.81
CA ASN D 154 6.61 -7.37 -64.29
C ASN D 154 6.49 -8.87 -64.53
N ASN D 155 5.32 -9.43 -64.20
CA ASN D 155 5.12 -10.87 -64.21
C ASN D 155 3.95 -11.28 -65.11
N ASP D 156 3.61 -10.46 -66.10
CA ASP D 156 2.55 -10.82 -67.04
C ASP D 156 3.11 -11.69 -68.16
N GLY D 157 2.28 -12.60 -68.68
CA GLY D 157 2.72 -13.55 -69.73
C GLY D 157 3.40 -14.74 -69.11
N GLY D 158 4.17 -15.53 -69.91
CA GLY D 158 4.87 -16.70 -69.42
C GLY D 158 6.37 -16.43 -69.30
N CYS D 159 7.13 -17.43 -68.78
CA CYS D 159 8.60 -17.30 -68.63
C CYS D 159 9.20 -18.71 -68.58
N ASP D 160 10.48 -18.86 -69.01
CA ASP D 160 11.20 -20.15 -68.97
C ASP D 160 12.31 -20.04 -67.92
N GLY D 161 12.44 -21.05 -67.03
CA GLY D 161 13.45 -21.07 -65.97
C GLY D 161 12.84 -21.68 -64.72
N TYR D 162 13.70 -22.34 -63.90
CA TYR D 162 13.23 -22.93 -62.64
C TYR D 162 12.83 -21.82 -61.66
N ARG D 163 11.62 -21.93 -61.15
CA ARG D 163 11.07 -20.97 -60.19
C ARG D 163 11.04 -19.55 -60.75
N CYS D 164 10.90 -19.41 -62.07
CA CYS D 164 10.66 -18.10 -62.67
C CYS D 164 9.23 -17.69 -62.33
N GLY D 165 9.09 -16.57 -61.64
CA GLY D 165 7.80 -16.17 -61.11
C GLY D 165 7.97 -15.63 -59.71
N ASP D 166 9.00 -16.12 -59.02
CA ASP D 166 9.43 -15.55 -57.75
C ASP D 166 10.49 -14.49 -58.06
N LYS D 167 10.06 -13.25 -58.15
CA LYS D 167 10.93 -12.15 -58.56
C LYS D 167 11.29 -11.31 -57.34
N THR D 168 12.58 -10.99 -57.20
CA THR D 168 13.05 -10.23 -56.05
C THR D 168 12.47 -8.82 -56.08
N ALA D 169 12.30 -8.24 -54.89
CA ALA D 169 11.67 -6.94 -54.73
C ALA D 169 12.62 -5.98 -54.02
N ILE D 170 12.56 -4.71 -54.42
CA ILE D 170 13.31 -3.62 -53.81
C ILE D 170 12.31 -2.69 -53.15
N LYS D 171 12.47 -2.45 -51.86
CA LYS D 171 11.51 -1.64 -51.09
C LYS D 171 12.23 -0.43 -50.51
N VAL D 172 11.74 0.76 -50.85
CA VAL D 172 12.33 2.00 -50.35
C VAL D 172 11.40 2.58 -49.28
N SER D 173 11.98 2.99 -48.15
CA SER D 173 11.15 3.44 -47.03
C SER D 173 11.96 4.38 -46.14
N ASN D 174 11.27 4.93 -45.14
CA ASN D 174 11.88 5.68 -44.04
C ASN D 174 12.75 6.84 -44.54
N PHE D 175 12.12 7.77 -45.24
CA PHE D 175 12.84 8.93 -45.74
C PHE D 175 13.08 9.94 -44.62
N ALA D 176 14.15 10.72 -44.77
CA ALA D 176 14.50 11.77 -43.84
C ALA D 176 15.30 12.84 -44.57
N TYR D 177 15.27 14.05 -44.02
CA TYR D 177 15.85 15.22 -44.68
C TYR D 177 16.68 15.99 -43.66
N ASN D 178 17.97 16.14 -43.93
CA ASN D 178 18.88 16.84 -43.04
C ASN D 178 19.48 18.04 -43.75
N LEU D 179 19.39 19.21 -43.13
CA LEU D 179 19.86 20.44 -43.75
C LEU D 179 21.32 20.69 -43.41
N ASP D 180 22.09 21.18 -44.40
CA ASP D 180 23.48 21.57 -44.20
C ASP D 180 23.62 23.09 -44.24
N PRO D 181 24.50 23.66 -43.42
CA PRO D 181 24.58 25.13 -43.34
C PRO D 181 25.41 25.79 -44.43
N ASP D 182 26.11 25.02 -45.26
CA ASP D 182 27.04 25.58 -46.23
C ASP D 182 26.39 25.89 -47.58
N SER D 183 25.08 25.69 -47.72
CA SER D 183 24.38 25.93 -48.96
C SER D 183 23.61 27.24 -48.97
N PHE D 184 23.83 28.10 -47.97
CA PHE D 184 23.06 29.34 -47.87
C PHE D 184 23.31 30.23 -49.07
N LYS D 185 22.24 30.87 -49.54
CA LYS D 185 22.32 31.81 -50.65
C LYS D 185 21.13 32.76 -50.56
N HIS D 186 21.37 34.03 -50.87
CA HIS D 186 20.34 35.06 -50.78
C HIS D 186 20.35 35.90 -52.05
N GLY D 187 19.24 36.59 -52.29
CA GLY D 187 19.10 37.43 -53.46
C GLY D 187 19.36 38.90 -53.17
N ASP D 188 18.37 39.75 -53.41
CA ASP D 188 18.51 41.18 -53.17
C ASP D 188 18.35 41.47 -51.68
N VAL D 189 18.51 42.75 -51.32
CA VAL D 189 18.44 43.16 -49.92
C VAL D 189 17.42 44.29 -49.78
N THR D 190 16.42 44.31 -50.65
CA THR D 190 15.38 45.34 -50.60
C THR D 190 14.66 45.32 -49.26
N TYR D 304 15.21 39.59 -47.13
CA TYR D 304 15.64 39.06 -48.42
C TYR D 304 15.23 37.60 -48.58
N PRO D 305 15.17 37.13 -49.82
CA PRO D 305 14.83 35.72 -50.09
C PRO D 305 16.05 34.83 -49.93
N TYR D 306 15.93 33.81 -49.08
CA TYR D 306 17.00 32.85 -48.84
C TYR D 306 16.75 31.57 -49.62
N GLU D 307 17.72 30.66 -49.54
CA GLU D 307 17.64 29.39 -50.24
C GLU D 307 18.61 28.39 -49.61
N PHE D 308 18.16 27.15 -49.45
CA PHE D 308 18.96 26.10 -48.86
C PHE D 308 18.76 24.81 -49.64
N LYS D 309 19.61 23.82 -49.36
CA LYS D 309 19.47 22.48 -49.91
C LYS D 309 19.66 21.47 -48.78
N ALA D 310 18.79 20.47 -48.74
CA ALA D 310 18.80 19.45 -47.71
C ALA D 310 19.06 18.08 -48.32
N ASP D 311 19.92 17.30 -47.64
CA ASP D 311 20.25 15.96 -48.11
C ASP D 311 19.19 14.96 -47.67
N VAL D 312 18.91 14.00 -48.56
CA VAL D 312 17.87 13.01 -48.34
C VAL D 312 18.51 11.67 -48.00
N SER D 313 17.92 10.96 -47.04
CA SER D 313 18.38 9.63 -46.65
C SER D 313 17.18 8.70 -46.52
N TYR D 314 17.43 7.41 -46.68
CA TYR D 314 16.34 6.43 -46.67
C TYR D 314 16.90 5.04 -46.38
N ASP D 315 16.00 4.07 -46.31
CA ASP D 315 16.33 2.67 -46.10
C ASP D 315 15.90 1.86 -47.31
N LEU D 316 16.78 0.95 -47.73
CA LEU D 316 16.59 0.12 -48.92
C LEU D 316 16.58 -1.33 -48.51
N THR D 317 15.52 -2.05 -48.86
CA THR D 317 15.36 -3.45 -48.47
C THR D 317 15.32 -4.31 -49.73
N LEU D 318 16.11 -5.39 -49.72
CA LEU D 318 16.14 -6.37 -50.79
C LEU D 318 15.52 -7.65 -50.29
N SER D 319 14.57 -8.20 -51.05
CA SER D 319 13.85 -9.41 -50.65
C SER D 319 13.82 -10.39 -51.82
N GLY D 320 14.19 -11.64 -51.54
CA GLY D 320 14.20 -12.66 -52.57
C GLY D 320 15.01 -13.86 -52.12
N PHE D 321 15.12 -14.84 -53.01
CA PHE D 321 15.85 -16.07 -52.70
C PHE D 321 17.20 -16.07 -53.43
N LEU D 322 18.21 -16.61 -52.76
CA LEU D 322 19.58 -16.59 -53.26
C LEU D 322 19.82 -17.70 -54.27
N ARG D 323 20.63 -17.40 -55.29
CA ARG D 323 20.88 -18.35 -56.36
C ARG D 323 21.65 -19.56 -55.85
N TRP D 324 21.38 -20.71 -56.48
CA TRP D 324 22.05 -21.95 -56.10
C TRP D 324 23.49 -21.98 -56.59
N GLY D 325 23.73 -21.48 -57.80
CA GLY D 325 25.08 -21.54 -58.35
C GLY D 325 26.09 -20.77 -57.52
N GLY D 326 25.72 -19.56 -57.10
CA GLY D 326 26.63 -18.74 -56.31
C GLY D 326 26.00 -17.46 -55.80
N ASN D 327 26.22 -17.16 -54.52
CA ASN D 327 25.74 -15.93 -53.90
C ASN D 327 26.86 -15.36 -53.03
N ALA D 328 26.63 -14.14 -52.53
CA ALA D 328 27.66 -13.40 -51.82
C ALA D 328 27.55 -13.50 -50.30
N TRP D 329 26.58 -14.24 -49.78
CA TRP D 329 26.48 -14.40 -48.34
C TRP D 329 27.68 -15.19 -47.82
N TYR D 330 28.17 -14.81 -46.63
CA TYR D 330 29.46 -15.32 -46.18
C TYR D 330 29.43 -16.83 -45.94
N THR D 331 28.28 -17.38 -45.57
CA THR D 331 28.17 -18.82 -45.42
C THR D 331 27.92 -19.55 -46.74
N HIS D 332 27.55 -18.81 -47.80
CA HIS D 332 27.30 -19.38 -49.11
C HIS D 332 26.27 -20.51 -49.05
N PRO D 333 25.03 -20.21 -48.69
CA PRO D 333 24.00 -21.26 -48.66
C PRO D 333 23.76 -21.82 -50.04
N ASP D 334 23.35 -23.09 -50.09
CA ASP D 334 23.21 -23.81 -51.36
C ASP D 334 21.84 -24.45 -51.51
N ASN D 335 20.84 -24.01 -50.75
CA ASN D 335 19.50 -24.61 -50.79
C ASN D 335 18.43 -23.61 -51.20
N ARG D 336 18.81 -22.54 -51.91
CA ARG D 336 17.87 -21.54 -52.40
C ARG D 336 16.93 -21.04 -51.29
N PRO D 337 17.45 -20.48 -50.21
CA PRO D 337 16.58 -19.96 -49.15
C PRO D 337 16.09 -18.56 -49.45
N ASN D 338 15.00 -18.20 -48.78
CA ASN D 338 14.51 -16.83 -48.83
C ASN D 338 15.38 -15.94 -47.95
N TRP D 339 15.40 -14.64 -48.27
CA TRP D 339 16.32 -13.72 -47.64
C TRP D 339 15.76 -12.30 -47.72
N ASN D 340 15.93 -11.55 -46.64
CA ASN D 340 15.61 -10.14 -46.58
C ASN D 340 16.78 -9.42 -45.95
N HIS D 341 17.20 -8.29 -46.54
CA HIS D 341 18.27 -7.51 -45.96
C HIS D 341 17.99 -6.02 -46.15
N THR D 342 18.54 -5.20 -45.26
CA THR D 342 18.31 -3.76 -45.26
C THR D 342 19.63 -3.00 -45.22
N PHE D 343 19.69 -1.92 -45.99
CA PHE D 343 20.80 -0.98 -45.97
C PHE D 343 20.27 0.41 -45.67
N VAL D 344 21.11 1.23 -45.04
CA VAL D 344 20.80 2.62 -44.75
C VAL D 344 21.62 3.47 -45.69
N ILE D 345 20.96 4.17 -46.62
CA ILE D 345 21.65 4.99 -47.60
C ILE D 345 21.76 6.39 -46.99
N GLY D 346 22.83 6.61 -46.23
CA GLY D 346 23.02 7.85 -45.52
C GLY D 346 24.12 7.74 -44.48
N PRO D 347 24.03 8.52 -43.42
CA PRO D 347 25.08 8.48 -42.38
C PRO D 347 25.13 7.13 -41.69
N TYR D 348 26.33 6.78 -41.23
CA TYR D 348 26.54 5.49 -40.58
C TYR D 348 25.67 5.35 -39.34
N LYS D 349 25.05 4.18 -39.19
CA LYS D 349 24.30 3.84 -37.98
C LYS D 349 24.72 2.51 -37.37
N ASP D 350 25.04 1.51 -38.19
CA ASP D 350 25.39 0.18 -37.69
C ASP D 350 26.35 -0.47 -38.68
N LYS D 351 27.02 -1.52 -38.19
CA LYS D 351 27.93 -2.27 -39.06
C LYS D 351 27.16 -3.13 -40.05
N ALA D 352 26.01 -3.68 -39.63
CA ALA D 352 25.27 -4.60 -40.49
C ALA D 352 24.63 -3.88 -41.67
N SER D 353 24.31 -2.60 -41.53
CA SER D 353 23.59 -1.86 -42.56
C SER D 353 24.44 -0.81 -43.25
N SER D 354 25.77 -0.89 -43.13
CA SER D 354 26.66 0.10 -43.73
C SER D 354 27.48 -0.59 -44.83
N ILE D 355 27.29 -0.13 -46.07
CA ILE D 355 28.06 -0.67 -47.18
C ILE D 355 29.52 -0.22 -47.10
N ARG D 356 29.77 1.07 -46.83
CA ARG D 356 31.14 1.59 -46.86
C ARG D 356 32.00 0.90 -45.81
N TYR D 357 31.48 0.73 -44.57
CA TYR D 357 32.18 0.04 -43.48
C TYR D 357 32.61 -1.37 -43.89
N GLN D 358 31.66 -2.20 -44.35
CA GLN D 358 31.94 -3.59 -44.70
C GLN D 358 32.97 -3.70 -45.82
N TRP D 359 32.95 -2.75 -46.79
CA TRP D 359 33.88 -2.74 -47.93
C TRP D 359 35.29 -2.36 -47.49
N ASP D 360 35.43 -1.52 -46.44
CA ASP D 360 36.73 -1.05 -45.97
C ASP D 360 37.42 -2.04 -45.03
N LYS D 361 36.69 -3.03 -44.47
CA LYS D 361 37.22 -4.02 -43.54
C LYS D 361 37.28 -5.39 -44.21
N ARG D 362 37.50 -5.42 -45.55
CA ARG D 362 37.53 -6.67 -46.32
C ARG D 362 38.89 -7.33 -46.22
N TYR D 363 39.86 -6.69 -45.50
CA TYR D 363 41.22 -7.20 -45.28
C TYR D 363 41.31 -7.90 -43.91
N ILE D 364 40.28 -7.78 -43.04
CA ILE D 364 40.21 -8.48 -41.76
C ILE D 364 39.23 -9.66 -41.89
N PRO D 365 39.71 -10.93 -41.96
CA PRO D 365 38.77 -12.06 -42.14
C PRO D 365 37.73 -12.22 -41.06
N GLY D 366 38.01 -11.84 -39.80
CA GLY D 366 37.11 -12.02 -38.67
C GLY D 366 36.01 -10.98 -38.58
N GLU D 367 36.09 -9.90 -39.37
CA GLU D 367 35.05 -8.86 -39.42
C GLU D 367 33.98 -9.19 -40.45
N VAL D 368 34.25 -10.18 -41.33
CA VAL D 368 33.31 -10.55 -42.42
C VAL D 368 32.21 -11.43 -41.85
N LYS D 369 31.01 -10.86 -41.62
CA LYS D 369 29.90 -11.57 -41.01
C LYS D 369 28.58 -11.44 -41.76
N TRP D 370 28.44 -10.50 -42.70
CA TRP D 370 27.20 -10.37 -43.45
C TRP D 370 27.37 -10.65 -44.94
N TRP D 371 28.25 -9.92 -45.63
CA TRP D 371 28.45 -10.11 -47.07
C TRP D 371 29.93 -10.25 -47.36
N ASP D 372 30.24 -11.04 -48.39
CA ASP D 372 31.62 -11.31 -48.79
C ASP D 372 31.89 -10.51 -50.06
N TRP D 373 32.48 -9.33 -49.90
CA TRP D 373 32.73 -8.45 -51.03
C TRP D 373 33.92 -8.89 -51.86
N ASN D 374 34.88 -9.61 -51.26
CA ASN D 374 35.97 -10.16 -52.04
C ASN D 374 35.44 -11.12 -53.11
N TRP D 375 34.39 -11.87 -52.77
CA TRP D 375 33.78 -12.76 -53.76
C TRP D 375 33.22 -11.98 -54.94
N THR D 376 32.54 -10.86 -54.67
CA THR D 376 32.01 -10.05 -55.76
C THR D 376 33.13 -9.46 -56.60
N ILE D 377 34.22 -9.03 -55.96
CA ILE D 377 35.35 -8.49 -56.71
C ILE D 377 35.94 -9.55 -57.62
N GLN D 378 36.11 -10.78 -57.10
CA GLN D 378 36.61 -11.85 -57.95
C GLN D 378 35.66 -12.17 -59.09
N GLN D 379 34.35 -12.13 -58.82
CA GLN D 379 33.39 -12.55 -59.83
C GLN D 379 33.26 -11.52 -60.96
N ASN D 380 33.25 -10.24 -60.62
CA ASN D 380 32.91 -9.19 -61.59
C ASN D 380 34.04 -8.22 -61.90
N GLY D 381 35.06 -8.12 -61.06
CA GLY D 381 36.13 -7.17 -61.27
C GLY D 381 36.01 -5.97 -60.34
N LEU D 382 37.16 -5.37 -60.04
CA LEU D 382 37.21 -4.30 -59.05
C LEU D 382 36.55 -3.01 -59.56
N SER D 383 36.88 -2.61 -60.79
CA SER D 383 36.40 -1.32 -61.29
C SER D 383 34.89 -1.28 -61.40
N THR D 384 34.29 -2.33 -61.96
CA THR D 384 32.84 -2.35 -62.13
C THR D 384 32.12 -2.29 -60.79
N MET D 385 32.60 -3.04 -59.81
CA MET D 385 31.94 -3.07 -58.51
C MET D 385 31.98 -1.70 -57.84
N GLN D 386 33.14 -1.04 -57.87
CA GLN D 386 33.22 0.26 -57.21
C GLN D 386 32.45 1.33 -57.99
N ASN D 387 32.39 1.24 -59.31
CA ASN D 387 31.55 2.16 -60.07
C ASN D 387 30.08 1.98 -59.69
N ASN D 388 29.61 0.73 -59.62
CA ASN D 388 28.22 0.50 -59.25
C ASN D 388 27.93 1.00 -57.84
N LEU D 389 28.83 0.73 -56.89
CA LEU D 389 28.60 1.18 -55.52
C LEU D 389 28.65 2.70 -55.43
N ALA D 390 29.49 3.36 -56.24
CA ALA D 390 29.50 4.81 -56.27
C ALA D 390 28.17 5.34 -56.79
N ARG D 391 27.61 4.71 -57.82
CA ARG D 391 26.32 5.17 -58.32
C ARG D 391 25.20 4.92 -57.32
N VAL D 392 25.28 3.84 -56.54
CA VAL D 392 24.22 3.55 -55.57
C VAL D 392 24.23 4.57 -54.45
N LEU D 393 25.40 5.03 -54.03
CA LEU D 393 25.55 5.93 -52.89
C LEU D 393 25.63 7.39 -53.31
N ARG D 394 25.12 7.73 -54.48
CA ARG D 394 25.19 9.11 -54.96
C ARG D 394 24.34 10.02 -54.09
N PRO D 395 24.87 11.15 -53.62
CA PRO D 395 24.07 12.04 -52.77
C PRO D 395 22.85 12.60 -53.50
N VAL D 396 21.80 12.85 -52.74
CA VAL D 396 20.54 13.38 -53.25
C VAL D 396 20.14 14.59 -52.42
N ARG D 397 19.82 15.70 -53.10
CA ARG D 397 19.52 16.96 -52.44
C ARG D 397 18.18 17.50 -52.93
N ALA D 398 17.50 18.23 -52.04
CA ALA D 398 16.21 18.86 -52.33
C ALA D 398 16.26 20.32 -51.90
N GLY D 399 15.70 21.19 -52.72
CA GLY D 399 15.76 22.62 -52.45
C GLY D 399 14.71 23.08 -51.44
N ILE D 400 15.03 24.17 -50.75
CA ILE D 400 14.14 24.80 -49.79
C ILE D 400 14.24 26.30 -49.97
N THR D 401 13.10 26.98 -49.96
CA THR D 401 13.06 28.43 -50.12
C THR D 401 12.17 29.06 -49.06
N ALA E 1 67.23 3.37 9.66
CA ALA E 1 67.10 2.19 8.75
C ALA E 1 66.62 2.63 7.37
N GLU E 2 67.12 1.96 6.33
CA GLU E 2 66.75 2.24 4.96
C GLU E 2 66.26 0.96 4.30
N PRO E 3 65.40 1.07 3.29
CA PRO E 3 64.89 -0.14 2.62
C PRO E 3 66.03 -0.94 1.98
N VAL E 4 65.94 -2.27 2.04
CA VAL E 4 66.97 -3.17 1.46
C VAL E 4 66.32 -4.00 0.37
N TYR E 5 66.93 -4.03 -0.83
CA TYR E 5 66.43 -4.83 -1.96
C TYR E 5 67.27 -6.12 -2.02
N PRO E 6 66.66 -7.32 -1.97
CA PRO E 6 67.46 -8.57 -1.89
C PRO E 6 68.49 -8.73 -2.98
N ASP E 7 68.28 -8.15 -4.17
CA ASP E 7 69.19 -8.30 -5.32
C ASP E 7 70.49 -7.52 -5.15
N GLN E 8 70.56 -6.59 -4.17
CA GLN E 8 71.74 -5.75 -3.94
C GLN E 8 72.68 -6.34 -2.89
N LEU E 9 72.20 -7.30 -2.08
CA LEU E 9 72.99 -7.86 -0.98
C LEU E 9 74.21 -8.60 -1.52
N ARG E 10 75.30 -8.56 -0.75
CA ARG E 10 76.55 -9.22 -1.15
C ARG E 10 77.20 -9.82 0.07
N LEU E 11 77.55 -11.10 0.01
CA LEU E 11 78.14 -11.79 1.15
C LEU E 11 79.66 -11.80 1.01
N PHE E 12 80.35 -11.06 1.88
CA PHE E 12 81.81 -10.98 1.86
C PHE E 12 82.41 -11.95 2.89
N SER E 13 83.60 -12.44 2.55
CA SER E 13 84.35 -13.35 3.42
C SER E 13 85.74 -12.78 3.72
N LEU E 14 85.89 -11.46 3.65
CA LEU E 14 87.18 -10.84 3.90
C LEU E 14 87.63 -11.11 5.33
N GLY E 15 86.87 -10.62 6.30
CA GLY E 15 87.22 -10.80 7.71
C GLY E 15 86.05 -10.43 8.59
N GLN E 16 86.21 -10.74 9.87
CA GLN E 16 85.15 -10.47 10.84
C GLN E 16 84.80 -8.98 10.88
N GLY E 17 83.57 -8.65 10.49
CA GLY E 17 83.13 -7.27 10.50
C GLY E 17 83.84 -6.38 9.50
N VAL E 18 84.19 -6.91 8.33
CA VAL E 18 84.85 -6.13 7.27
C VAL E 18 84.08 -6.33 5.99
N CYS E 19 83.69 -5.24 5.35
CA CYS E 19 82.96 -5.25 4.09
C CYS E 19 83.88 -4.83 2.95
N GLY E 20 83.33 -4.78 1.75
CA GLY E 20 84.07 -4.36 0.58
C GLY E 20 84.32 -2.86 0.57
N ASP E 21 84.95 -2.41 -0.52
CA ASP E 21 85.31 -1.00 -0.64
C ASP E 21 84.10 -0.09 -0.39
N LYS E 22 83.13 -0.13 -1.29
CA LYS E 22 81.90 0.64 -1.15
C LYS E 22 80.79 -0.29 -0.65
N TYR E 23 80.85 -0.63 0.63
CA TYR E 23 79.88 -1.55 1.21
C TYR E 23 79.78 -1.31 2.71
N ARG E 24 78.54 -1.28 3.20
CA ARG E 24 78.17 -1.10 4.60
C ARG E 24 77.63 -2.40 5.19
N PRO E 25 78.02 -2.78 6.42
CA PRO E 25 77.46 -4.02 7.03
C PRO E 25 75.97 -3.93 7.24
N VAL E 26 75.22 -4.99 6.87
CA VAL E 26 73.75 -5.03 7.05
C VAL E 26 73.45 -5.08 8.54
N ASN E 27 72.46 -4.29 9.02
CA ASN E 27 72.12 -4.21 10.46
C ASN E 27 71.21 -5.40 10.81
N ARG E 28 71.12 -5.74 12.13
CA ARG E 28 70.27 -6.83 12.58
C ARG E 28 68.80 -6.51 12.33
N GLU E 29 68.41 -5.20 12.45
CA GLU E 29 67.05 -4.75 12.14
C GLU E 29 66.78 -4.88 10.65
N GLU E 30 67.75 -4.42 9.80
CA GLU E 30 67.61 -4.45 8.34
C GLU E 30 67.53 -5.88 7.83
N ALA E 31 68.27 -6.81 8.46
CA ALA E 31 68.26 -8.23 8.09
C ALA E 31 66.91 -8.85 8.42
N GLN E 32 66.30 -8.40 9.54
CA GLN E 32 64.99 -8.88 9.97
C GLN E 32 63.90 -8.50 8.97
N SER E 33 64.07 -7.33 8.30
CA SER E 33 63.06 -6.83 7.34
C SER E 33 62.90 -7.74 6.14
N VAL E 34 63.98 -8.42 5.70
CA VAL E 34 63.96 -9.30 4.53
C VAL E 34 64.41 -10.69 4.94
N LYS E 35 64.05 -11.10 6.16
CA LYS E 35 64.54 -12.34 6.74
C LYS E 35 64.39 -13.52 5.79
N SER E 36 63.21 -13.67 5.19
CA SER E 36 62.94 -14.85 4.38
C SER E 36 63.87 -14.94 3.17
N ASN E 37 64.11 -13.81 2.51
CA ASN E 37 64.98 -13.83 1.33
C ASN E 37 66.41 -14.25 1.69
N ILE E 38 66.99 -13.61 2.70
CA ILE E 38 68.37 -13.92 3.07
C ILE E 38 68.47 -15.35 3.56
N VAL E 39 67.46 -15.83 4.30
CA VAL E 39 67.49 -17.22 4.73
C VAL E 39 67.41 -18.16 3.54
N GLY E 40 66.66 -17.79 2.51
CA GLY E 40 66.59 -18.61 1.31
C GLY E 40 67.85 -18.57 0.48
N MET E 41 68.68 -17.54 0.65
CA MET E 41 69.95 -17.44 -0.07
C MET E 41 71.11 -18.07 0.70
N MET E 42 70.84 -18.90 1.69
CA MET E 42 71.88 -19.48 2.54
C MET E 42 71.83 -21.00 2.50
N GLY E 43 72.96 -21.62 2.85
CA GLY E 43 73.01 -23.05 3.01
C GLY E 43 72.34 -23.51 4.29
N GLN E 44 72.05 -24.82 4.36
CA GLN E 44 71.24 -25.35 5.46
C GLN E 44 71.88 -25.08 6.82
N TRP E 45 73.18 -25.33 6.96
CA TRP E 45 73.87 -25.18 8.24
C TRP E 45 74.88 -24.04 8.21
N GLN E 46 74.58 -22.98 7.47
CA GLN E 46 75.46 -21.83 7.37
C GLN E 46 75.10 -20.79 8.43
N ILE E 47 76.11 -20.10 8.95
CA ILE E 47 75.93 -19.00 9.87
C ILE E 47 76.80 -17.83 9.39
N SER E 48 76.22 -16.64 9.34
CA SER E 48 76.89 -15.48 8.78
C SER E 48 76.76 -14.29 9.73
N GLY E 49 77.68 -13.33 9.58
CA GLY E 49 77.75 -12.23 10.53
C GLY E 49 76.95 -11.01 10.12
N LEU E 50 76.59 -10.22 11.12
CA LEU E 50 75.86 -8.96 10.94
C LEU E 50 76.64 -7.85 11.65
N ALA E 51 76.04 -6.67 11.71
CA ALA E 51 76.65 -5.53 12.36
C ALA E 51 76.35 -5.52 13.85
N ASN E 52 77.30 -5.02 14.63
CA ASN E 52 77.13 -4.84 16.08
C ASN E 52 77.02 -6.19 16.81
N GLY E 53 77.82 -7.16 16.39
CA GLY E 53 77.86 -8.44 17.05
C GLY E 53 76.55 -9.21 16.99
N TRP E 54 76.10 -9.54 15.78
CA TRP E 54 74.92 -10.37 15.59
C TRP E 54 75.23 -11.39 14.50
N VAL E 55 74.36 -12.40 14.38
CA VAL E 55 74.57 -13.50 13.46
C VAL E 55 73.23 -13.98 12.94
N ILE E 56 73.21 -14.38 11.67
CA ILE E 56 72.04 -14.96 11.02
C ILE E 56 72.35 -16.42 10.71
N MET E 57 71.36 -17.29 10.89
CA MET E 57 71.54 -18.73 10.73
C MET E 57 70.67 -19.23 9.58
N GLY E 58 71.06 -20.38 9.02
CA GLY E 58 70.45 -20.90 7.83
C GLY E 58 69.14 -21.61 8.12
N PRO E 59 68.56 -22.18 7.05
CA PRO E 59 67.26 -22.86 7.21
C PRO E 59 67.28 -24.00 8.21
N GLY E 60 68.42 -24.66 8.40
CA GLY E 60 68.49 -25.73 9.38
C GLY E 60 68.18 -25.26 10.78
N TYR E 61 68.52 -24.01 11.08
CA TYR E 61 68.24 -23.42 12.38
C TYR E 61 66.95 -22.60 12.39
N ASN E 62 66.15 -22.69 11.33
CA ASN E 62 64.90 -21.95 11.22
C ASN E 62 65.13 -20.44 11.13
N GLY E 63 66.30 -20.03 10.64
CA GLY E 63 66.58 -18.63 10.41
C GLY E 63 66.58 -17.77 11.65
N GLU E 64 67.25 -18.23 12.70
CA GLU E 64 67.30 -17.51 13.97
C GLU E 64 68.40 -16.44 13.92
N ILE E 65 68.11 -15.27 14.49
CA ILE E 65 69.07 -14.19 14.64
C ILE E 65 69.45 -14.10 16.11
N LYS E 66 70.72 -14.32 16.41
CA LYS E 66 71.21 -14.37 17.79
C LYS E 66 72.54 -13.64 17.89
N PRO E 67 72.89 -13.14 19.08
CA PRO E 67 74.22 -12.54 19.27
C PRO E 67 75.33 -13.55 18.98
N GLY E 68 76.41 -13.06 18.39
CA GLY E 68 77.54 -13.93 18.10
C GLY E 68 78.53 -13.22 17.17
N THR E 69 79.47 -14.00 16.66
CA THR E 69 80.47 -13.48 15.73
C THR E 69 80.80 -14.56 14.70
N ALA E 70 81.16 -14.12 13.50
CA ALA E 70 81.47 -15.04 12.42
C ALA E 70 82.44 -14.36 11.45
N SER E 71 83.06 -15.18 10.60
CA SER E 71 84.04 -14.67 9.64
C SER E 71 83.38 -13.97 8.46
N ASN E 72 82.23 -14.47 7.99
CA ASN E 72 81.53 -13.87 6.87
C ASN E 72 80.79 -12.62 7.32
N THR E 73 80.19 -11.92 6.34
CA THR E 73 79.38 -10.75 6.67
C THR E 73 78.53 -10.37 5.46
N TRP E 74 77.23 -10.21 5.67
CA TRP E 74 76.36 -9.64 4.65
C TRP E 74 76.53 -8.12 4.61
N CYS E 75 76.81 -7.59 3.42
CA CYS E 75 77.02 -6.15 3.22
C CYS E 75 76.12 -5.66 2.10
N TYR E 76 75.73 -4.39 2.22
CA TYR E 76 74.87 -3.66 1.30
C TYR E 76 75.65 -2.52 0.64
N PRO E 77 75.47 -2.24 -0.65
CA PRO E 77 76.28 -1.18 -1.27
C PRO E 77 76.11 0.16 -0.56
N THR E 78 77.23 0.89 -0.42
CA THR E 78 77.19 2.16 0.27
C THR E 78 76.38 3.21 -0.49
N ASN E 79 76.34 3.11 -1.82
CA ASN E 79 75.56 4.01 -2.67
C ASN E 79 74.70 3.13 -3.58
N PRO E 80 73.57 2.66 -3.10
CA PRO E 80 72.75 1.75 -3.90
C PRO E 80 72.23 2.42 -5.15
N VAL E 81 72.07 1.63 -6.21
CA VAL E 81 71.57 2.12 -7.49
C VAL E 81 70.08 1.85 -7.55
N THR E 82 69.35 2.76 -8.19
CA THR E 82 67.91 2.60 -8.35
C THR E 82 67.60 1.56 -9.43
N GLY E 83 66.82 0.55 -9.08
CA GLY E 83 66.42 -0.50 -9.99
C GLY E 83 65.11 -0.26 -10.70
N GLU E 84 64.64 0.99 -10.75
CA GLU E 84 63.34 1.28 -11.33
C GLU E 84 63.34 0.99 -12.83
N ILE E 85 62.15 0.70 -13.36
CA ILE E 85 61.97 0.36 -14.76
C ILE E 85 62.12 1.63 -15.60
N PRO E 86 63.01 1.66 -16.59
CA PRO E 86 63.19 2.88 -17.39
C PRO E 86 62.00 3.14 -18.29
N THR E 87 62.00 4.34 -18.87
CA THR E 87 60.95 4.78 -19.79
C THR E 87 61.54 5.00 -21.17
N LEU E 88 60.86 4.49 -22.18
CA LEU E 88 61.32 4.57 -23.56
C LEU E 88 60.53 5.63 -24.33
N SER E 89 61.03 5.95 -25.52
CA SER E 89 60.37 6.91 -26.39
C SER E 89 59.05 6.35 -26.89
N ALA E 90 58.10 7.24 -27.16
CA ALA E 90 56.75 6.82 -27.54
C ALA E 90 56.76 6.20 -28.94
N LEU E 91 55.75 5.36 -29.17
CA LEU E 91 55.53 4.73 -30.47
C LEU E 91 54.24 5.31 -31.06
N ASP E 92 54.36 5.90 -32.25
CA ASP E 92 53.26 6.60 -32.90
C ASP E 92 52.68 5.73 -34.01
N ILE E 93 51.36 5.54 -33.99
CA ILE E 93 50.68 4.75 -35.01
C ILE E 93 50.23 5.69 -36.12
N PRO E 94 50.37 5.33 -37.40
CA PRO E 94 49.86 6.20 -38.46
C PRO E 94 48.35 6.38 -38.36
N ASP E 95 47.88 7.53 -38.82
CA ASP E 95 46.49 7.90 -38.63
C ASP E 95 45.56 6.89 -39.29
N GLY E 96 44.42 6.66 -38.65
CA GLY E 96 43.44 5.72 -39.18
C GLY E 96 42.28 5.57 -38.20
N ASP E 97 41.35 4.65 -38.52
CA ASP E 97 40.13 4.43 -37.70
C ASP E 97 40.50 3.59 -36.48
N GLU E 98 39.61 3.49 -35.46
CA GLU E 98 39.86 2.70 -34.24
C GLU E 98 40.36 1.29 -34.51
N VAL E 99 39.69 0.51 -35.40
CA VAL E 99 40.04 -0.91 -35.63
C VAL E 99 41.32 -1.04 -36.44
N ASP E 100 41.66 -0.06 -37.29
CA ASP E 100 42.94 -0.01 -38.02
C ASP E 100 44.10 0.19 -37.06
N VAL E 101 43.94 1.08 -36.07
CA VAL E 101 45.00 1.30 -35.10
C VAL E 101 45.27 0.03 -34.31
N GLN E 102 44.20 -0.65 -33.87
CA GLN E 102 44.41 -1.89 -33.13
C GLN E 102 45.09 -2.95 -33.99
N TRP E 103 44.69 -3.06 -35.26
CA TRP E 103 45.29 -4.04 -36.16
C TRP E 103 46.77 -3.78 -36.36
N ARG E 104 47.15 -2.51 -36.57
CA ARG E 104 48.56 -2.19 -36.71
C ARG E 104 49.32 -2.44 -35.41
N LEU E 105 48.67 -2.22 -34.26
CA LEU E 105 49.36 -2.47 -32.99
C LEU E 105 49.66 -3.94 -32.79
N VAL E 106 48.65 -4.81 -32.95
CA VAL E 106 48.80 -6.21 -32.55
C VAL E 106 49.56 -7.06 -33.55
N HIS E 107 49.88 -6.53 -34.74
CA HIS E 107 50.63 -7.27 -35.74
C HIS E 107 52.09 -6.87 -35.80
N ASP E 108 52.57 -6.07 -34.84
CA ASP E 108 53.96 -5.66 -34.79
C ASP E 108 54.76 -6.69 -34.01
N SER E 109 55.85 -7.18 -34.60
CA SER E 109 56.64 -8.25 -33.99
C SER E 109 57.71 -7.71 -33.04
N ALA E 110 58.40 -6.64 -33.42
CA ALA E 110 59.48 -6.13 -32.58
C ALA E 110 58.94 -5.39 -31.36
N ASN E 111 57.90 -4.59 -31.54
CA ASN E 111 57.33 -3.79 -30.46
C ASN E 111 56.15 -4.45 -29.78
N PHE E 112 55.77 -5.65 -30.21
CA PHE E 112 54.65 -6.38 -29.64
C PHE E 112 54.86 -7.85 -29.97
N ILE E 113 54.07 -8.71 -29.32
CA ILE E 113 54.14 -10.15 -29.54
C ILE E 113 55.37 -10.73 -28.86
N LYS E 114 56.57 -10.30 -29.30
CA LYS E 114 57.84 -10.81 -28.76
C LYS E 114 58.10 -10.22 -27.36
N PRO E 115 57.91 -8.91 -27.09
CA PRO E 115 58.06 -8.41 -25.71
C PRO E 115 57.01 -9.02 -24.81
N THR E 116 55.80 -9.31 -25.32
CA THR E 116 54.69 -9.88 -24.55
C THR E 116 54.87 -11.39 -24.34
N SER E 117 55.49 -12.10 -25.32
CA SER E 117 55.72 -13.54 -25.23
C SER E 117 56.85 -13.86 -24.26
N TYR E 118 57.86 -12.97 -24.16
CA TYR E 118 58.95 -13.13 -23.22
C TYR E 118 58.51 -12.87 -21.79
N LEU E 119 57.61 -11.91 -21.58
CA LEU E 119 57.08 -11.71 -20.23
C LEU E 119 56.35 -12.96 -19.74
N ALA E 120 55.50 -13.53 -20.60
CA ALA E 120 54.78 -14.74 -20.22
C ALA E 120 55.74 -15.88 -19.93
N HIS E 121 56.79 -16.02 -20.75
CA HIS E 121 57.78 -17.08 -20.52
C HIS E 121 58.50 -16.88 -19.20
N TYR E 122 58.89 -15.65 -18.89
CA TYR E 122 59.61 -15.38 -17.64
C TYR E 122 58.72 -15.66 -16.43
N LEU E 123 57.43 -15.32 -16.52
CA LEU E 123 56.53 -15.56 -15.40
C LEU E 123 56.29 -17.05 -15.15
N GLY E 124 56.65 -17.91 -16.07
CA GLY E 124 56.56 -19.35 -15.87
C GLY E 124 55.47 -20.08 -16.64
N TYR E 125 54.91 -19.48 -17.68
CA TYR E 125 53.93 -20.17 -18.51
C TYR E 125 54.63 -21.14 -19.45
N ALA E 126 53.86 -22.10 -19.97
CA ALA E 126 54.40 -23.22 -20.71
C ALA E 126 54.07 -23.10 -22.20
N TRP E 127 55.04 -23.47 -23.04
CA TRP E 127 54.86 -23.58 -24.48
C TRP E 127 54.38 -22.26 -25.10
N VAL E 128 55.27 -21.28 -25.05
CA VAL E 128 55.02 -19.96 -25.65
C VAL E 128 55.75 -19.96 -26.99
N GLY E 129 55.07 -20.40 -28.03
CA GLY E 129 55.65 -20.48 -29.35
C GLY E 129 55.00 -21.57 -30.17
N GLY E 130 55.24 -21.51 -31.48
CA GLY E 130 54.64 -22.45 -32.41
C GLY E 130 55.51 -23.67 -32.65
N ASN E 131 54.95 -24.61 -33.43
CA ASN E 131 55.61 -25.87 -33.69
C ASN E 131 56.75 -25.78 -34.70
N HIS E 132 56.83 -24.69 -35.46
CA HIS E 132 57.80 -24.56 -36.53
C HIS E 132 59.05 -23.79 -36.12
N SER E 133 59.25 -23.56 -34.82
CA SER E 133 60.44 -22.89 -34.33
C SER E 133 60.72 -23.34 -32.90
N GLN E 134 61.96 -23.09 -32.47
CA GLN E 134 62.39 -23.44 -31.12
C GLN E 134 62.46 -22.26 -30.17
N TYR E 135 62.32 -21.04 -30.67
CA TYR E 135 62.44 -19.84 -29.86
C TYR E 135 61.07 -19.32 -29.45
N VAL E 136 61.03 -18.64 -28.29
CA VAL E 136 59.77 -18.19 -27.73
C VAL E 136 59.22 -17.05 -28.57
N GLY E 137 57.93 -17.12 -28.87
CA GLY E 137 57.25 -16.07 -29.62
C GLY E 137 57.76 -15.91 -31.04
N GLU E 138 57.96 -17.01 -31.77
CA GLU E 138 58.52 -16.96 -33.13
C GLU E 138 57.48 -17.31 -34.19
N ASP E 139 56.78 -18.44 -34.04
CA ASP E 139 55.77 -18.89 -35.02
C ASP E 139 54.39 -18.72 -34.38
N MET E 140 53.90 -17.45 -34.25
CA MET E 140 52.65 -17.15 -33.55
C MET E 140 51.56 -16.73 -34.55
N ASP E 141 50.27 -16.95 -34.20
CA ASP E 141 49.13 -16.61 -35.03
C ASP E 141 48.25 -15.62 -34.28
N VAL E 142 47.65 -14.70 -35.03
CA VAL E 142 46.83 -13.61 -34.50
C VAL E 142 45.44 -13.71 -35.10
N THR E 143 44.42 -13.65 -34.25
CA THR E 143 43.03 -13.76 -34.68
C THR E 143 42.17 -12.70 -34.00
N ARG E 144 41.14 -12.27 -34.72
CA ARG E 144 40.16 -11.33 -34.20
C ARG E 144 39.03 -12.12 -33.54
N ASP E 145 38.86 -11.96 -32.23
CA ASP E 145 37.86 -12.70 -31.47
C ASP E 145 36.91 -11.69 -30.84
N GLY E 146 35.70 -11.59 -31.39
CA GLY E 146 34.73 -10.66 -30.85
C GLY E 146 35.24 -9.24 -30.93
N ASP E 147 35.36 -8.59 -29.76
CA ASP E 147 35.83 -7.22 -29.66
C ASP E 147 37.30 -7.13 -29.26
N GLY E 148 38.01 -8.26 -29.27
CA GLY E 148 39.41 -8.27 -28.89
C GLY E 148 40.27 -9.09 -29.83
N TRP E 149 41.54 -9.28 -29.46
CA TRP E 149 42.47 -10.03 -30.29
C TRP E 149 43.11 -11.14 -29.46
N VAL E 150 43.49 -12.23 -30.15
CA VAL E 150 44.09 -13.39 -29.52
C VAL E 150 45.36 -13.76 -30.26
N ILE E 151 46.46 -13.93 -29.54
CA ILE E 151 47.74 -14.35 -30.08
C ILE E 151 48.12 -15.67 -29.43
N ARG E 152 48.50 -16.66 -30.23
CA ARG E 152 48.92 -17.94 -29.67
C ARG E 152 49.72 -18.72 -30.70
N GLY E 153 50.51 -19.68 -30.21
CA GLY E 153 51.39 -20.42 -31.09
C GLY E 153 50.62 -21.31 -32.05
N ASN E 154 51.17 -21.45 -33.26
CA ASN E 154 50.59 -22.34 -34.25
C ASN E 154 50.74 -23.79 -33.82
N ASN E 155 49.72 -24.60 -34.08
CA ASN E 155 49.65 -25.97 -33.58
C ASN E 155 49.49 -27.00 -34.71
N ASP E 156 49.91 -26.65 -35.93
CA ASP E 156 49.85 -27.61 -37.04
C ASP E 156 51.08 -28.51 -37.03
N GLY E 157 50.91 -29.76 -37.48
CA GLY E 157 52.00 -30.75 -37.48
C GLY E 157 52.11 -31.40 -36.11
N GLY E 158 53.24 -32.07 -35.81
CA GLY E 158 53.45 -32.75 -34.55
C GLY E 158 54.41 -31.95 -33.64
N CYS E 159 54.63 -32.43 -32.40
CA CYS E 159 55.54 -31.78 -31.43
C CYS E 159 56.00 -32.82 -30.42
N ASP E 160 57.21 -32.63 -29.83
CA ASP E 160 57.75 -33.52 -28.79
C ASP E 160 57.79 -32.75 -27.47
N GLY E 161 57.29 -33.37 -26.37
CA GLY E 161 57.26 -32.73 -25.04
C GLY E 161 55.96 -33.14 -24.33
N TYR E 162 56.03 -33.21 -22.98
CA TYR E 162 54.83 -33.54 -22.20
C TYR E 162 53.81 -32.42 -22.30
N ARG E 163 52.58 -32.78 -22.68
CA ARG E 163 51.47 -31.85 -22.82
C ARG E 163 51.79 -30.74 -23.83
N CYS E 164 52.61 -31.04 -24.84
CA CYS E 164 52.81 -30.11 -25.94
C CYS E 164 51.55 -30.14 -26.80
N GLY E 165 50.89 -28.99 -26.94
CA GLY E 165 49.60 -28.93 -27.57
C GLY E 165 48.70 -27.99 -26.79
N ASP E 166 48.95 -27.88 -25.49
CA ASP E 166 48.33 -26.87 -24.65
C ASP E 166 49.24 -25.65 -24.66
N LYS E 167 48.95 -24.70 -25.53
CA LYS E 167 49.79 -23.53 -25.75
C LYS E 167 49.14 -22.31 -25.10
N THR E 168 49.94 -21.55 -24.35
CA THR E 168 49.42 -20.38 -23.66
C THR E 168 48.97 -19.32 -24.65
N ALA E 169 47.97 -18.53 -24.24
CA ALA E 169 47.35 -17.54 -25.10
C ALA E 169 47.47 -16.15 -24.48
N ILE E 170 47.65 -15.15 -25.34
CA ILE E 170 47.70 -13.74 -24.95
C ILE E 170 46.47 -13.07 -25.57
N LYS E 171 45.66 -12.43 -24.73
CA LYS E 171 44.40 -11.83 -25.18
C LYS E 171 44.44 -10.33 -24.90
N VAL E 172 44.27 -9.52 -25.94
CA VAL E 172 44.27 -8.07 -25.82
C VAL E 172 42.83 -7.57 -25.95
N SER E 173 42.42 -6.69 -25.04
CA SER E 173 41.02 -6.26 -25.02
C SER E 173 40.92 -4.89 -24.36
N ASN E 174 39.69 -4.35 -24.39
CA ASN E 174 39.30 -3.16 -23.63
C ASN E 174 40.22 -1.97 -23.92
N PHE E 175 40.22 -1.54 -25.17
CA PHE E 175 41.03 -0.39 -25.56
C PHE E 175 40.35 0.91 -25.13
N ALA E 176 41.18 1.93 -24.91
CA ALA E 176 40.70 3.26 -24.54
C ALA E 176 41.74 4.28 -24.99
N TYR E 177 41.27 5.51 -25.19
CA TYR E 177 42.09 6.57 -25.78
C TYR E 177 41.91 7.83 -24.94
N ASN E 178 43.00 8.33 -24.39
CA ASN E 178 42.98 9.52 -23.54
C ASN E 178 43.85 10.61 -24.16
N LEU E 179 43.29 11.80 -24.33
CA LEU E 179 43.99 12.90 -24.98
C LEU E 179 44.78 13.72 -23.96
N ASP E 180 45.99 14.14 -24.35
CA ASP E 180 46.81 15.02 -23.53
C ASP E 180 46.87 16.42 -24.14
N PRO E 181 46.87 17.47 -23.31
CA PRO E 181 46.80 18.84 -23.86
C PRO E 181 48.12 19.40 -24.34
N ASP E 182 49.24 18.73 -24.10
CA ASP E 182 50.56 19.28 -24.39
C ASP E 182 51.04 18.95 -25.81
N SER E 183 50.23 18.28 -26.62
CA SER E 183 50.60 17.90 -27.97
C SER E 183 50.00 18.82 -29.03
N PHE E 184 49.41 19.94 -28.63
CA PHE E 184 48.74 20.81 -29.58
C PHE E 184 49.72 21.36 -30.61
N LYS E 185 49.26 21.45 -31.85
CA LYS E 185 50.06 22.00 -32.93
C LYS E 185 49.12 22.47 -34.03
N HIS E 186 49.45 23.60 -34.65
CA HIS E 186 48.62 24.19 -35.68
C HIS E 186 49.48 24.59 -36.88
N GLY E 187 48.83 24.76 -38.02
CA GLY E 187 49.51 25.14 -39.24
C GLY E 187 49.43 26.62 -39.53
N ASP E 188 48.87 26.98 -40.68
CA ASP E 188 48.72 28.37 -41.07
C ASP E 188 47.54 29.00 -40.33
N VAL E 189 47.33 30.30 -40.56
CA VAL E 189 46.27 31.04 -39.89
C VAL E 189 45.40 31.74 -40.92
N THR E 190 45.31 31.17 -42.12
CA THR E 190 44.50 31.74 -43.18
C THR E 190 43.04 31.86 -42.76
N TYR E 304 42.19 27.51 -38.51
CA TYR E 304 43.43 26.82 -38.84
C TYR E 304 43.33 25.33 -38.56
N PRO E 305 44.20 24.53 -39.19
CA PRO E 305 44.21 23.08 -38.96
C PRO E 305 45.01 22.74 -37.70
N TYR E 306 44.36 22.03 -36.78
CA TYR E 306 44.99 21.61 -35.52
C TYR E 306 45.44 20.15 -35.62
N GLU E 307 46.10 19.69 -34.56
CA GLU E 307 46.60 18.33 -34.51
C GLU E 307 46.88 17.95 -33.06
N PHE E 308 46.52 16.73 -32.69
CA PHE E 308 46.71 16.22 -31.35
C PHE E 308 47.19 14.78 -31.41
N LYS E 309 47.64 14.27 -30.26
CA LYS E 309 48.00 12.86 -30.11
C LYS E 309 47.38 12.34 -28.82
N ALA E 310 46.78 11.15 -28.89
CA ALA E 310 46.10 10.54 -27.76
C ALA E 310 46.79 9.22 -27.39
N ASP E 311 46.95 9.01 -26.09
CA ASP E 311 47.58 7.79 -25.57
C ASP E 311 46.58 6.65 -25.53
N VAL E 312 47.05 5.45 -25.84
CA VAL E 312 46.21 4.27 -25.91
C VAL E 312 46.48 3.38 -24.70
N SER E 313 45.43 2.81 -24.14
CA SER E 313 45.54 1.89 -23.02
C SER E 313 44.64 0.68 -23.26
N TYR E 314 44.99 -0.44 -22.65
CA TYR E 314 44.27 -1.69 -22.88
C TYR E 314 44.53 -2.66 -21.73
N ASP E 315 43.88 -3.82 -21.82
CA ASP E 315 44.05 -4.91 -20.86
C ASP E 315 44.64 -6.11 -21.56
N LEU E 316 45.60 -6.75 -20.88
CA LEU E 316 46.34 -7.89 -21.41
C LEU E 316 46.12 -9.08 -20.49
N THR E 317 45.65 -10.18 -21.07
CA THR E 317 45.34 -11.39 -20.30
C THR E 317 46.25 -12.53 -20.76
N LEU E 318 46.84 -13.21 -19.79
CA LEU E 318 47.67 -14.38 -20.03
C LEU E 318 46.94 -15.61 -19.52
N SER E 319 46.84 -16.64 -20.37
CA SER E 319 46.12 -17.86 -20.03
C SER E 319 46.96 -19.07 -20.35
N GLY E 320 47.08 -19.99 -19.40
CA GLY E 320 47.87 -21.19 -19.60
C GLY E 320 48.17 -21.86 -18.28
N PHE E 321 48.94 -22.95 -18.36
CA PHE E 321 49.30 -23.71 -17.17
C PHE E 321 50.75 -23.45 -16.81
N LEU E 322 51.03 -23.41 -15.50
CA LEU E 322 52.34 -23.05 -15.00
C LEU E 322 53.28 -24.24 -14.99
N ARG E 323 54.55 -23.98 -15.28
CA ARG E 323 55.54 -25.05 -15.40
C ARG E 323 55.78 -25.73 -14.05
N TRP E 324 56.09 -27.02 -14.13
CA TRP E 324 56.35 -27.80 -12.92
C TRP E 324 57.71 -27.47 -12.33
N GLY E 325 58.72 -27.28 -13.18
CA GLY E 325 60.06 -27.02 -12.67
C GLY E 325 60.14 -25.75 -11.85
N GLY E 326 59.53 -24.67 -12.34
CA GLY E 326 59.56 -23.41 -11.63
C GLY E 326 58.70 -22.34 -12.25
N ASN E 327 57.93 -21.63 -11.41
CA ASN E 327 57.10 -20.52 -11.85
C ASN E 327 57.23 -19.38 -10.85
N ALA E 328 56.67 -18.23 -11.20
CA ALA E 328 56.85 -17.01 -10.44
C ALA E 328 55.69 -16.71 -9.48
N TRP E 329 54.68 -17.56 -9.41
CA TRP E 329 53.60 -17.33 -8.47
C TRP E 329 54.11 -17.48 -7.04
N TYR E 330 53.60 -16.64 -6.13
CA TYR E 330 54.20 -16.52 -4.82
C TYR E 330 54.09 -17.82 -4.02
N THR E 331 53.04 -18.62 -4.25
CA THR E 331 52.94 -19.90 -3.57
C THR E 331 53.73 -21.01 -4.27
N HIS E 332 54.18 -20.77 -5.51
CA HIS E 332 54.98 -21.73 -6.26
C HIS E 332 54.25 -23.08 -6.36
N PRO E 333 53.10 -23.14 -7.03
CA PRO E 333 52.41 -24.42 -7.19
C PRO E 333 53.25 -25.40 -8.00
N ASP E 334 53.07 -26.69 -7.72
CA ASP E 334 53.89 -27.74 -8.30
C ASP E 334 53.07 -28.83 -8.98
N ASN E 335 51.80 -28.56 -9.30
CA ASN E 335 50.92 -29.57 -9.89
C ASN E 335 50.41 -29.16 -11.26
N ARG E 336 51.13 -28.27 -11.96
CA ARG E 336 50.75 -27.83 -13.30
C ARG E 336 49.30 -27.40 -13.39
N PRO E 337 48.87 -26.41 -12.61
CA PRO E 337 47.48 -25.95 -12.69
C PRO E 337 47.27 -24.95 -13.80
N ASN E 338 46.02 -24.81 -14.22
CA ASN E 338 45.64 -23.77 -15.16
C ASN E 338 45.59 -22.42 -14.44
N TRP E 339 45.77 -21.35 -15.21
CA TRP E 339 45.91 -20.02 -14.63
C TRP E 339 45.51 -18.97 -15.67
N ASN E 340 44.83 -17.94 -15.19
CA ASN E 340 44.49 -16.76 -15.97
C ASN E 340 44.83 -15.54 -15.15
N HIS E 341 45.50 -14.55 -15.77
CA HIS E 341 45.80 -13.31 -15.07
C HIS E 341 45.67 -12.14 -16.03
N THR E 342 45.39 -10.96 -15.47
CA THR E 342 45.16 -9.75 -16.25
C THR E 342 46.01 -8.61 -15.74
N PHE E 343 46.56 -7.83 -16.68
CA PHE E 343 47.28 -6.61 -16.39
C PHE E 343 46.62 -5.45 -17.14
N VAL E 344 46.72 -4.25 -16.57
CA VAL E 344 46.23 -3.03 -17.18
C VAL E 344 47.44 -2.25 -17.66
N ILE E 345 47.59 -2.11 -18.98
CA ILE E 345 48.74 -1.41 -19.55
C ILE E 345 48.31 0.05 -19.70
N GLY E 346 48.51 0.83 -18.64
CA GLY E 346 48.09 2.21 -18.61
C GLY E 346 48.13 2.77 -17.21
N PRO E 347 47.27 3.75 -16.92
CA PRO E 347 47.28 4.36 -15.58
C PRO E 347 46.88 3.35 -14.50
N TYR E 348 47.42 3.58 -13.31
CA TYR E 348 47.17 2.69 -12.18
C TYR E 348 45.69 2.61 -11.86
N LYS E 349 45.21 1.38 -11.63
CA LYS E 349 43.84 1.16 -11.16
C LYS E 349 43.76 0.29 -9.93
N ASP E 350 44.61 -0.73 -9.82
CA ASP E 350 44.58 -1.66 -8.70
C ASP E 350 45.98 -2.20 -8.45
N LYS E 351 46.17 -2.77 -7.25
CA LYS E 351 47.45 -3.37 -6.92
C LYS E 351 47.65 -4.68 -7.66
N ALA E 352 46.58 -5.45 -7.85
CA ALA E 352 46.71 -6.77 -8.47
C ALA E 352 47.06 -6.68 -9.95
N SER E 353 46.68 -5.60 -10.62
CA SER E 353 46.86 -5.48 -12.06
C SER E 353 47.90 -4.44 -12.44
N SER E 354 48.75 -4.01 -11.51
CA SER E 354 49.76 -2.99 -11.76
C SER E 354 51.14 -3.63 -11.67
N ILE E 355 51.87 -3.64 -12.79
CA ILE E 355 53.22 -4.16 -12.79
C ILE E 355 54.17 -3.24 -12.03
N ARG E 356 54.10 -1.92 -12.28
CA ARG E 356 55.05 -0.99 -11.67
C ARG E 356 54.96 -1.02 -10.15
N TYR E 357 53.71 -1.00 -9.60
CA TYR E 357 53.47 -1.07 -8.15
C TYR E 357 54.13 -2.29 -7.52
N GLN E 358 53.82 -3.50 -8.05
CA GLN E 358 54.34 -4.75 -7.49
C GLN E 358 55.86 -4.81 -7.52
N TRP E 359 56.49 -4.23 -8.58
CA TRP E 359 57.95 -4.23 -8.74
C TRP E 359 58.61 -3.28 -7.75
N ASP E 360 57.93 -2.19 -7.37
CA ASP E 360 58.48 -1.18 -6.44
C ASP E 360 58.34 -1.56 -4.98
N LYS E 361 57.48 -2.55 -4.64
CA LYS E 361 57.26 -3.00 -3.27
C LYS E 361 57.84 -4.39 -3.06
N ARG E 362 58.94 -4.72 -3.77
CA ARG E 362 59.57 -6.04 -3.71
C ARG E 362 60.50 -6.14 -2.51
N TYR E 363 60.63 -5.03 -1.72
CA TYR E 363 61.45 -4.96 -0.51
C TYR E 363 60.58 -5.17 0.74
N ILE E 364 59.22 -5.17 0.62
CA ILE E 364 58.30 -5.46 1.71
C ILE E 364 57.77 -6.90 1.54
N PRO E 365 58.22 -7.89 2.35
CA PRO E 365 57.74 -9.28 2.14
C PRO E 365 56.24 -9.47 2.28
N GLY E 366 55.54 -8.68 3.10
CA GLY E 366 54.10 -8.84 3.34
C GLY E 366 53.22 -8.26 2.26
N GLU E 367 53.79 -7.48 1.32
CA GLU E 367 53.05 -6.92 0.18
C GLU E 367 53.03 -7.87 -1.00
N VAL E 368 53.89 -8.92 -0.98
CA VAL E 368 54.03 -9.88 -2.09
C VAL E 368 52.88 -10.88 -2.01
N LYS E 369 51.85 -10.73 -2.87
CA LYS E 369 50.67 -11.57 -2.86
C LYS E 369 50.27 -12.12 -4.22
N TRP E 370 50.80 -11.59 -5.32
CA TRP E 370 50.44 -12.11 -6.64
C TRP E 370 51.64 -12.71 -7.37
N TRP E 371 52.71 -11.96 -7.60
CA TRP E 371 53.87 -12.45 -8.32
C TRP E 371 55.13 -12.15 -7.52
N ASP E 372 56.11 -13.05 -7.65
CA ASP E 372 57.39 -12.93 -6.93
C ASP E 372 58.45 -12.47 -7.93
N TRP E 373 58.67 -11.16 -7.99
CA TRP E 373 59.61 -10.60 -8.96
C TRP E 373 61.06 -10.83 -8.56
N ASN E 374 61.34 -10.97 -7.26
CA ASN E 374 62.71 -11.32 -6.84
C ASN E 374 63.13 -12.65 -7.43
N TRP E 375 62.19 -13.59 -7.54
CA TRP E 375 62.49 -14.87 -8.17
C TRP E 375 62.91 -14.70 -9.62
N THR E 376 62.18 -13.86 -10.36
CA THR E 376 62.54 -13.62 -11.75
C THR E 376 63.90 -12.94 -11.85
N ILE E 377 64.19 -12.00 -10.96
CA ILE E 377 65.48 -11.33 -10.98
C ILE E 377 66.61 -12.34 -10.74
N GLN E 378 66.41 -13.24 -9.77
CA GLN E 378 67.42 -14.26 -9.51
C GLN E 378 67.58 -15.19 -10.70
N GLN E 379 66.46 -15.53 -11.36
CA GLN E 379 66.51 -16.52 -12.43
C GLN E 379 67.17 -15.96 -13.69
N ASN E 380 66.87 -14.72 -14.05
CA ASN E 380 67.27 -14.17 -15.34
C ASN E 380 68.23 -12.99 -15.27
N GLY E 381 68.36 -12.33 -14.13
CA GLY E 381 69.21 -11.16 -14.04
C GLY E 381 68.41 -9.87 -14.04
N LEU E 382 68.98 -8.84 -13.39
CA LEU E 382 68.24 -7.59 -13.19
C LEU E 382 68.09 -6.81 -14.49
N SER E 383 69.17 -6.69 -15.27
CA SER E 383 69.13 -5.82 -16.45
C SER E 383 68.13 -6.34 -17.49
N THR E 384 68.16 -7.65 -17.75
CA THR E 384 67.27 -8.21 -18.76
C THR E 384 65.81 -8.03 -18.37
N MET E 385 65.49 -8.26 -17.10
CA MET E 385 64.10 -8.16 -16.66
C MET E 385 63.59 -6.73 -16.80
N GLN E 386 64.39 -5.74 -16.39
CA GLN E 386 63.93 -4.37 -16.50
C GLN E 386 63.88 -3.89 -17.94
N ASN E 387 64.79 -4.37 -18.80
CA ASN E 387 64.68 -4.04 -20.22
C ASN E 387 63.39 -4.60 -20.81
N ASN E 388 63.06 -5.86 -20.49
CA ASN E 388 61.83 -6.44 -21.02
C ASN E 388 60.60 -5.69 -20.51
N LEU E 389 60.58 -5.37 -19.21
CA LEU E 389 59.43 -4.65 -18.68
C LEU E 389 59.32 -3.25 -19.25
N ALA E 390 60.45 -2.60 -19.55
CA ALA E 390 60.41 -1.30 -20.20
C ALA E 390 59.81 -1.42 -21.60
N ARG E 391 60.19 -2.48 -22.33
CA ARG E 391 59.61 -2.65 -23.67
C ARG E 391 58.12 -2.98 -23.61
N VAL E 392 57.69 -3.71 -22.58
CA VAL E 392 56.27 -4.05 -22.48
C VAL E 392 55.42 -2.82 -22.20
N LEU E 393 55.93 -1.89 -21.38
CA LEU E 393 55.18 -0.71 -20.96
C LEU E 393 55.47 0.51 -21.83
N ARG E 394 55.92 0.30 -23.06
CA ARG E 394 56.25 1.43 -23.93
C ARG E 394 54.98 2.20 -24.30
N PRO E 395 54.97 3.52 -24.17
CA PRO E 395 53.76 4.29 -24.50
C PRO E 395 53.40 4.17 -25.98
N VAL E 396 52.09 4.24 -26.25
CA VAL E 396 51.55 4.13 -27.61
C VAL E 396 50.63 5.32 -27.84
N ARG E 397 50.83 6.02 -28.96
CA ARG E 397 50.08 7.22 -29.29
C ARG E 397 49.46 7.12 -30.68
N ALA E 398 48.32 7.78 -30.85
CA ALA E 398 47.60 7.82 -32.11
C ALA E 398 47.24 9.26 -32.45
N GLY E 399 47.39 9.62 -33.71
CA GLY E 399 47.18 11.00 -34.13
C GLY E 399 45.70 11.33 -34.33
N ILE E 400 45.38 12.61 -34.16
CA ILE E 400 44.05 13.14 -34.37
C ILE E 400 44.17 14.47 -35.09
N THR E 401 43.32 14.68 -36.09
CA THR E 401 43.34 15.93 -36.85
C THR E 401 41.92 16.49 -37.01
N ALA F 1 40.29 28.86 46.56
CA ALA F 1 40.91 27.51 46.42
C ALA F 1 41.52 27.35 45.03
N GLU F 2 42.64 26.63 44.97
CA GLU F 2 43.34 26.37 43.73
C GLU F 2 43.53 24.86 43.56
N PRO F 3 43.63 24.39 42.32
CA PRO F 3 43.80 22.94 42.11
C PRO F 3 45.10 22.44 42.74
N VAL F 4 45.06 21.23 43.32
CA VAL F 4 46.24 20.62 43.98
C VAL F 4 46.59 19.34 43.24
N TYR F 5 47.88 19.18 42.85
CA TYR F 5 48.36 17.98 42.16
C TYR F 5 49.05 17.10 43.21
N PRO F 6 48.65 15.83 43.41
CA PRO F 6 49.21 15.01 44.50
C PRO F 6 50.73 14.91 44.50
N ASP F 7 51.40 15.03 43.34
CA ASP F 7 52.85 14.89 43.23
C ASP F 7 53.61 16.08 43.80
N GLN F 8 52.93 17.21 44.07
CA GLN F 8 53.55 18.43 44.59
C GLN F 8 53.49 18.52 46.11
N LEU F 9 52.63 17.72 46.77
CA LEU F 9 52.43 17.79 48.21
C LEU F 9 53.71 17.40 48.95
N ARG F 10 53.93 18.04 50.11
CA ARG F 10 55.12 17.76 50.91
C ARG F 10 54.74 17.78 52.38
N LEU F 11 55.10 16.74 53.12
CA LEU F 11 54.74 16.64 54.52
C LEU F 11 55.92 17.12 55.39
N PHE F 12 55.75 18.26 56.05
CA PHE F 12 56.78 18.83 56.90
C PHE F 12 56.52 18.46 58.37
N SER F 13 57.62 18.33 59.11
CA SER F 13 57.58 18.02 60.55
C SER F 13 58.32 19.09 61.34
N LEU F 14 58.40 20.31 60.81
CA LEU F 14 59.10 21.38 61.50
C LEU F 14 58.41 21.70 62.83
N GLY F 15 57.17 22.14 62.77
CA GLY F 15 56.43 22.49 63.98
C GLY F 15 54.97 22.67 63.66
N GLN F 16 54.18 22.81 64.72
CA GLN F 16 52.73 22.95 64.58
C GLN F 16 52.39 24.18 63.73
N GLY F 17 51.79 23.94 62.57
CA GLY F 17 51.40 25.03 61.68
C GLY F 17 52.57 25.80 61.09
N VAL F 18 53.66 25.11 60.78
CA VAL F 18 54.84 25.74 60.17
C VAL F 18 55.22 24.93 58.94
N CYS F 19 55.34 25.61 57.80
CA CYS F 19 55.72 24.99 56.54
C CYS F 19 57.16 25.36 56.19
N GLY F 20 57.62 24.89 55.05
CA GLY F 20 58.95 25.19 54.57
C GLY F 20 59.06 26.61 54.05
N ASP F 21 60.25 26.93 53.54
CA ASP F 21 60.53 28.28 53.07
C ASP F 21 59.46 28.74 52.08
N LYS F 22 59.42 28.13 50.90
CA LYS F 22 58.41 28.43 49.89
C LYS F 22 57.32 27.36 49.93
N TYR F 23 56.47 27.44 50.95
CA TYR F 23 55.42 26.44 51.14
C TYR F 23 54.27 27.04 51.93
N ARG F 24 53.05 26.77 51.47
CA ARG F 24 51.79 27.20 52.05
C ARG F 24 51.06 26.02 52.69
N PRO F 25 50.48 26.16 53.89
CA PRO F 25 49.71 25.02 54.48
C PRO F 25 48.50 24.65 53.64
N VAL F 26 48.29 23.34 53.42
CA VAL F 26 47.14 22.85 52.63
C VAL F 26 45.88 23.11 53.43
N ASN F 27 44.80 23.62 52.78
CA ASN F 27 43.54 23.97 53.46
C ASN F 27 42.70 22.70 53.65
N ARG F 28 41.72 22.73 54.59
CA ARG F 28 40.86 21.58 54.84
C ARG F 28 39.98 21.30 53.63
N GLU F 29 39.55 22.37 52.89
CA GLU F 29 38.80 22.22 51.64
C GLU F 29 39.67 21.60 50.56
N GLU F 30 40.93 22.10 50.42
CA GLU F 30 41.87 21.61 49.40
C GLU F 30 42.25 20.16 49.64
N ALA F 31 42.37 19.76 50.93
CA ALA F 31 42.69 18.38 51.30
C ALA F 31 41.54 17.46 50.95
N GLN F 32 40.29 17.97 51.10
CA GLN F 32 39.09 17.19 50.78
C GLN F 32 39.01 16.89 49.29
N SER F 33 39.55 17.81 48.44
CA SER F 33 39.50 17.63 46.97
C SER F 33 40.28 16.43 46.50
N VAL F 34 41.38 16.06 47.18
CA VAL F 34 42.24 14.95 46.80
C VAL F 34 42.33 13.97 47.97
N LYS F 35 41.23 13.82 48.70
CA LYS F 35 41.22 13.05 49.93
C LYS F 35 41.85 11.67 49.75
N SER F 36 41.46 10.95 48.68
CA SER F 36 41.90 9.57 48.52
C SER F 36 43.42 9.48 48.36
N ASN F 37 44.01 10.38 47.57
CA ASN F 37 45.45 10.34 47.36
C ASN F 37 46.21 10.55 48.66
N ILE F 38 45.87 11.61 49.39
CA ILE F 38 46.60 11.91 50.62
C ILE F 38 46.40 10.79 51.64
N VAL F 39 45.19 10.24 51.71
CA VAL F 39 44.97 9.12 52.62
C VAL F 39 45.80 7.91 52.21
N GLY F 40 45.98 7.70 50.91
CA GLY F 40 46.83 6.60 50.45
C GLY F 40 48.30 6.84 50.69
N MET F 41 48.72 8.09 50.86
CA MET F 41 50.11 8.42 51.14
C MET F 41 50.42 8.47 52.63
N MET F 42 49.56 7.92 53.49
CA MET F 42 49.72 7.99 54.93
C MET F 42 49.79 6.59 55.53
N GLY F 43 50.36 6.53 56.75
CA GLY F 43 50.35 5.31 57.51
C GLY F 43 48.99 5.03 58.13
N GLN F 44 48.80 3.78 58.57
CA GLN F 44 47.49 3.33 59.01
C GLN F 44 46.95 4.18 60.17
N TRP F 45 47.78 4.43 61.17
CA TRP F 45 47.35 5.16 62.37
C TRP F 45 48.03 6.53 62.48
N GLN F 46 48.30 7.16 61.34
CA GLN F 46 48.92 8.47 61.31
C GLN F 46 47.87 9.57 61.32
N ILE F 47 48.19 10.68 61.98
CA ILE F 47 47.35 11.87 61.98
C ILE F 47 48.24 13.08 61.70
N SER F 48 47.81 13.93 60.76
CA SER F 48 48.63 15.05 60.31
C SER F 48 47.80 16.33 60.33
N GLY F 49 48.50 17.48 60.38
CA GLY F 49 47.83 18.75 60.55
C GLY F 49 47.51 19.44 59.24
N LEU F 50 46.50 20.31 59.31
CA LEU F 50 46.06 21.14 58.21
C LEU F 50 46.04 22.60 58.65
N ALA F 51 45.52 23.47 57.79
CA ALA F 51 45.45 24.88 58.09
C ALA F 51 44.16 25.21 58.86
N ASN F 52 44.26 26.20 59.74
CA ASN F 52 43.11 26.71 60.50
C ASN F 52 42.58 25.66 61.49
N GLY F 53 43.49 24.95 62.15
CA GLY F 53 43.11 24.00 63.16
C GLY F 53 42.26 22.85 62.64
N TRP F 54 42.82 22.06 61.74
CA TRP F 54 42.17 20.85 61.24
C TRP F 54 43.20 19.74 61.18
N VAL F 55 42.73 18.51 61.01
CA VAL F 55 43.58 17.33 61.03
C VAL F 55 43.03 16.30 60.08
N ILE F 56 43.93 15.58 59.41
CA ILE F 56 43.60 14.47 58.52
C ILE F 56 44.12 13.18 59.16
N MET F 57 43.33 12.11 59.04
CA MET F 57 43.64 10.84 59.68
C MET F 57 43.87 9.77 58.62
N GLY F 58 44.59 8.72 59.02
CA GLY F 58 45.03 7.71 58.09
C GLY F 58 43.95 6.70 57.78
N PRO F 59 44.31 5.70 56.97
CA PRO F 59 43.32 4.68 56.57
C PRO F 59 42.68 3.95 57.74
N GLY F 60 43.39 3.79 58.85
CA GLY F 60 42.80 3.13 60.00
C GLY F 60 41.55 3.84 60.51
N TYR F 61 41.52 5.17 60.36
CA TYR F 61 40.37 5.97 60.78
C TYR F 61 39.42 6.26 59.62
N ASN F 62 39.62 5.61 58.47
CA ASN F 62 38.78 5.81 57.29
C ASN F 62 38.93 7.21 56.72
N GLY F 63 40.08 7.84 56.94
CA GLY F 63 40.37 9.13 56.35
C GLY F 63 39.45 10.25 56.78
N GLU F 64 39.19 10.37 58.08
CA GLU F 64 38.30 11.39 58.61
C GLU F 64 39.05 12.70 58.78
N ILE F 65 38.39 13.81 58.46
CA ILE F 65 38.91 15.16 58.67
C ILE F 65 38.13 15.77 59.82
N LYS F 66 38.81 16.10 60.91
CA LYS F 66 38.19 16.61 62.13
C LYS F 66 39.02 17.75 62.70
N PRO F 67 38.40 18.65 63.47
CA PRO F 67 39.17 19.70 64.15
C PRO F 67 40.20 19.10 65.10
N GLY F 68 41.36 19.74 65.18
CA GLY F 68 42.41 19.27 66.06
C GLY F 68 43.71 19.99 65.77
N THR F 69 44.79 19.47 66.37
CA THR F 69 46.12 20.02 66.15
C THR F 69 47.13 18.88 66.17
N ALA F 70 48.22 19.06 65.43
CA ALA F 70 49.25 18.03 65.32
C ALA F 70 50.58 18.71 65.00
N SER F 71 51.66 17.95 65.20
CA SER F 71 53.00 18.48 64.96
C SER F 71 53.35 18.55 63.48
N ASN F 72 52.89 17.57 62.69
CA ASN F 72 53.17 17.55 61.25
C ASN F 72 52.27 18.54 60.53
N THR F 73 52.50 18.69 59.22
CA THR F 73 51.64 19.55 58.41
C THR F 73 51.89 19.26 56.94
N TRP F 74 50.81 19.02 56.19
CA TRP F 74 50.90 18.94 54.74
C TRP F 74 50.97 20.35 54.14
N CYS F 75 51.98 20.59 53.31
CA CYS F 75 52.21 21.89 52.69
C CYS F 75 52.35 21.71 51.18
N TYR F 76 51.93 22.75 50.45
CA TYR F 76 51.94 22.84 49.01
C TYR F 76 52.89 23.96 48.57
N PRO F 77 53.67 23.78 47.49
CA PRO F 77 54.63 24.84 47.13
C PRO F 77 53.94 26.17 46.89
N THR F 78 54.59 27.25 47.36
CA THR F 78 54.01 28.58 47.22
C THR F 78 53.93 29.02 45.76
N ASN F 79 54.85 28.55 44.92
CA ASN F 79 54.86 28.84 43.48
C ASN F 79 54.95 27.51 42.75
N PRO F 80 53.82 26.83 42.57
CA PRO F 80 53.86 25.51 41.93
C PRO F 80 54.35 25.58 40.50
N VAL F 81 55.04 24.52 40.07
CA VAL F 81 55.56 24.43 38.72
C VAL F 81 54.57 23.65 37.86
N THR F 82 54.47 24.04 36.60
CA THR F 82 53.58 23.35 35.66
C THR F 82 54.18 22.02 35.24
N GLY F 83 53.42 20.95 35.43
CA GLY F 83 53.84 19.61 35.06
C GLY F 83 53.41 19.18 33.66
N GLU F 84 53.06 20.12 32.80
CA GLU F 84 52.54 19.77 31.48
C GLU F 84 53.62 19.09 30.63
N ILE F 85 53.17 18.27 29.69
CA ILE F 85 54.05 17.52 28.82
C ILE F 85 54.69 18.47 27.81
N PRO F 86 56.02 18.52 27.71
CA PRO F 86 56.65 19.45 26.76
C PRO F 86 56.43 19.02 25.32
N THR F 87 56.79 19.94 24.42
CA THR F 87 56.68 19.72 22.98
C THR F 87 58.06 19.72 22.35
N LEU F 88 58.33 18.75 21.50
CA LEU F 88 59.63 18.59 20.85
C LEU F 88 59.57 19.06 19.41
N SER F 89 60.75 19.18 18.80
CA SER F 89 60.84 19.57 17.40
C SER F 89 60.30 18.47 16.51
N ALA F 90 59.77 18.88 15.35
CA ALA F 90 59.13 17.93 14.45
C ALA F 90 60.14 16.98 13.83
N LEU F 91 59.65 15.81 13.42
CA LEU F 91 60.44 14.81 12.72
C LEU F 91 59.93 14.72 11.28
N ASP F 92 60.83 14.95 10.32
CA ASP F 92 60.48 15.02 8.91
C ASP F 92 60.90 13.74 8.21
N ILE F 93 59.97 13.12 7.49
CA ILE F 93 60.25 11.89 6.76
C ILE F 93 60.66 12.27 5.33
N PRO F 94 61.69 11.63 4.77
CA PRO F 94 62.04 11.94 3.37
C PRO F 94 60.90 11.61 2.42
N ASP F 95 60.84 12.35 1.33
CA ASP F 95 59.71 12.25 0.41
C ASP F 95 59.57 10.84 -0.15
N GLY F 96 58.33 10.42 -0.34
CA GLY F 96 58.06 9.10 -0.87
C GLY F 96 56.57 8.83 -0.89
N ASP F 97 56.18 7.60 -1.28
CA ASP F 97 54.74 7.21 -1.40
C ASP F 97 54.18 6.94 -0.01
N GLU F 98 52.84 6.82 0.14
CA GLU F 98 52.19 6.54 1.43
C GLU F 98 52.80 5.38 2.19
N VAL F 99 52.99 4.20 1.54
CA VAL F 99 53.47 2.98 2.22
C VAL F 99 54.95 3.06 2.57
N ASP F 100 55.75 3.83 1.79
CA ASP F 100 57.15 4.12 2.09
C ASP F 100 57.30 4.96 3.35
N VAL F 101 56.44 5.97 3.50
CA VAL F 101 56.48 6.82 4.69
C VAL F 101 56.17 5.99 5.92
N GLN F 102 55.14 5.14 5.85
CA GLN F 102 54.82 4.30 7.00
C GLN F 102 55.96 3.35 7.34
N TRP F 103 56.58 2.76 6.31
CA TRP F 103 57.69 1.83 6.53
C TRP F 103 58.86 2.52 7.21
N ARG F 104 59.22 3.73 6.75
CA ARG F 104 60.29 4.46 7.40
C ARG F 104 59.93 4.87 8.82
N LEU F 105 58.65 5.15 9.07
CA LEU F 105 58.24 5.53 10.42
C LEU F 105 58.38 4.36 11.39
N VAL F 106 57.82 3.20 11.03
CA VAL F 106 57.71 2.11 12.01
C VAL F 106 59.00 1.33 12.20
N HIS F 107 60.04 1.58 11.40
CA HIS F 107 61.31 0.89 11.54
C HIS F 107 62.37 1.74 12.25
N ASP F 108 61.98 2.88 12.80
CA ASP F 108 62.91 3.75 13.53
C ASP F 108 62.96 3.32 14.99
N SER F 109 64.17 3.09 15.49
CA SER F 109 64.34 2.58 16.85
C SER F 109 64.40 3.69 17.90
N ALA F 110 65.11 4.79 17.61
CA ALA F 110 65.24 5.85 18.60
C ALA F 110 63.96 6.67 18.73
N ASN F 111 63.32 6.97 17.61
CA ASN F 111 62.12 7.81 17.59
C ASN F 111 60.83 6.99 17.60
N PHE F 112 60.93 5.66 17.61
CA PHE F 112 59.77 4.79 17.62
C PHE F 112 60.23 3.44 18.16
N ILE F 113 59.26 2.58 18.48
CA ILE F 113 59.53 1.25 19.01
C ILE F 113 59.95 1.35 20.48
N LYS F 114 61.08 2.02 20.75
CA LYS F 114 61.61 2.16 22.12
C LYS F 114 60.77 3.17 22.92
N PRO F 115 60.39 4.35 22.41
CA PRO F 115 59.49 5.24 23.16
C PRO F 115 58.14 4.59 23.37
N THR F 116 57.66 3.76 22.41
CA THR F 116 56.36 3.08 22.47
C THR F 116 56.41 1.86 23.38
N SER F 117 57.58 1.16 23.45
CA SER F 117 57.75 -0.03 24.29
C SER F 117 57.87 0.34 25.75
N TYR F 118 58.46 1.52 26.05
CA TYR F 118 58.58 2.02 27.41
C TYR F 118 57.24 2.49 27.96
N LEU F 119 56.41 3.11 27.11
CA LEU F 119 55.06 3.48 27.56
C LEU F 119 54.28 2.24 27.97
N ALA F 120 54.31 1.20 27.14
CA ALA F 120 53.59 -0.02 27.48
C ALA F 120 54.12 -0.63 28.76
N HIS F 121 55.45 -0.63 28.94
CA HIS F 121 56.03 -1.17 30.17
C HIS F 121 55.59 -0.38 31.39
N TYR F 122 55.59 0.95 31.30
CA TYR F 122 55.19 1.78 32.43
C TYR F 122 53.72 1.56 32.78
N LEU F 123 52.86 1.41 31.77
CA LEU F 123 51.45 1.19 32.05
C LEU F 123 51.17 -0.15 32.72
N GLY F 124 52.12 -1.06 32.73
CA GLY F 124 51.99 -2.32 33.43
C GLY F 124 51.79 -3.56 32.57
N TYR F 125 52.11 -3.51 31.29
CA TYR F 125 52.04 -4.70 30.44
C TYR F 125 53.25 -5.60 30.70
N ALA F 126 53.12 -6.86 30.32
CA ALA F 126 54.09 -7.90 30.65
C ALA F 126 54.91 -8.31 29.44
N TRP F 127 56.20 -8.55 29.66
CA TRP F 127 57.09 -9.12 28.66
C TRP F 127 57.13 -8.27 27.39
N VAL F 128 57.68 -7.07 27.53
CA VAL F 128 57.86 -6.14 26.41
C VAL F 128 59.33 -6.26 26.00
N GLY F 129 59.61 -7.18 25.09
CA GLY F 129 60.96 -7.43 24.64
C GLY F 129 61.13 -8.85 24.18
N GLY F 130 62.22 -9.08 23.45
CA GLY F 130 62.51 -10.39 22.89
C GLY F 130 63.35 -11.26 23.82
N ASN F 131 63.56 -12.51 23.38
CA ASN F 131 64.27 -13.49 24.18
C ASN F 131 65.78 -13.30 24.19
N HIS F 132 66.32 -12.50 23.28
CA HIS F 132 67.76 -12.36 23.13
C HIS F 132 68.31 -11.12 23.83
N SER F 133 67.52 -10.48 24.70
CA SER F 133 67.98 -9.34 25.45
C SER F 133 67.18 -9.24 26.75
N GLN F 134 67.73 -8.47 27.69
CA GLN F 134 67.10 -8.26 28.99
C GLN F 134 66.41 -6.91 29.12
N TYR F 135 66.61 -6.01 28.17
CA TYR F 135 66.06 -4.66 28.25
C TYR F 135 64.78 -4.55 27.44
N VAL F 136 63.90 -3.63 27.85
CA VAL F 136 62.59 -3.50 27.24
C VAL F 136 62.75 -2.91 25.84
N GLY F 137 62.05 -3.49 24.88
CA GLY F 137 62.05 -2.99 23.51
C GLY F 137 63.42 -3.07 22.83
N GLU F 138 64.12 -4.19 22.98
CA GLU F 138 65.48 -4.34 22.42
C GLU F 138 65.52 -5.31 21.25
N ASP F 139 64.97 -6.53 21.40
CA ASP F 139 64.98 -7.55 20.33
C ASP F 139 63.55 -7.69 19.82
N MET F 140 63.06 -6.69 19.05
CA MET F 140 61.66 -6.66 18.58
C MET F 140 61.58 -6.93 17.08
N ASP F 141 60.44 -7.47 16.60
CA ASP F 141 60.20 -7.79 15.20
C ASP F 141 59.00 -7.00 14.70
N VAL F 142 59.08 -6.59 13.43
CA VAL F 142 58.07 -5.75 12.79
C VAL F 142 57.52 -6.49 11.59
N THR F 143 56.19 -6.54 11.47
CA THR F 143 55.54 -7.24 10.38
C THR F 143 54.39 -6.40 9.81
N ARG F 144 54.15 -6.57 8.51
CA ARG F 144 53.04 -5.91 7.83
C ARG F 144 51.82 -6.83 7.90
N ASP F 145 50.77 -6.38 8.58
CA ASP F 145 49.56 -7.17 8.77
C ASP F 145 48.40 -6.41 8.14
N GLY F 146 47.94 -6.89 6.99
CA GLY F 146 46.82 -6.25 6.32
C GLY F 146 47.17 -4.81 5.97
N ASP F 147 46.39 -3.87 6.52
CA ASP F 147 46.59 -2.45 6.26
C ASP F 147 47.33 -1.75 7.40
N GLY F 148 47.90 -2.53 8.33
CA GLY F 148 48.61 -1.95 9.44
C GLY F 148 49.92 -2.64 9.74
N TRP F 149 50.57 -2.28 10.84
CA TRP F 149 51.84 -2.86 11.23
C TRP F 149 51.76 -3.41 12.65
N VAL F 150 52.56 -4.44 12.92
CA VAL F 150 52.59 -5.10 14.22
C VAL F 150 54.04 -5.20 14.68
N ILE F 151 54.30 -4.77 15.91
CA ILE F 151 55.62 -4.87 16.54
C ILE F 151 55.49 -5.73 17.78
N ARG F 152 56.36 -6.72 17.93
CA ARG F 152 56.33 -7.55 19.12
C ARG F 152 57.66 -8.27 19.30
N GLY F 153 57.91 -8.71 20.53
CA GLY F 153 59.19 -9.33 20.84
C GLY F 153 59.37 -10.66 20.13
N ASN F 154 60.62 -10.93 19.75
CA ASN F 154 60.96 -12.21 19.14
C ASN F 154 60.83 -13.33 20.15
N ASN F 155 60.34 -14.49 19.70
CA ASN F 155 60.01 -15.60 20.58
C ASN F 155 60.74 -16.89 20.21
N ASP F 156 61.88 -16.78 19.53
CA ASP F 156 62.67 -17.96 19.19
C ASP F 156 63.57 -18.34 20.36
N GLY F 157 63.83 -19.64 20.52
CA GLY F 157 64.64 -20.16 21.64
C GLY F 157 63.78 -20.33 22.86
N GLY F 158 64.41 -20.45 24.07
CA GLY F 158 63.69 -20.63 25.32
C GLY F 158 63.68 -19.34 26.13
N CYS F 159 62.98 -19.35 27.30
CA CYS F 159 62.91 -18.17 28.20
C CYS F 159 62.55 -18.66 29.61
N ASP F 160 62.98 -17.91 30.65
CA ASP F 160 62.67 -18.24 32.05
C ASP F 160 61.72 -17.16 32.59
N GLY F 161 60.62 -17.57 33.27
CA GLY F 161 59.62 -16.65 33.82
C GLY F 161 58.24 -17.26 33.67
N TYR F 162 57.32 -16.92 34.61
CA TYR F 162 55.94 -17.41 34.51
C TYR F 162 55.24 -16.79 33.32
N ARG F 163 54.67 -17.64 32.47
CA ARG F 163 53.94 -17.22 31.27
C ARG F 163 54.82 -16.41 30.33
N CYS F 164 56.13 -16.67 30.33
CA CYS F 164 57.01 -16.08 29.32
C CYS F 164 56.73 -16.78 28.00
N GLY F 165 56.32 -16.01 27.00
CA GLY F 165 55.85 -16.58 25.75
C GLY F 165 54.62 -15.83 25.29
N ASP F 166 53.87 -15.29 26.24
CA ASP F 166 52.79 -14.35 25.94
C ASP F 166 53.37 -12.94 25.97
N LYS F 167 53.74 -12.44 24.81
CA LYS F 167 54.43 -11.16 24.67
C LYS F 167 53.45 -10.12 24.15
N THR F 168 53.44 -8.95 24.79
CA THR F 168 52.53 -7.89 24.40
C THR F 168 52.87 -7.38 23.01
N ALA F 169 51.84 -6.90 22.31
CA ALA F 169 51.96 -6.45 20.93
C ALA F 169 51.54 -5.00 20.80
N ILE F 170 52.22 -4.28 19.90
CA ILE F 170 51.92 -2.90 19.56
C ILE F 170 51.45 -2.88 18.11
N LYS F 171 50.26 -2.36 17.86
CA LYS F 171 49.67 -2.38 16.52
C LYS F 171 49.41 -0.94 16.07
N VAL F 172 50.00 -0.57 14.94
CA VAL F 172 49.83 0.77 14.38
C VAL F 172 48.90 0.68 13.17
N SER F 173 47.92 1.59 13.12
CA SER F 173 46.91 1.50 12.06
C SER F 173 46.29 2.88 11.83
N ASN F 174 45.43 2.93 10.82
CA ASN F 174 44.55 4.07 10.54
C ASN F 174 45.35 5.37 10.40
N PHE F 175 46.22 5.41 9.39
CA PHE F 175 47.01 6.60 9.13
C PHE F 175 46.17 7.66 8.42
N ALA F 176 46.54 8.92 8.63
CA ALA F 176 45.89 10.05 7.98
C ALA F 176 46.88 11.19 7.88
N TYR F 177 46.63 12.08 6.92
CA TYR F 177 47.56 13.15 6.58
C TYR F 177 46.79 14.45 6.46
N ASN F 178 47.13 15.44 7.28
CA ASN F 178 46.46 16.73 7.28
C ASN F 178 47.47 17.83 6.95
N LEU F 179 47.14 18.65 5.96
CA LEU F 179 48.04 19.70 5.50
C LEU F 179 47.82 20.99 6.28
N ASP F 180 48.94 21.67 6.59
CA ASP F 180 48.88 22.98 7.25
C ASP F 180 49.29 24.08 6.27
N PRO F 181 48.66 25.25 6.34
CA PRO F 181 48.93 26.30 5.34
C PRO F 181 50.17 27.13 5.61
N ASP F 182 50.82 26.98 6.76
CA ASP F 182 51.94 27.84 7.14
C ASP F 182 53.29 27.32 6.67
N SER F 183 53.33 26.21 5.94
CA SER F 183 54.57 25.62 5.47
C SER F 183 54.85 25.94 4.00
N PHE F 184 54.09 26.85 3.39
CA PHE F 184 54.25 27.14 1.98
C PHE F 184 55.65 27.68 1.69
N LYS F 185 56.20 27.25 0.56
CA LYS F 185 57.50 27.71 0.11
C LYS F 185 57.60 27.50 -1.40
N HIS F 186 58.22 28.45 -2.09
CA HIS F 186 58.33 28.41 -3.53
C HIS F 186 59.76 28.74 -3.94
N GLY F 187 60.11 28.34 -5.18
CA GLY F 187 61.43 28.57 -5.70
C GLY F 187 61.51 29.79 -6.60
N ASP F 188 61.91 29.59 -7.85
CA ASP F 188 62.02 30.68 -8.81
C ASP F 188 60.64 31.04 -9.34
N VAL F 189 60.59 32.08 -10.19
CA VAL F 189 59.33 32.56 -10.75
C VAL F 189 59.43 32.60 -12.26
N THR F 190 60.23 31.72 -12.84
CA THR F 190 60.39 31.66 -14.28
C THR F 190 59.05 31.38 -14.96
N TYR F 304 55.65 28.38 -10.82
CA TYR F 304 56.80 28.10 -9.97
C TYR F 304 56.59 26.81 -9.18
N PRO F 305 57.69 26.21 -8.70
CA PRO F 305 57.60 24.98 -7.91
C PRO F 305 57.29 25.30 -6.45
N TYR F 306 56.22 24.70 -5.93
CA TYR F 306 55.80 24.89 -4.56
C TYR F 306 56.24 23.72 -3.69
N GLU F 307 55.99 23.83 -2.39
CA GLU F 307 56.37 22.79 -1.45
C GLU F 307 55.56 22.95 -0.17
N PHE F 308 55.10 21.84 0.38
CA PHE F 308 54.30 21.83 1.60
C PHE F 308 54.75 20.68 2.50
N LYS F 309 54.28 20.70 3.74
CA LYS F 309 54.49 19.60 4.68
C LYS F 309 53.17 19.29 5.36
N ALA F 310 52.86 17.99 5.46
CA ALA F 310 51.61 17.52 6.05
C ALA F 310 51.89 16.69 7.29
N ASP F 311 51.09 16.92 8.33
CA ASP F 311 51.23 16.19 9.59
C ASP F 311 50.54 14.84 9.51
N VAL F 312 51.16 13.83 10.12
CA VAL F 312 50.68 12.46 10.08
C VAL F 312 50.05 12.10 11.42
N SER F 313 48.94 11.38 11.38
CA SER F 313 48.26 10.92 12.59
C SER F 313 47.88 9.45 12.41
N TYR F 314 47.74 8.74 13.52
CA TYR F 314 47.45 7.31 13.46
C TYR F 314 46.87 6.85 14.79
N ASP F 315 46.53 5.57 14.85
CA ASP F 315 46.02 4.91 16.04
C ASP F 315 46.99 3.84 16.50
N LEU F 316 47.21 3.79 17.81
CA LEU F 316 48.17 2.88 18.44
C LEU F 316 47.42 1.99 19.42
N THR F 317 47.55 0.68 19.24
CA THR F 317 46.85 -0.29 20.07
C THR F 317 47.86 -1.13 20.84
N LEU F 318 47.63 -1.27 22.14
CA LEU F 318 48.44 -2.09 23.02
C LEU F 318 47.63 -3.31 23.44
N SER F 319 48.20 -4.50 23.28
CA SER F 319 47.51 -5.74 23.59
C SER F 319 48.40 -6.64 24.44
N GLY F 320 47.85 -7.15 25.53
CA GLY F 320 48.61 -8.01 26.42
C GLY F 320 47.92 -8.14 27.76
N PHE F 321 48.56 -8.87 28.67
CA PHE F 321 48.01 -9.10 30.00
C PHE F 321 48.76 -8.26 31.02
N LEU F 322 48.02 -7.76 32.02
CA LEU F 322 48.57 -6.85 33.01
C LEU F 322 49.29 -7.59 34.11
N ARG F 323 50.38 -7.00 34.61
CA ARG F 323 51.21 -7.65 35.61
C ARG F 323 50.46 -7.81 36.93
N TRP F 324 50.79 -8.87 37.65
CA TRP F 324 50.15 -9.14 38.93
C TRP F 324 50.68 -8.21 40.02
N GLY F 325 51.98 -7.93 40.01
CA GLY F 325 52.55 -7.10 41.06
C GLY F 325 51.96 -5.70 41.08
N GLY F 326 51.83 -5.08 39.91
CA GLY F 326 51.28 -3.74 39.83
C GLY F 326 51.06 -3.25 38.42
N ASN F 327 49.91 -2.65 38.17
CA ASN F 327 49.57 -2.06 36.88
C ASN F 327 48.90 -0.71 37.11
N ALA F 328 48.70 0.03 36.02
CA ALA F 328 48.22 1.40 36.10
C ALA F 328 46.72 1.54 35.86
N TRP F 329 46.00 0.44 35.66
CA TRP F 329 44.55 0.54 35.48
C TRP F 329 43.92 0.98 36.79
N TYR F 330 42.87 1.81 36.69
CA TYR F 330 42.36 2.49 37.87
C TYR F 330 41.76 1.52 38.89
N THR F 331 41.23 0.38 38.44
CA THR F 331 40.75 -0.62 39.38
C THR F 331 41.86 -1.54 39.90
N HIS F 332 43.04 -1.51 39.28
CA HIS F 332 44.17 -2.31 39.71
C HIS F 332 43.81 -3.80 39.79
N PRO F 333 43.48 -4.43 38.67
CA PRO F 333 43.17 -5.86 38.71
C PRO F 333 44.37 -6.68 39.14
N ASP F 334 44.11 -7.82 39.77
CA ASP F 334 45.15 -8.64 40.37
C ASP F 334 45.10 -10.09 39.90
N ASN F 335 44.43 -10.38 38.79
CA ASN F 335 44.28 -11.74 38.30
C ASN F 335 44.87 -11.93 36.91
N ARG F 336 45.82 -11.09 36.52
CA ARG F 336 46.49 -11.20 35.23
C ARG F 336 45.50 -11.34 34.07
N PRO F 337 44.60 -10.39 33.87
CA PRO F 337 43.67 -10.48 32.75
C PRO F 337 44.26 -9.96 31.45
N ASN F 338 43.66 -10.39 30.35
CA ASN F 338 44.01 -9.84 29.05
C ASN F 338 43.40 -8.46 28.88
N TRP F 339 44.02 -7.65 28.02
CA TRP F 339 43.65 -6.25 27.91
C TRP F 339 44.06 -5.73 26.53
N ASN F 340 43.18 -4.90 25.95
CA ASN F 340 43.45 -4.19 24.72
C ASN F 340 43.04 -2.74 24.92
N HIS F 341 43.90 -1.81 24.49
CA HIS F 341 43.55 -0.39 24.59
C HIS F 341 44.09 0.35 23.37
N THR F 342 43.43 1.46 23.05
CA THR F 342 43.77 2.24 21.86
C THR F 342 43.95 3.71 22.21
N PHE F 343 44.96 4.33 21.61
CA PHE F 343 45.20 5.76 21.69
C PHE F 343 45.22 6.36 20.30
N VAL F 344 44.83 7.62 20.20
CA VAL F 344 44.86 8.38 18.95
C VAL F 344 46.01 9.36 19.06
N ILE F 345 47.05 9.17 18.24
CA ILE F 345 48.22 10.03 18.27
C ILE F 345 47.96 11.15 17.26
N GLY F 346 47.31 12.21 17.73
CA GLY F 346 46.92 13.31 16.88
C GLY F 346 45.93 14.22 17.57
N PRO F 347 45.07 14.88 16.79
CA PRO F 347 44.10 15.81 17.39
C PRO F 347 43.11 15.08 18.29
N TYR F 348 42.62 15.80 19.30
CA TYR F 348 41.69 15.23 20.27
C TYR F 348 40.43 14.73 19.57
N LYS F 349 39.98 13.54 19.97
CA LYS F 349 38.70 12.99 19.51
C LYS F 349 37.81 12.54 20.66
N ASP F 350 38.38 11.95 21.71
CA ASP F 350 37.61 11.42 22.82
C ASP F 350 38.44 11.49 24.09
N LYS F 351 37.76 11.37 25.23
CA LYS F 351 38.46 11.37 26.51
C LYS F 351 39.18 10.06 26.73
N ALA F 352 38.60 8.95 26.28
CA ALA F 352 39.19 7.64 26.54
C ALA F 352 40.49 7.42 25.77
N SER F 353 40.64 8.07 24.62
CA SER F 353 41.78 7.84 23.74
C SER F 353 42.74 9.02 23.69
N SER F 354 42.65 9.96 24.63
CA SER F 354 43.50 11.14 24.64
C SER F 354 44.44 11.07 25.85
N ILE F 355 45.74 11.00 25.57
CA ILE F 355 46.72 11.00 26.65
C ILE F 355 46.80 12.37 27.33
N ARG F 356 46.86 13.45 26.53
CA ARG F 356 47.05 14.79 27.11
C ARG F 356 45.90 15.16 28.04
N TYR F 357 44.64 14.89 27.62
CA TYR F 357 43.45 15.16 28.44
C TYR F 357 43.52 14.46 29.79
N GLN F 358 43.75 13.13 29.80
CA GLN F 358 43.78 12.34 31.03
C GLN F 358 44.87 12.80 31.98
N TRP F 359 46.04 13.24 31.43
CA TRP F 359 47.18 13.70 32.23
C TRP F 359 46.90 15.06 32.88
N ASP F 360 46.08 15.92 32.21
CA ASP F 360 45.78 17.26 32.71
C ASP F 360 44.66 17.28 33.74
N LYS F 361 43.85 16.20 33.86
CA LYS F 361 42.75 16.10 34.80
C LYS F 361 43.08 15.11 35.91
N ARG F 362 44.38 15.00 36.28
CA ARG F 362 44.84 14.05 37.30
C ARG F 362 44.64 14.62 38.70
N TYR F 363 44.13 15.87 38.80
CA TYR F 363 43.83 16.56 40.06
C TYR F 363 42.35 16.43 40.43
N ILE F 364 41.48 15.92 39.50
CA ILE F 364 40.08 15.65 39.76
C ILE F 364 39.90 14.14 39.96
N PRO F 365 39.68 13.62 41.20
CA PRO F 365 39.56 12.15 41.38
C PRO F 365 38.42 11.50 40.62
N GLY F 366 37.30 12.20 40.36
CA GLY F 366 36.12 11.63 39.70
C GLY F 366 36.25 11.54 38.19
N GLU F 367 37.27 12.17 37.59
CA GLU F 367 37.53 12.10 36.15
C GLU F 367 38.40 10.91 35.80
N VAL F 368 39.04 10.28 36.81
CA VAL F 368 39.98 9.15 36.59
C VAL F 368 39.16 7.89 36.37
N LYS F 369 39.04 7.43 35.12
CA LYS F 369 38.24 6.26 34.76
C LYS F 369 38.95 5.25 33.88
N TRP F 370 40.07 5.60 33.25
CA TRP F 370 40.79 4.64 32.41
C TRP F 370 42.17 4.31 32.94
N TRP F 371 43.05 5.29 33.12
CA TRP F 371 44.41 5.05 33.60
C TRP F 371 44.72 5.98 34.77
N ASP F 372 45.54 5.47 35.69
CA ASP F 372 45.92 6.22 36.89
C ASP F 372 47.35 6.72 36.71
N TRP F 373 47.48 7.95 36.23
CA TRP F 373 48.80 8.50 35.94
C TRP F 373 49.56 8.91 37.20
N ASN F 374 48.84 9.24 38.28
CA ASN F 374 49.52 9.52 39.55
C ASN F 374 50.30 8.30 40.02
N TRP F 375 49.76 7.10 39.77
CA TRP F 375 50.48 5.89 40.14
C TRP F 375 51.79 5.78 39.37
N THR F 376 51.77 6.08 38.06
CA THR F 376 53.00 6.02 37.28
C THR F 376 54.00 7.07 37.76
N ILE F 377 53.52 8.27 38.11
CA ILE F 377 54.41 9.31 38.61
C ILE F 377 55.07 8.86 39.90
N GLN F 378 54.29 8.25 40.80
CA GLN F 378 54.87 7.76 42.05
C GLN F 378 55.87 6.64 41.78
N GLN F 379 55.57 5.77 40.82
CA GLN F 379 56.41 4.60 40.60
C GLN F 379 57.74 4.98 39.94
N ASN F 380 57.72 5.89 38.97
CA ASN F 380 58.89 6.15 38.14
C ASN F 380 59.46 7.56 38.27
N GLY F 381 58.71 8.52 38.78
CA GLY F 381 59.18 9.88 38.86
C GLY F 381 58.56 10.77 37.80
N LEU F 382 58.46 12.05 38.12
CA LEU F 382 57.74 12.98 37.24
C LEU F 382 58.51 13.27 35.96
N SER F 383 59.81 13.54 36.07
CA SER F 383 60.58 13.96 34.90
C SER F 383 60.64 12.87 33.84
N THR F 384 60.92 11.63 34.26
CA THR F 384 61.03 10.53 33.30
C THR F 384 59.71 10.30 32.57
N MET F 385 58.60 10.34 33.29
CA MET F 385 57.31 10.08 32.67
C MET F 385 56.98 11.14 31.63
N GLN F 386 57.20 12.42 31.95
CA GLN F 386 56.88 13.46 30.99
C GLN F 386 57.86 13.47 29.82
N ASN F 387 59.12 13.12 30.04
CA ASN F 387 60.03 12.97 28.91
C ASN F 387 59.57 11.86 27.97
N ASN F 388 59.19 10.71 28.53
CA ASN F 388 58.72 9.62 27.68
C ASN F 388 57.46 10.01 26.92
N LEU F 389 56.51 10.65 27.59
CA LEU F 389 55.29 11.04 26.91
C LEU F 389 55.54 12.11 25.85
N ALA F 390 56.52 13.00 26.08
CA ALA F 390 56.89 13.96 25.06
C ALA F 390 57.47 13.25 23.83
N ARG F 391 58.30 12.24 24.06
CA ARG F 391 58.85 11.50 22.92
C ARG F 391 57.78 10.72 22.18
N VAL F 392 56.77 10.20 22.88
CA VAL F 392 55.73 9.43 22.22
C VAL F 392 54.87 10.32 21.33
N LEU F 393 54.61 11.56 21.76
CA LEU F 393 53.73 12.47 21.06
C LEU F 393 54.47 13.43 20.14
N ARG F 394 55.67 13.06 19.71
CA ARG F 394 56.48 13.93 18.85
C ARG F 394 55.80 14.08 17.49
N PRO F 395 55.63 15.30 16.98
CA PRO F 395 54.99 15.48 15.67
C PRO F 395 55.78 14.83 14.55
N VAL F 396 55.06 14.37 13.52
CA VAL F 396 55.65 13.71 12.37
C VAL F 396 55.10 14.39 11.10
N ARG F 397 56.00 14.77 10.19
CA ARG F 397 55.65 15.50 8.99
C ARG F 397 56.20 14.80 7.76
N ALA F 398 55.49 14.95 6.65
CA ALA F 398 55.87 14.39 5.36
C ALA F 398 55.79 15.47 4.29
N GLY F 399 56.78 15.48 3.40
CA GLY F 399 56.86 16.53 2.39
C GLY F 399 55.94 16.26 1.20
N ILE F 400 55.53 17.35 0.55
CA ILE F 400 54.72 17.30 -0.66
C ILE F 400 55.25 18.34 -1.64
N THR F 401 55.35 17.96 -2.91
CA THR F 401 55.85 18.86 -3.94
C THR F 401 54.95 18.83 -5.16
N ALA G 1 -6.07 52.77 42.46
CA ALA G 1 -5.46 51.73 43.34
C ALA G 1 -4.04 51.42 42.90
N GLU G 2 -3.17 51.14 43.87
CA GLU G 2 -1.78 50.79 43.62
C GLU G 2 -1.46 49.47 44.29
N PRO G 3 -0.48 48.72 43.76
CA PRO G 3 -0.14 47.42 44.37
C PRO G 3 0.34 47.60 45.81
N VAL G 4 -0.04 46.67 46.69
CA VAL G 4 0.35 46.71 48.11
C VAL G 4 1.19 45.48 48.42
N TYR G 5 2.38 45.67 49.04
CA TYR G 5 3.27 44.57 49.43
C TYR G 5 3.05 44.31 50.93
N PRO G 6 2.69 43.09 51.36
CA PRO G 6 2.35 42.85 52.78
C PRO G 6 3.42 43.29 53.76
N ASP G 7 4.71 43.30 53.38
CA ASP G 7 5.82 43.64 54.28
C ASP G 7 5.89 45.13 54.59
N GLN G 8 5.16 45.98 53.84
CA GLN G 8 5.17 47.44 54.02
C GLN G 8 4.05 47.92 54.94
N LEU G 9 3.01 47.09 55.17
CA LEU G 9 1.85 47.50 55.95
C LEU G 9 2.24 47.79 57.39
N ARG G 10 1.55 48.76 58.01
CA ARG G 10 1.83 49.14 59.38
C ARG G 10 0.52 49.45 60.09
N LEU G 11 0.29 48.84 61.25
CA LEU G 11 -0.95 49.03 61.99
C LEU G 11 -0.76 50.10 63.06
N PHE G 12 -1.40 51.25 62.88
CA PHE G 12 -1.31 52.35 63.83
C PHE G 12 -2.50 52.34 64.78
N SER G 13 -2.26 52.81 66.00
CA SER G 13 -3.29 52.93 67.04
C SER G 13 -3.39 54.36 67.54
N LEU G 14 -3.00 55.33 66.71
CA LEU G 14 -3.06 56.73 67.12
C LEU G 14 -4.50 57.15 67.42
N GLY G 15 -5.35 57.10 66.41
CA GLY G 15 -6.74 57.50 66.57
C GLY G 15 -7.56 57.07 65.38
N GLN G 16 -8.87 57.22 65.51
CA GLN G 16 -9.79 56.80 64.45
C GLN G 16 -9.49 57.55 63.15
N GLY G 17 -9.08 56.81 62.14
CA GLY G 17 -8.78 57.40 60.84
C GLY G 17 -7.58 58.32 60.84
N VAL G 18 -6.55 58.00 61.62
CA VAL G 18 -5.32 58.80 61.69
C VAL G 18 -4.14 57.86 61.48
N CYS G 19 -3.29 58.18 60.53
CA CYS G 19 -2.09 57.41 60.22
C CYS G 19 -0.86 58.15 60.72
N GLY G 20 0.31 57.55 60.47
CA GLY G 20 1.56 58.15 60.86
C GLY G 20 1.94 59.31 59.97
N ASP G 21 3.12 59.87 60.24
CA ASP G 21 3.59 61.04 59.50
C ASP G 21 3.52 60.81 57.99
N LYS G 22 4.35 59.91 57.48
CA LYS G 22 4.34 59.56 56.07
C LYS G 22 3.60 58.23 55.89
N TYR G 23 2.28 58.30 55.99
CA TYR G 23 1.45 57.09 55.89
C TYR G 23 0.06 57.45 55.43
N ARG G 24 -0.46 56.67 54.49
CA ARG G 24 -1.78 56.79 53.90
C ARG G 24 -2.69 55.65 54.36
N PRO G 25 -3.96 55.91 54.72
CA PRO G 25 -4.86 54.79 55.13
C PRO G 25 -5.10 53.81 54.01
N VAL G 26 -5.03 52.50 54.30
CA VAL G 26 -5.25 51.44 53.30
C VAL G 26 -6.73 51.47 52.91
N ASN G 27 -7.04 51.37 51.60
CA ASN G 27 -8.43 51.45 51.10
C ASN G 27 -9.09 50.07 51.26
N ARG G 28 -10.45 50.02 51.25
CA ARG G 28 -11.18 48.76 51.37
C ARG G 28 -10.92 47.87 50.17
N GLU G 29 -10.75 48.47 48.96
CA GLU G 29 -10.39 47.73 47.75
C GLU G 29 -8.98 47.17 47.87
N GLU G 30 -8.01 48.02 48.33
CA GLU G 30 -6.61 47.61 48.47
C GLU G 30 -6.45 46.52 49.50
N ALA G 31 -7.26 46.56 50.59
CA ALA G 31 -7.22 45.54 51.64
C ALA G 31 -7.74 44.21 51.11
N GLN G 32 -8.75 44.28 50.20
CA GLN G 32 -9.33 43.09 49.58
C GLN G 32 -8.31 42.37 48.71
N SER G 33 -7.38 43.13 48.08
CA SER G 33 -6.37 42.56 47.18
C SER G 33 -5.42 41.61 47.89
N VAL G 34 -5.11 41.85 49.18
CA VAL G 34 -4.19 41.05 49.97
C VAL G 34 -4.90 40.53 51.21
N LYS G 35 -6.18 40.22 51.06
CA LYS G 35 -7.03 39.87 52.20
C LYS G 35 -6.38 38.79 53.08
N SER G 36 -5.88 37.72 52.45
CA SER G 36 -5.38 36.59 53.23
C SER G 36 -4.20 36.98 54.11
N ASN G 37 -3.27 37.78 53.57
CA ASN G 37 -2.10 38.18 54.35
C ASN G 37 -2.49 39.00 55.57
N ILE G 38 -3.31 40.03 55.37
CA ILE G 38 -3.69 40.90 56.48
C ILE G 38 -4.49 40.11 57.51
N VAL G 39 -5.35 39.21 57.05
CA VAL G 39 -6.11 38.39 57.99
C VAL G 39 -5.18 37.48 58.78
N GLY G 40 -4.11 36.99 58.14
CA GLY G 40 -3.14 36.17 58.85
C GLY G 40 -2.28 36.95 59.82
N MET G 41 -2.17 38.27 59.64
CA MET G 41 -1.40 39.12 60.54
C MET G 41 -2.25 39.69 61.67
N MET G 42 -3.43 39.13 61.93
CA MET G 42 -4.34 39.66 62.94
C MET G 42 -4.66 38.60 63.99
N GLY G 43 -5.11 39.08 65.15
CA GLY G 43 -5.60 38.19 66.18
C GLY G 43 -6.98 37.65 65.86
N GLN G 44 -7.36 36.59 66.59
CA GLN G 44 -8.58 35.86 66.25
C GLN G 44 -9.82 36.75 66.29
N TRP G 45 -9.97 37.56 67.35
CA TRP G 45 -11.15 38.39 67.53
C TRP G 45 -10.82 39.88 67.41
N GLN G 46 -9.86 40.23 66.57
CA GLN G 46 -9.45 41.61 66.37
C GLN G 46 -10.26 42.23 65.22
N ILE G 47 -10.56 43.52 65.36
CA ILE G 47 -11.21 44.30 64.32
C ILE G 47 -10.43 45.61 64.16
N SER G 48 -10.12 45.96 62.91
CA SER G 48 -9.28 47.12 62.62
C SER G 48 -9.92 47.99 61.56
N GLY G 49 -9.53 49.27 61.53
CA GLY G 49 -10.18 50.22 60.67
C GLY G 49 -9.52 50.37 59.31
N LEU G 50 -10.32 50.82 58.34
CA LEU G 50 -9.88 51.10 56.99
C LEU G 50 -10.28 52.53 56.62
N ALA G 51 -10.08 52.89 55.36
CA ALA G 51 -10.43 54.22 54.88
C ALA G 51 -11.88 54.28 54.43
N ASN G 52 -12.49 55.45 54.62
CA ASN G 52 -13.86 55.72 54.18
C ASN G 52 -14.88 54.88 54.95
N GLY G 53 -14.67 54.74 56.25
CA GLY G 53 -15.61 54.04 57.10
C GLY G 53 -15.79 52.57 56.74
N TRP G 54 -14.71 51.80 56.85
CA TRP G 54 -14.76 50.36 56.66
C TRP G 54 -13.93 49.69 57.75
N VAL G 55 -14.08 48.38 57.88
CA VAL G 55 -13.44 47.63 58.95
C VAL G 55 -13.10 46.24 58.45
N ILE G 56 -11.97 45.72 58.90
CA ILE G 56 -11.51 44.37 58.60
C ILE G 56 -11.53 43.56 59.90
N MET G 57 -11.95 42.31 59.81
CA MET G 57 -12.13 41.46 60.98
C MET G 57 -11.17 40.28 60.90
N GLY G 58 -10.88 39.69 62.07
CA GLY G 58 -9.87 38.67 62.18
C GLY G 58 -10.37 37.31 61.76
N PRO G 59 -9.49 36.31 61.91
CA PRO G 59 -9.84 34.95 61.49
C PRO G 59 -11.09 34.40 62.16
N GLY G 60 -11.38 34.82 63.39
CA GLY G 60 -12.58 34.34 64.06
C GLY G 60 -13.85 34.69 63.30
N TYR G 61 -13.83 35.83 62.60
CA TYR G 61 -14.97 36.27 61.80
C TYR G 61 -14.83 35.88 60.33
N ASN G 62 -13.85 35.04 60.00
CA ASN G 62 -13.61 34.60 58.63
C ASN G 62 -13.17 35.75 57.73
N GLY G 63 -12.55 36.77 58.31
CA GLY G 63 -11.99 37.86 57.54
C GLY G 63 -13.00 38.67 56.75
N GLU G 64 -14.09 39.05 57.39
CA GLU G 64 -15.15 39.80 56.72
C GLU G 64 -14.81 41.29 56.72
N ILE G 65 -15.10 41.96 55.61
CA ILE G 65 -14.96 43.41 55.49
C ILE G 65 -16.35 44.02 55.47
N LYS G 66 -16.65 44.85 56.45
CA LYS G 66 -17.98 45.43 56.62
C LYS G 66 -17.85 46.90 57.00
N PRO G 67 -18.88 47.71 56.73
CA PRO G 67 -18.87 49.10 57.19
C PRO G 67 -18.79 49.19 58.71
N GLY G 68 -18.06 50.18 59.20
CA GLY G 68 -17.93 50.37 60.63
C GLY G 68 -16.84 51.38 60.93
N THR G 69 -16.49 51.45 62.21
CA THR G 69 -15.42 52.35 62.66
C THR G 69 -14.67 51.68 63.80
N ALA G 70 -13.38 52.00 63.92
CA ALA G 70 -12.53 51.41 64.94
C ALA G 70 -11.40 52.38 65.27
N SER G 71 -10.74 52.13 66.40
CA SER G 71 -9.66 53.00 66.85
C SER G 71 -8.36 52.76 66.07
N ASN G 72 -8.08 51.51 65.71
CA ASN G 72 -6.86 51.19 64.96
C ASN G 72 -7.03 51.56 63.49
N THR G 73 -5.96 51.41 62.72
CA THR G 73 -6.02 51.65 61.29
C THR G 73 -4.78 51.07 60.61
N TRP G 74 -5.00 50.27 59.57
CA TRP G 74 -3.91 49.82 58.71
C TRP G 74 -3.51 50.94 57.76
N CYS G 75 -2.22 51.27 57.74
CA CYS G 75 -1.68 52.34 56.90
C CYS G 75 -0.51 51.81 56.10
N TYR G 76 -0.34 52.39 54.91
CA TYR G 76 0.70 52.07 53.93
C TYR G 76 1.63 53.28 53.75
N PRO G 77 2.94 53.09 53.61
CA PRO G 77 3.82 54.26 53.51
C PRO G 77 3.44 55.15 52.34
N THR G 78 3.52 56.47 52.57
CA THR G 78 3.14 57.43 51.54
C THR G 78 4.10 57.38 50.34
N ASN G 79 5.37 57.05 50.59
CA ASN G 79 6.37 56.91 49.53
C ASN G 79 7.02 55.54 49.70
N PRO G 80 6.39 54.49 49.18
CA PRO G 80 6.94 53.14 49.38
C PRO G 80 8.29 52.98 48.73
N VAL G 81 9.12 52.14 49.34
CA VAL G 81 10.46 51.86 48.84
C VAL G 81 10.40 50.59 48.00
N THR G 82 11.22 50.54 46.95
CA THR G 82 11.27 49.36 46.09
C THR G 82 12.07 48.25 46.78
N GLY G 83 11.45 47.08 46.90
CA GLY G 83 12.08 45.92 47.51
C GLY G 83 12.78 45.00 46.54
N GLU G 84 13.11 45.48 45.35
CA GLU G 84 13.69 44.61 44.32
C GLU G 84 15.08 44.14 44.74
N ILE G 85 15.47 42.99 44.21
CA ILE G 85 16.76 42.37 44.53
C ILE G 85 17.87 43.16 43.86
N PRO G 86 18.87 43.63 44.59
CA PRO G 86 19.94 44.42 43.96
C PRO G 86 20.83 43.56 43.09
N THR G 87 21.68 44.25 42.31
CA THR G 87 22.63 43.61 41.41
C THR G 87 24.05 43.92 41.87
N LEU G 88 24.89 42.90 41.91
CA LEU G 88 26.27 43.02 42.37
C LEU G 88 27.23 43.01 41.19
N SER G 89 28.48 43.36 41.48
CA SER G 89 29.52 43.36 40.46
C SER G 89 29.83 41.93 40.03
N ALA G 90 30.26 41.79 38.78
CA ALA G 90 30.48 40.46 38.21
C ALA G 90 31.69 39.79 38.86
N LEU G 91 31.69 38.46 38.80
CA LEU G 91 32.80 37.63 39.27
C LEU G 91 33.46 36.98 38.07
N ASP G 92 34.75 37.22 37.91
CA ASP G 92 35.50 36.77 36.74
C ASP G 92 36.36 35.57 37.11
N ILE G 93 36.25 34.49 36.35
CA ILE G 93 37.03 33.28 36.59
C ILE G 93 38.31 33.36 35.76
N PRO G 94 39.46 32.99 36.31
CA PRO G 94 40.69 32.99 35.49
C PRO G 94 40.58 32.03 34.32
N ASP G 95 41.27 32.38 33.24
CA ASP G 95 41.13 31.64 31.99
C ASP G 95 41.49 30.17 32.16
N GLY G 96 40.78 29.32 31.45
CA GLY G 96 41.03 27.88 31.52
C GLY G 96 40.00 27.13 30.69
N ASP G 97 40.07 25.78 30.75
CA ASP G 97 39.16 24.91 29.94
C ASP G 97 37.79 24.86 30.62
N GLU G 98 36.74 24.33 29.93
CA GLU G 98 35.39 24.22 30.48
C GLU G 98 35.33 23.60 31.87
N VAL G 99 35.99 22.43 32.10
CA VAL G 99 35.91 21.69 33.37
C VAL G 99 36.70 22.38 34.47
N ASP G 100 37.77 23.12 34.13
CA ASP G 100 38.54 23.94 35.08
C ASP G 100 37.70 25.10 35.60
N VAL G 101 36.95 25.75 34.72
CA VAL G 101 36.09 26.86 35.14
C VAL G 101 35.03 26.36 36.12
N GLN G 102 34.41 25.22 35.80
CA GLN G 102 33.40 24.68 36.72
C GLN G 102 34.01 24.31 38.06
N TRP G 103 35.21 23.71 38.04
CA TRP G 103 35.87 23.32 39.28
C TRP G 103 36.17 24.54 40.15
N ARG G 104 36.70 25.61 39.55
CA ARG G 104 36.96 26.82 40.31
C ARG G 104 35.67 27.46 40.82
N LEU G 105 34.58 27.34 40.06
CA LEU G 105 33.32 27.91 40.51
C LEU G 105 32.79 27.19 41.74
N VAL G 106 32.70 25.85 41.68
CA VAL G 106 31.99 25.11 42.73
C VAL G 106 32.80 24.91 44.00
N HIS G 107 34.08 25.27 44.01
CA HIS G 107 34.91 25.13 45.20
C HIS G 107 35.11 26.45 45.94
N ASP G 108 34.40 27.50 45.55
CA ASP G 108 34.49 28.80 46.22
C ASP G 108 33.51 28.84 47.38
N SER G 109 34.02 29.20 48.56
CA SER G 109 33.20 29.17 49.77
C SER G 109 32.45 30.48 49.99
N ALA G 110 33.09 31.63 49.77
CA ALA G 110 32.43 32.91 50.03
C ALA G 110 31.40 33.23 48.94
N ASN G 111 31.73 32.97 47.68
CA ASN G 111 30.85 33.30 46.56
C ASN G 111 29.99 32.13 46.13
N PHE G 112 30.11 30.97 46.78
CA PHE G 112 29.33 29.79 46.45
C PHE G 112 29.33 28.90 47.68
N ILE G 113 28.46 27.89 47.67
CA ILE G 113 28.34 26.94 48.77
C ILE G 113 27.59 27.58 49.92
N LYS G 114 28.16 28.64 50.52
CA LYS G 114 27.56 29.33 51.67
C LYS G 114 26.35 30.17 51.22
N PRO G 115 26.39 30.96 50.13
CA PRO G 115 25.18 31.65 49.66
C PRO G 115 24.11 30.66 49.25
N THR G 116 24.50 29.49 48.69
CA THR G 116 23.57 28.46 48.23
C THR G 116 23.03 27.63 49.39
N SER G 117 23.82 27.43 50.46
CA SER G 117 23.42 26.64 51.63
C SER G 117 22.45 27.44 52.50
N TYR G 118 22.60 28.78 52.54
CA TYR G 118 21.68 29.64 53.27
C TYR G 118 20.33 29.76 52.59
N LEU G 119 20.32 29.80 51.25
CA LEU G 119 19.04 29.79 50.54
C LEU G 119 18.25 28.53 50.87
N ALA G 120 18.92 27.37 50.81
CA ALA G 120 18.23 26.12 51.11
C ALA G 120 17.72 26.11 52.55
N HIS G 121 18.52 26.62 53.48
CA HIS G 121 18.09 26.68 54.88
C HIS G 121 16.88 27.59 55.05
N TYR G 122 16.88 28.75 54.39
CA TYR G 122 15.75 29.68 54.52
C TYR G 122 14.49 29.07 53.93
N LEU G 123 14.61 28.35 52.81
CA LEU G 123 13.42 27.75 52.21
C LEU G 123 12.82 26.64 53.06
N GLY G 124 13.53 26.15 54.06
CA GLY G 124 13.00 25.17 54.99
C GLY G 124 13.52 23.76 54.85
N TYR G 125 14.66 23.55 54.20
CA TYR G 125 15.26 22.23 54.14
C TYR G 125 15.98 21.91 55.45
N ALA G 126 16.22 20.62 55.67
CA ALA G 126 16.70 20.13 56.95
C ALA G 126 18.16 19.70 56.86
N TRP G 127 18.93 19.99 57.91
CA TRP G 127 20.30 19.51 58.07
C TRP G 127 21.18 19.93 56.89
N VAL G 128 21.40 21.24 56.80
CA VAL G 128 22.28 21.81 55.78
C VAL G 128 23.61 22.09 56.47
N GLY G 129 24.50 21.11 56.47
CA GLY G 129 25.79 21.22 57.12
C GLY G 129 26.30 19.88 57.56
N GLY G 130 27.60 19.84 57.88
CA GLY G 130 28.26 18.61 58.28
C GLY G 130 28.24 18.38 59.77
N ASN G 131 28.74 17.22 60.16
CA ASN G 131 28.73 16.80 61.56
C ASN G 131 29.78 17.49 62.41
N HIS G 132 30.77 18.14 61.81
CA HIS G 132 31.88 18.72 62.55
C HIS G 132 31.71 20.22 62.80
N SER G 133 30.51 20.76 62.59
CA SER G 133 30.24 22.16 62.86
C SER G 133 28.76 22.33 63.16
N GLN G 134 28.43 23.48 63.76
CA GLN G 134 27.05 23.81 64.12
C GLN G 134 26.42 24.82 63.19
N TYR G 135 27.18 25.44 62.30
CA TYR G 135 26.68 26.47 61.41
C TYR G 135 26.35 25.90 60.04
N VAL G 136 25.39 26.54 59.37
CA VAL G 136 24.90 26.03 58.09
C VAL G 136 25.96 26.23 57.02
N GLY G 137 26.20 25.19 56.22
CA GLY G 137 27.14 25.26 55.12
C GLY G 137 28.58 25.46 55.56
N GLU G 138 29.04 24.74 56.59
CA GLU G 138 30.39 24.93 57.14
C GLU G 138 31.30 23.74 56.83
N ASP G 139 30.86 22.50 57.12
CA ASP G 139 31.66 21.30 56.89
C ASP G 139 31.04 20.53 55.74
N MET G 140 31.19 21.04 54.48
CA MET G 140 30.54 20.46 53.30
C MET G 140 31.56 19.76 52.39
N ASP G 141 31.12 18.75 51.61
CA ASP G 141 31.97 17.99 50.70
C ASP G 141 31.44 18.15 49.28
N VAL G 142 32.36 18.19 48.32
CA VAL G 142 32.06 18.42 46.91
C VAL G 142 32.57 17.22 46.12
N THR G 143 31.72 16.69 45.25
CA THR G 143 32.07 15.53 44.43
C THR G 143 31.63 15.73 42.99
N ARG G 144 32.38 15.14 42.08
CA ARG G 144 32.06 15.15 40.65
C ARG G 144 31.20 13.93 40.34
N ASP G 145 29.95 14.16 39.93
CA ASP G 145 29.00 13.09 39.64
C ASP G 145 28.60 13.18 38.18
N GLY G 146 29.11 12.28 37.37
CA GLY G 146 28.76 12.29 35.96
C GLY G 146 29.19 13.59 35.31
N ASP G 147 28.21 14.32 34.76
CA ASP G 147 28.46 15.59 34.09
C ASP G 147 28.15 16.79 34.99
N GLY G 148 27.91 16.55 36.28
CA GLY G 148 27.60 17.63 37.20
C GLY G 148 28.36 17.53 38.51
N TRP G 149 28.00 18.39 39.46
CA TRP G 149 28.65 18.43 40.77
C TRP G 149 27.62 18.30 41.87
N VAL G 150 28.03 17.73 43.00
CA VAL G 150 27.18 17.51 44.15
C VAL G 150 27.86 18.05 45.39
N ILE G 151 27.15 18.87 46.17
CA ILE G 151 27.64 19.41 47.43
C ILE G 151 26.70 18.94 48.53
N ARG G 152 27.27 18.40 49.61
CA ARG G 152 26.44 17.97 50.73
C ARG G 152 27.28 17.84 51.98
N GLY G 153 26.61 17.87 53.14
CA GLY G 153 27.32 17.85 54.40
C GLY G 153 28.02 16.52 54.64
N ASN G 154 29.18 16.60 55.29
CA ASN G 154 29.91 15.40 55.67
C ASN G 154 29.16 14.63 56.75
N ASN G 155 29.19 13.29 56.66
CA ASN G 155 28.38 12.43 57.51
C ASN G 155 29.22 11.43 58.29
N ASP G 156 30.51 11.73 58.51
CA ASP G 156 31.35 10.85 59.31
C ASP G 156 31.18 11.15 60.81
N GLY G 157 31.32 10.10 61.62
CA GLY G 157 31.12 10.24 63.09
C GLY G 157 29.66 10.14 63.43
N GLY G 158 29.25 10.58 64.64
CA GLY G 158 27.86 10.52 65.08
C GLY G 158 27.22 11.90 65.04
N CYS G 159 25.89 11.98 65.36
CA CYS G 159 25.15 13.26 65.38
C CYS G 159 23.93 13.10 66.28
N ASP G 160 23.45 14.21 66.90
CA ASP G 160 22.25 14.20 67.75
C ASP G 160 21.15 14.99 67.04
N GLY G 161 19.92 14.43 66.97
CA GLY G 161 18.78 15.08 66.30
C GLY G 161 17.95 14.00 65.60
N TYR G 162 16.62 14.26 65.50
CA TYR G 162 15.74 13.32 64.80
C TYR G 162 16.07 13.30 63.31
N ARG G 163 16.29 12.10 62.78
CA ARG G 163 16.62 11.89 61.37
C ARG G 163 17.87 12.66 60.95
N CYS G 164 18.80 12.88 61.88
CA CYS G 164 20.11 13.42 61.51
C CYS G 164 20.89 12.33 60.79
N GLY G 165 21.26 12.59 59.55
CA GLY G 165 21.84 11.57 58.70
C GLY G 165 21.27 11.69 57.31
N ASP G 166 20.04 12.19 57.21
CA ASP G 166 19.45 12.57 55.94
C ASP G 166 19.77 14.04 55.71
N LYS G 167 20.83 14.29 54.95
CA LYS G 167 21.35 15.63 54.73
C LYS G 167 20.99 16.09 53.33
N THR G 168 20.46 17.32 53.22
CA THR G 168 20.04 17.85 51.93
C THR G 168 21.24 18.03 51.01
N ALA G 169 20.99 17.91 49.71
CA ALA G 169 22.04 17.96 48.70
C ALA G 169 21.76 19.09 47.71
N ILE G 170 22.84 19.71 47.24
CA ILE G 170 22.80 20.75 46.22
C ILE G 170 23.50 20.19 44.98
N LYS G 171 22.82 20.18 43.85
CA LYS G 171 23.35 19.59 42.63
C LYS G 171 23.43 20.67 41.54
N VAL G 172 24.62 20.88 41.01
CA VAL G 172 24.84 21.86 39.96
C VAL G 172 25.03 21.13 38.62
N SER G 173 24.34 21.59 37.59
CA SER G 173 24.37 20.87 36.32
C SER G 173 24.05 21.82 35.16
N ASN G 174 24.15 21.29 33.95
CA ASN G 174 23.68 21.93 32.73
C ASN G 174 24.28 23.33 32.55
N PHE G 175 25.60 23.38 32.44
CA PHE G 175 26.28 24.65 32.22
C PHE G 175 26.15 25.11 30.78
N ALA G 176 26.20 26.43 30.59
CA ALA G 176 26.14 27.03 29.27
C ALA G 176 26.85 28.37 29.30
N TYR G 177 27.32 28.81 28.14
CA TYR G 177 28.16 30.00 28.03
C TYR G 177 27.65 30.86 26.90
N ASN G 178 27.26 32.09 27.21
CA ASN G 178 26.72 33.02 26.22
C ASN G 178 27.60 34.26 26.15
N LEU G 179 28.04 34.61 24.93
CA LEU G 179 28.95 35.72 24.73
C LEU G 179 28.18 37.02 24.54
N ASP G 180 28.70 38.11 25.13
CA ASP G 180 28.14 39.44 24.95
C ASP G 180 29.07 40.30 24.08
N PRO G 181 28.51 41.15 23.22
CA PRO G 181 29.36 41.91 22.28
C PRO G 181 30.01 43.15 22.86
N ASP G 182 29.66 43.56 24.08
CA ASP G 182 30.13 44.82 24.63
C ASP G 182 31.44 44.69 25.40
N SER G 183 32.04 43.50 25.43
CA SER G 183 33.28 43.27 26.16
C SER G 183 34.50 43.24 25.25
N PHE G 184 34.35 43.63 23.98
CA PHE G 184 35.45 43.54 23.04
C PHE G 184 36.62 44.43 23.48
N LYS G 185 37.83 43.91 23.29
CA LYS G 185 39.04 44.65 23.60
C LYS G 185 40.19 44.07 22.78
N HIS G 186 41.06 44.94 22.29
CA HIS G 186 42.17 44.54 21.44
C HIS G 186 43.45 45.21 21.93
N GLY G 187 44.59 44.63 21.52
CA GLY G 187 45.88 45.14 21.90
C GLY G 187 46.51 46.02 20.84
N ASP G 188 47.69 45.62 20.36
CA ASP G 188 48.39 46.37 19.32
C ASP G 188 47.77 46.07 17.95
N VAL G 189 48.30 46.74 16.93
CA VAL G 189 47.78 46.58 15.57
C VAL G 189 48.92 46.23 14.63
N THR G 190 49.94 45.56 15.15
CA THR G 190 51.08 45.15 14.33
C THR G 190 50.63 44.25 13.19
N TYR G 304 45.45 41.55 15.08
CA TYR G 304 45.66 41.93 16.47
C TYR G 304 45.03 40.92 17.42
N PRO G 305 45.49 40.90 18.67
CA PRO G 305 44.92 39.99 19.67
C PRO G 305 43.65 40.58 20.28
N TYR G 306 42.56 39.82 20.22
CA TYR G 306 41.28 40.23 20.76
C TYR G 306 41.04 39.57 22.12
N GLU G 307 39.93 39.95 22.75
CA GLU G 307 39.58 39.42 24.06
C GLU G 307 38.10 39.64 24.31
N PHE G 308 37.44 38.63 24.87
CA PHE G 308 36.02 38.69 25.17
C PHE G 308 35.75 38.08 26.53
N LYS G 309 34.53 38.27 27.04
CA LYS G 309 34.07 37.63 28.26
C LYS G 309 32.68 37.08 28.02
N ALA G 310 32.44 35.85 28.46
CA ALA G 310 31.17 35.16 28.27
C ALA G 310 30.54 34.86 29.62
N ASP G 311 29.22 35.08 29.70
CA ASP G 311 28.46 34.82 30.92
C ASP G 311 28.10 33.35 31.04
N VAL G 312 28.16 32.83 32.25
CA VAL G 312 27.91 31.43 32.53
C VAL G 312 26.53 31.27 33.17
N SER G 313 25.81 30.23 32.77
CA SER G 313 24.51 29.91 33.34
C SER G 313 24.44 28.42 33.63
N TYR G 314 23.59 28.04 34.57
CA TYR G 314 23.49 26.65 34.99
C TYR G 314 22.16 26.41 35.69
N ASP G 315 21.94 25.16 36.09
CA ASP G 315 20.77 24.73 36.82
C ASP G 315 21.18 24.23 38.20
N LEU G 316 20.41 24.63 39.21
CA LEU G 316 20.67 24.33 40.61
C LEU G 316 19.51 23.54 41.16
N THR G 317 19.78 22.36 41.71
CA THR G 317 18.75 21.48 42.24
C THR G 317 18.94 21.30 43.74
N LEU G 318 17.87 21.46 44.50
CA LEU G 318 17.87 21.24 45.94
C LEU G 318 17.05 19.99 46.24
N SER G 319 17.63 19.08 47.02
CA SER G 319 16.98 17.81 47.34
C SER G 319 17.05 17.55 48.83
N GLY G 320 15.91 17.22 49.43
CA GLY G 320 15.86 16.95 50.85
C GLY G 320 14.43 16.98 51.34
N PHE G 321 14.27 16.79 52.66
CA PHE G 321 12.95 16.77 53.27
C PHE G 321 12.72 18.07 54.04
N LEU G 322 11.47 18.55 54.00
CA LEU G 322 11.10 19.83 54.58
C LEU G 322 10.87 19.72 56.08
N ARG G 323 11.25 20.76 56.81
CA ARG G 323 11.15 20.75 58.26
C ARG G 323 9.70 20.72 58.72
N TRP G 324 9.47 20.07 59.86
CA TRP G 324 8.13 19.98 60.41
C TRP G 324 7.69 21.29 61.03
N GLY G 325 8.59 21.99 61.71
CA GLY G 325 8.22 23.22 62.38
C GLY G 325 7.71 24.28 61.41
N GLY G 326 8.42 24.46 60.30
CA GLY G 326 8.03 25.46 59.32
C GLY G 326 8.85 25.42 58.05
N ASN G 327 8.18 25.49 56.89
CA ASN G 327 8.83 25.54 55.60
C ASN G 327 8.13 26.59 54.74
N ALA G 328 8.73 26.87 53.58
CA ALA G 328 8.28 27.96 52.72
C ALA G 328 7.37 27.50 51.59
N TRP G 329 7.07 26.21 51.48
CA TRP G 329 6.16 25.76 50.43
C TRP G 329 4.77 26.30 50.69
N TYR G 330 4.07 26.65 49.61
CA TYR G 330 2.83 27.42 49.75
C TYR G 330 1.74 26.63 50.47
N THR G 331 1.74 25.30 50.35
CA THR G 331 0.78 24.50 51.09
C THR G 331 1.24 24.21 52.52
N HIS G 332 2.50 24.46 52.84
CA HIS G 332 3.04 24.24 54.18
C HIS G 332 2.79 22.82 54.66
N PRO G 333 3.38 21.82 54.01
CA PRO G 333 3.21 20.44 54.47
C PRO G 333 3.80 20.24 55.87
N ASP G 334 3.22 19.31 56.61
CA ASP G 334 3.58 19.11 58.01
C ASP G 334 3.94 17.66 58.32
N ASN G 335 4.26 16.86 57.31
CA ASN G 335 4.57 15.44 57.50
C ASN G 335 5.98 15.09 57.06
N ARG G 336 6.90 16.06 57.01
CA ARG G 336 8.28 15.83 56.64
C ARG G 336 8.42 15.04 55.35
N PRO G 337 7.88 15.53 54.24
CA PRO G 337 8.01 14.82 52.97
C PRO G 337 9.33 15.12 52.27
N ASN G 338 9.71 14.22 51.37
CA ASN G 338 10.85 14.46 50.50
C ASN G 338 10.47 15.45 49.41
N TRP G 339 11.47 16.15 48.88
CA TRP G 339 11.23 17.24 47.96
C TRP G 339 12.46 17.46 47.09
N ASN G 340 12.22 17.74 45.81
CA ASN G 340 13.25 18.12 44.86
C ASN G 340 12.75 19.34 44.10
N HIS G 341 13.61 20.35 43.94
CA HIS G 341 13.23 21.53 43.17
C HIS G 341 14.43 22.03 42.38
N THR G 342 14.15 22.71 41.27
CA THR G 342 15.19 23.20 40.37
C THR G 342 14.99 24.67 40.07
N PHE G 343 16.11 25.41 40.03
CA PHE G 343 16.14 26.79 39.61
C PHE G 343 17.12 26.94 38.44
N VAL G 344 16.85 27.92 37.58
CA VAL G 344 17.71 28.26 36.46
C VAL G 344 18.41 29.55 36.81
N ILE G 345 19.73 29.51 37.01
CA ILE G 345 20.49 30.70 37.38
C ILE G 345 20.96 31.33 36.08
N GLY G 346 20.12 32.19 35.51
CA GLY G 346 20.40 32.80 34.23
C GLY G 346 19.17 33.48 33.66
N PRO G 347 19.08 33.55 32.32
CA PRO G 347 17.93 34.22 31.70
C PRO G 347 16.63 33.47 31.98
N TYR G 348 15.54 34.23 32.02
CA TYR G 348 14.24 33.67 32.32
C TYR G 348 13.85 32.60 31.31
N LYS G 349 13.31 31.49 31.81
CA LYS G 349 12.77 30.43 30.96
C LYS G 349 11.35 30.03 31.36
N ASP G 350 11.04 29.99 32.65
CA ASP G 350 9.73 29.57 33.12
C ASP G 350 9.42 30.27 34.43
N LYS G 351 8.13 30.26 34.79
CA LYS G 351 7.72 30.85 36.05
C LYS G 351 8.13 29.99 37.24
N ALA G 352 8.10 28.66 37.06
CA ALA G 352 8.39 27.77 38.18
C ALA G 352 9.86 27.80 38.58
N SER G 353 10.75 28.11 37.64
CA SER G 353 12.19 28.05 37.89
C SER G 353 12.84 29.43 37.92
N SER G 354 12.07 30.50 38.07
CA SER G 354 12.59 31.86 38.07
C SER G 354 12.41 32.46 39.47
N ILE G 355 13.52 32.76 40.13
CA ILE G 355 13.45 33.40 41.44
C ILE G 355 12.96 34.84 41.32
N ARG G 356 13.51 35.61 40.37
CA ARG G 356 13.17 37.04 40.28
C ARG G 356 11.69 37.23 40.01
N TYR G 357 11.10 36.45 39.06
CA TYR G 357 9.67 36.50 38.73
C TYR G 357 8.80 36.29 39.96
N GLN G 358 9.02 35.17 40.69
CA GLN G 358 8.20 34.82 41.85
C GLN G 358 8.27 35.87 42.95
N TRP G 359 9.46 36.52 43.13
CA TRP G 359 9.68 37.55 44.15
C TRP G 359 8.96 38.84 43.79
N ASP G 360 8.82 39.14 42.48
CA ASP G 360 8.19 40.38 42.02
C ASP G 360 6.66 40.31 41.99
N LYS G 361 6.07 39.09 42.04
CA LYS G 361 4.62 38.89 42.00
C LYS G 361 4.12 38.42 43.36
N ARG G 362 4.77 38.88 44.45
CA ARG G 362 4.43 38.46 45.82
C ARG G 362 3.27 39.30 46.35
N TYR G 363 2.77 40.28 45.55
CA TYR G 363 1.63 41.15 45.87
C TYR G 363 0.34 40.62 45.25
N ILE G 364 0.41 39.61 44.34
CA ILE G 364 -0.75 38.96 43.74
C ILE G 364 -0.95 37.59 44.43
N PRO G 365 -1.95 37.40 45.32
CA PRO G 365 -2.09 36.10 46.02
C PRO G 365 -2.32 34.91 45.10
N GLY G 366 -2.96 35.08 43.94
CA GLY G 366 -3.30 33.98 43.03
C GLY G 366 -2.14 33.52 42.16
N GLU G 367 -1.02 34.27 42.14
CA GLU G 367 0.18 33.89 41.39
C GLU G 367 1.11 33.02 42.24
N VAL G 368 0.88 32.96 43.56
CA VAL G 368 1.75 32.21 44.50
C VAL G 368 1.39 30.73 44.42
N LYS G 369 2.21 29.93 43.72
CA LYS G 369 1.96 28.51 43.51
C LYS G 369 3.13 27.60 43.82
N TRP G 370 4.35 28.12 43.97
CA TRP G 370 5.51 27.27 44.28
C TRP G 370 6.11 27.61 45.64
N TRP G 371 6.55 28.84 45.88
CA TRP G 371 7.18 29.22 47.13
C TRP G 371 6.53 30.48 47.67
N ASP G 372 6.47 30.57 49.00
CA ASP G 372 5.86 31.71 49.69
C ASP G 372 6.97 32.59 50.23
N TRP G 373 7.34 33.62 49.47
CA TRP G 373 8.44 34.48 49.86
C TRP G 373 8.06 35.47 50.96
N ASN G 374 6.78 35.81 51.07
CA ASN G 374 6.34 36.65 52.18
C ASN G 374 6.61 35.97 53.51
N TRP G 375 6.46 34.63 53.54
CA TRP G 375 6.78 33.90 54.76
C TRP G 375 8.25 34.03 55.13
N THR G 376 9.14 33.93 54.14
CA THR G 376 10.56 34.08 54.41
C THR G 376 10.87 35.50 54.89
N ILE G 377 10.24 36.50 54.28
CA ILE G 377 10.46 37.88 54.71
C ILE G 377 10.03 38.07 56.16
N GLN G 378 8.87 37.52 56.53
CA GLN G 378 8.42 37.61 57.91
C GLN G 378 9.37 36.88 58.85
N GLN G 379 9.88 35.73 58.42
CA GLN G 379 10.69 34.91 59.32
C GLN G 379 12.07 35.52 59.56
N ASN G 380 12.70 36.06 58.51
CA ASN G 380 14.10 36.46 58.59
C ASN G 380 14.34 37.96 58.40
N GLY G 381 13.41 38.70 57.85
CA GLY G 381 13.61 40.11 57.59
C GLY G 381 13.87 40.39 56.12
N LEU G 382 13.52 41.60 55.70
CA LEU G 382 13.59 41.94 54.27
C LEU G 382 15.02 42.10 53.80
N SER G 383 15.86 42.82 54.56
CA SER G 383 17.21 43.13 54.10
C SER G 383 18.05 41.88 53.94
N THR G 384 18.00 40.98 54.92
CA THR G 384 18.82 39.77 54.85
C THR G 384 18.43 38.90 53.66
N MET G 385 17.12 38.76 53.42
CA MET G 385 16.67 37.91 52.33
C MET G 385 17.13 38.45 50.98
N GLN G 386 17.00 39.76 50.77
CA GLN G 386 17.40 40.32 49.49
C GLN G 386 18.92 40.33 49.33
N ASN G 387 19.67 40.51 50.42
CA ASN G 387 21.12 40.38 50.32
C ASN G 387 21.52 38.96 49.91
N ASN G 388 20.90 37.96 50.53
CA ASN G 388 21.22 36.58 50.18
C ASN G 388 20.86 36.28 48.74
N LEU G 389 19.68 36.72 48.29
CA LEU G 389 19.28 36.46 46.91
C LEU G 389 20.17 37.21 45.93
N ALA G 390 20.64 38.40 46.28
CA ALA G 390 21.58 39.11 45.44
C ALA G 390 22.89 38.33 45.31
N ARG G 391 23.37 37.76 46.42
CA ARG G 391 24.61 36.98 46.35
C ARG G 391 24.41 35.70 45.55
N VAL G 392 23.23 35.09 45.61
CA VAL G 392 23.00 33.85 44.87
C VAL G 392 22.98 34.11 43.37
N LEU G 393 22.43 35.25 42.94
CA LEU G 393 22.26 35.57 41.53
C LEU G 393 23.41 36.42 40.97
N ARG G 394 24.56 36.38 41.61
CA ARG G 394 25.70 37.20 41.17
C ARG G 394 26.18 36.72 39.80
N PRO G 395 26.36 37.62 38.83
CA PRO G 395 26.83 37.19 37.50
C PRO G 395 28.22 36.56 37.55
N VAL G 396 28.46 35.62 36.65
CA VAL G 396 29.72 34.90 36.54
C VAL G 396 30.20 34.97 35.11
N ARG G 397 31.46 35.36 34.91
CA ARG G 397 32.03 35.56 33.59
C ARG G 397 33.32 34.78 33.44
N ALA G 398 33.60 34.36 32.20
CA ALA G 398 34.81 33.62 31.86
C ALA G 398 35.46 34.26 30.64
N GLY G 399 36.79 34.36 30.67
CA GLY G 399 37.51 35.04 29.60
C GLY G 399 37.72 34.16 28.38
N ILE G 400 37.84 34.81 27.23
CA ILE G 400 38.13 34.15 25.97
C ILE G 400 39.14 34.99 25.21
N THR G 401 40.13 34.33 24.62
CA THR G 401 41.17 35.02 23.86
C THR G 401 41.40 34.33 22.51
N ALA H 1 1.93 -13.94 64.63
CA ALA H 1 1.30 -12.63 64.57
C ALA H 1 -0.09 -12.70 63.93
N GLU H 2 -1.05 -11.97 64.51
CA GLU H 2 -2.41 -11.88 64.03
C GLU H 2 -2.76 -10.42 63.74
N PRO H 3 -3.68 -10.17 62.80
CA PRO H 3 -4.06 -8.79 62.50
C PRO H 3 -4.66 -8.09 63.71
N VAL H 4 -4.38 -6.79 63.83
CA VAL H 4 -4.85 -5.99 64.94
C VAL H 4 -5.76 -4.89 64.39
N TYR H 5 -7.01 -4.88 64.83
CA TYR H 5 -7.93 -3.81 64.48
C TYR H 5 -7.87 -2.73 65.54
N PRO H 6 -7.57 -1.48 65.18
CA PRO H 6 -7.32 -0.45 66.21
C PRO H 6 -8.49 -0.18 67.13
N ASP H 7 -9.72 -0.47 66.71
CA ASP H 7 -10.88 -0.19 67.56
C ASP H 7 -11.01 -1.16 68.72
N GLN H 8 -10.29 -2.26 68.73
CA GLN H 8 -10.40 -3.24 69.80
C GLN H 8 -9.27 -3.14 70.84
N LEU H 9 -8.32 -2.24 70.65
CA LEU H 9 -7.22 -2.10 71.61
C LEU H 9 -7.71 -1.49 72.91
N ARG H 10 -7.20 -2.00 74.03
CA ARG H 10 -7.55 -1.51 75.35
C ARG H 10 -6.30 -1.33 76.19
N LEU H 11 -6.33 -0.32 77.06
CA LEU H 11 -5.19 0.03 77.92
C LEU H 11 -5.57 -0.24 79.37
N PHE H 12 -5.02 -1.31 79.94
CA PHE H 12 -5.20 -1.60 81.36
C PHE H 12 -4.12 -0.90 82.19
N SER H 13 -4.41 -0.77 83.48
CA SER H 13 -3.49 -0.14 84.43
C SER H 13 -3.40 -0.99 85.70
N LEU H 14 -3.18 -2.29 85.53
CA LEU H 14 -3.18 -3.25 86.63
C LEU H 14 -1.78 -3.78 86.91
N GLY H 15 -0.79 -2.89 86.82
CA GLY H 15 0.57 -3.26 87.12
C GLY H 15 1.32 -3.80 85.92
N GLN H 16 2.61 -4.05 86.13
CA GLN H 16 3.51 -4.45 85.04
C GLN H 16 3.23 -5.89 84.65
N GLY H 17 2.75 -6.09 83.41
CA GLY H 17 2.52 -7.41 82.87
C GLY H 17 1.10 -7.91 82.96
N VAL H 18 0.35 -7.48 83.98
CA VAL H 18 -1.02 -7.96 84.18
C VAL H 18 -1.93 -7.35 83.13
N CYS H 19 -2.75 -8.19 82.50
CA CYS H 19 -3.44 -7.80 81.27
C CYS H 19 -4.81 -8.48 81.23
N GLY H 20 -5.82 -7.75 81.70
CA GLY H 20 -7.21 -8.13 81.49
C GLY H 20 -7.58 -9.51 82.04
N ASP H 21 -8.80 -9.93 81.68
CA ASP H 21 -9.28 -11.26 81.98
C ASP H 21 -9.34 -12.17 80.76
N LYS H 22 -9.81 -11.66 79.64
CA LYS H 22 -9.78 -12.39 78.37
C LYS H 22 -8.93 -11.64 77.37
N TYR H 23 -7.82 -11.08 77.84
CA TYR H 23 -6.96 -10.20 77.05
C TYR H 23 -5.52 -10.64 77.18
N ARG H 24 -4.79 -10.56 76.06
CA ARG H 24 -3.38 -10.88 76.00
C ARG H 24 -2.57 -9.63 75.63
N PRO H 25 -1.30 -9.49 76.04
CA PRO H 25 -0.57 -8.25 75.72
C PRO H 25 -0.16 -8.25 74.27
N VAL H 26 0.04 -7.05 73.67
CA VAL H 26 0.40 -6.95 72.25
C VAL H 26 1.91 -7.10 72.10
N ASN H 27 2.36 -7.88 71.09
CA ASN H 27 3.81 -8.09 70.88
C ASN H 27 4.38 -6.92 70.07
N ARG H 28 5.72 -6.75 70.13
CA ARG H 28 6.39 -5.63 69.44
C ARG H 28 6.08 -5.62 67.96
N GLU H 29 5.99 -6.81 67.33
CA GLU H 29 5.72 -6.92 65.90
C GLU H 29 4.34 -6.38 65.56
N GLU H 30 3.32 -6.73 66.37
CA GLU H 30 1.96 -6.28 66.14
C GLU H 30 1.82 -4.79 66.40
N ALA H 31 2.48 -4.29 67.47
CA ALA H 31 2.45 -2.87 67.79
C ALA H 31 3.00 -2.04 66.65
N GLN H 32 4.11 -2.52 66.03
CA GLN H 32 4.73 -1.79 64.92
C GLN H 32 3.84 -1.82 63.69
N SER H 33 3.09 -2.93 63.49
CA SER H 33 2.20 -3.06 62.33
C SER H 33 1.20 -1.91 62.27
N VAL H 34 0.79 -1.37 63.43
CA VAL H 34 -0.19 -0.29 63.47
C VAL H 34 0.33 0.93 64.21
N LYS H 35 1.62 1.22 64.10
CA LYS H 35 2.28 2.17 64.99
C LYS H 35 1.59 3.54 64.99
N SER H 36 1.27 4.07 63.80
CA SER H 36 0.69 5.42 63.74
C SER H 36 -0.65 5.49 64.44
N ASN H 37 -1.48 4.46 64.31
CA ASN H 37 -2.76 4.43 65.00
C ASN H 37 -2.59 4.46 66.51
N ILE H 38 -1.66 3.63 67.03
CA ILE H 38 -1.45 3.59 68.48
C ILE H 38 -0.89 4.91 68.98
N VAL H 39 0.08 5.47 68.27
CA VAL H 39 0.70 6.73 68.69
C VAL H 39 -0.32 7.85 68.67
N GLY H 40 -1.27 7.81 67.74
CA GLY H 40 -2.30 8.83 67.69
C GLY H 40 -3.28 8.82 68.85
N MET H 41 -3.19 7.81 69.72
CA MET H 41 -4.08 7.68 70.88
C MET H 41 -3.35 7.82 72.19
N MET H 42 -2.20 8.51 72.22
CA MET H 42 -1.39 8.61 73.41
C MET H 42 -1.10 10.06 73.74
N GLY H 43 -0.83 10.32 75.02
CA GLY H 43 -0.39 11.64 75.43
C GLY H 43 1.01 11.94 74.97
N GLN H 44 1.35 13.23 74.96
CA GLN H 44 2.57 13.68 74.29
C GLN H 44 3.83 13.09 74.93
N TRP H 45 3.83 12.85 76.23
CA TRP H 45 4.99 12.29 76.92
C TRP H 45 4.61 11.00 77.65
N GLN H 46 3.71 10.23 77.08
CA GLN H 46 3.22 9.00 77.70
C GLN H 46 4.14 7.84 77.33
N ILE H 47 4.28 6.90 78.27
CA ILE H 47 5.04 5.67 78.04
C ILE H 47 4.18 4.49 78.50
N SER H 48 4.00 3.51 77.62
CA SER H 48 3.16 2.35 77.90
C SER H 48 3.91 1.07 77.57
N GLY H 49 3.47 -0.03 78.19
CA GLY H 49 4.19 -1.29 78.12
C GLY H 49 3.65 -2.26 77.07
N LEU H 50 4.51 -3.22 76.71
CA LEU H 50 4.18 -4.23 75.73
C LEU H 50 4.62 -5.59 76.24
N ALA H 51 4.59 -6.59 75.38
CA ALA H 51 4.96 -7.95 75.76
C ALA H 51 6.48 -8.16 75.66
N ASN H 52 7.00 -8.99 76.58
CA ASN H 52 8.40 -9.40 76.60
C ASN H 52 9.34 -8.21 76.85
N GLY H 53 8.96 -7.34 77.77
CA GLY H 53 9.81 -6.24 78.18
C GLY H 53 10.15 -5.21 77.11
N TRP H 54 9.15 -4.77 76.36
CA TRP H 54 9.29 -3.66 75.42
C TRP H 54 8.39 -2.53 75.86
N VAL H 55 8.51 -1.37 75.18
CA VAL H 55 7.81 -0.17 75.58
C VAL H 55 7.63 0.72 74.35
N ILE H 56 6.52 1.44 74.30
CA ILE H 56 6.22 2.37 73.21
C ILE H 56 6.02 3.76 73.80
N MET H 57 6.46 4.78 73.06
CA MET H 57 6.49 6.15 73.54
C MET H 57 5.59 7.04 72.68
N GLY H 58 5.18 8.18 73.26
CA GLY H 58 4.17 9.02 72.67
C GLY H 58 4.73 9.92 71.58
N PRO H 59 3.86 10.79 71.07
CA PRO H 59 4.25 11.64 69.93
C PRO H 59 5.44 12.55 70.21
N GLY H 60 5.65 12.96 71.46
CA GLY H 60 6.80 13.79 71.78
C GLY H 60 8.12 13.08 71.54
N TYR H 61 8.12 11.76 71.70
CA TYR H 61 9.30 10.94 71.45
C TYR H 61 9.34 10.37 70.04
N ASN H 62 8.47 10.84 69.15
CA ASN H 62 8.40 10.38 67.76
C ASN H 62 7.99 8.91 67.65
N GLY H 63 7.30 8.38 68.66
CA GLY H 63 6.79 7.03 68.62
C GLY H 63 7.83 5.93 68.57
N GLU H 64 8.85 6.01 69.43
CA GLU H 64 9.92 5.03 69.45
C GLU H 64 9.53 3.80 70.25
N ILE H 65 9.94 2.62 69.75
CA ILE H 65 9.72 1.35 70.43
C ILE H 65 11.08 0.82 70.90
N LYS H 66 11.27 0.72 72.20
CA LYS H 66 12.55 0.33 72.79
C LYS H 66 12.32 -0.51 74.02
N PRO H 67 13.31 -1.30 74.46
CA PRO H 67 13.15 -2.10 75.66
C PRO H 67 13.01 -1.24 76.92
N GLY H 68 12.23 -1.75 77.87
CA GLY H 68 11.96 -1.02 79.08
C GLY H 68 10.82 -1.68 79.85
N THR H 69 10.36 -1.00 80.91
CA THR H 69 9.24 -1.49 81.69
C THR H 69 8.32 -0.33 82.06
N ALA H 70 7.03 -0.64 82.21
CA ALA H 70 6.03 0.37 82.54
C ALA H 70 4.86 -0.31 83.22
N SER H 71 4.07 0.50 83.93
CA SER H 71 2.89 0.00 84.64
C SER H 71 1.72 -0.24 83.69
N ASN H 72 1.55 0.60 82.69
CA ASN H 72 0.47 0.43 81.72
C ASN H 72 0.76 -0.76 80.80
N THR H 73 -0.29 -1.28 80.17
CA THR H 73 -0.14 -2.34 79.18
C THR H 73 -1.25 -2.26 78.15
N TRP H 74 -0.88 -2.12 76.87
CA TRP H 74 -1.84 -2.22 75.79
C TRP H 74 -2.21 -3.69 75.58
N CYS H 75 -3.52 -3.97 75.48
CA CYS H 75 -3.99 -5.34 75.45
C CYS H 75 -5.06 -5.52 74.37
N TYR H 76 -5.19 -6.77 73.91
CA TYR H 76 -6.07 -7.18 72.83
C TYR H 76 -6.86 -8.42 73.24
N PRO H 77 -8.13 -8.54 72.82
CA PRO H 77 -8.95 -9.67 73.28
C PRO H 77 -8.42 -11.03 72.85
N THR H 78 -8.58 -12.02 73.73
CA THR H 78 -8.08 -13.37 73.46
C THR H 78 -8.82 -14.01 72.28
N ASN H 79 -10.13 -13.82 72.22
CA ASN H 79 -10.95 -14.29 71.11
C ASN H 79 -11.66 -13.08 70.52
N PRO H 80 -11.05 -12.37 69.58
CA PRO H 80 -11.65 -11.15 69.06
C PRO H 80 -12.85 -11.44 68.18
N VAL H 81 -13.76 -10.47 68.12
CA VAL H 81 -14.95 -10.59 67.30
C VAL H 81 -14.68 -10.01 65.92
N THR H 82 -15.49 -10.41 64.95
CA THR H 82 -15.37 -9.91 63.58
C THR H 82 -16.22 -8.66 63.44
N GLY H 83 -15.60 -7.56 63.00
CA GLY H 83 -16.31 -6.31 62.82
C GLY H 83 -16.84 -6.14 61.42
N GLU H 84 -17.33 -7.24 60.84
CA GLU H 84 -17.78 -7.23 59.46
C GLU H 84 -19.12 -6.51 59.32
N ILE H 85 -19.35 -5.94 58.14
CA ILE H 85 -20.62 -5.28 57.82
C ILE H 85 -21.69 -6.33 57.60
N PRO H 86 -22.82 -6.25 58.33
CA PRO H 86 -23.86 -7.29 58.19
C PRO H 86 -24.55 -7.23 56.84
N THR H 87 -25.29 -8.29 56.54
CA THR H 87 -26.08 -8.40 55.32
C THR H 87 -27.55 -8.48 55.70
N LEU H 88 -28.37 -7.63 55.07
CA LEU H 88 -29.79 -7.58 55.33
C LEU H 88 -30.56 -8.30 54.23
N SER H 89 -31.85 -8.53 54.48
CA SER H 89 -32.70 -9.13 53.46
C SER H 89 -33.05 -8.11 52.38
N ALA H 90 -33.47 -8.62 51.23
CA ALA H 90 -33.63 -7.79 50.05
C ALA H 90 -34.88 -6.92 50.14
N LEU H 91 -34.83 -5.79 49.44
CA LEU H 91 -35.94 -4.85 49.35
C LEU H 91 -36.64 -5.05 48.01
N ASP H 92 -37.94 -5.31 48.05
CA ASP H 92 -38.71 -5.60 46.85
C ASP H 92 -39.45 -4.36 46.38
N ILE H 93 -39.35 -4.09 45.07
CA ILE H 93 -39.97 -2.91 44.46
C ILE H 93 -41.02 -3.40 43.47
N PRO H 94 -42.20 -2.77 43.41
CA PRO H 94 -43.24 -3.21 42.47
C PRO H 94 -42.80 -3.09 41.02
N ASP H 95 -43.42 -3.92 40.17
CA ASP H 95 -42.99 -4.09 38.79
C ASP H 95 -43.24 -2.85 37.95
N GLY H 96 -42.53 -2.76 36.84
CA GLY H 96 -42.66 -1.66 35.92
C GLY H 96 -41.51 -1.68 34.93
N ASP H 97 -41.35 -0.58 34.20
CA ASP H 97 -40.18 -0.46 33.35
C ASP H 97 -39.05 0.19 34.15
N GLU H 98 -37.90 0.42 33.51
CA GLU H 98 -36.70 0.81 34.24
C GLU H 98 -36.89 2.13 34.96
N VAL H 99 -37.43 3.14 34.28
CA VAL H 99 -37.59 4.46 34.88
C VAL H 99 -38.59 4.41 36.03
N ASP H 100 -39.63 3.59 35.89
CA ASP H 100 -40.61 3.45 36.97
C ASP H 100 -39.97 2.90 38.25
N VAL H 101 -39.09 1.90 38.10
CA VAL H 101 -38.42 1.32 39.26
C VAL H 101 -37.44 2.31 39.87
N GLN H 102 -36.71 3.05 39.02
CA GLN H 102 -35.81 4.07 39.53
C GLN H 102 -36.55 5.17 40.29
N TRP H 103 -37.75 5.54 39.83
CA TRP H 103 -38.53 6.55 40.53
C TRP H 103 -38.89 6.07 41.93
N ARG H 104 -39.33 4.81 42.04
CA ARG H 104 -39.72 4.30 43.35
C ARG H 104 -38.54 4.12 44.29
N LEU H 105 -37.35 3.84 43.76
CA LEU H 105 -36.18 3.68 44.62
C LEU H 105 -35.75 5.00 45.26
N VAL H 106 -35.63 6.07 44.45
CA VAL H 106 -35.01 7.29 44.97
C VAL H 106 -35.96 8.19 45.75
N HIS H 107 -37.26 7.93 45.71
CA HIS H 107 -38.22 8.68 46.52
C HIS H 107 -38.51 7.99 47.86
N ASP H 108 -37.86 6.90 48.17
CA ASP H 108 -38.09 6.24 49.44
C ASP H 108 -37.27 6.92 50.53
N SER H 109 -37.93 7.42 51.56
CA SER H 109 -37.26 8.23 52.56
C SER H 109 -36.53 7.37 53.59
N ALA H 110 -37.20 6.36 54.14
CA ALA H 110 -36.60 5.56 55.20
C ALA H 110 -35.58 4.55 54.68
N ASN H 111 -35.61 4.20 53.39
CA ASN H 111 -34.73 3.15 52.89
C ASN H 111 -33.62 3.66 51.99
N PHE H 112 -33.77 4.84 51.37
CA PHE H 112 -32.71 5.37 50.54
C PHE H 112 -32.18 6.71 51.00
N ILE H 113 -33.06 7.70 51.24
CA ILE H 113 -32.61 9.07 51.40
C ILE H 113 -31.87 9.27 52.72
N LYS H 114 -32.43 8.75 53.82
CA LYS H 114 -31.77 8.91 55.12
C LYS H 114 -30.43 8.20 55.20
N PRO H 115 -30.28 6.92 54.86
CA PRO H 115 -28.96 6.28 55.00
C PRO H 115 -27.88 6.93 54.16
N THR H 116 -28.20 7.36 52.94
CA THR H 116 -27.19 8.00 52.09
C THR H 116 -26.78 9.37 52.63
N SER H 117 -27.76 10.13 53.15
CA SER H 117 -27.44 11.41 53.77
C SER H 117 -26.56 11.22 54.99
N TYR H 118 -26.86 10.21 55.81
CA TYR H 118 -26.02 9.97 56.98
C TYR H 118 -24.62 9.51 56.58
N LEU H 119 -24.50 8.73 55.50
CA LEU H 119 -23.17 8.35 55.02
C LEU H 119 -22.38 9.59 54.63
N ALA H 120 -23.00 10.50 53.87
CA ALA H 120 -22.29 11.72 53.48
C ALA H 120 -21.93 12.57 54.70
N HIS H 121 -22.81 12.61 55.71
CA HIS H 121 -22.52 13.40 56.90
C HIS H 121 -21.38 12.81 57.72
N TYR H 122 -21.32 11.49 57.83
CA TYR H 122 -20.26 10.86 58.64
C TYR H 122 -18.88 11.03 58.02
N LEU H 123 -18.80 11.13 56.70
CA LEU H 123 -17.50 11.28 56.05
C LEU H 123 -16.97 12.70 56.08
N GLY H 124 -17.79 13.68 56.44
CA GLY H 124 -17.33 15.04 56.60
C GLY H 124 -17.85 16.06 55.61
N TYR H 125 -18.83 15.71 54.77
CA TYR H 125 -19.43 16.69 53.89
C TYR H 125 -20.30 17.67 54.68
N ALA H 126 -20.42 18.89 54.17
CA ALA H 126 -21.10 19.97 54.87
C ALA H 126 -22.53 20.16 54.37
N TRP H 127 -23.39 20.58 55.29
CA TRP H 127 -24.76 21.04 55.00
C TRP H 127 -25.55 20.00 54.21
N VAL H 128 -25.79 18.86 54.85
CA VAL H 128 -26.60 17.79 54.26
C VAL H 128 -28.01 17.90 54.84
N GLY H 129 -28.86 18.67 54.19
CA GLY H 129 -30.21 18.91 54.70
C GLY H 129 -30.74 20.24 54.23
N GLY H 130 -32.06 20.41 54.35
CA GLY H 130 -32.72 21.60 53.89
C GLY H 130 -32.86 22.68 54.96
N ASN H 131 -33.33 23.84 54.53
CA ASN H 131 -33.45 25.01 55.40
C ASN H 131 -34.60 24.93 56.38
N HIS H 132 -35.58 24.06 56.16
CA HIS H 132 -36.78 24.01 56.99
C HIS H 132 -36.70 22.96 58.08
N SER H 133 -35.51 22.42 58.34
CA SER H 133 -35.32 21.42 59.38
C SER H 133 -33.92 21.59 59.96
N GLN H 134 -33.69 20.98 61.12
CA GLN H 134 -32.38 21.01 61.76
C GLN H 134 -31.68 19.66 61.78
N TYR H 135 -32.32 18.61 61.26
CA TYR H 135 -31.76 17.27 61.32
C TYR H 135 -31.17 16.86 59.98
N VAL H 136 -30.27 15.88 60.03
CA VAL H 136 -29.60 15.41 58.83
C VAL H 136 -30.57 14.62 57.97
N GLY H 137 -30.61 14.94 56.68
CA GLY H 137 -31.37 14.15 55.73
C GLY H 137 -32.83 14.49 55.61
N GLU H 138 -33.28 15.59 56.19
CA GLU H 138 -34.68 16.00 56.09
C GLU H 138 -34.80 17.24 55.22
N ASP H 139 -35.99 17.40 54.63
CA ASP H 139 -36.28 18.52 53.74
C ASP H 139 -35.37 18.50 52.51
N MET H 140 -35.34 17.35 51.83
CA MET H 140 -34.51 17.14 50.65
C MET H 140 -35.37 17.17 49.39
N ASP H 141 -34.76 17.59 48.28
CA ASP H 141 -35.44 17.72 47.00
C ASP H 141 -34.86 16.71 46.01
N VAL H 142 -35.75 16.05 45.26
CA VAL H 142 -35.36 15.04 44.27
C VAL H 142 -35.72 15.56 42.89
N THR H 143 -34.75 15.54 41.97
CA THR H 143 -34.96 16.04 40.62
C THR H 143 -34.38 15.08 39.59
N ARG H 144 -35.02 15.03 38.43
CA ARG H 144 -34.61 14.18 37.33
C ARG H 144 -33.84 15.02 36.32
N ASP H 145 -32.63 14.56 35.96
CA ASP H 145 -31.79 15.29 35.02
C ASP H 145 -31.01 14.31 34.14
N GLY H 146 -31.40 14.21 32.88
CA GLY H 146 -30.71 13.34 31.95
C GLY H 146 -30.95 11.88 32.22
N ASP H 147 -29.88 11.12 32.48
CA ASP H 147 -29.95 9.70 32.75
C ASP H 147 -29.85 9.39 34.24
N GLY H 148 -29.91 10.39 35.10
CA GLY H 148 -29.76 10.18 36.53
C GLY H 148 -30.71 11.01 37.35
N TRP H 149 -30.47 11.02 38.66
CA TRP H 149 -31.28 11.74 39.62
C TRP H 149 -30.36 12.46 40.59
N VAL H 150 -30.83 13.59 41.13
CA VAL H 150 -30.05 14.39 42.07
C VAL H 150 -30.88 14.62 43.32
N ILE H 151 -30.27 14.41 44.49
CA ILE H 151 -30.90 14.66 45.78
C ILE H 151 -30.09 15.75 46.50
N ARG H 152 -30.76 16.86 46.85
CA ARG H 152 -30.12 17.98 47.51
C ARG H 152 -31.08 18.64 48.48
N GLY H 153 -30.53 19.26 49.53
CA GLY H 153 -31.35 19.98 50.48
C GLY H 153 -31.98 21.23 49.87
N ASN H 154 -33.20 21.52 50.30
CA ASN H 154 -33.95 22.66 49.75
C ASN H 154 -33.36 23.97 50.25
N ASN H 155 -33.22 24.93 49.34
CA ASN H 155 -32.58 26.21 49.61
C ASN H 155 -33.58 27.31 49.29
N ASP H 156 -34.46 27.58 50.24
CA ASP H 156 -35.56 28.55 50.07
C ASP H 156 -35.71 29.31 51.37
N GLY H 157 -35.36 30.59 51.36
CA GLY H 157 -35.42 31.38 52.56
C GLY H 157 -34.03 31.79 52.98
N GLY H 158 -33.78 31.83 54.29
CA GLY H 158 -32.48 32.14 54.80
C GLY H 158 -31.97 31.04 55.71
N CYS H 159 -30.68 31.11 56.02
CA CYS H 159 -30.04 30.13 56.87
C CYS H 159 -28.96 30.82 57.70
N ASP H 160 -28.57 30.18 58.79
CA ASP H 160 -27.52 30.66 59.66
C ASP H 160 -26.35 29.69 59.63
N GLY H 161 -25.16 30.18 59.33
CA GLY H 161 -23.97 29.36 59.20
C GLY H 161 -23.00 30.02 58.24
N TYR H 162 -21.73 29.61 58.32
CA TYR H 162 -20.70 30.34 57.57
C TYR H 162 -20.94 30.26 56.06
N ARG H 163 -21.10 29.06 55.53
CA ARG H 163 -21.30 28.93 54.09
C ARG H 163 -22.55 28.13 53.78
N CYS H 164 -23.58 28.29 54.61
CA CYS H 164 -24.86 27.65 54.30
C CYS H 164 -25.41 28.27 53.02
N GLY H 165 -25.85 27.42 52.11
CA GLY H 165 -26.12 27.82 50.74
C GLY H 165 -25.32 27.01 49.75
N ASP H 166 -24.16 26.53 50.18
CA ASP H 166 -23.39 25.53 49.44
C ASP H 166 -23.75 24.17 50.02
N LYS H 167 -24.81 23.56 49.48
CA LYS H 167 -25.34 22.32 50.03
C LYS H 167 -24.86 21.12 49.23
N THR H 168 -24.65 20.01 49.95
CA THR H 168 -24.11 18.79 49.35
C THR H 168 -25.16 18.12 48.46
N ALA H 169 -24.71 17.58 47.32
CA ALA H 169 -25.58 16.90 46.37
C ALA H 169 -25.20 15.43 46.26
N ILE H 170 -26.20 14.56 46.11
CA ILE H 170 -25.99 13.12 45.94
C ILE H 170 -26.55 12.73 44.58
N LYS H 171 -25.75 12.05 43.75
CA LYS H 171 -26.16 11.72 42.38
C LYS H 171 -26.27 10.21 42.18
N VAL H 172 -27.34 9.73 41.53
CA VAL H 172 -27.56 8.30 41.27
C VAL H 172 -27.63 8.10 39.76
N SER H 173 -26.81 7.19 39.23
CA SER H 173 -26.76 6.90 37.79
C SER H 173 -26.17 5.52 37.57
N ASN H 174 -26.10 5.12 36.29
CA ASN H 174 -25.42 3.89 35.87
C ASN H 174 -26.08 2.65 36.44
N PHE H 175 -27.37 2.48 36.15
CA PHE H 175 -28.11 1.34 36.67
C PHE H 175 -27.81 0.09 35.87
N ALA H 176 -27.67 -1.04 36.56
CA ALA H 176 -27.37 -2.33 35.96
C ALA H 176 -28.31 -3.39 36.54
N TYR H 177 -28.50 -4.48 35.78
CA TYR H 177 -29.50 -5.49 36.09
C TYR H 177 -28.90 -6.88 35.97
N ASN H 178 -28.94 -7.64 37.06
CA ASN H 178 -28.43 -9.01 37.10
C ASN H 178 -29.61 -9.97 37.05
N LEU H 179 -29.83 -10.60 35.91
CA LEU H 179 -31.05 -11.36 35.65
C LEU H 179 -31.03 -12.73 36.33
N ASP H 180 -32.24 -13.21 36.64
CA ASP H 180 -32.44 -14.62 36.92
C ASP H 180 -32.45 -15.40 35.60
N PRO H 181 -31.65 -16.46 35.48
CA PRO H 181 -31.47 -17.09 34.16
C PRO H 181 -32.76 -17.60 33.52
N ASP H 182 -33.71 -18.11 34.31
CA ASP H 182 -34.90 -18.77 33.78
C ASP H 182 -36.13 -17.86 33.77
N SER H 183 -35.93 -16.54 33.73
CA SER H 183 -37.08 -15.63 33.74
C SER H 183 -37.19 -14.76 32.50
N PHE H 184 -36.23 -14.79 31.59
CA PHE H 184 -36.25 -13.89 30.44
C PHE H 184 -37.20 -14.41 29.36
N LYS H 185 -38.02 -13.52 28.82
CA LYS H 185 -38.88 -13.80 27.68
C LYS H 185 -38.90 -12.59 26.77
N HIS H 186 -39.05 -12.82 25.46
CA HIS H 186 -39.29 -11.74 24.53
C HIS H 186 -40.43 -12.10 23.59
N GLY H 187 -41.02 -11.08 22.99
CA GLY H 187 -42.17 -11.22 22.12
C GLY H 187 -41.80 -11.21 20.65
N ASP H 188 -42.70 -10.69 19.83
CA ASP H 188 -42.54 -10.75 18.37
C ASP H 188 -41.54 -9.72 17.87
N VAL H 189 -40.74 -10.12 16.90
CA VAL H 189 -39.75 -9.25 16.27
C VAL H 189 -40.36 -8.68 15.01
N THR H 190 -40.35 -7.35 14.87
CA THR H 190 -40.92 -6.66 13.72
C THR H 190 -39.85 -5.84 13.02
N GLN H 191 -40.02 -5.69 11.71
CA GLN H 191 -39.05 -5.00 10.87
C GLN H 191 -39.70 -3.83 10.14
N SER H 192 -38.92 -2.79 9.87
CA SER H 192 -39.39 -1.65 9.10
C SER H 192 -38.22 -1.03 8.36
N ASP H 193 -38.55 -0.31 7.28
CA ASP H 193 -37.57 0.42 6.46
C ASP H 193 -36.55 -0.54 5.82
N ARG H 194 -37.06 -1.48 5.04
CA ARG H 194 -36.25 -2.56 4.50
C ARG H 194 -35.65 -2.16 3.15
N GLN H 195 -34.34 -2.35 3.01
CA GLN H 195 -33.62 -2.05 1.78
C GLN H 195 -32.80 -3.27 1.37
N LEU H 196 -32.96 -3.71 0.12
CA LEU H 196 -32.31 -4.91 -0.37
C LEU H 196 -30.81 -4.70 -0.52
N VAL H 197 -30.04 -5.74 -0.22
CA VAL H 197 -28.60 -5.75 -0.46
C VAL H 197 -28.25 -6.62 -1.66
N LYS H 198 -28.58 -7.92 -1.60
CA LYS H 198 -28.26 -8.85 -2.68
C LYS H 198 -29.06 -10.12 -2.51
N THR H 199 -29.17 -10.88 -3.61
CA THR H 199 -29.90 -12.15 -3.61
C THR H 199 -29.27 -13.10 -4.62
N VAL H 200 -29.53 -14.40 -4.44
CA VAL H 200 -29.03 -15.45 -5.34
C VAL H 200 -30.05 -16.58 -5.39
N VAL H 201 -30.22 -17.17 -6.59
CA VAL H 201 -31.06 -18.35 -6.80
C VAL H 201 -30.22 -19.42 -7.50
N GLY H 202 -30.61 -20.68 -7.33
CA GLY H 202 -29.84 -21.76 -7.93
C GLY H 202 -30.57 -23.08 -7.90
N TRP H 203 -29.92 -24.09 -8.50
CA TRP H 203 -30.42 -25.46 -8.57
C TRP H 203 -29.33 -26.42 -8.12
N ALA H 204 -29.74 -27.55 -7.54
CA ALA H 204 -28.82 -28.62 -7.15
C ALA H 204 -29.32 -29.93 -7.78
N VAL H 205 -28.54 -30.49 -8.70
CA VAL H 205 -28.98 -31.59 -9.55
C VAL H 205 -28.25 -32.86 -9.15
N ASN H 206 -29.00 -33.95 -8.98
CA ASN H 206 -28.46 -35.24 -8.60
C ASN H 206 -28.88 -36.27 -9.64
N ASP H 207 -27.92 -36.79 -10.39
CA ASP H 207 -28.19 -37.74 -11.46
C ASP H 207 -27.63 -39.12 -11.18
N SER H 208 -27.13 -39.37 -9.98
CA SER H 208 -26.58 -40.67 -9.63
C SER H 208 -27.66 -41.54 -9.00
N ASP H 209 -27.26 -42.67 -8.42
CA ASP H 209 -28.19 -43.67 -7.91
C ASP H 209 -28.28 -43.67 -6.39
N THR H 210 -27.66 -42.74 -5.70
CA THR H 210 -27.72 -42.63 -4.25
C THR H 210 -28.05 -41.19 -3.88
N PRO H 211 -28.55 -40.96 -2.67
CA PRO H 211 -28.66 -39.59 -2.17
C PRO H 211 -27.30 -38.93 -2.08
N GLN H 212 -27.26 -37.63 -2.35
CA GLN H 212 -26.03 -36.86 -2.32
C GLN H 212 -26.21 -35.64 -1.43
N SER H 213 -25.20 -35.34 -0.63
CA SER H 213 -25.24 -34.20 0.29
C SER H 213 -24.19 -33.14 0.00
N GLY H 214 -23.32 -33.34 -0.99
CA GLY H 214 -22.23 -32.41 -1.22
C GLY H 214 -22.54 -31.24 -2.12
N TYR H 215 -23.28 -30.25 -1.61
CA TYR H 215 -23.57 -29.01 -2.31
C TYR H 215 -23.38 -27.84 -1.36
N ASP H 216 -23.07 -26.67 -1.91
CA ASP H 216 -22.92 -25.48 -1.08
C ASP H 216 -23.05 -24.22 -1.93
N VAL H 217 -23.82 -23.25 -1.45
CA VAL H 217 -23.90 -21.91 -2.01
C VAL H 217 -23.73 -20.91 -0.86
N THR H 218 -22.85 -19.93 -1.02
CA THR H 218 -22.52 -18.98 0.04
C THR H 218 -22.54 -17.55 -0.50
N LEU H 219 -23.13 -16.63 0.27
CA LEU H 219 -23.16 -15.21 -0.04
C LEU H 219 -22.61 -14.43 1.15
N ARG H 220 -21.60 -13.58 0.92
CA ARG H 220 -20.94 -12.84 1.97
C ARG H 220 -20.89 -11.35 1.64
N TYR H 221 -20.95 -10.51 2.69
CA TYR H 221 -20.98 -9.06 2.55
C TYR H 221 -20.15 -8.40 3.65
N ASP H 222 -19.26 -7.47 3.28
CA ASP H 222 -18.33 -6.83 4.21
C ASP H 222 -18.33 -5.32 4.05
N THR H 223 -18.01 -4.62 5.15
CA THR H 223 -17.75 -3.17 5.13
C THR H 223 -16.62 -2.86 6.09
N ALA H 224 -15.87 -1.78 5.82
CA ALA H 224 -14.71 -1.44 6.62
C ALA H 224 -14.44 0.06 6.59
N THR H 225 -13.67 0.52 7.59
CA THR H 225 -13.19 1.90 7.69
C THR H 225 -11.75 1.89 8.17
N ASN H 226 -11.03 3.00 7.94
CA ASN H 226 -9.63 3.10 8.35
C ASN H 226 -9.23 4.56 8.52
N TRP H 227 -8.06 4.77 9.14
CA TRP H 227 -7.53 6.11 9.40
C TRP H 227 -6.01 6.02 9.61
N SER H 228 -5.34 7.17 9.51
CA SER H 228 -3.88 7.21 9.62
C SER H 228 -3.41 8.63 9.90
N LYS H 229 -2.20 8.75 10.49
CA LYS H 229 -1.56 10.03 10.78
C LYS H 229 -0.04 9.90 10.66
N THR H 230 0.62 10.96 10.16
CA THR H 230 2.06 10.91 9.89
C THR H 230 2.74 12.24 10.26
N ASN H 231 3.99 12.15 10.71
CA ASN H 231 4.84 13.30 10.97
C ASN H 231 6.20 13.11 10.28
N THR H 232 6.75 14.18 9.72
CA THR H 232 8.02 14.12 9.01
C THR H 232 8.91 15.32 9.36
N TYR H 233 10.22 15.09 9.39
CA TYR H 233 11.22 16.14 9.60
C TYR H 233 12.36 15.93 8.60
N GLY H 234 12.99 17.03 8.18
CA GLY H 234 14.08 16.94 7.21
C GLY H 234 15.11 18.04 7.36
N LEU H 235 16.31 17.75 6.82
CA LEU H 235 17.42 18.68 6.79
C LEU H 235 18.10 18.61 5.42
N SER H 236 18.77 19.69 5.04
CA SER H 236 19.41 19.76 3.73
C SER H 236 20.59 20.71 3.76
N GLU H 237 21.57 20.44 2.90
CA GLU H 237 22.75 21.29 2.74
C GLU H 237 23.13 21.34 1.26
N LYS H 238 23.52 22.53 0.79
CA LYS H 238 23.93 22.71 -0.60
C LYS H 238 25.15 23.62 -0.67
N VAL H 239 26.06 23.31 -1.59
CA VAL H 239 27.28 24.08 -1.81
C VAL H 239 27.47 24.29 -3.31
N THR H 240 27.67 25.54 -3.71
CA THR H 240 27.80 25.90 -5.12
C THR H 240 29.12 26.60 -5.38
N THR H 241 29.67 26.39 -6.57
CA THR H 241 30.98 26.92 -6.94
C THR H 241 31.00 27.25 -8.42
N LYS H 242 31.65 28.36 -8.81
CA LYS H 242 31.80 28.72 -10.22
C LYS H 242 33.21 28.35 -10.67
N ASN H 243 33.35 27.69 -11.85
CA ASN H 243 34.67 27.21 -12.28
C ASN H 243 34.90 27.53 -13.75
N LYS H 244 36.12 27.96 -14.12
CA LYS H 244 36.45 28.35 -15.50
C LYS H 244 37.55 27.46 -16.03
N PHE H 245 37.57 27.19 -17.35
CA PHE H 245 38.57 26.27 -17.93
C PHE H 245 39.05 26.82 -19.27
N LYS H 246 40.27 27.38 -19.31
CA LYS H 246 40.84 27.89 -20.56
C LYS H 246 41.53 26.76 -21.31
N TRP H 247 40.73 25.78 -21.80
CA TRP H 247 41.30 24.61 -22.49
C TRP H 247 41.85 25.04 -23.86
N PRO H 248 42.88 24.35 -24.39
CA PRO H 248 43.39 24.66 -25.75
C PRO H 248 42.29 24.49 -26.78
N LEU H 249 42.25 25.38 -27.80
CA LEU H 249 41.25 25.32 -28.87
C LEU H 249 39.85 25.61 -28.37
N VAL H 250 39.69 26.04 -27.10
CA VAL H 250 38.40 26.46 -26.58
C VAL H 250 38.49 27.86 -26.03
N GLY H 251 39.70 28.29 -25.64
CA GLY H 251 39.92 29.63 -25.13
C GLY H 251 39.48 29.77 -23.70
N GLU H 252 38.20 29.49 -23.39
CA GLU H 252 37.66 29.63 -22.04
C GLU H 252 36.27 29.01 -21.96
N THR H 253 35.98 28.22 -20.91
CA THR H 253 34.67 27.61 -20.72
C THR H 253 34.22 27.83 -19.28
N ALA H 254 33.01 28.40 -19.07
CA ALA H 254 32.52 28.69 -17.73
C ALA H 254 31.39 27.75 -17.35
N LEU H 255 31.37 27.29 -16.09
CA LEU H 255 30.33 26.38 -15.61
C LEU H 255 30.30 26.42 -14.09
N SER H 256 29.13 26.11 -13.52
CA SER H 256 28.94 26.08 -12.09
C SER H 256 28.61 24.67 -11.62
N ILE H 257 29.07 24.32 -10.43
CA ILE H 257 28.91 22.98 -9.87
C ILE H 257 28.20 23.10 -8.53
N ALA H 258 27.21 22.25 -8.29
CA ALA H 258 26.46 22.23 -7.04
C ALA H 258 26.35 20.81 -6.52
N ILE H 259 26.50 20.65 -5.21
CA ILE H 259 26.38 19.36 -4.54
C ILE H 259 25.46 19.53 -3.34
N ALA H 260 24.58 18.55 -3.13
CA ALA H 260 23.59 18.63 -2.06
C ALA H 260 23.49 17.30 -1.33
N ALA H 261 23.02 17.37 -0.08
CA ALA H 261 22.77 16.19 0.74
C ALA H 261 21.55 16.46 1.61
N ASN H 262 20.74 15.43 1.86
CA ASN H 262 19.54 15.57 2.67
C ASN H 262 19.33 14.31 3.51
N GLN H 263 18.45 14.45 4.51
CA GLN H 263 18.16 13.39 5.45
C GLN H 263 16.75 13.61 6.01
N SER H 264 16.03 12.53 6.27
CA SER H 264 14.61 12.63 6.63
C SER H 264 14.22 11.52 7.60
N TRP H 265 13.19 11.79 8.40
CA TRP H 265 12.63 10.86 9.37
C TRP H 265 11.12 10.95 9.34
N ALA H 266 10.42 9.81 9.42
CA ALA H 266 8.97 9.78 9.37
C ALA H 266 8.42 8.78 10.38
N SER H 267 7.18 9.02 10.82
CA SER H 267 6.52 8.21 11.83
C SER H 267 5.02 8.16 11.56
N GLN H 268 4.41 6.98 11.69
CA GLN H 268 3.02 6.77 11.30
C GLN H 268 2.28 5.90 12.31
N ASN H 269 0.97 6.14 12.44
CA ASN H 269 0.06 5.35 13.27
C ASN H 269 -1.31 5.27 12.61
N GLY H 270 -2.02 4.16 12.83
CA GLY H 270 -3.34 4.00 12.24
C GLY H 270 -4.10 2.81 12.79
N GLY H 271 -5.27 2.55 12.19
CA GLY H 271 -6.13 1.45 12.61
C GLY H 271 -7.29 1.27 11.65
N SER H 272 -8.15 0.29 11.96
CA SER H 272 -9.28 -0.04 11.09
C SER H 272 -10.31 -0.87 11.85
N THR H 273 -11.46 -1.08 11.21
CA THR H 273 -12.58 -1.85 11.74
C THR H 273 -13.35 -2.51 10.60
N THR H 274 -13.81 -3.75 10.81
CA THR H 274 -14.51 -4.51 9.78
C THR H 274 -15.71 -5.27 10.36
N THR H 275 -16.79 -5.37 9.58
CA THR H 275 -17.97 -6.14 9.93
C THR H 275 -18.39 -7.00 8.75
N SER H 276 -18.80 -8.25 9.03
CA SER H 276 -19.05 -9.24 7.99
C SER H 276 -20.29 -10.06 8.31
N LEU H 277 -21.07 -10.38 7.27
CA LEU H 277 -22.28 -11.18 7.40
C LEU H 277 -22.31 -12.23 6.30
N SER H 278 -22.49 -13.50 6.68
CA SER H 278 -22.37 -14.62 5.76
C SER H 278 -23.55 -15.58 5.92
N GLN H 279 -24.00 -16.18 4.82
CA GLN H 279 -25.11 -17.13 4.81
C GLN H 279 -24.84 -18.26 3.83
N SER H 280 -25.25 -19.48 4.19
CA SER H 280 -24.99 -20.67 3.36
C SER H 280 -26.20 -21.59 3.36
N VAL H 281 -26.29 -22.42 2.32
CA VAL H 281 -27.30 -23.47 2.21
C VAL H 281 -26.64 -24.72 1.61
N ARG H 282 -26.98 -25.89 2.16
CA ARG H 282 -26.35 -27.16 1.78
C ARG H 282 -27.38 -28.29 1.75
N PRO H 283 -28.11 -28.43 0.65
CA PRO H 283 -29.23 -29.38 0.61
C PRO H 283 -28.81 -30.83 0.45
N THR H 284 -29.72 -31.72 0.85
CA THR H 284 -29.61 -33.15 0.59
C THR H 284 -30.67 -33.54 -0.44
N VAL H 285 -30.24 -34.08 -1.56
CA VAL H 285 -31.09 -34.29 -2.74
C VAL H 285 -31.29 -35.78 -2.96
N PRO H 286 -32.50 -36.26 -3.18
CA PRO H 286 -32.71 -37.69 -3.46
C PRO H 286 -32.17 -38.08 -4.82
N ALA H 287 -32.05 -39.40 -5.01
CA ALA H 287 -31.52 -39.92 -6.26
C ALA H 287 -32.44 -39.59 -7.44
N ARG H 288 -31.83 -39.13 -8.54
CA ARG H 288 -32.54 -38.83 -9.78
C ARG H 288 -33.57 -37.71 -9.60
N SER H 289 -33.15 -36.60 -9.02
CA SER H 289 -34.03 -35.46 -8.82
C SER H 289 -33.18 -34.20 -8.63
N LYS H 290 -33.86 -33.07 -8.45
CA LYS H 290 -33.18 -31.80 -8.26
C LYS H 290 -34.01 -30.89 -7.36
N ILE H 291 -33.33 -29.92 -6.73
CA ILE H 291 -33.93 -29.05 -5.71
C ILE H 291 -33.52 -27.59 -5.96
N PRO H 292 -34.43 -26.63 -5.85
CA PRO H 292 -34.06 -25.21 -5.93
C PRO H 292 -33.82 -24.56 -4.57
N VAL H 293 -32.96 -23.53 -4.58
CA VAL H 293 -32.55 -22.82 -3.37
C VAL H 293 -32.60 -21.32 -3.60
N LYS H 294 -32.60 -20.55 -2.50
CA LYS H 294 -32.63 -19.09 -2.57
C LYS H 294 -32.09 -18.49 -1.26
N ILE H 295 -31.34 -17.39 -1.38
CA ILE H 295 -30.78 -16.66 -0.23
C ILE H 295 -30.94 -15.16 -0.47
N GLU H 296 -31.35 -14.43 0.57
CA GLU H 296 -31.53 -12.98 0.49
C GLU H 296 -30.94 -12.29 1.71
N LEU H 297 -30.52 -11.03 1.53
CA LEU H 297 -30.01 -10.20 2.62
C LEU H 297 -30.58 -8.80 2.52
N TYR H 298 -31.04 -8.27 3.65
CA TYR H 298 -31.66 -6.95 3.73
C TYR H 298 -31.05 -6.14 4.87
N LYS H 299 -31.36 -4.85 4.88
CA LYS H 299 -31.10 -3.98 6.02
C LYS H 299 -32.42 -3.43 6.52
N ALA H 300 -32.61 -3.39 7.85
CA ALA H 300 -33.89 -3.02 8.42
C ALA H 300 -33.73 -2.54 9.85
N ASP H 301 -34.78 -1.89 10.37
CA ASP H 301 -34.91 -1.55 11.78
C ASP H 301 -35.67 -2.65 12.52
N ILE H 302 -35.25 -2.94 13.75
CA ILE H 302 -35.73 -4.08 14.51
C ILE H 302 -36.29 -3.62 15.85
N SER H 303 -37.42 -4.20 16.26
CA SER H 303 -38.03 -3.90 17.56
C SER H 303 -38.64 -5.17 18.15
N TYR H 304 -38.61 -5.28 19.48
CA TYR H 304 -39.36 -6.33 20.19
C TYR H 304 -39.45 -5.97 21.67
N PRO H 305 -40.48 -6.46 22.37
CA PRO H 305 -40.56 -6.28 23.83
C PRO H 305 -39.98 -7.45 24.60
N TYR H 306 -39.77 -7.25 25.91
CA TYR H 306 -39.16 -8.26 26.76
C TYR H 306 -39.59 -8.05 28.21
N GLU H 307 -39.23 -9.02 29.06
CA GLU H 307 -39.48 -8.93 30.50
C GLU H 307 -38.55 -9.90 31.23
N PHE H 308 -38.26 -9.59 32.50
CA PHE H 308 -37.43 -10.45 33.33
C PHE H 308 -37.50 -10.00 34.79
N LYS H 309 -36.74 -10.70 35.63
CA LYS H 309 -36.63 -10.42 37.06
C LYS H 309 -35.15 -10.31 37.41
N ALA H 310 -34.78 -9.29 38.19
CA ALA H 310 -33.35 -8.99 38.33
C ALA H 310 -33.01 -8.34 39.68
N ASP H 311 -31.70 -8.25 39.93
CA ASP H 311 -31.11 -7.45 40.98
C ASP H 311 -30.60 -6.14 40.40
N VAL H 312 -30.74 -5.06 41.16
CA VAL H 312 -30.45 -3.71 40.67
C VAL H 312 -29.23 -3.15 41.40
N SER H 313 -28.32 -2.53 40.65
CA SER H 313 -27.14 -1.88 41.20
C SER H 313 -26.89 -0.58 40.45
N TYR H 314 -26.13 0.34 41.07
CA TYR H 314 -25.99 1.70 40.55
C TYR H 314 -24.72 2.32 41.11
N ASP H 315 -24.44 3.54 40.63
CA ASP H 315 -23.33 4.36 41.11
C ASP H 315 -23.85 5.50 41.98
N LEU H 316 -23.01 5.92 42.94
CA LEU H 316 -23.36 6.96 43.89
C LEU H 316 -22.23 7.98 43.93
N THR H 317 -22.55 9.25 43.70
CA THR H 317 -21.55 10.31 43.67
C THR H 317 -21.91 11.40 44.69
N LEU H 318 -20.93 11.79 45.49
CA LEU H 318 -21.10 12.80 46.54
C LEU H 318 -20.27 14.03 46.20
N SER H 319 -20.90 15.20 46.23
CA SER H 319 -20.27 16.46 45.86
C SER H 319 -20.53 17.52 46.92
N GLY H 320 -19.49 18.20 47.35
CA GLY H 320 -19.60 19.24 48.35
C GLY H 320 -18.23 19.66 48.82
N PHE H 321 -18.19 20.44 49.90
CA PHE H 321 -16.92 20.78 50.51
C PHE H 321 -16.80 20.15 51.89
N LEU H 322 -15.57 19.83 52.27
CA LEU H 322 -15.29 19.07 53.48
C LEU H 322 -15.11 20.01 54.68
N ARG H 323 -15.65 19.60 55.82
CA ARG H 323 -15.72 20.45 56.98
C ARG H 323 -14.35 20.75 57.57
N TRP H 324 -14.19 21.96 58.10
CA TRP H 324 -12.91 22.41 58.63
C TRP H 324 -12.59 21.72 59.95
N GLY H 325 -13.60 21.47 60.79
CA GLY H 325 -13.34 20.85 62.08
C GLY H 325 -12.77 19.45 61.96
N GLY H 326 -13.33 18.63 61.08
CA GLY H 326 -12.83 17.30 60.87
C GLY H 326 -13.53 16.61 59.74
N ASN H 327 -12.79 15.81 58.99
CA ASN H 327 -13.33 15.02 57.89
C ASN H 327 -12.51 13.75 57.77
N ALA H 328 -13.02 12.81 56.97
CA ALA H 328 -12.49 11.45 56.93
C ALA H 328 -11.51 11.21 55.79
N TRP H 329 -11.18 12.21 54.98
CA TRP H 329 -10.17 12.00 53.94
C TRP H 329 -8.83 11.70 54.61
N TYR H 330 -8.00 10.81 54.02
CA TYR H 330 -6.77 10.35 54.68
C TYR H 330 -5.75 11.46 54.89
N THR H 331 -5.79 12.54 54.09
CA THR H 331 -4.90 13.68 54.28
C THR H 331 -5.48 14.70 55.25
N HIS H 332 -6.78 14.57 55.57
CA HIS H 332 -7.48 15.47 56.50
C HIS H 332 -7.21 16.95 56.15
N PRO H 333 -7.72 17.48 55.01
CA PRO H 333 -7.50 18.90 54.65
C PRO H 333 -8.23 19.85 55.59
N ASP H 334 -7.75 21.12 55.69
CA ASP H 334 -8.38 22.12 56.55
C ASP H 334 -8.58 23.42 55.80
N ASN H 335 -8.63 23.37 54.47
CA ASN H 335 -8.84 24.57 53.64
C ASN H 335 -10.24 24.54 53.04
N ARG H 336 -11.19 23.80 53.66
CA ARG H 336 -12.55 23.66 53.17
C ARG H 336 -12.58 23.47 51.62
N PRO H 337 -11.99 22.37 51.10
CA PRO H 337 -11.91 22.15 49.64
C PRO H 337 -13.13 21.46 49.04
N ASN H 338 -13.42 21.70 47.74
CA ASN H 338 -14.56 21.04 47.06
C ASN H 338 -14.16 19.60 46.76
N TRP H 339 -15.12 18.65 46.84
CA TRP H 339 -14.74 17.23 46.69
C TRP H 339 -15.77 16.41 45.92
N ASN H 340 -15.30 15.44 45.11
CA ASN H 340 -16.16 14.50 44.40
C ASN H 340 -15.63 13.08 44.59
N HIS H 341 -16.52 12.14 44.83
CA HIS H 341 -16.13 10.73 44.94
C HIS H 341 -17.29 9.83 44.54
N THR H 342 -16.97 8.72 43.88
CA THR H 342 -17.96 7.77 43.37
C THR H 342 -17.79 6.40 44.02
N PHE H 343 -18.89 5.86 44.53
CA PHE H 343 -18.95 4.49 45.03
C PHE H 343 -19.82 3.64 44.10
N VAL H 344 -19.47 2.36 43.97
CA VAL H 344 -20.25 1.41 43.20
C VAL H 344 -21.03 0.54 44.18
N ILE H 345 -22.36 0.66 44.16
CA ILE H 345 -23.23 -0.04 45.11
C ILE H 345 -23.65 -1.33 44.42
N GLY H 346 -22.83 -2.37 44.56
CA GLY H 346 -23.07 -3.63 43.90
C GLY H 346 -21.84 -4.50 43.92
N PRO H 347 -21.64 -5.30 42.87
CA PRO H 347 -20.44 -6.14 42.79
C PRO H 347 -19.18 -5.32 42.65
N TYR H 348 -18.06 -5.96 43.00
CA TYR H 348 -16.76 -5.29 43.03
C TYR H 348 -16.29 -4.91 41.63
N LYS H 349 -15.73 -3.71 41.50
CA LYS H 349 -15.08 -3.29 40.27
C LYS H 349 -13.64 -2.84 40.47
N ASP H 350 -13.36 -2.08 41.53
CA ASP H 350 -11.98 -1.71 41.86
C ASP H 350 -11.93 -1.17 43.28
N LYS H 351 -10.71 -1.01 43.78
CA LYS H 351 -10.49 -0.69 45.19
C LYS H 351 -11.01 0.70 45.56
N ALA H 352 -10.85 1.68 44.66
CA ALA H 352 -11.19 3.06 45.01
C ALA H 352 -12.68 3.28 45.23
N SER H 353 -13.53 2.45 44.63
CA SER H 353 -14.98 2.62 44.73
C SER H 353 -15.68 1.51 45.50
N SER H 354 -14.95 0.67 46.21
CA SER H 354 -15.52 -0.45 46.95
C SER H 354 -15.48 -0.15 48.44
N ILE H 355 -16.65 -0.03 49.06
CA ILE H 355 -16.71 0.23 50.50
C ILE H 355 -16.25 -0.98 51.29
N ARG H 356 -16.65 -2.18 50.86
CA ARG H 356 -16.32 -3.38 51.62
C ARG H 356 -14.81 -3.64 51.64
N TYR H 357 -14.14 -3.43 50.51
CA TYR H 357 -12.69 -3.65 50.46
C TYR H 357 -11.95 -2.70 51.43
N GLN H 358 -12.28 -1.42 51.36
CA GLN H 358 -11.62 -0.44 52.22
C GLN H 358 -11.94 -0.70 53.69
N TRP H 359 -13.18 -1.11 54.00
CA TRP H 359 -13.55 -1.38 55.38
C TRP H 359 -12.76 -2.56 55.95
N ASP H 360 -12.53 -3.60 55.13
CA ASP H 360 -11.74 -4.74 55.55
C ASP H 360 -10.25 -4.48 55.31
N LYS H 361 -9.78 -3.23 55.32
CA LYS H 361 -8.35 -3.04 55.12
C LYS H 361 -7.86 -1.97 56.07
N ARG H 362 -8.60 -1.73 57.16
CA ARG H 362 -8.28 -0.67 58.10
C ARG H 362 -7.19 -1.12 59.07
N TYR H 363 -6.67 -2.35 58.91
CA TYR H 363 -5.59 -2.86 59.75
C TYR H 363 -4.25 -2.78 59.03
N ILE H 364 -4.25 -2.35 57.78
CA ILE H 364 -3.01 -2.17 57.04
C ILE H 364 -2.85 -0.70 56.70
N PRO H 365 -1.97 0.03 57.41
CA PRO H 365 -1.84 1.47 57.12
C PRO H 365 -1.40 1.79 55.69
N GLY H 366 -0.65 0.91 55.03
CA GLY H 366 -0.23 1.17 53.68
C GLY H 366 -1.30 1.02 52.62
N GLU H 367 -2.46 0.49 52.97
CA GLU H 367 -3.58 0.38 52.05
C GLU H 367 -4.53 1.57 52.11
N VAL H 368 -4.43 2.40 53.15
CA VAL H 368 -5.39 3.47 53.36
C VAL H 368 -5.05 4.64 52.46
N LYS H 369 -5.69 4.70 51.29
CA LYS H 369 -5.38 5.70 50.30
C LYS H 369 -6.56 6.56 49.90
N TRP H 370 -7.79 6.24 50.33
CA TRP H 370 -8.89 7.14 50.02
C TRP H 370 -9.59 7.67 51.26
N TRP H 371 -10.26 6.83 52.04
CA TRP H 371 -11.03 7.28 53.19
C TRP H 371 -10.52 6.58 54.44
N ASP H 372 -10.59 7.29 55.55
CA ASP H 372 -10.10 6.81 56.84
C ASP H 372 -11.29 6.32 57.67
N TRP H 373 -11.53 5.00 57.66
CA TRP H 373 -12.69 4.45 58.36
C TRP H 373 -12.45 4.30 59.86
N ASN H 374 -11.19 4.16 60.29
CA ASN H 374 -10.89 4.16 61.71
C ASN H 374 -11.31 5.47 62.36
N TRP H 375 -11.13 6.59 61.65
CA TRP H 375 -11.55 7.88 62.17
C TRP H 375 -13.06 7.95 62.37
N THR H 376 -13.84 7.42 61.41
CA THR H 376 -15.28 7.40 61.57
C THR H 376 -15.72 6.54 62.74
N ILE H 377 -15.07 5.39 62.92
CA ILE H 377 -15.38 4.54 64.08
C ILE H 377 -15.06 5.29 65.37
N GLN H 378 -13.93 5.98 65.42
CA GLN H 378 -13.55 6.72 66.61
C GLN H 378 -14.54 7.84 66.91
N GLN H 379 -15.04 8.52 65.87
CA GLN H 379 -15.96 9.63 66.09
C GLN H 379 -17.37 9.19 66.45
N ASN H 380 -17.84 8.05 65.93
CA ASN H 380 -19.26 7.71 66.05
C ASN H 380 -19.55 6.39 66.75
N GLY H 381 -18.61 5.48 66.85
CA GLY H 381 -18.90 4.18 67.43
C GLY H 381 -19.00 3.10 66.37
N LEU H 382 -18.65 1.87 66.75
CA LEU H 382 -18.55 0.79 65.78
C LEU H 382 -19.92 0.34 65.30
N SER H 383 -20.86 0.13 66.22
CA SER H 383 -22.17 -0.41 65.83
C SER H 383 -22.96 0.59 64.98
N THR H 384 -22.83 1.87 65.28
CA THR H 384 -23.50 2.89 64.48
C THR H 384 -23.05 2.83 63.02
N MET H 385 -21.74 2.79 62.80
CA MET H 385 -21.22 2.71 61.43
C MET H 385 -21.60 1.40 60.76
N GLN H 386 -21.55 0.29 61.51
CA GLN H 386 -21.95 -1.00 60.94
C GLN H 386 -23.40 -0.96 60.45
N ASN H 387 -24.31 -0.43 61.26
CA ASN H 387 -25.72 -0.42 60.89
C ASN H 387 -25.98 0.53 59.72
N ASN H 388 -25.36 1.71 59.73
CA ASN H 388 -25.53 2.63 58.61
C ASN H 388 -25.03 2.02 57.30
N LEU H 389 -23.84 1.41 57.33
CA LEU H 389 -23.31 0.82 56.10
C LEU H 389 -24.10 -0.40 55.67
N ALA H 390 -24.67 -1.14 56.61
CA ALA H 390 -25.52 -2.27 56.23
C ALA H 390 -26.79 -1.78 55.54
N ARG H 391 -27.36 -0.68 56.00
CA ARG H 391 -28.54 -0.13 55.32
C ARG H 391 -28.19 0.46 53.96
N VAL H 392 -26.98 0.99 53.79
CA VAL H 392 -26.62 1.57 52.49
C VAL H 392 -26.45 0.49 51.43
N LEU H 393 -25.88 -0.66 51.80
CA LEU H 393 -25.53 -1.70 50.84
C LEU H 393 -26.60 -2.79 50.72
N ARG H 394 -27.86 -2.46 51.00
CA ARG H 394 -28.92 -3.46 50.99
C ARG H 394 -29.29 -3.85 49.56
N PRO H 395 -29.47 -5.15 49.28
CA PRO H 395 -29.84 -5.58 47.92
C PRO H 395 -31.25 -5.15 47.52
N VAL H 396 -31.46 -4.99 46.21
CA VAL H 396 -32.72 -4.55 45.63
C VAL H 396 -33.13 -5.51 44.52
N ARG H 397 -34.41 -5.90 44.51
CA ARG H 397 -34.96 -6.77 43.47
C ARG H 397 -36.22 -6.17 42.88
N ALA H 398 -36.45 -6.45 41.59
CA ALA H 398 -37.63 -5.94 40.91
C ALA H 398 -37.91 -6.76 39.67
N GLY H 399 -39.12 -6.63 39.16
CA GLY H 399 -39.49 -7.16 37.85
C GLY H 399 -39.54 -6.03 36.83
N ILE H 400 -39.08 -6.32 35.62
CA ILE H 400 -38.86 -5.31 34.59
C ILE H 400 -39.61 -5.70 33.31
N THR H 401 -40.18 -4.70 32.64
CA THR H 401 -40.67 -4.84 31.27
C THR H 401 -40.08 -3.71 30.44
N GLY H 402 -39.76 -3.98 29.19
CA GLY H 402 -39.12 -2.97 28.37
C GLY H 402 -39.28 -3.22 26.89
N ASP H 403 -38.64 -2.35 26.10
CA ASP H 403 -38.69 -2.39 24.65
C ASP H 403 -37.28 -2.23 24.07
N PHE H 404 -36.97 -3.03 23.06
CA PHE H 404 -35.70 -2.96 22.36
C PHE H 404 -35.90 -2.33 20.97
N SER H 405 -34.92 -1.56 20.52
CA SER H 405 -35.00 -0.90 19.23
C SER H 405 -33.61 -0.55 18.72
N ALA H 406 -33.37 -0.74 17.43
CA ALA H 406 -32.11 -0.37 16.81
C ALA H 406 -32.31 -0.17 15.31
N GLU H 407 -31.46 0.67 14.71
CA GLU H 407 -31.60 1.09 13.33
C GLU H 407 -30.56 0.43 12.43
N SER H 408 -31.01 0.03 11.23
CA SER H 408 -30.17 -0.50 10.16
C SER H 408 -29.30 -1.68 10.62
N GLN H 409 -29.97 -2.75 11.01
CA GLN H 409 -29.38 -4.02 11.33
C GLN H 409 -29.58 -4.97 10.14
N PHE H 410 -29.26 -6.25 10.31
CA PHE H 410 -29.33 -7.22 9.23
C PHE H 410 -30.54 -8.14 9.35
N ALA H 411 -31.07 -8.56 8.20
CA ALA H 411 -32.17 -9.51 8.14
C ALA H 411 -31.96 -10.48 6.98
N GLY H 412 -32.11 -11.78 7.22
CA GLY H 412 -31.80 -12.78 6.22
C GLY H 412 -32.96 -13.74 5.98
N ASN H 413 -32.78 -14.59 4.96
CA ASN H 413 -33.76 -15.60 4.58
C ASN H 413 -33.07 -16.68 3.75
N ILE H 414 -33.21 -17.94 4.15
CA ILE H 414 -32.61 -19.08 3.46
C ILE H 414 -33.68 -20.14 3.24
N GLU H 415 -33.77 -20.68 2.03
CA GLU H 415 -34.84 -21.60 1.66
C GLU H 415 -34.33 -22.81 0.89
N ILE H 416 -34.87 -23.99 1.22
CA ILE H 416 -34.69 -25.22 0.45
C ILE H 416 -36.05 -25.66 -0.06
N GLY H 417 -36.16 -25.88 -1.38
CA GLY H 417 -37.43 -26.19 -2.00
C GLY H 417 -37.71 -27.68 -2.11
N ALA H 418 -38.86 -27.99 -2.72
CA ALA H 418 -39.33 -29.36 -2.89
C ALA H 418 -38.66 -30.03 -4.09
N PRO H 419 -38.39 -31.33 -4.02
CA PRO H 419 -37.68 -32.01 -5.10
C PRO H 419 -38.54 -32.20 -6.34
N VAL H 420 -37.87 -32.28 -7.49
CA VAL H 420 -38.50 -32.47 -8.80
C VAL H 420 -37.87 -33.70 -9.43
N PRO H 421 -38.64 -34.74 -9.75
CA PRO H 421 -38.06 -35.92 -10.41
C PRO H 421 -37.55 -35.61 -11.81
N LEU H 422 -36.46 -36.27 -12.18
CA LEU H 422 -35.85 -36.06 -13.50
C LEU H 422 -36.54 -36.91 -14.56
N ALA I 1 -43.78 6.28 49.17
CA ALA I 1 -44.25 7.22 48.16
C ALA I 1 -44.77 6.50 46.92
N GLU I 2 -45.89 6.98 46.38
CA GLU I 2 -46.51 6.46 45.18
C GLU I 2 -46.62 7.56 44.13
N PRO I 3 -46.61 7.21 42.85
CA PRO I 3 -46.74 8.23 41.81
C PRO I 3 -48.05 9.00 41.91
N VAL I 4 -48.00 10.29 41.59
CA VAL I 4 -49.16 11.16 41.66
C VAL I 4 -49.46 11.67 40.26
N TYR I 5 -50.65 11.37 39.76
CA TYR I 5 -51.11 11.93 38.49
C TYR I 5 -51.88 13.22 38.73
N PRO I 6 -51.47 14.34 38.14
CA PRO I 6 -52.07 15.62 38.49
C PRO I 6 -53.56 15.72 38.25
N ASP I 7 -54.11 14.92 37.34
CA ASP I 7 -55.54 15.02 37.05
C ASP I 7 -56.42 14.43 38.14
N GLN I 8 -55.85 13.69 39.08
CA GLN I 8 -56.64 13.08 40.15
C GLN I 8 -56.59 13.83 41.46
N LEU I 9 -55.84 14.92 41.55
CA LEU I 9 -55.75 15.70 42.78
C LEU I 9 -57.04 16.44 43.05
N ARG I 10 -57.45 16.47 44.33
CA ARG I 10 -58.66 17.16 44.74
C ARG I 10 -58.38 17.99 45.98
N LEU I 11 -59.07 19.13 46.09
CA LEU I 11 -58.90 20.07 47.19
C LEU I 11 -60.18 20.11 48.01
N PHE I 12 -60.15 19.49 49.20
CA PHE I 12 -61.26 19.57 50.13
C PHE I 12 -61.13 20.80 51.03
N SER I 13 -62.25 21.19 51.63
CA SER I 13 -62.30 22.33 52.54
C SER I 13 -63.11 21.96 53.78
N LEU I 14 -62.77 20.82 54.39
CA LEU I 14 -63.49 20.26 55.52
C LEU I 14 -62.69 20.35 56.81
N GLY I 15 -61.96 21.45 56.98
CA GLY I 15 -61.20 21.68 58.18
C GLY I 15 -59.80 21.12 58.10
N GLN I 16 -59.03 21.40 59.15
CA GLN I 16 -57.61 21.05 59.18
C GLN I 16 -57.45 19.54 59.38
N GLY I 17 -56.91 18.86 58.39
CA GLY I 17 -56.61 17.45 58.47
C GLY I 17 -57.67 16.53 57.86
N VAL I 18 -58.93 16.95 57.87
CA VAL I 18 -60.00 16.10 57.36
C VAL I 18 -59.93 16.04 55.84
N CYS I 19 -60.03 14.82 55.30
CA CYS I 19 -59.66 14.60 53.90
C CYS I 19 -60.56 13.50 53.32
N GLY I 20 -61.64 13.93 52.67
CA GLY I 20 -62.46 13.07 51.85
C GLY I 20 -63.03 11.85 52.58
N ASP I 21 -63.62 10.96 51.77
CA ASP I 21 -64.10 9.69 52.27
C ASP I 21 -63.23 8.51 51.84
N LYS I 22 -62.80 8.48 50.58
CA LYS I 22 -61.84 7.50 50.11
C LYS I 22 -60.57 8.17 49.65
N TYR I 23 -60.16 9.20 50.41
CA TYR I 23 -59.03 10.05 50.03
C TYR I 23 -58.08 10.19 51.22
N ARG I 24 -56.79 10.20 50.91
CA ARG I 24 -55.72 10.38 51.89
C ARG I 24 -54.96 11.68 51.60
N PRO I 25 -54.36 12.35 52.59
CA PRO I 25 -53.68 13.63 52.31
C PRO I 25 -52.36 13.36 51.61
N VAL I 26 -51.86 14.34 50.82
CA VAL I 26 -50.60 14.15 50.07
C VAL I 26 -49.43 14.49 50.98
N ASN I 27 -48.35 13.67 50.96
CA ASN I 27 -47.18 13.92 51.82
C ASN I 27 -46.25 14.93 51.13
N ARG I 28 -45.36 15.57 51.92
CA ARG I 28 -44.46 16.61 51.40
C ARG I 28 -43.63 16.10 50.24
N GLU I 29 -43.19 14.82 50.31
CA GLU I 29 -42.36 14.23 49.26
C GLU I 29 -43.11 14.14 47.94
N GLU I 30 -44.38 13.70 47.99
CA GLU I 30 -45.22 13.58 46.79
C GLU I 30 -45.56 14.94 46.23
N ALA I 31 -45.87 15.91 47.11
CA ALA I 31 -46.20 17.26 46.67
C ALA I 31 -45.03 17.88 45.91
N GLN I 32 -43.80 17.66 46.40
CA GLN I 32 -42.61 18.22 45.76
C GLN I 32 -42.37 17.54 44.41
N SER I 33 -42.68 16.22 44.31
CA SER I 33 -42.49 15.48 43.06
C SER I 33 -43.21 16.15 41.89
N VAL I 34 -44.34 16.81 42.15
CA VAL I 34 -45.11 17.46 41.08
C VAL I 34 -45.34 18.94 41.36
N LYS I 35 -44.36 19.61 41.96
CA LYS I 35 -44.58 20.94 42.52
C LYS I 35 -45.12 21.93 41.49
N SER I 36 -44.54 21.96 40.28
CA SER I 36 -44.96 22.95 39.30
C SER I 36 -46.41 22.75 38.88
N ASN I 37 -46.84 21.50 38.74
CA ASN I 37 -48.24 21.23 38.39
C ASN I 37 -49.19 21.74 39.48
N ILE I 38 -48.87 21.47 40.75
CA ILE I 38 -49.74 21.90 41.83
C ILE I 38 -49.77 23.42 41.92
N VAL I 39 -48.60 24.06 41.82
CA VAL I 39 -48.53 25.51 41.92
C VAL I 39 -49.29 26.17 40.79
N GLY I 40 -49.30 25.54 39.60
CA GLY I 40 -50.04 26.09 38.49
C GLY I 40 -51.54 26.06 38.63
N MET I 41 -52.05 25.44 39.70
CA MET I 41 -53.49 25.33 39.95
C MET I 41 -53.93 26.09 41.20
N MET I 42 -53.16 27.10 41.61
CA MET I 42 -53.44 27.80 42.85
C MET I 42 -53.53 29.30 42.61
N GLY I 43 -54.27 29.98 43.48
CA GLY I 43 -54.32 31.43 43.45
C GLY I 43 -53.01 32.05 43.88
N GLN I 44 -52.83 33.33 43.53
CA GLN I 44 -51.52 33.96 43.66
C GLN I 44 -51.06 34.04 45.10
N TRP I 45 -51.97 34.19 46.05
CA TRP I 45 -51.61 34.27 47.46
C TRP I 45 -52.34 33.20 48.28
N GLN I 46 -52.53 32.04 47.68
CA GLN I 46 -53.25 30.95 48.32
C GLN I 46 -52.29 30.11 49.17
N ILE I 47 -52.80 29.58 50.28
CA ILE I 47 -52.06 28.68 51.15
C ILE I 47 -52.93 27.46 51.43
N SER I 48 -52.38 26.27 51.18
CA SER I 48 -53.12 25.03 51.35
C SER I 48 -52.29 24.03 52.16
N GLY I 49 -52.99 23.07 52.78
CA GLY I 49 -52.37 22.17 53.72
C GLY I 49 -51.96 20.83 53.15
N LEU I 50 -51.06 20.17 53.87
CA LEU I 50 -50.54 18.86 53.48
C LEU I 50 -50.53 17.95 54.69
N ALA I 51 -49.89 16.80 54.56
CA ALA I 51 -49.84 15.81 55.63
C ALA I 51 -48.69 16.11 56.60
N ASN I 52 -48.93 15.81 57.87
CA ASN I 52 -47.94 15.93 58.94
C ASN I 52 -47.51 17.38 59.17
N GLY I 53 -48.48 18.30 59.14
CA GLY I 53 -48.21 19.68 59.45
C GLY I 53 -47.28 20.42 58.51
N TRP I 54 -47.47 20.27 57.21
CA TRP I 54 -46.76 21.05 56.21
C TRP I 54 -47.76 21.88 55.42
N VAL I 55 -47.24 22.77 54.56
CA VAL I 55 -48.08 23.71 53.85
C VAL I 55 -47.37 24.10 52.55
N ILE I 56 -48.16 24.35 51.50
CA ILE I 56 -47.64 24.78 50.21
C ILE I 56 -48.27 26.12 49.85
N MET I 57 -47.49 26.98 49.20
CA MET I 57 -47.87 28.35 48.92
C MET I 57 -47.94 28.60 47.41
N GLY I 58 -48.69 29.63 47.03
CA GLY I 58 -49.01 29.87 45.66
C GLY I 58 -47.91 30.58 44.89
N PRO I 59 -48.19 30.92 43.65
CA PRO I 59 -47.15 31.49 42.77
C PRO I 59 -46.55 32.79 43.29
N GLY I 60 -47.32 33.58 44.05
CA GLY I 60 -46.77 34.81 44.60
C GLY I 60 -45.64 34.55 45.57
N TYR I 61 -45.68 33.42 46.27
CA TYR I 61 -44.64 33.03 47.20
C TYR I 61 -43.59 32.14 46.57
N ASN I 62 -43.58 32.00 45.24
CA ASN I 62 -42.63 31.17 44.51
C ASN I 62 -42.77 29.69 44.82
N GLY I 63 -43.95 29.27 45.28
CA GLY I 63 -44.21 27.86 45.53
C GLY I 63 -43.39 27.22 46.63
N GLU I 64 -43.29 27.88 47.79
CA GLU I 64 -42.50 27.38 48.90
C GLU I 64 -43.28 26.37 49.72
N ILE I 65 -42.59 25.31 50.17
CA ILE I 65 -43.16 24.29 51.03
C ILE I 65 -42.50 24.41 52.40
N LYS I 66 -43.29 24.75 53.42
CA LYS I 66 -42.79 25.00 54.76
C LYS I 66 -43.78 24.52 55.79
N PRO I 67 -43.35 24.28 57.04
CA PRO I 67 -44.28 23.84 58.07
C PRO I 67 -45.31 24.91 58.42
N GLY I 68 -46.52 24.46 58.77
CA GLY I 68 -47.60 25.36 59.07
C GLY I 68 -48.91 24.59 59.15
N THR I 69 -50.02 25.34 59.25
CA THR I 69 -51.34 24.74 59.28
C THR I 69 -52.31 25.56 58.43
N ALA I 70 -53.29 24.88 57.85
CA ALA I 70 -54.29 25.53 57.02
C ALA I 70 -55.57 24.71 57.02
N SER I 71 -56.67 25.37 56.63
CA SER I 71 -57.97 24.71 56.58
C SER I 71 -58.12 23.83 55.34
N ASN I 72 -57.56 24.24 54.21
CA ASN I 72 -57.61 23.44 53.00
C ASN I 72 -56.71 22.21 53.10
N THR I 73 -56.98 21.22 52.26
CA THR I 73 -56.11 20.04 52.20
C THR I 73 -56.16 19.44 50.80
N TRP I 74 -55.01 19.34 50.14
CA TRP I 74 -54.91 18.61 48.88
C TRP I 74 -54.96 17.11 49.16
N CYS I 75 -55.79 16.38 48.41
CA CYS I 75 -56.04 14.98 48.70
C CYS I 75 -56.02 14.14 47.42
N TYR I 76 -55.73 12.85 47.60
CA TYR I 76 -55.56 11.88 46.53
C TYR I 76 -56.34 10.62 46.86
N PRO I 77 -56.93 9.95 45.85
CA PRO I 77 -57.78 8.78 46.12
C PRO I 77 -57.03 7.63 46.79
N THR I 78 -57.72 6.93 47.69
CA THR I 78 -57.11 5.82 48.42
C THR I 78 -56.77 4.66 47.48
N ASN I 79 -57.66 4.36 46.54
CA ASN I 79 -57.42 3.34 45.51
C ASN I 79 -57.57 4.02 44.15
N PRO I 80 -56.50 4.61 43.63
CA PRO I 80 -56.62 5.36 42.37
C PRO I 80 -56.82 4.43 41.19
N VAL I 81 -57.46 4.97 40.15
CA VAL I 81 -57.72 4.22 38.93
C VAL I 81 -56.57 4.45 37.96
N THR I 82 -56.44 3.54 36.99
CA THR I 82 -55.41 3.64 35.96
C THR I 82 -55.96 4.43 34.79
N GLY I 83 -55.27 5.51 34.41
CA GLY I 83 -55.71 6.33 33.30
C GLY I 83 -55.09 5.90 31.99
N GLU I 84 -54.97 4.59 31.80
CA GLU I 84 -54.31 4.06 30.62
C GLU I 84 -55.20 4.20 29.38
N ILE I 85 -54.54 4.31 28.23
CA ILE I 85 -55.24 4.37 26.93
C ILE I 85 -55.80 3.00 26.59
N PRO I 86 -57.09 2.88 26.32
CA PRO I 86 -57.69 1.56 26.04
C PRO I 86 -57.22 1.00 24.71
N THR I 87 -57.48 -0.29 24.53
CA THR I 87 -57.16 -1.00 23.30
C THR I 87 -58.46 -1.47 22.66
N LEU I 88 -58.63 -1.18 21.37
CA LEU I 88 -59.83 -1.54 20.63
C LEU I 88 -59.54 -2.77 19.75
N SER I 89 -60.62 -3.34 19.22
CA SER I 89 -60.47 -4.45 18.31
C SER I 89 -59.99 -3.96 16.94
N ALA I 90 -59.45 -4.89 16.15
CA ALA I 90 -58.76 -4.53 14.92
C ALA I 90 -59.76 -4.15 13.82
N LEU I 91 -59.28 -3.32 12.90
CA LEU I 91 -60.04 -2.89 11.73
C LEU I 91 -59.57 -3.68 10.52
N ASP I 92 -60.50 -4.35 9.85
CA ASP I 92 -60.18 -5.22 8.72
C ASP I 92 -60.42 -4.49 7.41
N ILE I 93 -59.45 -4.58 6.51
CA ILE I 93 -59.50 -3.91 5.21
C ILE I 93 -59.52 -4.98 4.12
N PRO I 94 -60.33 -4.84 3.08
CA PRO I 94 -60.37 -5.85 2.03
C PRO I 94 -59.05 -6.00 1.30
N ASP I 95 -58.84 -7.20 0.73
CA ASP I 95 -57.55 -7.59 0.18
C ASP I 95 -57.20 -6.80 -1.06
N GLY I 96 -55.90 -6.79 -1.37
CA GLY I 96 -55.40 -6.11 -2.55
C GLY I 96 -53.89 -6.01 -2.46
N ASP I 97 -53.31 -5.17 -3.31
CA ASP I 97 -51.89 -4.89 -3.19
C ASP I 97 -51.69 -3.70 -2.25
N GLU I 98 -50.44 -3.28 -2.06
CA GLU I 98 -50.14 -2.31 -1.02
C GLU I 98 -50.85 -0.98 -1.25
N VAL I 99 -50.79 -0.46 -2.48
CA VAL I 99 -51.39 0.84 -2.77
C VAL I 99 -52.91 0.77 -2.63
N ASP I 100 -53.50 -0.37 -2.99
CA ASP I 100 -54.95 -0.53 -2.84
C ASP I 100 -55.38 -0.43 -1.37
N VAL I 101 -54.61 -1.07 -0.49
CA VAL I 101 -54.93 -1.04 0.94
C VAL I 101 -54.72 0.36 1.51
N GLN I 102 -53.64 1.03 1.08
CA GLN I 102 -53.42 2.40 1.53
C GLN I 102 -54.53 3.34 1.08
N TRP I 103 -55.06 3.13 -0.14
CA TRP I 103 -56.16 3.96 -0.61
C TRP I 103 -57.38 3.81 0.28
N ARG I 104 -57.72 2.55 0.64
CA ARG I 104 -58.89 2.33 1.47
C ARG I 104 -58.71 2.84 2.89
N LEU I 105 -57.48 2.85 3.42
CA LEU I 105 -57.27 3.35 4.77
C LEU I 105 -57.49 4.86 4.85
N VAL I 106 -56.88 5.64 3.95
CA VAL I 106 -56.87 7.08 4.12
C VAL I 106 -58.13 7.79 3.64
N HIS I 107 -59.01 7.09 2.93
CA HIS I 107 -60.28 7.66 2.52
C HIS I 107 -61.40 7.32 3.51
N ASP I 108 -61.12 6.65 4.59
CA ASP I 108 -62.15 6.33 5.56
C ASP I 108 -62.37 7.53 6.48
N SER I 109 -63.60 8.04 6.52
CA SER I 109 -63.87 9.28 7.22
C SER I 109 -64.05 9.06 8.73
N ALA I 110 -64.87 8.07 9.11
CA ALA I 110 -65.15 7.85 10.51
C ALA I 110 -64.02 7.15 11.26
N ASN I 111 -63.11 6.47 10.57
CA ASN I 111 -62.09 5.69 11.25
C ASN I 111 -60.68 6.27 11.13
N PHE I 112 -60.41 7.11 10.12
CA PHE I 112 -59.10 7.71 10.00
C PHE I 112 -59.13 9.23 10.04
N ILE I 113 -59.96 9.88 9.22
CA ILE I 113 -59.83 11.31 8.99
C ILE I 113 -60.25 12.12 10.22
N LYS I 114 -61.40 11.76 10.82
CA LYS I 114 -61.87 12.49 11.99
C LYS I 114 -60.94 12.34 13.20
N PRO I 115 -60.54 11.15 13.63
CA PRO I 115 -59.67 11.07 14.82
C PRO I 115 -58.35 11.80 14.66
N THR I 116 -57.73 11.72 13.49
CA THR I 116 -56.45 12.40 13.28
C THR I 116 -56.62 13.92 13.27
N SER I 117 -57.70 14.42 12.68
CA SER I 117 -57.97 15.84 12.71
C SER I 117 -58.21 16.32 14.13
N TYR I 118 -58.96 15.55 14.92
CA TYR I 118 -59.18 15.94 16.31
C TYR I 118 -57.90 15.91 17.12
N LEU I 119 -57.01 14.95 16.84
CA LEU I 119 -55.73 14.93 17.52
C LEU I 119 -54.93 16.19 17.21
N ALA I 120 -54.89 16.59 15.94
CA ALA I 120 -54.17 17.81 15.59
C ALA I 120 -54.82 19.05 16.22
N HIS I 121 -56.15 19.06 16.32
CA HIS I 121 -56.83 20.21 16.92
C HIS I 121 -56.58 20.30 18.42
N TYR I 122 -56.55 19.16 19.12
CA TYR I 122 -56.36 19.19 20.56
C TYR I 122 -54.95 19.64 20.94
N LEU I 123 -53.96 19.39 20.09
CA LEU I 123 -52.60 19.79 20.42
C LEU I 123 -52.31 21.26 20.14
N GLY I 124 -53.20 21.95 19.43
CA GLY I 124 -53.05 23.37 19.23
C GLY I 124 -52.77 23.83 17.80
N TYR I 125 -52.84 22.95 16.82
CA TYR I 125 -52.69 23.37 15.44
C TYR I 125 -53.91 24.17 14.97
N ALA I 126 -53.68 25.07 14.04
CA ALA I 126 -54.72 26.01 13.59
C ALA I 126 -55.38 25.55 12.29
N TRP I 127 -56.65 25.88 12.16
CA TRP I 127 -57.43 25.74 10.93
C TRP I 127 -57.39 24.32 10.38
N VAL I 128 -57.95 23.40 11.15
CA VAL I 128 -58.04 21.99 10.73
C VAL I 128 -59.45 21.77 10.19
N GLY I 129 -59.64 21.99 8.89
CA GLY I 129 -60.95 21.87 8.28
C GLY I 129 -61.05 22.76 7.06
N GLY I 130 -62.08 22.48 6.24
CA GLY I 130 -62.28 23.20 5.00
C GLY I 130 -63.18 24.41 5.15
N ASN I 131 -63.27 25.17 4.05
CA ASN I 131 -64.02 26.42 4.03
C ASN I 131 -65.53 26.23 3.97
N HIS I 132 -66.01 25.05 3.62
CA HIS I 132 -67.44 24.83 3.43
C HIS I 132 -68.10 24.22 4.65
N SER I 133 -67.43 24.21 5.79
CA SER I 133 -67.98 23.68 7.03
C SER I 133 -67.41 24.47 8.20
N GLN I 134 -68.05 24.34 9.36
CA GLN I 134 -67.59 24.99 10.57
C GLN I 134 -67.05 24.02 11.62
N TYR I 135 -67.07 22.72 11.35
CA TYR I 135 -66.66 21.73 12.33
C TYR I 135 -65.27 21.19 11.99
N VAL I 136 -64.63 20.64 13.03
CA VAL I 136 -63.28 20.11 12.88
C VAL I 136 -63.32 18.82 12.06
N GLY I 137 -62.44 18.73 11.06
CA GLY I 137 -62.26 17.50 10.32
C GLY I 137 -63.23 17.27 9.19
N GLU I 138 -64.02 18.26 8.80
CA GLU I 138 -64.94 18.12 7.69
C GLU I 138 -64.47 18.94 6.50
N ASP I 139 -64.89 18.51 5.30
CA ASP I 139 -64.52 19.17 4.05
C ASP I 139 -63.01 19.12 3.84
N MET I 140 -62.45 17.91 3.92
CA MET I 140 -61.02 17.68 3.76
C MET I 140 -60.74 17.06 2.39
N ASP I 141 -59.54 17.33 1.88
CA ASP I 141 -59.11 16.85 0.57
C ASP I 141 -57.96 15.86 0.73
N VAL I 142 -58.02 14.76 -0.01
CA VAL I 142 -57.00 13.72 0.03
C VAL I 142 -56.29 13.66 -1.32
N THR I 143 -54.96 13.72 -1.29
CA THR I 143 -54.17 13.73 -2.52
C THR I 143 -52.99 12.77 -2.40
N ARG I 144 -52.62 12.18 -3.52
CA ARG I 144 -51.51 11.26 -3.62
C ARG I 144 -50.28 11.98 -4.16
N ASP I 145 -49.15 11.89 -3.44
CA ASP I 145 -47.93 12.58 -3.85
C ASP I 145 -46.72 11.72 -3.49
N GLY I 146 -46.10 11.14 -4.51
CA GLY I 146 -44.91 10.34 -4.29
C GLY I 146 -45.20 9.02 -3.62
N ASP I 147 -44.58 8.78 -2.47
CA ASP I 147 -44.76 7.56 -1.70
C ASP I 147 -45.73 7.73 -0.54
N GLY I 148 -46.44 8.85 -0.47
CA GLY I 148 -47.33 9.11 0.65
C GLY I 148 -48.62 9.76 0.22
N TRP I 149 -49.39 10.22 1.21
CA TRP I 149 -50.67 10.85 1.02
C TRP I 149 -50.74 12.10 1.90
N VAL I 150 -51.51 13.09 1.47
CA VAL I 150 -51.67 14.34 2.19
C VAL I 150 -53.16 14.62 2.39
N ILE I 151 -53.54 14.96 3.62
CA ILE I 151 -54.91 15.34 3.95
C ILE I 151 -54.91 16.79 4.43
N ARG I 152 -55.68 17.65 3.75
CA ARG I 152 -55.74 19.06 4.09
C ARG I 152 -57.15 19.59 3.83
N GLY I 153 -57.53 20.63 4.58
CA GLY I 153 -58.81 21.26 4.36
C GLY I 153 -58.88 21.99 3.03
N ASN I 154 -60.06 21.95 2.42
CA ASN I 154 -60.25 22.56 1.10
C ASN I 154 -60.26 24.08 1.21
N ASN I 155 -59.56 24.73 0.29
CA ASN I 155 -59.36 26.18 0.30
C ASN I 155 -59.89 26.72 -1.02
N ASP I 156 -61.20 26.94 -1.08
CA ASP I 156 -61.90 27.38 -2.29
C ASP I 156 -62.97 28.37 -1.87
N GLY I 157 -62.78 29.63 -2.24
CA GLY I 157 -63.71 30.66 -1.85
C GLY I 157 -63.05 31.62 -0.89
N GLY I 158 -63.80 32.11 0.10
CA GLY I 158 -63.26 32.98 1.10
C GLY I 158 -63.50 32.42 2.48
N CYS I 159 -62.81 33.02 3.45
CA CYS I 159 -62.92 32.60 4.85
C CYS I 159 -62.78 33.82 5.74
N ASP I 160 -63.24 33.68 6.98
CA ASP I 160 -63.14 34.73 7.99
C ASP I 160 -62.24 34.24 9.11
N GLY I 161 -61.23 35.01 9.44
CA GLY I 161 -60.26 34.65 10.46
C GLY I 161 -58.93 35.30 10.15
N TYR I 162 -58.07 35.40 11.18
CA TYR I 162 -56.85 36.19 11.01
C TYR I 162 -55.95 35.62 9.92
N ARG I 163 -55.62 34.33 9.99
CA ARG I 163 -54.73 33.74 9.00
C ARG I 163 -55.35 32.51 8.38
N CYS I 164 -56.68 32.53 8.20
CA CYS I 164 -57.33 31.44 7.49
C CYS I 164 -56.84 31.44 6.05
N GLY I 165 -56.46 30.27 5.56
CA GLY I 165 -55.70 30.16 4.33
C GLY I 165 -54.39 29.43 4.55
N ASP I 166 -53.86 29.52 5.75
CA ASP I 166 -52.75 28.68 6.20
C ASP I 166 -53.35 27.50 6.95
N LYS I 167 -53.68 26.44 6.21
CA LYS I 167 -54.38 25.30 6.78
C LYS I 167 -53.42 24.16 7.09
N THR I 168 -53.72 23.45 8.18
CA THR I 168 -52.86 22.37 8.65
C THR I 168 -52.93 21.16 7.73
N ALA I 169 -51.79 20.51 7.51
CA ALA I 169 -51.69 19.34 6.65
C ALA I 169 -51.28 18.12 7.47
N ILE I 170 -51.82 16.95 7.13
CA ILE I 170 -51.50 15.69 7.79
C ILE I 170 -50.90 14.76 6.73
N LYS I 171 -49.72 14.20 7.00
CA LYS I 171 -49.02 13.38 5.99
C LYS I 171 -48.88 11.93 6.47
N VAL I 172 -49.16 10.95 5.59
CA VAL I 172 -49.05 9.52 5.91
C VAL I 172 -48.02 8.89 4.98
N SER I 173 -47.02 8.21 5.56
CA SER I 173 -45.96 7.57 4.77
C SER I 173 -45.31 6.46 5.61
N ASN I 174 -44.34 5.78 5.00
CA ASN I 174 -43.50 4.79 5.70
C ASN I 174 -44.31 3.60 6.20
N PHE I 175 -45.01 2.93 5.28
CA PHE I 175 -45.84 1.81 5.67
C PHE I 175 -45.00 0.56 5.88
N ALA I 176 -45.34 -0.21 6.93
CA ALA I 176 -44.64 -1.43 7.29
C ALA I 176 -45.65 -2.55 7.54
N TYR I 177 -45.20 -3.79 7.41
CA TYR I 177 -46.08 -4.95 7.44
C TYR I 177 -45.49 -6.04 8.35
N ASN I 178 -46.26 -6.43 9.37
CA ASN I 178 -45.86 -7.47 10.31
C ASN I 178 -46.62 -8.74 9.97
N LEU I 179 -45.93 -9.71 9.37
CA LEU I 179 -46.57 -10.88 8.78
C LEU I 179 -46.98 -11.91 9.83
N ASP I 180 -48.02 -12.66 9.50
CA ASP I 180 -48.29 -13.92 10.18
C ASP I 180 -47.33 -14.99 9.66
N PRO I 181 -46.63 -15.70 10.54
CA PRO I 181 -45.53 -16.57 10.08
C PRO I 181 -45.97 -17.65 9.10
N ASP I 182 -47.16 -18.22 9.24
CA ASP I 182 -47.59 -19.36 8.45
C ASP I 182 -48.49 -18.98 7.27
N SER I 183 -48.39 -17.74 6.78
CA SER I 183 -49.25 -17.32 5.68
C SER I 183 -48.49 -16.92 4.42
N PHE I 184 -47.17 -16.87 4.45
CA PHE I 184 -46.41 -16.40 3.29
C PHE I 184 -46.29 -17.49 2.23
N LYS I 185 -46.53 -17.12 0.98
CA LYS I 185 -46.31 -17.99 -0.17
C LYS I 185 -45.73 -17.17 -1.31
N HIS I 186 -44.90 -17.80 -2.14
CA HIS I 186 -44.45 -17.17 -3.37
C HIS I 186 -44.58 -18.15 -4.53
N GLY I 187 -44.63 -17.61 -5.74
CA GLY I 187 -44.81 -18.37 -6.96
C GLY I 187 -43.50 -18.65 -7.67
N ASP I 188 -43.58 -18.72 -9.00
CA ASP I 188 -42.44 -19.13 -9.81
C ASP I 188 -41.43 -18.00 -9.97
N VAL I 189 -40.15 -18.36 -9.92
CA VAL I 189 -39.05 -17.41 -10.11
C VAL I 189 -38.61 -17.46 -11.56
N THR I 190 -38.58 -16.30 -12.22
CA THR I 190 -38.20 -16.20 -13.62
C THR I 190 -36.99 -15.30 -13.78
N GLN I 191 -36.18 -15.59 -14.79
CA GLN I 191 -34.94 -14.88 -15.04
C GLN I 191 -34.93 -14.26 -16.43
N SER I 192 -34.25 -13.13 -16.57
CA SER I 192 -34.09 -12.49 -17.88
C SER I 192 -32.77 -11.74 -17.91
N ASP I 193 -32.27 -11.50 -19.12
CA ASP I 193 -31.04 -10.74 -19.36
C ASP I 193 -29.82 -11.43 -18.72
N ARG I 194 -29.58 -12.67 -19.13
CA ARG I 194 -28.57 -13.51 -18.50
C ARG I 194 -27.21 -13.33 -19.17
N GLN I 195 -26.18 -13.07 -18.36
CA GLN I 195 -24.81 -12.91 -18.84
C GLN I 195 -23.89 -13.84 -18.07
N LEU I 196 -23.10 -14.63 -18.78
CA LEU I 196 -22.24 -15.61 -18.15
C LEU I 196 -21.07 -14.96 -17.41
N VAL I 197 -20.70 -15.55 -16.28
CA VAL I 197 -19.51 -15.13 -15.54
C VAL I 197 -18.37 -16.12 -15.72
N LYS I 198 -18.59 -17.38 -15.31
CA LYS I 198 -17.55 -18.40 -15.40
C LYS I 198 -18.18 -19.77 -15.23
N THR I 199 -17.43 -20.80 -15.67
CA THR I 199 -17.89 -22.19 -15.56
C THR I 199 -16.68 -23.11 -15.42
N VAL I 200 -16.93 -24.31 -14.88
CA VAL I 200 -15.89 -25.33 -14.70
C VAL I 200 -16.51 -26.72 -14.86
N VAL I 201 -15.76 -27.63 -15.48
CA VAL I 201 -16.14 -29.04 -15.61
C VAL I 201 -15.01 -29.90 -15.08
N GLY I 202 -15.34 -31.12 -14.66
CA GLY I 202 -14.32 -31.99 -14.09
C GLY I 202 -14.78 -33.42 -13.94
N TRP I 203 -13.86 -34.26 -13.47
CA TRP I 203 -14.10 -35.69 -13.22
C TRP I 203 -13.60 -36.05 -11.83
N ALA I 204 -14.25 -37.03 -11.21
CA ALA I 204 -13.82 -37.58 -9.93
C ALA I 204 -13.66 -39.09 -10.07
N VAL I 205 -12.44 -39.58 -9.93
CA VAL I 205 -12.08 -40.96 -10.27
C VAL I 205 -11.79 -41.74 -8.99
N ASN I 206 -12.40 -42.91 -8.87
CA ASN I 206 -12.21 -43.79 -7.71
C ASN I 206 -11.73 -45.14 -8.19
N ASP I 207 -10.49 -45.49 -7.85
CA ASP I 207 -9.88 -46.73 -8.30
C ASP I 207 -9.61 -47.70 -7.16
N SER I 208 -10.10 -47.41 -5.96
CA SER I 208 -9.90 -48.29 -4.82
C SER I 208 -11.06 -49.27 -4.70
N ASP I 209 -11.13 -49.98 -3.58
CA ASP I 209 -12.11 -51.05 -3.38
C ASP I 209 -13.26 -50.66 -2.46
N THR I 210 -13.35 -49.42 -2.04
CA THR I 210 -14.42 -48.94 -1.19
C THR I 210 -14.98 -47.65 -1.77
N PRO I 211 -16.20 -47.28 -1.40
CA PRO I 211 -16.70 -45.96 -1.76
C PRO I 211 -15.84 -44.86 -1.15
N GLN I 212 -15.69 -43.76 -1.87
CA GLN I 212 -14.88 -42.64 -1.43
C GLN I 212 -15.70 -41.36 -1.51
N SER I 213 -15.57 -40.52 -0.48
CA SER I 213 -16.30 -39.25 -0.42
C SER I 213 -15.41 -38.02 -0.42
N GLY I 214 -14.10 -38.18 -0.44
CA GLY I 214 -13.20 -37.04 -0.32
C GLY I 214 -12.84 -36.34 -1.60
N TYR I 215 -13.77 -35.57 -2.17
CA TYR I 215 -13.53 -34.76 -3.36
C TYR I 215 -14.14 -33.38 -3.13
N ASP I 216 -13.58 -32.38 -3.81
CA ASP I 216 -14.12 -31.02 -3.72
C ASP I 216 -13.67 -30.18 -4.91
N VAL I 217 -14.61 -29.44 -5.50
CA VAL I 217 -14.33 -28.41 -6.49
C VAL I 217 -15.07 -27.15 -6.09
N THR I 218 -14.38 -26.01 -6.08
CA THR I 218 -14.96 -24.74 -5.60
C THR I 218 -14.65 -23.63 -6.59
N LEU I 219 -15.65 -22.79 -6.86
CA LEU I 219 -15.53 -21.61 -7.71
C LEU I 219 -16.02 -20.39 -6.95
N ARG I 220 -15.18 -19.35 -6.85
CA ARG I 220 -15.51 -18.16 -6.08
C ARG I 220 -15.32 -16.90 -6.91
N TYR I 221 -16.13 -15.87 -6.65
CA TYR I 221 -16.13 -14.62 -7.40
C TYR I 221 -16.36 -13.44 -6.47
N ASP I 222 -15.52 -12.40 -6.56
CA ASP I 222 -15.55 -11.26 -5.66
C ASP I 222 -15.51 -9.94 -6.43
N THR I 223 -16.10 -8.89 -5.83
CA THR I 223 -15.98 -7.52 -6.31
C THR I 223 -15.88 -6.57 -5.12
N ALA I 224 -15.21 -5.43 -5.32
CA ALA I 224 -14.97 -4.50 -4.22
C ALA I 224 -14.84 -3.07 -4.74
N THR I 225 -15.02 -2.11 -3.82
CA THR I 225 -14.82 -0.68 -4.06
C THR I 225 -14.14 -0.06 -2.84
N ASN I 226 -13.53 1.12 -3.04
CA ASN I 226 -12.84 1.80 -1.95
C ASN I 226 -12.75 3.29 -2.24
N TRP I 227 -12.38 4.06 -1.21
CA TRP I 227 -12.26 5.52 -1.28
C TRP I 227 -11.33 6.02 -0.18
N SER I 228 -10.85 7.25 -0.33
CA SER I 228 -9.90 7.82 0.63
C SER I 228 -9.83 9.34 0.49
N LYS I 229 -9.40 10.03 1.56
CA LYS I 229 -9.22 11.47 1.58
C LYS I 229 -8.06 11.84 2.51
N THR I 230 -7.29 12.88 2.13
CA THR I 230 -6.10 13.26 2.86
C THR I 230 -5.94 14.78 2.94
N ASN I 231 -5.37 15.26 4.05
CA ASN I 231 -5.01 16.66 4.24
C ASN I 231 -3.57 16.76 4.72
N THR I 232 -2.83 17.75 4.23
CA THR I 232 -1.42 17.94 4.60
C THR I 232 -1.11 19.41 4.84
N TYR I 233 -0.19 19.67 5.77
CA TYR I 233 0.32 21.01 6.07
C TYR I 233 1.83 20.94 6.23
N GLY I 234 2.51 22.03 5.86
CA GLY I 234 3.97 22.05 5.95
C GLY I 234 4.54 23.42 6.20
N LEU I 235 5.77 23.43 6.72
CA LEU I 235 6.54 24.64 6.99
C LEU I 235 7.98 24.42 6.55
N SER I 236 8.68 25.52 6.24
CA SER I 236 10.05 25.43 5.76
C SER I 236 10.82 26.70 6.10
N GLU I 237 12.14 26.55 6.27
CA GLU I 237 13.03 27.67 6.53
C GLU I 237 14.34 27.44 5.78
N LYS I 238 14.90 28.50 5.20
CA LYS I 238 16.16 28.42 4.47
C LYS I 238 17.02 29.64 4.78
N VAL I 239 18.33 29.40 4.89
CA VAL I 239 19.31 30.46 5.17
C VAL I 239 20.48 30.30 4.22
N THR I 240 20.86 31.37 3.53
CA THR I 240 21.93 31.35 2.54
C THR I 240 23.02 32.35 2.90
N THR I 241 24.25 32.02 2.55
CA THR I 241 25.40 32.84 2.89
C THR I 241 26.46 32.72 1.80
N LYS I 242 27.14 33.83 1.47
CA LYS I 242 28.23 33.81 0.49
C LYS I 242 29.56 33.84 1.24
N ASN I 243 30.52 32.97 0.86
CA ASN I 243 31.79 32.87 1.61
C ASN I 243 32.97 32.83 0.65
N LYS I 244 34.07 33.53 0.99
CA LYS I 244 35.26 33.61 0.12
C LYS I 244 36.46 33.04 0.87
N PHE I 245 37.41 32.43 0.14
CA PHE I 245 38.57 31.79 0.78
C PHE I 245 39.84 32.07 -0.03
N LYS I 246 40.69 32.98 0.46
CA LYS I 246 41.95 33.30 -0.22
C LYS I 246 43.04 32.30 0.22
N TRP I 247 42.87 31.01 -0.15
CA TRP I 247 43.81 29.97 0.27
C TRP I 247 45.15 30.15 -0.47
N PRO I 248 46.28 29.74 0.14
CA PRO I 248 47.59 29.81 -0.57
C PRO I 248 47.55 29.00 -1.84
N LEU I 249 48.21 29.49 -2.92
CA LEU I 249 48.27 28.79 -4.20
C LEU I 249 46.90 28.72 -4.88
N VAL I 250 45.87 29.40 -4.35
CA VAL I 250 44.58 29.48 -5.00
C VAL I 250 44.19 30.92 -5.20
N GLY I 251 44.75 31.83 -4.39
CA GLY I 251 44.47 33.25 -4.51
C GLY I 251 43.13 33.63 -3.93
N GLU I 252 42.03 33.02 -4.40
CA GLU I 252 40.68 33.34 -3.93
C GLU I 252 39.68 32.33 -4.46
N THR I 253 38.78 31.81 -3.60
CA THR I 253 37.74 30.87 -4.04
C THR I 253 36.39 31.32 -3.47
N ALA I 254 35.38 31.46 -4.34
CA ALA I 254 34.05 31.94 -3.91
C ALA I 254 33.04 30.81 -3.96
N LEU I 255 32.15 30.74 -2.96
CA LEU I 255 31.13 29.71 -2.88
C LEU I 255 30.03 30.16 -1.94
N SER I 256 28.82 29.63 -2.15
CA SER I 256 27.66 29.95 -1.34
C SER I 256 27.18 28.70 -0.62
N ILE I 257 26.67 28.87 0.60
CA ILE I 257 26.22 27.78 1.45
C ILE I 257 24.77 28.02 1.83
N ALA I 258 23.95 26.97 1.73
CA ALA I 258 22.53 27.05 2.08
C ALA I 258 22.16 25.89 2.98
N ILE I 259 21.33 26.16 3.99
CA ILE I 259 20.84 25.15 4.93
C ILE I 259 19.34 25.33 5.06
N ALA I 260 18.61 24.21 5.08
CA ALA I 260 17.16 24.23 5.12
C ALA I 260 16.63 23.21 6.11
N ALA I 261 15.42 23.46 6.60
CA ALA I 261 14.71 22.55 7.49
C ALA I 261 13.22 22.62 7.19
N ASN I 262 12.54 21.48 7.29
CA ASN I 262 11.10 21.43 7.02
C ASN I 262 10.41 20.46 7.97
N GLN I 263 9.08 20.56 8.01
CA GLN I 263 8.26 19.78 8.91
C GLN I 263 6.87 19.64 8.30
N SER I 264 6.23 18.50 8.49
CA SER I 264 4.97 18.20 7.81
C SER I 264 4.06 17.35 8.68
N TRP I 265 2.75 17.46 8.43
CA TRP I 265 1.71 16.70 9.13
C TRP I 265 0.66 16.26 8.12
N ALA I 266 0.19 15.02 8.26
CA ALA I 266 -0.80 14.48 7.33
C ALA I 266 -1.86 13.67 8.08
N SER I 267 -3.06 13.59 7.49
CA SER I 267 -4.20 12.92 8.10
C SER I 267 -5.05 12.28 7.00
N GLN I 268 -5.52 11.05 7.24
CA GLN I 268 -6.21 10.27 6.20
C GLN I 268 -7.41 9.52 6.78
N ASN I 269 -8.43 9.32 5.94
CA ASN I 269 -9.63 8.54 6.27
C ASN I 269 -10.11 7.80 5.02
N GLY I 270 -10.73 6.63 5.21
CA GLY I 270 -11.22 5.87 4.08
C GLY I 270 -12.10 4.70 4.49
N GLY I 271 -12.47 3.89 3.49
CA GLY I 271 -13.32 2.72 3.71
C GLY I 271 -13.45 1.89 2.44
N SER I 272 -14.23 0.80 2.55
CA SER I 272 -14.38 -0.12 1.43
C SER I 272 -15.62 -1.00 1.65
N THR I 273 -15.96 -1.77 0.60
CA THR I 273 -17.09 -2.70 0.60
C THR I 273 -16.78 -3.88 -0.33
N THR I 274 -17.20 -5.09 0.06
CA THR I 274 -16.92 -6.30 -0.71
C THR I 274 -18.14 -7.22 -0.74
N THR I 275 -18.34 -7.91 -1.87
CA THR I 275 -19.39 -8.90 -2.05
C THR I 275 -18.80 -10.16 -2.69
N SER I 276 -19.22 -11.33 -2.20
CA SER I 276 -18.62 -12.60 -2.60
C SER I 276 -19.67 -13.68 -2.80
N LEU I 277 -19.48 -14.51 -3.82
CA LEU I 277 -20.38 -15.61 -4.14
C LEU I 277 -19.57 -16.87 -4.40
N SER I 278 -19.91 -17.96 -3.70
CA SER I 278 -19.11 -19.19 -3.73
C SER I 278 -20.01 -20.41 -3.93
N GLN I 279 -19.51 -21.41 -4.67
CA GLN I 279 -20.25 -22.64 -4.94
C GLN I 279 -19.30 -23.84 -4.91
N SER I 280 -19.79 -24.98 -4.39
CA SER I 280 -18.96 -26.18 -4.24
C SER I 280 -19.76 -27.42 -4.59
N VAL I 281 -19.05 -28.49 -4.95
CA VAL I 281 -19.63 -29.81 -5.20
C VAL I 281 -18.69 -30.87 -4.62
N ARG I 282 -19.26 -31.88 -3.96
CA ARG I 282 -18.49 -32.91 -3.25
C ARG I 282 -19.13 -34.28 -3.42
N PRO I 283 -18.86 -34.97 -4.52
CA PRO I 283 -19.57 -36.22 -4.82
C PRO I 283 -19.09 -37.42 -4.02
N THR I 284 -19.97 -38.42 -3.94
CA THR I 284 -19.65 -39.73 -3.41
C THR I 284 -19.64 -40.74 -4.56
N VAL I 285 -18.51 -41.39 -4.79
CA VAL I 285 -18.27 -42.19 -5.98
C VAL I 285 -18.17 -43.66 -5.58
N PRO I 286 -18.86 -44.57 -6.28
CA PRO I 286 -18.74 -45.99 -5.95
C PRO I 286 -17.37 -46.55 -6.32
N ALA I 287 -17.08 -47.74 -5.79
CA ALA I 287 -15.80 -48.38 -6.04
C ALA I 287 -15.63 -48.72 -7.51
N ARG I 288 -14.44 -48.41 -8.06
CA ARG I 288 -14.07 -48.74 -9.43
C ARG I 288 -14.99 -48.04 -10.45
N SER I 289 -15.15 -46.73 -10.30
CA SER I 289 -15.98 -45.96 -11.22
C SER I 289 -15.56 -44.49 -11.14
N LYS I 290 -16.22 -43.66 -11.93
CA LYS I 290 -15.95 -42.23 -11.95
C LYS I 290 -17.22 -41.45 -12.28
N ILE I 291 -17.23 -40.17 -11.87
CA ILE I 291 -18.41 -39.31 -11.97
C ILE I 291 -18.02 -37.93 -12.52
N PRO I 292 -18.79 -37.35 -13.44
CA PRO I 292 -18.54 -35.98 -13.89
C PRO I 292 -19.36 -34.93 -13.15
N VAL I 293 -18.80 -33.71 -13.08
CA VAL I 293 -19.41 -32.59 -12.35
C VAL I 293 -19.35 -31.33 -13.20
N LYS I 294 -20.16 -30.34 -12.82
CA LYS I 294 -20.21 -29.05 -13.52
C LYS I 294 -20.79 -27.96 -12.62
N ILE I 295 -20.23 -26.75 -12.70
CA ILE I 295 -20.68 -25.59 -11.94
C ILE I 295 -20.70 -24.37 -12.85
N GLU I 296 -21.76 -23.55 -12.75
CA GLU I 296 -21.90 -22.34 -13.56
C GLU I 296 -22.39 -21.18 -12.71
N LEU I 297 -22.02 -19.96 -13.12
CA LEU I 297 -22.47 -18.74 -12.47
C LEU I 297 -22.88 -17.71 -13.51
N TYR I 298 -24.03 -17.07 -13.29
CA TYR I 298 -24.59 -16.07 -14.21
C TYR I 298 -25.00 -14.82 -13.44
N LYS I 299 -25.29 -13.77 -14.19
CA LYS I 299 -25.96 -12.58 -13.68
C LYS I 299 -27.27 -12.40 -14.43
N ALA I 300 -28.33 -12.07 -13.70
CA ALA I 300 -29.67 -12.01 -14.29
C ALA I 300 -30.59 -11.12 -13.47
N ASP I 301 -31.73 -10.76 -14.08
CA ASP I 301 -32.83 -10.10 -13.39
C ASP I 301 -33.84 -11.14 -12.91
N ILE I 302 -34.40 -10.91 -11.72
CA ILE I 302 -35.23 -11.89 -11.03
C ILE I 302 -36.60 -11.29 -10.71
N SER I 303 -37.65 -12.08 -10.88
CA SER I 303 -39.01 -11.66 -10.56
C SER I 303 -39.81 -12.84 -10.00
N TYR I 304 -40.73 -12.56 -9.06
CA TYR I 304 -41.70 -13.55 -8.61
C TYR I 304 -42.83 -12.86 -7.87
N PRO I 305 -44.03 -13.45 -7.83
CA PRO I 305 -45.13 -12.91 -7.03
C PRO I 305 -45.21 -13.54 -5.64
N TYR I 306 -46.00 -12.93 -4.77
CA TYR I 306 -46.13 -13.37 -3.38
C TYR I 306 -47.47 -12.93 -2.80
N GLU I 307 -47.77 -13.44 -1.61
CA GLU I 307 -48.96 -13.05 -0.87
C GLU I 307 -48.79 -13.39 0.61
N PHE I 308 -49.49 -12.66 1.47
CA PHE I 308 -49.45 -12.91 2.91
C PHE I 308 -50.56 -12.13 3.61
N LYS I 309 -50.59 -12.25 4.94
CA LYS I 309 -51.54 -11.56 5.81
C LYS I 309 -50.75 -10.85 6.91
N ALA I 310 -51.09 -9.59 7.20
CA ALA I 310 -50.21 -8.79 8.04
C ALA I 310 -50.95 -7.72 8.84
N ASP I 311 -50.21 -7.12 9.78
CA ASP I 311 -50.58 -5.90 10.48
C ASP I 311 -49.87 -4.72 9.83
N VAL I 312 -50.56 -3.58 9.76
CA VAL I 312 -50.08 -2.41 9.03
C VAL I 312 -49.77 -1.28 10.02
N SER I 313 -48.62 -0.63 9.82
CA SER I 313 -48.22 0.53 10.62
C SER I 313 -47.56 1.56 9.72
N TYR I 314 -47.51 2.81 10.18
CA TYR I 314 -47.11 3.93 9.34
C TYR I 314 -46.65 5.09 10.21
N ASP I 315 -46.18 6.15 9.54
CA ASP I 315 -45.77 7.40 10.18
C ASP I 315 -46.81 8.49 9.92
N LEU I 316 -46.92 9.42 10.87
CA LEU I 316 -47.89 10.50 10.81
C LEU I 316 -47.17 11.81 11.09
N THR I 317 -47.29 12.77 10.18
CA THR I 317 -46.62 14.06 10.31
C THR I 317 -47.65 15.19 10.28
N LEU I 318 -47.54 16.11 11.23
CA LEU I 318 -48.46 17.24 11.35
C LEU I 318 -47.69 18.54 11.11
N SER I 319 -48.22 19.38 10.22
CA SER I 319 -47.57 20.62 9.82
C SER I 319 -48.56 21.78 9.87
N GLY I 320 -48.16 22.87 10.50
CA GLY I 320 -49.01 24.05 10.62
C GLY I 320 -48.39 25.02 11.60
N PHE I 321 -49.17 26.04 11.98
CA PHE I 321 -48.72 26.96 13.00
C PHE I 321 -49.58 26.82 14.26
N LEU I 322 -48.97 27.06 15.41
CA LEU I 322 -49.59 26.82 16.70
C LEU I 322 -50.36 28.05 17.17
N ARG I 323 -51.53 27.81 17.76
CA ARG I 323 -52.46 28.88 18.09
C ARG I 323 -51.91 29.78 19.19
N TRP I 324 -52.24 31.07 19.09
CA TRP I 324 -51.74 32.07 20.04
C TRP I 324 -52.42 31.93 21.40
N GLY I 325 -53.70 31.59 21.41
CA GLY I 325 -54.41 31.48 22.68
C GLY I 325 -53.86 30.40 23.59
N GLY I 326 -53.58 29.22 23.03
CA GLY I 326 -53.02 28.15 23.79
C GLY I 326 -52.67 26.96 22.92
N ASN I 327 -51.58 26.29 23.25
CA ASN I 327 -51.14 25.09 22.55
C ASN I 327 -50.42 24.20 23.55
N ALA I 328 -50.17 22.96 23.13
CA ALA I 328 -49.70 21.91 24.03
C ALA I 328 -48.19 21.71 24.01
N TRP I 329 -47.43 22.50 23.24
CA TRP I 329 -45.97 22.37 23.30
C TRP I 329 -45.50 22.75 24.70
N TYR I 330 -44.46 22.07 25.22
CA TYR I 330 -44.03 22.26 26.61
C TYR I 330 -43.52 23.67 26.89
N THR I 331 -43.03 24.40 25.88
CA THR I 331 -42.59 25.78 26.06
C THR I 331 -43.73 26.77 25.87
N HIS I 332 -44.88 26.30 25.33
CA HIS I 332 -46.07 27.13 25.10
C HIS I 332 -45.71 28.45 24.39
N PRO I 333 -45.28 28.42 23.09
CA PRO I 333 -44.94 29.67 22.38
C PRO I 333 -46.16 30.53 22.10
N ASP I 334 -45.96 31.86 21.91
CA ASP I 334 -47.06 32.78 21.64
C ASP I 334 -46.74 33.67 20.44
N ASN I 335 -45.81 33.23 19.59
CA ASN I 335 -45.44 34.00 18.38
C ASN I 335 -46.00 33.33 17.14
N ARG I 336 -47.07 32.51 17.27
CA ARG I 336 -47.67 31.78 16.17
C ARG I 336 -46.58 31.17 15.24
N PRO I 337 -45.74 30.23 15.75
CA PRO I 337 -44.65 29.66 14.95
C PRO I 337 -45.05 28.45 14.11
N ASN I 338 -44.35 28.21 12.98
CA ASN I 338 -44.63 27.03 12.13
C ASN I 338 -44.07 25.79 12.81
N TRP I 339 -44.75 24.63 12.70
CA TRP I 339 -44.31 23.45 13.45
C TRP I 339 -44.45 22.14 12.67
N ASN I 340 -43.49 21.21 12.88
CA ASN I 340 -43.54 19.87 12.30
C ASN I 340 -43.24 18.84 13.37
N HIS I 341 -44.00 17.76 13.39
CA HIS I 341 -43.73 16.66 14.33
C HIS I 341 -44.21 15.34 13.75
N THR I 342 -43.47 14.26 14.01
CA THR I 342 -43.76 12.94 13.47
C THR I 342 -44.04 11.95 14.60
N PHE I 343 -45.13 11.22 14.49
CA PHE I 343 -45.47 10.11 15.37
C PHE I 343 -45.38 8.79 14.62
N VAL I 344 -44.99 7.73 15.31
CA VAL I 344 -44.95 6.40 14.74
C VAL I 344 -46.15 5.62 15.27
N ILE I 345 -47.08 5.28 14.39
CA ILE I 345 -48.32 4.61 14.77
C ILE I 345 -48.07 3.11 14.62
N GLY I 346 -47.54 2.50 15.69
CA GLY I 346 -47.18 1.10 15.67
C GLY I 346 -46.27 0.75 16.83
N PRO I 347 -45.36 -0.19 16.63
CA PRO I 347 -44.42 -0.55 17.69
C PRO I 347 -43.47 0.58 18.03
N TYR I 348 -42.90 0.49 19.23
CA TYR I 348 -42.04 1.55 19.77
C TYR I 348 -40.74 1.66 18.99
N LYS I 349 -40.32 2.89 18.72
CA LYS I 349 -39.00 3.14 18.14
C LYS I 349 -38.15 4.10 18.97
N ASP I 350 -38.74 5.17 19.49
CA ASP I 350 -38.02 6.07 20.39
C ASP I 350 -39.03 6.97 21.10
N LYS I 351 -38.52 7.68 22.12
CA LYS I 351 -39.38 8.44 23.03
C LYS I 351 -40.08 9.61 22.33
N ALA I 352 -39.38 10.28 21.41
CA ALA I 352 -39.93 11.50 20.83
C ALA I 352 -41.14 11.25 19.96
N SER I 353 -41.28 10.04 19.40
CA SER I 353 -42.38 9.73 18.48
C SER I 353 -43.36 8.71 19.03
N SER I 354 -43.31 8.41 20.33
CA SER I 354 -44.18 7.41 20.93
C SER I 354 -45.22 8.11 21.80
N ILE I 355 -46.50 7.99 21.42
CA ILE I 355 -47.57 8.61 22.19
C ILE I 355 -47.75 7.90 23.53
N ARG I 356 -47.67 6.57 23.54
CA ARG I 356 -47.91 5.81 24.76
C ARG I 356 -46.85 6.11 25.83
N TYR I 357 -45.59 6.22 25.43
CA TYR I 357 -44.53 6.50 26.38
C TYR I 357 -44.74 7.87 27.04
N GLN I 358 -44.99 8.89 26.23
CA GLN I 358 -45.18 10.24 26.77
C GLN I 358 -46.43 10.31 27.63
N TRP I 359 -47.49 9.60 27.25
CA TRP I 359 -48.73 9.62 28.04
C TRP I 359 -48.51 8.99 29.40
N ASP I 360 -47.72 7.90 29.48
CA ASP I 360 -47.41 7.27 30.75
C ASP I 360 -46.21 7.96 31.40
N LYS I 361 -45.94 9.24 31.14
CA LYS I 361 -44.80 9.85 31.82
C LYS I 361 -45.18 11.24 32.28
N ARG I 362 -46.49 11.51 32.40
CA ARG I 362 -46.99 12.83 32.76
C ARG I 362 -46.88 13.08 34.26
N TYR I 363 -46.35 12.11 35.02
CA TYR I 363 -46.16 12.25 36.46
C TYR I 363 -44.71 12.59 36.79
N ILE I 364 -43.84 12.62 35.79
CA ILE I 364 -42.44 12.99 36.00
C ILE I 364 -42.17 14.28 35.23
N PRO I 365 -42.09 15.43 35.92
CA PRO I 365 -41.85 16.69 35.18
C PRO I 365 -40.56 16.73 34.38
N GLY I 366 -39.52 16.01 34.81
CA GLY I 366 -38.27 16.01 34.09
C GLY I 366 -38.26 15.21 32.80
N GLU I 367 -39.30 14.43 32.54
CA GLU I 367 -39.43 13.69 31.29
C GLU I 367 -40.20 14.45 30.22
N VAL I 368 -40.91 15.51 30.58
CA VAL I 368 -41.80 16.21 29.66
C VAL I 368 -40.97 17.12 28.77
N LYS I 369 -40.60 16.62 27.59
CA LYS I 369 -39.72 17.35 26.70
C LYS I 369 -40.31 17.61 25.32
N TRP I 370 -41.46 17.01 24.98
CA TRP I 370 -42.06 17.35 23.69
C TRP I 370 -43.46 17.94 23.83
N TRP I 371 -44.44 17.17 24.29
CA TRP I 371 -45.82 17.63 24.36
C TRP I 371 -46.32 17.53 25.78
N ASP I 372 -47.19 18.46 26.16
CA ASP I 372 -47.73 18.55 27.51
C ASP I 372 -49.13 17.94 27.52
N TRP I 373 -49.23 16.67 27.95
CA TRP I 373 -50.52 15.98 27.92
C TRP I 373 -51.41 16.34 29.11
N ASN I 374 -50.81 16.76 30.23
CA ASN I 374 -51.61 17.27 31.34
C ASN I 374 -52.43 18.48 30.92
N TRP I 375 -51.86 19.34 30.07
CA TRP I 375 -52.58 20.51 29.58
C TRP I 375 -53.79 20.10 28.74
N THR I 376 -53.63 19.10 27.88
CA THR I 376 -54.76 18.63 27.08
C THR I 376 -55.85 18.03 27.96
N ILE I 377 -55.47 17.27 28.98
CA ILE I 377 -56.48 16.73 29.91
C ILE I 377 -57.19 17.87 30.62
N GLN I 378 -56.46 18.90 31.04
CA GLN I 378 -57.09 20.02 31.73
C GLN I 378 -58.05 20.77 30.81
N GLN I 379 -57.70 20.91 29.53
CA GLN I 379 -58.54 21.65 28.60
C GLN I 379 -59.78 20.87 28.15
N ASN I 380 -59.69 19.55 28.02
CA ASN I 380 -60.75 18.79 27.38
C ASN I 380 -61.39 17.71 28.23
N GLY I 381 -60.75 17.23 29.28
CA GLY I 381 -61.31 16.14 30.04
C GLY I 381 -60.57 14.83 29.77
N LEU I 382 -60.54 13.97 30.79
CA LEU I 382 -59.72 12.76 30.70
C LEU I 382 -60.32 11.74 29.73
N SER I 383 -61.63 11.49 29.83
CA SER I 383 -62.25 10.44 29.01
C SER I 383 -62.25 10.83 27.53
N THR I 384 -62.44 12.11 27.23
CA THR I 384 -62.39 12.57 25.84
C THR I 384 -61.04 12.26 25.21
N MET I 385 -59.95 12.61 25.89
CA MET I 385 -58.61 12.34 25.37
C MET I 385 -58.35 10.85 25.28
N GLN I 386 -58.79 10.08 26.28
CA GLN I 386 -58.61 8.63 26.23
C GLN I 386 -59.27 8.03 25.00
N ASN I 387 -60.52 8.42 24.73
CA ASN I 387 -61.24 7.83 23.61
C ASN I 387 -60.65 8.27 22.27
N ASN I 388 -60.27 9.54 22.14
CA ASN I 388 -59.64 9.98 20.90
C ASN I 388 -58.33 9.24 20.63
N LEU I 389 -57.48 9.12 21.66
CA LEU I 389 -56.21 8.43 21.46
C LEU I 389 -56.40 6.95 21.21
N ALA I 390 -57.44 6.35 21.81
CA ALA I 390 -57.71 4.95 21.53
C ALA I 390 -58.13 4.74 20.08
N ARG I 391 -58.92 5.67 19.53
CA ARG I 391 -59.29 5.56 18.13
C ARG I 391 -58.11 5.83 17.19
N VAL I 392 -57.17 6.68 17.61
CA VAL I 392 -56.02 6.96 16.74
C VAL I 392 -55.10 5.75 16.63
N LEU I 393 -54.90 5.01 17.73
CA LEU I 393 -53.93 3.94 17.78
C LEU I 393 -54.54 2.56 17.52
N ARG I 394 -55.63 2.50 16.77
CA ARG I 394 -56.33 1.23 16.55
C ARG I 394 -55.56 0.36 15.56
N PRO I 395 -55.43 -0.95 15.84
CA PRO I 395 -54.69 -1.84 14.92
C PRO I 395 -55.43 -2.05 13.60
N VAL I 396 -54.64 -2.35 12.56
CA VAL I 396 -55.15 -2.55 11.19
C VAL I 396 -54.61 -3.86 10.64
N ARG I 397 -55.48 -4.66 10.01
CA ARG I 397 -55.08 -5.91 9.39
C ARG I 397 -55.59 -5.98 7.95
N ALA I 398 -54.82 -6.67 7.10
CA ALA I 398 -55.19 -6.81 5.70
C ALA I 398 -54.46 -7.99 5.09
N GLY I 399 -54.97 -8.43 3.94
CA GLY I 399 -54.28 -9.40 3.09
C GLY I 399 -53.64 -8.69 1.92
N ILE I 400 -52.45 -9.13 1.54
CA ILE I 400 -51.60 -8.44 0.57
C ILE I 400 -51.22 -9.40 -0.55
N THR I 401 -51.18 -8.90 -1.78
CA THR I 401 -50.55 -9.57 -2.91
C THR I 401 -49.61 -8.59 -3.58
N GLY I 402 -48.47 -9.08 -4.07
CA GLY I 402 -47.50 -8.18 -4.65
C GLY I 402 -46.54 -8.87 -5.60
N ASP I 403 -45.58 -8.09 -6.10
CA ASP I 403 -44.57 -8.55 -7.04
C ASP I 403 -43.19 -8.08 -6.61
N PHE I 404 -42.20 -8.98 -6.73
CA PHE I 404 -40.82 -8.68 -6.42
C PHE I 404 -40.02 -8.56 -7.72
N SER I 405 -39.04 -7.67 -7.73
CA SER I 405 -38.21 -7.47 -8.92
C SER I 405 -36.90 -6.81 -8.54
N ALA I 406 -35.80 -7.27 -9.14
CA ALA I 406 -34.49 -6.67 -8.93
C ALA I 406 -33.58 -6.98 -10.10
N GLU I 407 -32.61 -6.10 -10.33
CA GLU I 407 -31.74 -6.17 -11.50
C GLU I 407 -30.34 -6.64 -11.15
N SER I 408 -29.78 -7.50 -12.01
CA SER I 408 -28.40 -7.98 -11.95
C SER I 408 -28.07 -8.61 -10.60
N GLN I 409 -28.76 -9.69 -10.30
CA GLN I 409 -28.50 -10.54 -9.16
C GLN I 409 -27.76 -11.79 -9.63
N PHE I 410 -27.60 -12.78 -8.76
CA PHE I 410 -26.82 -13.98 -9.08
C PHE I 410 -27.73 -15.18 -9.34
N ALA I 411 -27.26 -16.07 -10.23
CA ALA I 411 -27.94 -17.32 -10.53
C ALA I 411 -26.92 -18.44 -10.74
N GLY I 412 -27.14 -19.59 -10.10
CA GLY I 412 -26.16 -20.66 -10.11
C GLY I 412 -26.76 -21.98 -10.56
N ASN I 413 -25.87 -22.97 -10.74
CA ASN I 413 -26.24 -24.32 -11.14
C ASN I 413 -25.12 -25.27 -10.78
N ILE I 414 -25.44 -26.34 -10.05
CA ILE I 414 -24.47 -27.35 -9.61
C ILE I 414 -25.02 -28.73 -9.96
N GLU I 415 -24.19 -29.58 -10.57
CA GLU I 415 -24.64 -30.88 -11.06
C GLU I 415 -23.67 -32.01 -10.71
N ILE I 416 -24.24 -33.16 -10.31
CA ILE I 416 -23.50 -34.41 -10.14
C ILE I 416 -24.08 -35.42 -11.14
N GLY I 417 -23.21 -36.02 -11.95
CA GLY I 417 -23.65 -36.91 -13.01
C GLY I 417 -23.69 -38.37 -12.60
N ALA I 418 -24.05 -39.22 -13.57
CA ALA I 418 -24.20 -40.66 -13.38
C ALA I 418 -22.84 -41.36 -13.44
N PRO I 419 -22.65 -42.41 -12.65
CA PRO I 419 -21.34 -43.08 -12.62
C PRO I 419 -21.06 -43.90 -13.86
N VAL I 420 -19.77 -44.06 -14.15
CA VAL I 420 -19.28 -44.81 -15.31
C VAL I 420 -18.32 -45.88 -14.79
N PRO I 421 -18.59 -47.16 -15.02
CA PRO I 421 -17.66 -48.20 -14.55
C PRO I 421 -16.32 -48.14 -15.28
N LEU I 422 -15.25 -48.47 -14.55
CA LEU I 422 -13.91 -48.44 -15.12
C LEU I 422 -13.60 -49.73 -15.87
N ALA J 1 -65.97 4.34 1.83
CA ALA J 1 -65.62 4.74 0.48
C ALA J 1 -65.07 3.56 -0.33
N GLU J 2 -65.51 3.46 -1.59
CA GLU J 2 -65.06 2.44 -2.53
C GLU J 2 -64.46 3.10 -3.76
N PRO J 3 -63.52 2.43 -4.43
CA PRO J 3 -62.92 3.01 -5.63
C PRO J 3 -63.95 3.27 -6.72
N VAL J 4 -63.75 4.35 -7.46
CA VAL J 4 -64.67 4.76 -8.52
C VAL J 4 -63.90 4.72 -9.84
N TYR J 5 -64.38 3.90 -10.78
CA TYR J 5 -63.82 3.88 -12.13
C TYR J 5 -64.59 4.84 -13.01
N PRO J 6 -63.94 5.82 -13.63
CA PRO J 6 -64.69 6.87 -14.34
C PRO J 6 -65.57 6.38 -15.48
N ASP J 7 -65.27 5.22 -16.05
CA ASP J 7 -66.07 4.73 -17.18
C ASP J 7 -67.44 4.21 -16.75
N GLN J 8 -67.67 4.00 -15.47
CA GLN J 8 -68.95 3.48 -15.01
C GLN J 8 -69.88 4.54 -14.45
N LEU J 9 -69.46 5.80 -14.40
CA LEU J 9 -70.31 6.87 -13.89
C LEU J 9 -71.45 7.17 -14.85
N ARG J 10 -72.64 7.41 -14.29
CA ARG J 10 -73.82 7.73 -15.08
C ARG J 10 -74.55 8.92 -14.47
N LEU J 11 -75.16 9.73 -15.34
CA LEU J 11 -75.87 10.94 -14.93
C LEU J 11 -77.35 10.77 -15.21
N PHE J 12 -78.15 10.56 -14.15
CA PHE J 12 -79.59 10.50 -14.27
C PHE J 12 -80.19 11.90 -14.16
N SER J 13 -81.43 12.03 -14.62
CA SER J 13 -82.17 13.29 -14.59
C SER J 13 -83.60 13.03 -14.10
N LEU J 14 -83.73 12.30 -13.01
CA LEU J 14 -85.02 11.86 -12.48
C LEU J 14 -85.36 12.58 -11.18
N GLY J 15 -85.03 13.87 -11.11
CA GLY J 15 -85.36 14.67 -9.96
C GLY J 15 -84.28 14.63 -8.88
N GLN J 16 -84.50 15.44 -7.85
CA GLN J 16 -83.51 15.62 -6.80
C GLN J 16 -83.47 14.39 -5.90
N GLY J 17 -82.34 13.68 -5.91
CA GLY J 17 -82.13 12.54 -5.05
C GLY J 17 -82.40 11.19 -5.69
N VAL J 18 -83.31 11.12 -6.66
CA VAL J 18 -83.67 9.85 -7.29
C VAL J 18 -82.53 9.39 -8.19
N CYS J 19 -82.16 8.12 -8.06
CA CYS J 19 -80.89 7.66 -8.64
C CYS J 19 -81.06 6.20 -9.09
N GLY J 20 -81.38 6.03 -10.38
CA GLY J 20 -81.33 4.74 -11.03
C GLY J 20 -82.20 3.66 -10.39
N ASP J 21 -82.00 2.44 -10.88
CA ASP J 21 -82.62 1.26 -10.30
C ASP J 21 -81.65 0.39 -9.52
N LYS J 22 -80.46 0.17 -10.05
CA LYS J 22 -79.40 -0.52 -9.32
C LYS J 22 -78.22 0.40 -9.12
N TYR J 23 -78.51 1.66 -8.83
CA TYR J 23 -77.49 2.71 -8.75
C TYR J 23 -77.67 3.50 -7.45
N ARG J 24 -76.54 3.86 -6.85
CA ARG J 24 -76.49 4.66 -5.64
C ARG J 24 -75.82 6.01 -5.93
N PRO J 25 -76.14 7.10 -5.21
CA PRO J 25 -75.51 8.39 -5.53
C PRO J 25 -74.08 8.42 -5.04
N VAL J 26 -73.21 9.24 -5.68
CA VAL J 26 -71.78 9.30 -5.29
C VAL J 26 -71.62 10.26 -4.12
N ASN J 27 -70.82 9.89 -3.10
CA ASN J 27 -70.60 10.75 -1.94
C ASN J 27 -69.52 11.79 -2.25
N ARG J 28 -69.48 12.89 -1.47
CA ARG J 28 -68.53 13.99 -1.70
C ARG J 28 -67.09 13.49 -1.71
N GLU J 29 -66.77 12.52 -0.83
CA GLU J 29 -65.42 11.98 -0.73
C GLU J 29 -65.01 11.27 -2.01
N GLU J 30 -65.91 10.45 -2.58
CA GLU J 30 -65.64 9.72 -3.81
C GLU J 30 -65.55 10.66 -5.00
N ALA J 31 -66.44 11.67 -5.04
CA ALA J 31 -66.42 12.64 -6.13
C ALA J 31 -65.10 13.38 -6.17
N GLN J 32 -64.57 13.75 -4.99
CA GLN J 32 -63.30 14.48 -4.91
C GLN J 32 -62.14 13.58 -5.33
N SER J 33 -62.23 12.26 -5.02
CA SER J 33 -61.18 11.32 -5.38
C SER J 33 -60.88 11.34 -6.87
N VAL J 34 -61.90 11.62 -7.71
CA VAL J 34 -61.71 11.63 -9.15
C VAL J 34 -62.14 12.96 -9.78
N LYS J 35 -61.91 14.07 -9.07
CA LYS J 35 -62.52 15.34 -9.44
C LYS J 35 -62.23 15.75 -10.87
N SER J 36 -60.97 15.65 -11.30
CA SER J 36 -60.61 16.11 -12.64
C SER J 36 -61.33 15.31 -13.73
N ASN J 37 -61.46 14.00 -13.54
CA ASN J 37 -62.19 13.18 -14.51
C ASN J 37 -63.65 13.62 -14.62
N ILE J 38 -64.31 13.83 -13.47
CA ILE J 38 -65.72 14.24 -13.51
C ILE J 38 -65.88 15.60 -14.14
N VAL J 39 -65.01 16.55 -13.76
CA VAL J 39 -65.10 17.91 -14.30
C VAL J 39 -64.87 17.92 -15.79
N GLY J 40 -64.00 17.02 -16.28
CA GLY J 40 -63.75 16.95 -17.71
C GLY J 40 -64.92 16.44 -18.53
N MET J 41 -66.01 16.01 -17.89
CA MET J 41 -67.19 15.49 -18.57
C MET J 41 -68.42 16.37 -18.36
N MET J 42 -68.22 17.65 -18.07
CA MET J 42 -69.33 18.53 -17.75
C MET J 42 -69.29 19.77 -18.63
N GLY J 43 -70.46 20.37 -18.82
CA GLY J 43 -70.54 21.64 -19.51
C GLY J 43 -69.97 22.77 -18.69
N GLN J 44 -69.64 23.88 -19.38
CA GLN J 44 -68.85 24.93 -18.76
C GLN J 44 -69.55 25.57 -17.57
N TRP J 45 -70.88 25.66 -17.59
CA TRP J 45 -71.63 26.25 -16.49
C TRP J 45 -72.66 25.27 -15.94
N GLN J 46 -72.32 23.99 -15.94
CA GLN J 46 -73.22 22.95 -15.48
C GLN J 46 -73.10 22.77 -13.97
N ILE J 47 -74.23 22.43 -13.34
CA ILE J 47 -74.28 22.12 -11.91
C ILE J 47 -75.03 20.81 -11.73
N SER J 48 -74.41 19.85 -11.03
CA SER J 48 -74.99 18.53 -10.84
C SER J 48 -74.94 18.16 -9.35
N GLY J 49 -75.82 17.23 -8.96
CA GLY J 49 -76.01 16.90 -7.57
C GLY J 49 -75.25 15.68 -7.09
N LEU J 50 -75.10 15.59 -5.77
CA LEU J 50 -74.38 14.49 -5.13
C LEU J 50 -75.19 14.01 -3.94
N ALA J 51 -74.59 13.17 -3.11
CA ALA J 51 -75.27 12.61 -1.95
C ALA J 51 -75.17 13.54 -0.75
N ASN J 52 -76.22 13.54 0.06
CA ASN J 52 -76.29 14.29 1.33
C ASN J 52 -76.22 15.81 1.09
N GLY J 53 -76.92 16.28 0.07
CA GLY J 53 -77.02 17.70 -0.18
C GLY J 53 -75.74 18.43 -0.53
N TRP J 54 -74.94 17.86 -1.42
CA TRP J 54 -73.76 18.52 -1.97
C TRP J 54 -73.96 18.70 -3.47
N VAL J 55 -73.03 19.43 -4.10
CA VAL J 55 -73.15 19.79 -5.50
C VAL J 55 -71.76 20.02 -6.07
N ILE J 56 -71.58 19.67 -7.35
CA ILE J 56 -70.32 19.88 -8.05
C ILE J 56 -70.57 20.77 -9.26
N MET J 57 -69.59 21.62 -9.58
CA MET J 57 -69.73 22.63 -10.61
C MET J 57 -68.73 22.41 -11.74
N GLY J 58 -69.04 22.98 -12.90
CA GLY J 58 -68.30 22.70 -14.10
C GLY J 58 -67.02 23.50 -14.21
N PRO J 59 -66.35 23.35 -15.35
CA PRO J 59 -65.03 23.98 -15.53
C PRO J 59 -65.03 25.49 -15.39
N GLY J 60 -66.15 26.15 -15.72
CA GLY J 60 -66.21 27.59 -15.56
C GLY J 60 -66.10 28.03 -14.11
N TYR J 61 -66.57 27.19 -13.19
CA TYR J 61 -66.47 27.46 -11.77
C TYR J 61 -65.23 26.85 -11.13
N ASN J 62 -64.29 26.35 -11.93
CA ASN J 62 -63.06 25.74 -11.44
C ASN J 62 -63.31 24.44 -10.68
N GLY J 63 -64.44 23.79 -10.93
CA GLY J 63 -64.74 22.51 -10.30
C GLY J 63 -64.91 22.53 -8.80
N GLU J 64 -65.69 23.48 -8.29
CA GLU J 64 -65.90 23.62 -6.85
C GLU J 64 -66.98 22.66 -6.36
N ILE J 65 -66.76 22.09 -5.17
CA ILE J 65 -67.73 21.22 -4.52
C ILE J 65 -68.24 21.94 -3.27
N LYS J 66 -69.53 22.25 -3.26
CA LYS J 66 -70.15 23.03 -2.19
C LYS J 66 -71.54 22.53 -1.93
N PRO J 67 -72.11 22.81 -0.75
CA PRO J 67 -73.49 22.40 -0.46
C PRO J 67 -74.50 23.10 -1.35
N GLY J 68 -75.57 22.37 -1.67
CA GLY J 68 -76.61 22.90 -2.55
C GLY J 68 -77.55 21.78 -2.97
N THR J 69 -78.42 22.09 -3.93
CA THR J 69 -79.36 21.11 -4.46
C THR J 69 -79.47 21.28 -5.97
N ALA J 70 -79.73 20.17 -6.67
CA ALA J 70 -79.86 20.18 -8.11
C ALA J 70 -80.71 19.00 -8.55
N SER J 71 -81.24 19.10 -9.77
CA SER J 71 -82.09 18.05 -10.32
C SER J 71 -81.28 16.86 -10.83
N ASN J 72 -80.11 17.10 -11.39
CA ASN J 72 -79.24 16.02 -11.86
C ASN J 72 -78.63 15.27 -10.68
N THR J 73 -78.17 14.05 -10.96
CA THR J 73 -77.46 13.27 -9.94
C THR J 73 -76.47 12.33 -10.61
N TRP J 74 -75.20 12.45 -10.28
CA TRP J 74 -74.20 11.48 -10.70
C TRP J 74 -74.35 10.19 -9.89
N CYS J 75 -74.37 9.05 -10.58
CA CYS J 75 -74.68 7.79 -9.92
C CYS J 75 -73.72 6.69 -10.37
N TYR J 76 -73.58 5.68 -9.51
CA TYR J 76 -72.65 4.56 -9.67
C TYR J 76 -73.37 3.25 -9.39
N PRO J 77 -73.04 2.18 -10.11
CA PRO J 77 -73.78 0.91 -9.94
C PRO J 77 -73.66 0.32 -8.54
N THR J 78 -74.76 -0.29 -8.08
CA THR J 78 -74.79 -0.87 -6.74
C THR J 78 -73.83 -2.05 -6.62
N ASN J 79 -73.77 -2.89 -7.64
CA ASN J 79 -72.83 -4.01 -7.72
C ASN J 79 -72.00 -3.83 -8.98
N PRO J 80 -70.90 -3.09 -8.92
CA PRO J 80 -70.13 -2.81 -10.14
C PRO J 80 -69.39 -4.04 -10.63
N VAL J 81 -69.14 -4.07 -11.93
CA VAL J 81 -68.42 -5.17 -12.56
C VAL J 81 -66.93 -4.85 -12.57
N THR J 82 -66.11 -5.89 -12.71
CA THR J 82 -64.67 -5.72 -12.78
C THR J 82 -64.26 -5.54 -14.23
N GLY J 83 -63.55 -4.44 -14.52
CA GLY J 83 -63.11 -4.16 -15.87
C GLY J 83 -61.72 -4.71 -16.15
N GLU J 84 -61.44 -5.89 -15.62
CA GLU J 84 -60.12 -6.48 -15.75
C GLU J 84 -59.87 -6.99 -17.16
N ILE J 85 -58.59 -7.00 -17.54
CA ILE J 85 -58.17 -7.54 -18.84
C ILE J 85 -58.26 -9.06 -18.81
N PRO J 86 -58.97 -9.69 -19.74
CA PRO J 86 -59.13 -11.15 -19.70
C PRO J 86 -57.83 -11.87 -20.02
N THR J 87 -57.82 -13.17 -19.73
CA THR J 87 -56.68 -14.04 -20.02
C THR J 87 -57.13 -15.09 -21.03
N LEU J 88 -56.34 -15.24 -22.10
CA LEU J 88 -56.64 -16.19 -23.16
C LEU J 88 -55.77 -17.43 -23.02
N SER J 89 -56.12 -18.47 -23.78
CA SER J 89 -55.30 -19.68 -23.78
C SER J 89 -54.02 -19.45 -24.58
N ALA J 90 -53.04 -20.31 -24.35
CA ALA J 90 -51.71 -20.10 -24.88
C ALA J 90 -51.64 -20.41 -26.38
N LEU J 91 -50.70 -19.76 -27.04
CA LEU J 91 -50.42 -19.96 -28.46
C LEU J 91 -49.19 -20.85 -28.60
N ASP J 92 -49.34 -21.96 -29.32
CA ASP J 92 -48.27 -22.94 -29.46
C ASP J 92 -47.54 -22.74 -30.79
N ILE J 93 -46.22 -22.73 -30.73
CA ILE J 93 -45.37 -22.52 -31.90
C ILE J 93 -44.56 -23.79 -32.14
N PRO J 94 -44.40 -24.23 -33.39
CA PRO J 94 -43.63 -25.46 -33.65
C PRO J 94 -42.17 -25.33 -33.22
N ASP J 95 -41.57 -26.49 -32.93
CA ASP J 95 -40.25 -26.55 -32.31
C ASP J 95 -39.15 -26.08 -33.25
N GLY J 96 -38.03 -25.71 -32.65
CA GLY J 96 -36.87 -25.25 -33.40
C GLY J 96 -35.88 -24.62 -32.44
N ASP J 97 -34.91 -23.91 -33.01
CA ASP J 97 -34.01 -23.14 -32.17
C ASP J 97 -34.59 -21.74 -31.97
N GLU J 98 -33.87 -20.87 -31.25
CA GLU J 98 -34.44 -19.61 -30.81
C GLU J 98 -34.85 -18.73 -31.98
N VAL J 99 -33.96 -18.58 -32.97
CA VAL J 99 -34.24 -17.71 -34.11
C VAL J 99 -35.40 -18.25 -34.93
N ASP J 100 -35.51 -19.58 -35.05
CA ASP J 100 -36.63 -20.17 -35.78
C ASP J 100 -37.97 -19.83 -35.13
N VAL J 101 -38.03 -19.89 -33.80
CA VAL J 101 -39.26 -19.57 -33.08
C VAL J 101 -39.58 -18.08 -33.20
N GLN J 102 -38.56 -17.23 -33.11
CA GLN J 102 -38.79 -15.80 -33.28
C GLN J 102 -39.29 -15.47 -34.68
N TRP J 103 -38.79 -16.18 -35.70
CA TRP J 103 -39.28 -15.94 -37.06
C TRP J 103 -40.76 -16.25 -37.17
N ARG J 104 -41.19 -17.39 -36.60
CA ARG J 104 -42.60 -17.76 -36.69
C ARG J 104 -43.50 -16.85 -35.88
N LEU J 105 -43.00 -16.27 -34.79
CA LEU J 105 -43.83 -15.37 -34.00
C LEU J 105 -44.13 -14.06 -34.74
N VAL J 106 -43.09 -13.42 -35.29
CA VAL J 106 -43.29 -12.06 -35.81
C VAL J 106 -43.86 -12.00 -37.22
N HIS J 107 -43.94 -13.13 -37.92
CA HIS J 107 -44.58 -13.17 -39.22
C HIS J 107 -46.05 -13.59 -39.13
N ASP J 108 -46.58 -13.79 -37.97
CA ASP J 108 -47.98 -14.15 -37.83
C ASP J 108 -48.85 -12.90 -37.90
N SER J 109 -49.76 -12.85 -38.87
CA SER J 109 -50.52 -11.63 -39.13
C SER J 109 -51.69 -11.48 -38.16
N ALA J 110 -52.49 -12.54 -38.00
CA ALA J 110 -53.67 -12.43 -37.16
C ALA J 110 -53.38 -12.46 -35.67
N ASN J 111 -52.21 -12.96 -35.26
CA ASN J 111 -51.94 -13.11 -33.83
C ASN J 111 -50.89 -12.14 -33.30
N PHE J 112 -50.03 -11.58 -34.15
CA PHE J 112 -49.05 -10.62 -33.66
C PHE J 112 -49.17 -9.26 -34.34
N ILE J 113 -49.20 -9.20 -35.67
CA ILE J 113 -49.02 -7.93 -36.37
C ILE J 113 -50.23 -7.01 -36.19
N LYS J 114 -51.44 -7.56 -36.36
CA LYS J 114 -52.64 -6.74 -36.21
C LYS J 114 -52.83 -6.21 -34.79
N PRO J 115 -52.80 -7.02 -33.74
CA PRO J 115 -53.03 -6.47 -32.39
C PRO J 115 -52.02 -5.40 -31.99
N THR J 116 -50.75 -5.58 -32.33
CA THR J 116 -49.73 -4.59 -31.97
C THR J 116 -49.92 -3.29 -32.75
N SER J 117 -50.28 -3.39 -34.03
CA SER J 117 -50.57 -2.19 -34.81
C SER J 117 -51.76 -1.45 -34.25
N TYR J 118 -52.81 -2.17 -33.86
CA TYR J 118 -53.97 -1.51 -33.27
C TYR J 118 -53.64 -0.88 -31.93
N LEU J 119 -52.78 -1.51 -31.14
CA LEU J 119 -52.35 -0.89 -29.89
C LEU J 119 -51.63 0.43 -30.15
N ALA J 120 -50.72 0.45 -31.12
CA ALA J 120 -50.03 1.70 -31.45
C ALA J 120 -50.99 2.75 -31.98
N HIS J 121 -52.00 2.33 -32.75
CA HIS J 121 -52.96 3.29 -33.30
C HIS J 121 -53.85 3.88 -32.21
N TYR J 122 -54.27 3.06 -31.24
CA TYR J 122 -55.16 3.57 -30.19
C TYR J 122 -54.47 4.57 -29.28
N LEU J 123 -53.16 4.43 -29.10
CA LEU J 123 -52.44 5.35 -28.21
C LEU J 123 -52.12 6.69 -28.87
N GLY J 124 -52.27 6.81 -30.18
CA GLY J 124 -52.09 8.08 -30.84
C GLY J 124 -50.90 8.19 -31.79
N TYR J 125 -50.21 7.09 -32.09
CA TYR J 125 -49.14 7.14 -33.08
C TYR J 125 -49.72 7.31 -34.48
N ALA J 126 -48.94 7.93 -35.35
CA ALA J 126 -49.39 8.29 -36.69
C ALA J 126 -48.92 7.28 -37.74
N TRP J 127 -49.74 7.11 -38.77
CA TRP J 127 -49.40 6.37 -39.99
C TRP J 127 -48.91 4.96 -39.69
N VAL J 128 -49.80 4.15 -39.13
CA VAL J 128 -49.52 2.74 -38.84
C VAL J 128 -50.11 1.90 -39.97
N GLY J 129 -49.34 1.68 -41.02
CA GLY J 129 -49.81 0.95 -42.18
C GLY J 129 -49.07 1.37 -43.42
N GLY J 130 -49.19 0.54 -44.46
CA GLY J 130 -48.49 0.77 -45.71
C GLY J 130 -49.28 1.58 -46.72
N ASN J 131 -48.61 1.92 -47.82
CA ASN J 131 -49.18 2.78 -48.84
C ASN J 131 -50.20 2.08 -49.73
N HIS J 132 -50.22 0.74 -49.76
CA HIS J 132 -51.09 0.01 -50.67
C HIS J 132 -52.39 -0.43 -50.02
N SER J 133 -52.72 0.12 -48.85
CA SER J 133 -53.97 -0.20 -48.16
C SER J 133 -54.43 1.03 -47.40
N GLN J 134 -55.69 1.01 -46.99
CA GLN J 134 -56.26 2.09 -46.20
C GLN J 134 -56.58 1.71 -44.77
N TYR J 135 -56.34 0.47 -44.37
CA TYR J 135 -56.69 -0.01 -43.05
C TYR J 135 -55.46 -0.11 -42.16
N VAL J 136 -55.70 -0.10 -40.85
CA VAL J 136 -54.62 -0.15 -39.87
C VAL J 136 -54.02 -1.54 -39.86
N GLY J 137 -52.69 -1.60 -39.93
CA GLY J 137 -51.98 -2.85 -39.75
C GLY J 137 -51.84 -3.71 -40.98
N GLU J 138 -52.17 -3.20 -42.16
CA GLU J 138 -52.02 -3.96 -43.39
C GLU J 138 -50.89 -3.39 -44.23
N ASP J 139 -50.32 -4.25 -45.07
CA ASP J 139 -49.20 -3.89 -45.95
C ASP J 139 -47.98 -3.48 -45.12
N MET J 140 -47.59 -4.34 -44.19
CA MET J 140 -46.45 -4.11 -43.30
C MET J 140 -45.26 -4.94 -43.73
N ASP J 141 -44.06 -4.44 -43.45
CA ASP J 141 -42.82 -5.08 -43.82
C ASP J 141 -42.07 -5.52 -42.56
N VAL J 142 -41.53 -6.74 -42.59
CA VAL J 142 -40.80 -7.31 -41.46
C VAL J 142 -39.34 -7.49 -41.87
N THR J 143 -38.43 -6.98 -41.07
CA THR J 143 -37.00 -7.04 -41.36
C THR J 143 -36.21 -7.46 -40.13
N ARG J 144 -35.12 -8.18 -40.38
CA ARG J 144 -34.21 -8.65 -39.33
C ARG J 144 -33.01 -7.73 -39.23
N ASP J 145 -32.73 -7.22 -38.04
CA ASP J 145 -31.61 -6.30 -37.84
C ASP J 145 -30.97 -6.55 -36.48
N GLY J 146 -29.78 -7.14 -36.49
CA GLY J 146 -29.06 -7.39 -35.27
C GLY J 146 -29.67 -8.48 -34.42
N ASP J 147 -30.05 -8.16 -33.19
CA ASP J 147 -30.66 -9.10 -32.27
C ASP J 147 -32.17 -8.96 -32.19
N GLY J 148 -32.78 -8.18 -33.08
CA GLY J 148 -34.20 -7.94 -33.02
C GLY J 148 -34.84 -7.93 -34.40
N TRP J 149 -36.10 -7.50 -34.43
CA TRP J 149 -36.90 -7.42 -35.63
C TRP J 149 -37.64 -6.09 -35.65
N VAL J 150 -37.92 -5.59 -36.86
CA VAL J 150 -38.61 -4.31 -37.03
C VAL J 150 -39.80 -4.52 -37.95
N ILE J 151 -40.96 -4.00 -37.54
CA ILE J 151 -42.18 -4.04 -38.34
C ILE J 151 -42.59 -2.60 -38.68
N ARG J 152 -42.69 -2.30 -39.97
CA ARG J 152 -43.05 -0.95 -40.41
C ARG J 152 -43.87 -1.04 -41.69
N GLY J 153 -44.71 -0.03 -41.90
CA GLY J 153 -45.51 0.04 -43.12
C GLY J 153 -44.65 0.29 -44.35
N ASN J 154 -45.04 -0.32 -45.46
CA ASN J 154 -44.27 -0.20 -46.70
C ASN J 154 -44.43 1.18 -47.30
N ASN J 155 -43.31 1.75 -47.75
CA ASN J 155 -43.25 3.12 -48.26
C ASN J 155 -42.72 3.06 -49.69
N ASP J 156 -43.61 2.78 -50.63
CA ASP J 156 -43.25 2.59 -52.03
C ASP J 156 -44.35 3.23 -52.88
N GLY J 157 -44.02 4.32 -53.55
CA GLY J 157 -45.01 5.04 -54.33
C GLY J 157 -45.27 6.39 -53.72
N GLY J 158 -46.52 6.85 -53.77
CA GLY J 158 -46.89 8.10 -53.16
C GLY J 158 -48.01 7.90 -52.17
N CYS J 159 -48.25 8.95 -51.38
CA CYS J 159 -49.29 8.92 -50.36
C CYS J 159 -49.88 10.31 -50.23
N ASP J 160 -51.08 10.38 -49.67
CA ASP J 160 -51.78 11.63 -49.41
C ASP J 160 -51.92 11.82 -47.91
N GLY J 161 -51.47 12.95 -47.40
CA GLY J 161 -51.50 13.24 -45.98
C GLY J 161 -50.37 14.20 -45.64
N TYR J 162 -50.50 14.87 -44.49
CA TYR J 162 -49.56 15.95 -44.18
C TYR J 162 -48.13 15.44 -44.08
N ARG J 163 -47.89 14.43 -43.26
CA ARG J 163 -46.53 13.93 -43.08
C ARG J 163 -46.47 12.43 -43.34
N CYS J 164 -47.27 11.95 -44.27
CA CYS J 164 -47.17 10.55 -44.66
C CYS J 164 -45.80 10.32 -45.28
N GLY J 165 -45.14 9.26 -44.85
CA GLY J 165 -43.72 9.07 -45.13
C GLY J 165 -42.93 8.93 -43.86
N ASP J 166 -43.41 9.53 -42.78
CA ASP J 166 -42.90 9.29 -41.44
C ASP J 166 -43.79 8.23 -40.81
N LYS J 167 -43.46 6.96 -41.02
CA LYS J 167 -44.30 5.86 -40.58
C LYS J 167 -43.79 5.26 -39.28
N THR J 168 -44.73 4.82 -38.45
CA THR J 168 -44.41 4.28 -37.13
C THR J 168 -43.75 2.92 -37.24
N ALA J 169 -42.76 2.67 -36.38
CA ALA J 169 -42.02 1.40 -36.36
C ALA J 169 -42.26 0.69 -35.04
N ILE J 170 -42.35 -0.64 -35.08
CA ILE J 170 -42.51 -1.48 -33.89
C ILE J 170 -41.30 -2.40 -33.80
N LYS J 171 -40.63 -2.43 -32.65
CA LYS J 171 -39.39 -3.20 -32.50
C LYS J 171 -39.56 -4.32 -31.47
N VAL J 172 -39.08 -5.54 -31.77
CA VAL J 172 -39.18 -6.69 -30.87
C VAL J 172 -37.75 -7.17 -30.56
N SER J 173 -37.42 -7.27 -29.26
CA SER J 173 -36.09 -7.70 -28.83
C SER J 173 -36.18 -8.23 -27.39
N ASN J 174 -35.02 -8.68 -26.88
CA ASN J 174 -34.88 -9.08 -25.48
C ASN J 174 -35.76 -10.28 -25.13
N PHE J 175 -35.56 -11.38 -25.86
CA PHE J 175 -36.35 -12.57 -25.62
C PHE J 175 -35.86 -13.33 -24.41
N ALA J 176 -36.80 -13.85 -23.63
CA ALA J 176 -36.51 -14.60 -22.41
C ALA J 176 -37.35 -15.88 -22.37
N TYR J 177 -36.87 -16.88 -21.63
CA TYR J 177 -37.46 -18.21 -21.64
C TYR J 177 -37.64 -18.73 -20.23
N ASN J 178 -38.88 -19.05 -19.86
CA ASN J 178 -39.21 -19.59 -18.55
C ASN J 178 -39.44 -21.09 -18.67
N LEU J 179 -38.49 -21.88 -18.21
CA LEU J 179 -38.46 -23.31 -18.47
C LEU J 179 -39.44 -24.08 -17.59
N ASP J 180 -39.91 -25.21 -18.12
CA ASP J 180 -40.52 -26.24 -17.29
C ASP J 180 -39.42 -27.01 -16.56
N PRO J 181 -39.52 -27.16 -15.24
CA PRO J 181 -38.38 -27.70 -14.48
C PRO J 181 -37.93 -29.09 -14.90
N ASP J 182 -38.85 -29.97 -15.30
CA ASP J 182 -38.53 -31.36 -15.58
C ASP J 182 -38.36 -31.65 -17.07
N SER J 183 -38.00 -30.65 -17.87
CA SER J 183 -37.84 -30.87 -19.30
C SER J 183 -36.43 -30.62 -19.83
N PHE J 184 -35.52 -30.10 -19.01
CA PHE J 184 -34.19 -29.75 -19.50
C PHE J 184 -33.31 -30.98 -19.62
N LYS J 185 -32.60 -31.08 -20.75
CA LYS J 185 -31.59 -32.11 -20.97
C LYS J 185 -30.42 -31.49 -21.71
N HIS J 186 -29.22 -32.00 -21.45
CA HIS J 186 -28.06 -31.63 -22.25
C HIS J 186 -27.28 -32.87 -22.64
N GLY J 187 -26.48 -32.75 -23.69
CA GLY J 187 -25.70 -33.83 -24.26
C GLY J 187 -24.27 -33.83 -23.79
N ASP J 188 -23.37 -34.29 -24.66
CA ASP J 188 -21.98 -34.49 -24.30
C ASP J 188 -21.21 -33.18 -24.27
N VAL J 189 -20.32 -33.05 -23.29
CA VAL J 189 -19.47 -31.87 -23.14
C VAL J 189 -18.13 -32.17 -23.78
N THR J 190 -17.69 -31.30 -24.70
CA THR J 190 -16.44 -31.48 -25.42
C THR J 190 -15.52 -30.30 -25.17
N GLN J 191 -14.21 -30.57 -25.20
CA GLN J 191 -13.19 -29.57 -24.89
C GLN J 191 -12.24 -29.40 -26.07
N SER J 192 -11.70 -28.20 -26.22
CA SER J 192 -10.71 -27.92 -27.25
C SER J 192 -9.79 -26.81 -26.78
N ASP J 193 -8.59 -26.77 -27.37
CA ASP J 193 -7.59 -25.73 -27.08
C ASP J 193 -7.15 -25.75 -25.61
N ARG J 194 -6.64 -26.88 -25.18
CA ARG J 194 -6.33 -27.12 -23.78
C ARG J 194 -4.91 -26.68 -23.45
N GLN J 195 -4.76 -25.87 -22.40
CA GLN J 195 -3.47 -25.38 -21.93
C GLN J 195 -3.33 -25.68 -20.44
N LEU J 196 -2.22 -26.32 -20.06
CA LEU J 196 -2.02 -26.73 -18.68
C LEU J 196 -1.76 -25.54 -17.77
N VAL J 197 -2.26 -25.62 -16.55
CA VAL J 197 -1.98 -24.62 -15.52
C VAL J 197 -1.01 -25.17 -14.49
N LYS J 198 -1.38 -26.26 -13.81
CA LYS J 198 -0.54 -26.84 -12.77
C LYS J 198 -1.03 -28.25 -12.43
N THR J 199 -0.15 -29.03 -11.81
CA THR J 199 -0.48 -30.40 -11.40
C THR J 199 0.32 -30.77 -10.16
N VAL J 200 -0.18 -31.78 -9.43
CA VAL J 200 0.47 -32.29 -8.21
C VAL J 200 0.21 -33.78 -8.10
N VAL J 201 1.23 -34.52 -7.62
CA VAL J 201 1.12 -35.95 -7.33
C VAL J 201 1.59 -36.18 -5.90
N GLY J 202 1.11 -37.27 -5.30
CA GLY J 202 1.47 -37.55 -3.92
C GLY J 202 1.11 -38.94 -3.47
N TRP J 203 1.47 -39.25 -2.22
CA TRP J 203 1.19 -40.53 -1.58
C TRP J 203 0.57 -40.30 -0.21
N ALA J 204 -0.28 -41.23 0.21
CA ALA J 204 -0.86 -41.21 1.56
C ALA J 204 -0.58 -42.55 2.23
N VAL J 205 0.21 -42.53 3.30
CA VAL J 205 0.77 -43.74 3.91
C VAL J 205 0.10 -43.98 5.26
N ASN J 206 -0.35 -45.21 5.48
CA ASN J 206 -1.01 -45.60 6.73
C ASN J 206 -0.26 -46.78 7.32
N ASP J 207 0.39 -46.58 8.46
CA ASP J 207 1.20 -47.60 9.09
C ASP J 207 0.63 -48.06 10.43
N SER J 208 -0.58 -47.64 10.78
CA SER J 208 -1.21 -48.03 12.02
C SER J 208 -2.07 -49.27 11.81
N ASP J 209 -2.87 -49.62 12.81
CA ASP J 209 -3.64 -50.87 12.80
C ASP J 209 -5.12 -50.65 12.51
N THR J 210 -5.54 -49.45 12.18
CA THR J 210 -6.93 -49.15 11.85
C THR J 210 -6.97 -48.36 10.56
N PRO J 211 -8.12 -48.34 9.87
CA PRO J 211 -8.27 -47.43 8.74
C PRO J 211 -8.16 -45.97 9.20
N GLN J 212 -7.59 -45.14 8.34
CA GLN J 212 -7.38 -43.73 8.63
C GLN J 212 -7.97 -42.89 7.51
N SER J 213 -8.64 -41.81 7.87
CA SER J 213 -9.27 -40.90 6.91
C SER J 213 -8.70 -39.50 6.91
N GLY J 214 -7.76 -39.18 7.79
CA GLY J 214 -7.27 -37.82 7.92
C GLY J 214 -6.13 -37.44 7.01
N TYR J 215 -6.43 -37.22 5.72
CA TYR J 215 -5.46 -36.74 4.74
C TYR J 215 -6.10 -35.66 3.91
N ASP J 216 -5.28 -34.76 3.37
CA ASP J 216 -5.80 -33.70 2.49
C ASP J 216 -4.68 -33.13 1.64
N VAL J 217 -4.95 -32.95 0.34
CA VAL J 217 -4.10 -32.21 -0.57
C VAL J 217 -4.98 -31.22 -1.34
N THR J 218 -4.55 -29.96 -1.41
CA THR J 218 -5.35 -28.89 -2.01
C THR J 218 -4.49 -28.06 -2.95
N LEU J 219 -5.04 -27.73 -4.12
CA LEU J 219 -4.41 -26.87 -5.11
C LEU J 219 -5.36 -25.73 -5.47
N ARG J 220 -4.89 -24.49 -5.34
CA ARG J 220 -5.73 -23.31 -5.57
C ARG J 220 -5.05 -22.35 -6.55
N TYR J 221 -5.87 -21.64 -7.33
CA TYR J 221 -5.39 -20.73 -8.37
C TYR J 221 -6.28 -19.48 -8.43
N ASP J 222 -5.66 -18.30 -8.42
CA ASP J 222 -6.38 -17.02 -8.37
C ASP J 222 -5.87 -16.04 -9.42
N THR J 223 -6.76 -15.14 -9.87
CA THR J 223 -6.40 -14.00 -10.71
C THR J 223 -7.22 -12.79 -10.28
N ALA J 224 -6.66 -11.59 -10.51
CA ALA J 224 -7.33 -10.37 -10.06
C ALA J 224 -6.93 -9.19 -10.93
N THR J 225 -7.77 -8.13 -10.88
CA THR J 225 -7.51 -6.85 -11.54
C THR J 225 -7.93 -5.72 -10.61
N ASN J 226 -7.42 -4.51 -10.88
CA ASN J 226 -7.75 -3.35 -10.04
C ASN J 226 -7.55 -2.06 -10.83
N TRP J 227 -8.05 -0.96 -10.26
CA TRP J 227 -7.99 0.37 -10.88
C TRP J 227 -8.14 1.45 -9.82
N SER J 228 -7.75 2.67 -10.16
CA SER J 228 -7.79 3.78 -9.19
C SER J 228 -7.72 5.12 -9.93
N LYS J 229 -8.21 6.18 -9.26
CA LYS J 229 -8.18 7.56 -9.77
C LYS J 229 -8.03 8.54 -8.61
N THR J 230 -7.27 9.63 -8.85
CA THR J 230 -6.96 10.59 -7.79
C THR J 230 -6.98 12.02 -8.32
N ASN J 231 -7.39 12.96 -7.45
CA ASN J 231 -7.34 14.40 -7.71
C ASN J 231 -6.67 15.12 -6.55
N THR J 232 -5.85 16.12 -6.85
CA THR J 232 -5.13 16.87 -5.82
C THR J 232 -5.16 18.37 -6.12
N TYR J 233 -5.18 19.18 -5.06
CA TYR J 233 -5.10 20.63 -5.15
C TYR J 233 -4.15 21.14 -4.08
N GLY J 234 -3.45 22.24 -4.36
CA GLY J 234 -2.49 22.79 -3.41
C GLY J 234 -2.34 24.29 -3.49
N LEU J 235 -1.84 24.87 -2.39
CA LEU J 235 -1.55 26.29 -2.28
C LEU J 235 -0.21 26.47 -1.57
N SER J 236 0.44 27.60 -1.82
CA SER J 236 1.75 27.86 -1.24
C SER J 236 1.99 29.36 -1.10
N GLU J 237 2.80 29.73 -0.11
CA GLU J 237 3.20 31.11 0.12
C GLU J 237 4.66 31.14 0.56
N LYS J 238 5.42 32.12 0.05
CA LYS J 238 6.82 32.28 0.41
C LYS J 238 7.15 33.75 0.60
N VAL J 239 8.00 34.03 1.59
CA VAL J 239 8.44 35.39 1.91
C VAL J 239 9.96 35.38 2.10
N THR J 240 10.65 36.28 1.42
CA THR J 240 12.11 36.35 1.45
C THR J 240 12.57 37.72 1.91
N THR J 241 13.70 37.75 2.61
CA THR J 241 14.23 38.99 3.18
C THR J 241 15.75 38.94 3.18
N LYS J 242 16.41 40.07 2.90
CA LYS J 242 17.87 40.15 2.95
C LYS J 242 18.28 40.84 4.25
N ASN J 243 19.26 40.29 4.99
CA ASN J 243 19.62 40.85 6.30
C ASN J 243 21.15 40.94 6.43
N LYS J 244 21.64 42.05 7.03
CA LYS J 244 23.08 42.29 7.17
C LYS J 244 23.43 42.40 8.65
N PHE J 245 24.65 41.98 9.05
CA PHE J 245 25.05 41.98 10.46
C PHE J 245 26.50 42.44 10.61
N LYS J 246 26.71 43.69 11.05
CA LYS J 246 28.06 44.21 11.26
C LYS J 246 28.55 43.82 12.65
N TRP J 247 28.76 42.50 12.87
CA TRP J 247 29.18 42.00 14.20
C TRP J 247 30.63 42.43 14.47
N PRO J 248 31.02 42.61 15.74
CA PRO J 248 32.43 42.93 16.07
C PRO J 248 33.35 41.83 15.58
N LEU J 249 34.55 42.20 15.07
CA LEU J 249 35.54 41.23 14.58
C LEU J 249 35.07 40.51 13.33
N VAL J 250 33.93 40.91 12.74
CA VAL J 250 33.48 40.35 11.48
C VAL J 250 33.28 41.46 10.46
N GLY J 251 33.05 42.69 10.94
CA GLY J 251 32.88 43.83 10.06
C GLY J 251 31.50 43.88 9.44
N GLU J 252 31.09 42.82 8.73
CA GLU J 252 29.78 42.78 8.05
C GLU J 252 29.51 41.38 7.53
N THR J 253 28.29 40.84 7.74
CA THR J 253 27.91 39.52 7.24
C THR J 253 26.55 39.61 6.57
N ALA J 254 26.44 39.15 5.31
CA ALA J 254 25.19 39.24 4.55
C ALA J 254 24.56 37.87 4.39
N LEU J 255 23.22 37.78 4.52
CA LEU J 255 22.50 36.53 4.39
C LEU J 255 21.04 36.81 4.11
N SER J 256 20.37 35.87 3.45
CA SER J 256 18.95 35.99 3.12
C SER J 256 18.17 34.90 3.84
N ILE J 257 16.94 35.22 4.23
CA ILE J 257 16.08 34.32 4.99
C ILE J 257 14.77 34.14 4.21
N ALA J 258 14.31 32.90 4.11
CA ALA J 258 13.06 32.58 3.43
C ALA J 258 12.22 31.66 4.28
N ILE J 259 10.91 31.90 4.31
CA ILE J 259 9.95 31.09 5.05
C ILE J 259 8.79 30.77 4.13
N ALA J 260 8.32 29.52 4.18
CA ALA J 260 7.27 29.05 3.29
C ALA J 260 6.24 28.24 4.05
N ALA J 261 5.03 28.18 3.50
CA ALA J 261 3.95 27.36 4.05
C ALA J 261 3.11 26.83 2.89
N ASN J 262 2.61 25.61 3.03
CA ASN J 262 1.79 24.99 1.99
C ASN J 262 0.69 24.15 2.61
N GLN J 263 -0.29 23.79 1.77
CA GLN J 263 -1.46 23.06 2.18
C GLN J 263 -2.00 22.29 0.98
N SER J 264 -2.54 21.10 1.21
CA SER J 264 -2.92 20.21 0.12
C SER J 264 -4.14 19.37 0.49
N TRP J 265 -4.89 18.96 -0.53
CA TRP J 265 -6.08 18.12 -0.39
C TRP J 265 -6.08 17.07 -1.50
N ALA J 266 -6.46 15.84 -1.17
CA ALA J 266 -6.46 14.75 -2.14
C ALA J 266 -7.70 13.88 -1.96
N SER J 267 -8.12 13.22 -3.05
CA SER J 267 -9.32 12.40 -3.06
C SER J 267 -9.12 11.23 -4.03
N GLN J 268 -9.55 10.03 -3.63
CA GLN J 268 -9.26 8.80 -4.38
C GLN J 268 -10.48 7.88 -4.41
N ASN J 269 -10.60 7.12 -5.51
CA ASN J 269 -11.63 6.09 -5.69
C ASN J 269 -11.06 4.92 -6.48
N GLY J 270 -11.56 3.72 -6.22
CA GLY J 270 -11.07 2.54 -6.92
C GLY J 270 -11.91 1.30 -6.68
N GLY J 271 -11.44 0.17 -7.21
CA GLY J 271 -12.14 -1.11 -7.09
C GLY J 271 -11.29 -2.25 -7.61
N SER J 272 -11.86 -3.46 -7.54
CA SER J 272 -11.13 -4.66 -7.96
C SER J 272 -12.10 -5.81 -8.20
N THR J 273 -11.57 -6.91 -8.75
CA THR J 273 -12.32 -8.13 -9.05
C THR J 273 -11.39 -9.34 -8.93
N THR J 274 -11.90 -10.46 -8.41
CA THR J 274 -11.10 -11.67 -8.20
C THR J 274 -11.89 -12.92 -8.57
N THR J 275 -11.20 -13.92 -9.12
CA THR J 275 -11.76 -15.23 -9.45
C THR J 275 -10.83 -16.32 -8.96
N SER J 276 -11.42 -17.39 -8.38
CA SER J 276 -10.65 -18.43 -7.70
C SER J 276 -11.19 -19.81 -8.01
N LEU J 277 -10.29 -20.78 -8.18
CA LEU J 277 -10.65 -22.16 -8.47
C LEU J 277 -9.83 -23.08 -7.57
N SER J 278 -10.50 -23.99 -6.84
CA SER J 278 -9.87 -24.82 -5.84
C SER J 278 -10.30 -26.28 -6.00
N GLN J 279 -9.38 -27.21 -5.71
CA GLN J 279 -9.65 -28.64 -5.80
C GLN J 279 -8.94 -29.39 -4.67
N SER J 280 -9.60 -30.42 -4.13
CA SER J 280 -9.07 -31.17 -3.00
C SER J 280 -9.32 -32.66 -3.17
N VAL J 281 -8.50 -33.48 -2.48
CA VAL J 281 -8.69 -34.92 -2.42
C VAL J 281 -8.38 -35.39 -1.00
N ARG J 282 -9.20 -36.30 -0.48
CA ARG J 282 -9.12 -36.76 0.91
C ARG J 282 -9.37 -38.26 1.03
N PRO J 283 -8.37 -39.09 0.77
CA PRO J 283 -8.60 -40.54 0.69
C PRO J 283 -8.77 -41.23 2.03
N THR J 284 -9.39 -42.41 1.99
CA THR J 284 -9.48 -43.32 3.11
C THR J 284 -8.61 -44.54 2.81
N VAL J 285 -7.63 -44.80 3.65
CA VAL J 285 -6.57 -45.77 3.37
C VAL J 285 -6.71 -46.95 4.35
N PRO J 286 -6.66 -48.18 3.88
CA PRO J 286 -6.73 -49.33 4.78
C PRO J 286 -5.49 -49.46 5.64
N ALA J 287 -5.60 -50.28 6.69
CA ALA J 287 -4.48 -50.48 7.61
C ALA J 287 -3.31 -51.15 6.91
N ARG J 288 -2.10 -50.61 7.16
CA ARG J 288 -0.86 -51.16 6.64
C ARG J 288 -0.80 -51.14 5.10
N SER J 289 -1.09 -49.98 4.52
CA SER J 289 -1.05 -49.83 3.07
C SER J 289 -0.90 -48.34 2.74
N LYS J 290 -0.83 -48.05 1.44
CA LYS J 290 -0.70 -46.67 0.98
C LYS J 290 -1.40 -46.51 -0.37
N ILE J 291 -1.76 -45.25 -0.68
CA ILE J 291 -2.55 -44.92 -1.86
C ILE J 291 -1.96 -43.70 -2.58
N PRO J 292 -1.88 -43.71 -3.91
CA PRO J 292 -1.45 -42.51 -4.65
C PRO J 292 -2.60 -41.64 -5.14
N VAL J 293 -2.32 -40.34 -5.28
CA VAL J 293 -3.31 -39.35 -5.69
C VAL J 293 -2.74 -38.43 -6.75
N LYS J 294 -3.63 -37.72 -7.46
CA LYS J 294 -3.22 -36.78 -8.51
C LYS J 294 -4.32 -35.75 -8.76
N ILE J 295 -3.93 -34.50 -9.00
CA ILE J 295 -4.85 -33.39 -9.30
C ILE J 295 -4.27 -32.56 -10.44
N GLU J 296 -5.13 -32.17 -11.39
CA GLU J 296 -4.71 -31.36 -12.54
C GLU J 296 -5.72 -30.24 -12.80
N LEU J 297 -5.22 -29.14 -13.38
CA LEU J 297 -6.06 -28.01 -13.77
C LEU J 297 -5.66 -27.52 -15.15
N TYR J 298 -6.66 -27.29 -16.02
CA TYR J 298 -6.44 -26.84 -17.39
C TYR J 298 -7.34 -25.65 -17.70
N LYS J 299 -7.07 -25.02 -18.84
CA LYS J 299 -7.95 -24.04 -19.45
C LYS J 299 -8.36 -24.54 -20.82
N ALA J 300 -9.64 -24.40 -21.16
CA ALA J 300 -10.16 -24.98 -22.40
C ALA J 300 -11.44 -24.26 -22.84
N ASP J 301 -11.82 -24.51 -24.09
CA ASP J 301 -13.12 -24.11 -24.63
C ASP J 301 -14.12 -25.24 -24.47
N ILE J 302 -15.37 -24.90 -24.16
CA ILE J 302 -16.39 -25.87 -23.79
C ILE J 302 -17.61 -25.71 -24.70
N SER J 303 -18.19 -26.83 -25.12
CA SER J 303 -19.40 -26.84 -25.95
C SER J 303 -20.30 -28.01 -25.56
N TYR J 304 -21.62 -27.81 -25.64
CA TYR J 304 -22.58 -28.91 -25.52
C TYR J 304 -23.93 -28.46 -26.05
N PRO J 305 -24.77 -29.40 -26.51
CA PRO J 305 -26.15 -29.07 -26.91
C PRO J 305 -27.15 -29.27 -25.78
N TYR J 306 -28.36 -28.75 -25.98
CA TYR J 306 -29.40 -28.81 -24.97
C TYR J 306 -30.79 -28.71 -25.62
N GLU J 307 -31.82 -28.93 -24.81
CA GLU J 307 -33.20 -28.78 -25.25
C GLU J 307 -34.11 -28.62 -24.03
N PHE J 308 -35.25 -27.96 -24.24
CA PHE J 308 -36.23 -27.77 -23.17
C PHE J 308 -37.54 -27.26 -23.75
N LYS J 309 -38.50 -27.00 -22.86
CA LYS J 309 -39.82 -26.47 -23.18
C LYS J 309 -40.08 -25.25 -22.29
N ALA J 310 -40.60 -24.16 -22.88
CA ALA J 310 -40.60 -22.90 -22.14
C ALA J 310 -41.74 -21.97 -22.56
N ASP J 311 -41.91 -20.92 -21.75
CA ASP J 311 -42.73 -19.75 -22.06
C ASP J 311 -41.83 -18.63 -22.56
N VAL J 312 -42.32 -17.87 -23.54
CA VAL J 312 -41.52 -16.86 -24.22
C VAL J 312 -42.06 -15.46 -23.89
N SER J 313 -41.14 -14.54 -23.60
CA SER J 313 -41.48 -13.15 -23.33
C SER J 313 -40.43 -12.24 -23.97
N TYR J 314 -40.79 -10.97 -24.19
CA TYR J 314 -39.97 -10.07 -24.99
C TYR J 314 -40.31 -8.63 -24.65
N ASP J 315 -39.56 -7.70 -25.24
CA ASP J 315 -39.78 -6.27 -25.14
C ASP J 315 -40.38 -5.72 -26.42
N LEU J 316 -41.18 -4.66 -26.29
CA LEU J 316 -41.87 -4.04 -27.41
C LEU J 316 -41.63 -2.53 -27.36
N THR J 317 -41.11 -1.97 -28.45
CA THR J 317 -40.80 -0.55 -28.52
C THR J 317 -41.55 0.10 -29.68
N LEU J 318 -42.20 1.23 -29.39
CA LEU J 318 -42.98 1.96 -30.38
C LEU J 318 -42.33 3.32 -30.64
N SER J 319 -42.11 3.63 -31.92
CA SER J 319 -41.44 4.87 -32.31
C SER J 319 -42.22 5.58 -33.41
N GLY J 320 -42.44 6.87 -33.23
CA GLY J 320 -43.18 7.66 -34.20
C GLY J 320 -43.48 9.02 -33.61
N PHE J 321 -44.35 9.77 -34.30
CA PHE J 321 -44.81 11.04 -33.76
C PHE J 321 -46.29 10.96 -33.43
N LEU J 322 -46.69 11.71 -32.41
CA LEU J 322 -48.03 11.64 -31.86
C LEU J 322 -48.96 12.62 -32.58
N ARG J 323 -50.19 12.17 -32.82
CA ARG J 323 -51.13 12.90 -33.65
C ARG J 323 -51.57 14.20 -32.98
N TRP J 324 -51.80 15.22 -33.83
CA TRP J 324 -52.17 16.55 -33.34
C TRP J 324 -53.61 16.58 -32.82
N GLY J 325 -54.50 15.83 -33.46
CA GLY J 325 -55.89 15.85 -33.03
C GLY J 325 -56.08 15.31 -31.62
N GLY J 326 -55.45 14.20 -31.31
CA GLY J 326 -55.54 13.65 -29.98
C GLY J 326 -54.62 12.46 -29.81
N ASN J 327 -54.05 12.33 -28.61
CA ASN J 327 -53.20 11.21 -28.27
C ASN J 327 -53.35 10.93 -26.78
N ALA J 328 -52.81 9.79 -26.35
CA ALA J 328 -53.07 9.27 -25.01
C ALA J 328 -51.99 9.60 -24.00
N TRP J 329 -50.94 10.35 -24.38
CA TRP J 329 -49.94 10.75 -23.37
C TRP J 329 -50.63 11.65 -22.34
N TYR J 330 -50.22 11.54 -21.05
CA TYR J 330 -50.93 12.26 -19.97
C TYR J 330 -50.83 13.78 -20.09
N THR J 331 -49.81 14.31 -20.77
CA THR J 331 -49.69 15.75 -20.98
C THR J 331 -50.41 16.19 -22.26
N HIS J 332 -50.81 15.22 -23.11
CA HIS J 332 -51.53 15.49 -24.37
C HIS J 332 -50.82 16.59 -25.19
N PRO J 333 -49.61 16.36 -25.74
CA PRO J 333 -48.92 17.39 -26.55
C PRO J 333 -49.63 17.67 -27.87
N ASP J 334 -49.41 18.87 -28.45
CA ASP J 334 -50.04 19.25 -29.71
C ASP J 334 -49.02 19.82 -30.67
N ASN J 335 -47.73 19.50 -30.47
CA ASN J 335 -46.66 19.99 -31.35
C ASN J 335 -46.13 18.84 -32.21
N ARG J 336 -46.94 17.78 -32.42
CA ARG J 336 -46.54 16.61 -33.19
C ARG J 336 -45.09 16.17 -32.84
N PRO J 337 -44.82 15.76 -31.58
CA PRO J 337 -43.46 15.41 -31.16
C PRO J 337 -43.08 13.95 -31.43
N ASN J 338 -41.78 13.66 -31.62
CA ASN J 338 -41.31 12.26 -31.82
C ASN J 338 -41.33 11.53 -30.48
N TRP J 339 -41.68 10.23 -30.46
CA TRP J 339 -41.86 9.54 -29.19
C TRP J 339 -41.33 8.10 -29.20
N ASN J 340 -40.75 7.65 -28.06
CA ASN J 340 -40.31 6.27 -27.88
C ASN J 340 -40.82 5.75 -26.54
N HIS J 341 -41.31 4.52 -26.52
CA HIS J 341 -41.73 3.90 -25.27
C HIS J 341 -41.60 2.39 -25.36
N THR J 342 -41.21 1.75 -24.25
CA THR J 342 -40.97 0.31 -24.20
C THR J 342 -41.91 -0.35 -23.20
N PHE J 343 -42.57 -1.42 -23.63
CA PHE J 343 -43.38 -2.28 -22.78
C PHE J 343 -42.71 -3.64 -22.64
N VAL J 344 -42.89 -4.26 -21.47
CA VAL J 344 -42.38 -5.60 -21.22
C VAL J 344 -43.57 -6.56 -21.28
N ILE J 345 -43.59 -7.44 -22.29
CA ILE J 345 -44.70 -8.36 -22.51
C ILE J 345 -44.35 -9.65 -21.79
N GLY J 346 -44.69 -9.72 -20.51
CA GLY J 346 -44.36 -10.86 -19.67
C GLY J 346 -44.53 -10.53 -18.21
N PRO J 347 -43.70 -11.12 -17.35
CA PRO J 347 -43.77 -10.82 -15.92
C PRO J 347 -43.39 -9.38 -15.61
N TYR J 348 -43.84 -8.93 -14.45
CA TYR J 348 -43.66 -7.54 -14.02
C TYR J 348 -42.21 -7.21 -13.77
N LYS J 349 -41.77 -6.05 -14.23
CA LYS J 349 -40.45 -5.52 -13.89
C LYS J 349 -40.49 -4.14 -13.25
N ASP J 350 -41.33 -3.23 -13.75
CA ASP J 350 -41.51 -1.92 -13.11
C ASP J 350 -42.76 -1.27 -13.68
N LYS J 351 -43.17 -0.17 -13.02
CA LYS J 351 -44.45 0.46 -13.30
C LYS J 351 -44.50 1.07 -14.70
N ALA J 352 -43.39 1.66 -15.16
CA ALA J 352 -43.42 2.40 -16.42
C ALA J 352 -43.64 1.51 -17.63
N SER J 353 -43.28 0.22 -17.55
CA SER J 353 -43.39 -0.68 -18.67
C SER J 353 -44.43 -1.78 -18.48
N SER J 354 -45.30 -1.67 -17.48
CA SER J 354 -46.29 -2.70 -17.19
C SER J 354 -47.66 -2.19 -17.59
N ILE J 355 -48.29 -2.84 -18.57
CA ILE J 355 -49.62 -2.44 -19.01
C ILE J 355 -50.66 -2.76 -17.94
N ARG J 356 -50.55 -3.92 -17.30
CA ARG J 356 -51.55 -4.34 -16.33
C ARG J 356 -51.57 -3.42 -15.11
N TYR J 357 -50.40 -2.99 -14.64
CA TYR J 357 -50.35 -2.10 -13.48
C TYR J 357 -51.03 -0.77 -13.79
N GLN J 358 -50.68 -0.16 -14.91
CA GLN J 358 -51.26 1.13 -15.28
C GLN J 358 -52.76 1.01 -15.53
N TRP J 359 -53.20 -0.10 -16.12
CA TRP J 359 -54.62 -0.30 -16.39
C TRP J 359 -55.42 -0.39 -15.09
N ASP J 360 -54.85 -1.08 -14.08
CA ASP J 360 -55.50 -1.18 -12.78
C ASP J 360 -55.16 0.03 -11.91
N LYS J 361 -54.85 1.20 -12.48
CA LYS J 361 -54.57 2.33 -11.60
C LYS J 361 -55.22 3.57 -12.16
N ARG J 362 -56.25 3.40 -13.01
CA ARG J 362 -56.90 4.51 -13.67
C ARG J 362 -57.91 5.19 -12.74
N TYR J 363 -58.02 4.71 -11.49
CA TYR J 363 -58.92 5.31 -10.51
C TYR J 363 -58.15 6.20 -9.54
N ILE J 364 -56.83 6.25 -9.66
CA ILE J 364 -56.01 7.12 -8.82
C ILE J 364 -55.35 8.16 -9.71
N PRO J 365 -55.82 9.41 -9.72
CA PRO J 365 -55.19 10.41 -10.61
C PRO J 365 -53.72 10.66 -10.34
N GLY J 366 -53.26 10.50 -9.11
CA GLY J 366 -51.87 10.73 -8.79
C GLY J 366 -50.91 9.66 -9.27
N GLU J 367 -51.42 8.52 -9.74
CA GLU J 367 -50.59 7.47 -10.30
C GLU J 367 -50.41 7.58 -11.81
N VAL J 368 -51.22 8.39 -12.48
CA VAL J 368 -51.22 8.46 -13.94
C VAL J 368 -50.05 9.30 -14.41
N LYS J 369 -48.93 8.66 -14.71
CA LYS J 369 -47.72 9.36 -15.07
C LYS J 369 -47.17 9.00 -16.44
N TRP J 370 -47.70 7.98 -17.11
CA TRP J 370 -47.24 7.71 -18.47
C TRP J 370 -48.35 7.79 -19.51
N TRP J 371 -49.33 6.90 -19.48
CA TRP J 371 -50.36 6.85 -20.50
C TRP J 371 -51.72 7.00 -19.84
N ASP J 372 -52.64 7.63 -20.55
CA ASP J 372 -53.99 7.91 -20.05
C ASP J 372 -54.95 6.88 -20.65
N TRP J 373 -55.26 5.83 -19.87
CA TRP J 373 -56.11 4.75 -20.38
C TRP J 373 -57.60 5.11 -20.32
N ASN J 374 -57.99 6.01 -19.42
CA ASN J 374 -59.37 6.50 -19.42
C ASN J 374 -59.71 7.18 -20.74
N TRP J 375 -58.75 7.92 -21.31
CA TRP J 375 -58.97 8.58 -22.59
C TRP J 375 -59.19 7.55 -23.71
N THR J 376 -58.42 6.47 -23.72
CA THR J 376 -58.64 5.44 -24.74
C THR J 376 -59.99 4.77 -24.59
N ILE J 377 -60.41 4.51 -23.35
CA ILE J 377 -61.75 3.94 -23.13
C ILE J 377 -62.81 4.91 -23.63
N GLN J 378 -62.65 6.20 -23.35
CA GLN J 378 -63.63 7.19 -23.80
C GLN J 378 -63.69 7.27 -25.32
N GLN J 379 -62.55 7.16 -25.99
CA GLN J 379 -62.52 7.27 -27.45
C GLN J 379 -63.03 6.02 -28.15
N ASN J 380 -62.80 4.83 -27.59
CA ASN J 380 -63.06 3.60 -28.34
C ASN J 380 -64.07 2.65 -27.71
N GLY J 381 -64.33 2.74 -26.42
CA GLY J 381 -65.22 1.78 -25.79
C GLY J 381 -64.44 0.79 -24.93
N LEU J 382 -65.10 0.31 -23.87
CA LEU J 382 -64.40 -0.52 -22.89
C LEU J 382 -64.09 -1.91 -23.44
N SER J 383 -65.07 -2.55 -24.08
CA SER J 383 -64.86 -3.94 -24.53
C SER J 383 -63.84 -4.00 -25.66
N THR J 384 -63.82 -3.00 -26.54
CA THR J 384 -62.83 -2.96 -27.61
C THR J 384 -61.41 -2.95 -27.04
N MET J 385 -61.14 -2.07 -26.08
CA MET J 385 -59.83 -2.00 -25.46
C MET J 385 -59.50 -3.27 -24.70
N GLN J 386 -60.48 -3.84 -23.99
CA GLN J 386 -60.25 -5.09 -23.26
C GLN J 386 -59.82 -6.20 -24.21
N ASN J 387 -60.51 -6.35 -25.33
CA ASN J 387 -60.20 -7.44 -26.25
C ASN J 387 -58.86 -7.22 -26.95
N ASN J 388 -58.56 -5.99 -27.35
CA ASN J 388 -57.26 -5.72 -27.96
C ASN J 388 -56.12 -6.00 -26.99
N LEU J 389 -56.24 -5.53 -25.74
CA LEU J 389 -55.17 -5.78 -24.78
C LEU J 389 -55.06 -7.24 -24.39
N ALA J 390 -56.18 -7.97 -24.39
CA ALA J 390 -56.10 -9.40 -24.12
C ALA J 390 -55.37 -10.12 -25.24
N ARG J 391 -55.58 -9.72 -26.49
CA ARG J 391 -54.83 -10.34 -27.58
C ARG J 391 -53.36 -9.95 -27.58
N VAL J 392 -53.03 -8.76 -27.09
CA VAL J 392 -51.62 -8.35 -27.07
C VAL J 392 -50.83 -9.15 -26.03
N LEU J 393 -51.44 -9.43 -24.86
CA LEU J 393 -50.74 -10.05 -23.76
C LEU J 393 -50.91 -11.57 -23.70
N ARG J 394 -51.16 -12.21 -24.84
CA ARG J 394 -51.42 -13.64 -24.86
C ARG J 394 -50.14 -14.44 -24.63
N PRO J 395 -50.18 -15.48 -23.79
CA PRO J 395 -48.98 -16.28 -23.54
C PRO J 395 -48.54 -17.10 -24.75
N VAL J 396 -47.24 -17.39 -24.81
CA VAL J 396 -46.63 -18.12 -25.92
C VAL J 396 -45.78 -19.27 -25.36
N ARG J 397 -45.91 -20.46 -25.96
CA ARG J 397 -45.13 -21.62 -25.56
C ARG J 397 -44.46 -22.26 -26.77
N ALA J 398 -43.29 -22.85 -26.55
CA ALA J 398 -42.55 -23.49 -27.62
C ALA J 398 -41.54 -24.48 -27.04
N GLY J 399 -41.06 -25.37 -27.90
CA GLY J 399 -39.93 -26.23 -27.60
C GLY J 399 -38.68 -25.71 -28.28
N ILE J 400 -37.55 -25.80 -27.58
CA ILE J 400 -36.30 -25.16 -28.00
C ILE J 400 -35.19 -26.20 -28.04
N THR J 401 -34.32 -26.08 -29.06
CA THR J 401 -33.04 -26.78 -29.09
C THR J 401 -31.95 -25.76 -29.37
N GLY J 402 -30.78 -25.95 -28.77
CA GLY J 402 -29.72 -24.98 -28.93
C GLY J 402 -28.35 -25.53 -28.65
N ASP J 403 -27.36 -24.64 -28.71
CA ASP J 403 -25.95 -24.98 -28.50
C ASP J 403 -25.30 -23.96 -27.56
N PHE J 404 -24.49 -24.45 -26.64
CA PHE J 404 -23.75 -23.62 -25.71
C PHE J 404 -22.27 -23.61 -26.10
N SER J 405 -21.61 -22.47 -25.90
CA SER J 405 -20.20 -22.34 -26.24
C SER J 405 -19.58 -21.19 -25.47
N ALA J 406 -18.35 -21.39 -24.97
CA ALA J 406 -17.62 -20.35 -24.27
C ALA J 406 -16.12 -20.64 -24.34
N GLU J 407 -15.32 -19.58 -24.27
CA GLU J 407 -13.88 -19.67 -24.46
C GLU J 407 -13.12 -19.52 -23.15
N SER J 408 -12.07 -20.33 -22.98
CA SER J 408 -11.11 -20.28 -21.88
C SER J 408 -11.82 -20.34 -20.52
N GLN J 409 -12.47 -21.47 -20.28
CA GLN J 409 -13.05 -21.82 -18.99
C GLN J 409 -12.12 -22.82 -18.29
N PHE J 410 -12.58 -23.41 -17.19
CA PHE J 410 -11.76 -24.30 -16.39
C PHE J 410 -12.14 -25.76 -16.59
N ALA J 411 -11.15 -26.64 -16.48
CA ALA J 411 -11.34 -28.09 -16.55
C ALA J 411 -10.44 -28.79 -15.55
N GLY J 412 -10.99 -29.72 -14.77
CA GLY J 412 -10.24 -30.35 -13.70
C GLY J 412 -10.27 -31.87 -13.78
N ASN J 413 -9.48 -32.49 -12.90
CA ASN J 413 -9.38 -33.94 -12.81
C ASN J 413 -8.81 -34.31 -11.44
N ILE J 414 -9.50 -35.17 -10.70
CA ILE J 414 -9.07 -35.63 -9.38
C ILE J 414 -9.15 -37.14 -9.33
N GLU J 415 -8.09 -37.79 -8.82
CA GLU J 415 -8.00 -39.25 -8.86
C GLU J 415 -7.51 -39.83 -7.54
N ILE J 416 -8.13 -40.95 -7.12
CA ILE J 416 -7.68 -41.77 -6.00
C ILE J 416 -7.32 -43.15 -6.55
N GLY J 417 -6.11 -43.62 -6.28
CA GLY J 417 -5.62 -44.86 -6.84
C GLY J 417 -5.87 -46.07 -5.96
N ALA J 418 -5.41 -47.22 -6.45
CA ALA J 418 -5.57 -48.51 -5.77
C ALA J 418 -4.53 -48.69 -4.65
N PRO J 419 -4.91 -49.34 -3.56
CA PRO J 419 -3.98 -49.49 -2.43
C PRO J 419 -2.86 -50.47 -2.71
N VAL J 420 -1.74 -50.25 -2.02
CA VAL J 420 -0.53 -51.08 -2.13
C VAL J 420 -0.18 -51.56 -0.72
N PRO J 421 -0.14 -52.87 -0.47
CA PRO J 421 0.24 -53.35 0.87
C PRO J 421 1.68 -53.04 1.19
N LEU J 422 1.93 -52.76 2.48
CA LEU J 422 3.28 -52.43 2.93
C LEU J 422 4.09 -53.69 3.21
N ALA K 1 -47.93 -18.30 -41.74
CA ALA K 1 -46.74 -18.20 -42.58
C ALA K 1 -45.72 -19.29 -42.25
N GLU K 2 -45.13 -19.88 -43.28
CA GLU K 2 -44.11 -20.91 -43.17
C GLU K 2 -42.84 -20.46 -43.88
N PRO K 3 -41.67 -20.92 -43.43
CA PRO K 3 -40.42 -20.54 -44.10
C PRO K 3 -40.39 -20.96 -45.55
N VAL K 4 -39.79 -20.12 -46.39
CA VAL K 4 -39.68 -20.38 -47.82
C VAL K 4 -38.21 -20.52 -48.18
N TYR K 5 -37.84 -21.68 -48.72
CA TYR K 5 -36.50 -21.88 -49.24
C TYR K 5 -36.46 -21.54 -50.72
N PRO K 6 -35.61 -20.61 -51.15
CA PRO K 6 -35.68 -20.12 -52.54
C PRO K 6 -35.46 -21.18 -53.59
N ASP K 7 -34.80 -22.28 -53.27
CA ASP K 7 -34.54 -23.31 -54.28
C ASP K 7 -35.77 -24.13 -54.63
N GLN K 8 -36.84 -24.04 -53.84
CA GLN K 8 -38.04 -24.82 -54.11
C GLN K 8 -39.15 -24.02 -54.81
N LEU K 9 -38.94 -22.74 -55.07
CA LEU K 9 -39.96 -21.93 -55.74
C LEU K 9 -40.09 -22.33 -57.20
N ARG K 10 -41.33 -22.36 -57.68
CA ARG K 10 -41.62 -22.70 -59.07
C ARG K 10 -42.63 -21.72 -59.65
N LEU K 11 -42.48 -21.44 -60.94
CA LEU K 11 -43.33 -20.48 -61.65
C LEU K 11 -44.17 -21.23 -62.69
N PHE K 12 -45.46 -21.40 -62.40
CA PHE K 12 -46.39 -21.97 -63.35
C PHE K 12 -46.96 -20.90 -64.27
N SER K 13 -47.51 -21.34 -65.40
CA SER K 13 -48.12 -20.45 -66.38
C SER K 13 -49.44 -21.04 -66.85
N LEU K 14 -50.29 -21.44 -65.90
CA LEU K 14 -51.55 -22.12 -66.17
C LEU K 14 -52.74 -21.23 -65.86
N GLY K 15 -52.62 -19.94 -66.18
CA GLY K 15 -53.71 -19.01 -65.98
C GLY K 15 -53.72 -18.38 -64.61
N GLN K 16 -54.64 -17.45 -64.43
CA GLN K 16 -54.70 -16.64 -63.21
C GLN K 16 -55.25 -17.48 -62.06
N GLY K 17 -54.41 -17.73 -61.05
CA GLY K 17 -54.82 -18.44 -59.86
C GLY K 17 -54.48 -19.92 -59.84
N VAL K 18 -54.44 -20.56 -61.01
CA VAL K 18 -54.18 -22.00 -61.07
C VAL K 18 -52.72 -22.28 -60.76
N CYS K 19 -52.48 -23.25 -59.88
CA CYS K 19 -51.16 -23.40 -59.26
C CYS K 19 -50.89 -24.88 -59.02
N GLY K 20 -50.20 -25.50 -59.98
CA GLY K 20 -49.63 -26.83 -59.81
C GLY K 20 -50.65 -27.91 -59.44
N ASP K 21 -50.11 -29.08 -59.10
CA ASP K 21 -50.89 -30.18 -58.59
C ASP K 21 -50.72 -30.41 -57.10
N LYS K 22 -49.50 -30.35 -56.60
CA LYS K 22 -49.23 -30.40 -55.17
C LYS K 22 -48.58 -29.11 -54.70
N TYR K 23 -49.06 -28.00 -55.25
CA TYR K 23 -48.46 -26.68 -55.04
C TYR K 23 -49.52 -25.69 -54.65
N ARG K 24 -49.18 -24.80 -53.72
CA ARG K 24 -50.06 -23.72 -53.27
C ARG K 24 -49.44 -22.36 -53.63
N PRO K 25 -50.22 -21.30 -53.84
CA PRO K 25 -49.61 -20.01 -54.22
C PRO K 25 -48.95 -19.36 -53.03
N VAL K 26 -47.93 -18.50 -53.26
CA VAL K 26 -47.21 -17.85 -52.16
C VAL K 26 -47.97 -16.61 -51.73
N ASN K 27 -48.10 -16.38 -50.40
CA ASN K 27 -48.83 -15.20 -49.89
C ASN K 27 -47.89 -13.99 -49.88
N ARG K 28 -48.47 -12.77 -49.83
CA ARG K 28 -47.68 -11.53 -49.88
C ARG K 28 -46.65 -11.48 -48.77
N GLU K 29 -47.00 -11.99 -47.57
CA GLU K 29 -46.09 -11.98 -46.43
C GLU K 29 -44.86 -12.83 -46.69
N GLU K 30 -45.06 -14.03 -47.26
CA GLU K 30 -43.95 -14.94 -47.56
C GLU K 30 -43.10 -14.40 -48.69
N ALA K 31 -43.74 -13.82 -49.73
CA ALA K 31 -43.00 -13.24 -50.85
C ALA K 31 -42.08 -12.14 -50.37
N GLN K 32 -42.57 -11.29 -49.43
CA GLN K 32 -41.76 -10.18 -48.91
C GLN K 32 -40.60 -10.71 -48.08
N SER K 33 -40.82 -11.83 -47.34
CA SER K 33 -39.78 -12.42 -46.51
C SER K 33 -38.52 -12.71 -47.30
N VAL K 34 -38.65 -13.05 -48.60
CA VAL K 34 -37.49 -13.38 -49.42
C VAL K 34 -37.42 -12.51 -50.68
N LYS K 35 -37.81 -11.24 -50.57
CA LYS K 35 -38.05 -10.41 -51.74
C LYS K 35 -36.83 -10.35 -52.67
N SER K 36 -35.64 -10.13 -52.12
CA SER K 36 -34.46 -9.97 -52.97
C SER K 36 -34.15 -11.23 -53.77
N ASN K 37 -34.33 -12.40 -53.15
CA ASN K 37 -34.12 -13.65 -53.87
C ASN K 37 -35.08 -13.79 -55.04
N ILE K 38 -36.36 -13.51 -54.81
CA ILE K 38 -37.35 -13.64 -55.88
C ILE K 38 -37.09 -12.65 -56.99
N VAL K 39 -36.79 -11.40 -56.63
CA VAL K 39 -36.55 -10.36 -57.63
C VAL K 39 -35.31 -10.69 -58.45
N GLY K 40 -34.32 -11.33 -57.84
CA GLY K 40 -33.13 -11.71 -58.58
C GLY K 40 -33.34 -12.80 -59.61
N MET K 41 -34.54 -13.38 -59.68
CA MET K 41 -34.85 -14.45 -60.62
C MET K 41 -35.91 -14.02 -61.64
N MET K 42 -36.04 -12.72 -61.89
CA MET K 42 -37.10 -12.22 -62.76
C MET K 42 -36.50 -11.34 -63.85
N GLY K 43 -37.23 -11.26 -64.97
CA GLY K 43 -36.85 -10.34 -66.03
C GLY K 43 -37.08 -8.90 -65.65
N GLN K 44 -36.43 -8.00 -66.38
CA GLN K 44 -36.35 -6.60 -65.94
C GLN K 44 -37.72 -5.94 -65.89
N TRP K 45 -38.64 -6.32 -66.76
CA TRP K 45 -39.98 -5.74 -66.78
C TRP K 45 -41.05 -6.82 -66.63
N GLN K 46 -40.75 -7.85 -65.85
CA GLN K 46 -41.66 -8.97 -65.67
C GLN K 46 -42.64 -8.67 -64.54
N ILE K 47 -43.87 -9.18 -64.68
CA ILE K 47 -44.89 -9.07 -63.65
C ILE K 47 -45.48 -10.46 -63.42
N SER K 48 -45.50 -10.91 -62.16
CA SER K 48 -45.99 -12.23 -61.81
C SER K 48 -46.98 -12.14 -60.65
N GLY K 49 -47.83 -13.16 -60.54
CA GLY K 49 -48.94 -13.13 -59.62
C GLY K 49 -48.68 -13.83 -58.29
N LEU K 50 -49.50 -13.48 -57.30
CA LEU K 50 -49.41 -14.04 -55.96
C LEU K 50 -50.80 -14.42 -55.48
N ALA K 51 -50.91 -14.74 -54.20
CA ALA K 51 -52.19 -15.15 -53.62
C ALA K 51 -53.01 -13.94 -53.19
N ASN K 52 -54.34 -14.07 -53.32
CA ASN K 52 -55.31 -13.07 -52.88
C ASN K 52 -55.16 -11.76 -53.66
N GLY K 53 -54.96 -11.86 -54.96
CA GLY K 53 -54.93 -10.69 -55.81
C GLY K 53 -53.80 -9.70 -55.56
N TRP K 54 -52.58 -10.18 -55.39
CA TRP K 54 -51.40 -9.34 -55.30
C TRP K 54 -50.49 -9.66 -56.48
N VAL K 55 -49.42 -8.86 -56.63
CA VAL K 55 -48.53 -8.98 -57.77
C VAL K 55 -47.15 -8.46 -57.38
N ILE K 56 -46.11 -9.06 -57.94
CA ILE K 56 -44.73 -8.64 -57.70
C ILE K 56 -44.09 -8.27 -59.03
N MET K 57 -43.22 -7.26 -59.01
CA MET K 57 -42.64 -6.68 -60.20
C MET K 57 -41.12 -6.85 -60.21
N GLY K 58 -40.55 -6.77 -61.41
CA GLY K 58 -39.16 -7.12 -61.60
C GLY K 58 -38.22 -5.98 -61.22
N PRO K 59 -36.93 -6.21 -61.48
CA PRO K 59 -35.91 -5.23 -61.05
C PRO K 59 -36.09 -3.85 -61.65
N GLY K 60 -36.66 -3.73 -62.84
CA GLY K 60 -36.89 -2.42 -63.41
C GLY K 60 -37.85 -1.58 -62.60
N TYR K 61 -38.80 -2.23 -61.92
CA TYR K 61 -39.76 -1.56 -61.06
C TYR K 61 -39.31 -1.51 -59.60
N ASN K 62 -38.05 -1.84 -59.31
CA ASN K 62 -37.50 -1.84 -57.96
C ASN K 62 -38.16 -2.87 -57.06
N GLY K 63 -38.76 -3.92 -57.63
CA GLY K 63 -39.34 -4.99 -56.85
C GLY K 63 -40.53 -4.61 -55.99
N GLU K 64 -41.48 -3.89 -56.56
CA GLU K 64 -42.65 -3.43 -55.82
C GLU K 64 -43.72 -4.52 -55.75
N ILE K 65 -44.38 -4.63 -54.60
CA ILE K 65 -45.48 -5.55 -54.39
C ILE K 65 -46.75 -4.74 -54.22
N LYS K 66 -47.69 -4.90 -55.16
CA LYS K 66 -48.92 -4.11 -55.18
C LYS K 66 -50.07 -4.96 -55.67
N PRO K 67 -51.31 -4.58 -55.38
CA PRO K 67 -52.47 -5.34 -55.87
C PRO K 67 -52.59 -5.31 -57.39
N GLY K 68 -53.08 -6.42 -57.94
CA GLY K 68 -53.20 -6.56 -59.38
C GLY K 68 -53.50 -8.00 -59.74
N THR K 69 -53.47 -8.29 -61.04
CA THR K 69 -53.69 -9.64 -61.54
C THR K 69 -52.72 -9.95 -62.66
N ALA K 70 -52.35 -11.23 -62.78
CA ALA K 70 -51.41 -11.67 -63.80
C ALA K 70 -51.66 -13.14 -64.09
N SER K 71 -51.17 -13.58 -65.26
CA SER K 71 -51.32 -14.97 -65.68
C SER K 71 -50.34 -15.90 -64.98
N ASN K 72 -49.12 -15.43 -64.72
CA ASN K 72 -48.13 -16.23 -64.02
C ASN K 72 -48.49 -16.36 -62.54
N THR K 73 -47.91 -17.38 -61.88
CA THR K 73 -48.10 -17.54 -60.45
C THR K 73 -46.88 -18.24 -59.86
N TRP K 74 -46.22 -17.60 -58.90
CA TRP K 74 -45.17 -18.25 -58.12
C TRP K 74 -45.80 -19.22 -57.13
N CYS K 75 -45.27 -20.45 -57.08
CA CYS K 75 -45.89 -21.50 -56.29
C CYS K 75 -44.84 -22.28 -55.50
N TYR K 76 -45.30 -22.90 -54.40
CA TYR K 76 -44.48 -23.62 -53.44
C TYR K 76 -45.13 -24.97 -53.14
N PRO K 77 -44.33 -26.01 -52.91
CA PRO K 77 -44.91 -27.36 -52.71
C PRO K 77 -45.79 -27.45 -51.47
N THR K 78 -46.85 -28.25 -51.58
CA THR K 78 -47.81 -28.40 -50.47
C THR K 78 -47.16 -29.10 -49.29
N ASN K 79 -46.35 -30.12 -49.54
CA ASN K 79 -45.58 -30.82 -48.51
C ASN K 79 -44.11 -30.73 -48.89
N PRO K 80 -43.41 -29.66 -48.50
CA PRO K 80 -42.02 -29.49 -48.92
C PRO K 80 -41.09 -30.48 -48.23
N VAL K 81 -39.99 -30.78 -48.91
CA VAL K 81 -38.98 -31.70 -48.38
C VAL K 81 -37.95 -30.89 -47.61
N THR K 82 -37.22 -31.58 -46.72
CA THR K 82 -36.16 -30.96 -45.94
C THR K 82 -34.85 -31.06 -46.72
N GLY K 83 -34.22 -29.91 -46.96
CA GLY K 83 -32.95 -29.90 -47.67
C GLY K 83 -31.75 -29.98 -46.76
N GLU K 84 -31.86 -30.80 -45.71
CA GLU K 84 -30.82 -30.90 -44.71
C GLU K 84 -29.62 -31.68 -45.24
N ILE K 85 -28.45 -31.35 -44.70
CA ILE K 85 -27.20 -32.06 -45.03
C ILE K 85 -27.22 -33.43 -44.40
N PRO K 86 -27.03 -34.50 -45.17
CA PRO K 86 -27.10 -35.86 -44.60
C PRO K 86 -25.92 -36.15 -43.67
N THR K 87 -26.06 -37.22 -42.91
CA THR K 87 -25.01 -37.70 -42.01
C THR K 87 -24.55 -39.07 -42.47
N LEU K 88 -23.24 -39.24 -42.61
CA LEU K 88 -22.65 -40.49 -43.07
C LEU K 88 -22.08 -41.26 -41.88
N SER K 89 -21.73 -42.52 -42.12
CA SER K 89 -21.10 -43.32 -41.10
C SER K 89 -19.64 -42.91 -40.92
N ALA K 90 -19.07 -43.28 -39.77
CA ALA K 90 -17.76 -42.78 -39.38
C ALA K 90 -16.65 -43.45 -40.17
N LEU K 91 -15.54 -42.73 -40.31
CA LEU K 91 -14.34 -43.21 -40.96
C LEU K 91 -13.33 -43.62 -39.90
N ASP K 92 -12.86 -44.87 -39.97
CA ASP K 92 -11.97 -45.42 -38.97
C ASP K 92 -10.52 -45.37 -39.46
N ILE K 93 -9.63 -44.89 -38.60
CA ILE K 93 -8.21 -44.73 -38.92
C ILE K 93 -7.42 -45.65 -38.00
N PRO K 94 -6.40 -46.34 -38.52
CA PRO K 94 -5.62 -47.25 -37.67
C PRO K 94 -4.89 -46.52 -36.55
N ASP K 95 -4.62 -47.27 -35.47
CA ASP K 95 -4.13 -46.70 -34.22
C ASP K 95 -2.71 -46.16 -34.36
N GLY K 96 -2.36 -45.27 -33.43
CA GLY K 96 -1.04 -44.67 -33.40
C GLY K 96 -1.04 -43.50 -32.45
N ASP K 97 0.00 -42.69 -32.52
CA ASP K 97 0.00 -41.45 -31.76
C ASP K 97 -0.62 -40.34 -32.61
N GLU K 98 -0.66 -39.12 -32.07
CA GLU K 98 -1.44 -38.05 -32.70
C GLU K 98 -0.93 -37.73 -34.10
N VAL K 99 0.39 -37.58 -34.26
CA VAL K 99 0.95 -37.21 -35.55
C VAL K 99 0.74 -38.32 -36.57
N ASP K 100 0.81 -39.58 -36.12
CA ASP K 100 0.57 -40.71 -37.03
C ASP K 100 -0.85 -40.68 -37.60
N VAL K 101 -1.83 -40.38 -36.75
CA VAL K 101 -3.22 -40.32 -37.19
C VAL K 101 -3.43 -39.13 -38.12
N GLN K 102 -2.82 -37.99 -37.80
CA GLN K 102 -2.93 -36.83 -38.69
C GLN K 102 -2.31 -37.10 -40.05
N TRP K 103 -1.21 -37.85 -40.09
CA TRP K 103 -0.59 -38.19 -41.37
C TRP K 103 -1.53 -39.01 -42.23
N ARG K 104 -2.19 -40.01 -41.62
CA ARG K 104 -3.10 -40.85 -42.39
C ARG K 104 -4.35 -40.12 -42.84
N LEU K 105 -4.81 -39.13 -42.07
CA LEU K 105 -6.00 -38.38 -42.49
C LEU K 105 -5.74 -37.52 -43.71
N VAL K 106 -4.64 -36.74 -43.72
CA VAL K 106 -4.48 -35.74 -44.77
C VAL K 106 -3.89 -36.28 -46.06
N HIS K 107 -3.39 -37.51 -46.07
CA HIS K 107 -2.91 -38.13 -47.29
C HIS K 107 -3.99 -38.99 -47.96
N ASP K 108 -5.19 -39.03 -47.45
CA ASP K 108 -6.26 -39.80 -48.08
C ASP K 108 -6.87 -38.98 -49.22
N SER K 109 -6.83 -39.53 -50.43
CA SER K 109 -7.24 -38.77 -51.60
C SER K 109 -8.75 -38.77 -51.78
N ALA K 110 -9.38 -39.94 -51.69
CA ALA K 110 -10.82 -40.02 -51.93
C ALA K 110 -11.66 -39.53 -50.77
N ASN K 111 -11.11 -39.46 -49.56
CA ASN K 111 -11.92 -39.10 -48.40
C ASN K 111 -11.62 -37.72 -47.83
N PHE K 112 -10.43 -37.16 -48.09
CA PHE K 112 -10.12 -35.83 -47.60
C PHE K 112 -9.80 -34.84 -48.70
N ILE K 113 -8.89 -35.17 -49.61
CA ILE K 113 -8.32 -34.16 -50.51
C ILE K 113 -9.34 -33.71 -51.56
N LYS K 114 -10.05 -34.66 -52.18
CA LYS K 114 -11.04 -34.29 -53.19
C LYS K 114 -12.21 -33.49 -52.63
N PRO K 115 -12.89 -33.91 -51.56
CA PRO K 115 -14.03 -33.12 -51.08
C PRO K 115 -13.66 -31.71 -50.67
N THR K 116 -12.52 -31.52 -50.02
CA THR K 116 -12.10 -30.18 -49.58
C THR K 116 -11.75 -29.30 -50.78
N SER K 117 -11.09 -29.87 -51.79
CA SER K 117 -10.80 -29.12 -53.00
C SER K 117 -12.07 -28.70 -53.71
N TYR K 118 -13.05 -29.61 -53.79
CA TYR K 118 -14.32 -29.25 -54.43
C TYR K 118 -15.06 -28.19 -53.63
N LEU K 119 -14.98 -28.24 -52.30
CA LEU K 119 -15.60 -27.19 -51.50
C LEU K 119 -14.98 -25.83 -51.82
N ALA K 120 -13.64 -25.77 -51.88
CA ALA K 120 -12.98 -24.51 -52.21
C ALA K 120 -13.34 -24.04 -53.62
N HIS K 121 -13.48 -24.98 -54.56
CA HIS K 121 -13.82 -24.61 -55.93
C HIS K 121 -15.24 -24.08 -56.04
N TYR K 122 -16.18 -24.68 -55.32
CA TYR K 122 -17.57 -24.25 -55.41
C TYR K 122 -17.79 -22.86 -54.82
N LEU K 123 -16.99 -22.47 -53.84
CA LEU K 123 -17.15 -21.15 -53.22
C LEU K 123 -16.53 -20.03 -54.04
N GLY K 124 -15.72 -20.34 -55.03
CA GLY K 124 -15.17 -19.33 -55.91
C GLY K 124 -13.67 -19.08 -55.83
N TYR K 125 -12.92 -19.91 -55.11
CA TYR K 125 -11.48 -19.78 -55.11
C TYR K 125 -10.89 -20.22 -56.44
N ALA K 126 -9.75 -19.64 -56.81
CA ALA K 126 -9.14 -19.85 -58.11
C ALA K 126 -8.02 -20.88 -58.05
N TRP K 127 -7.86 -21.61 -59.16
CA TRP K 127 -6.72 -22.50 -59.41
C TRP K 127 -6.51 -23.51 -58.29
N VAL K 128 -7.51 -24.38 -58.12
CA VAL K 128 -7.44 -25.47 -57.14
C VAL K 128 -7.02 -26.74 -57.86
N GLY K 129 -5.72 -26.97 -57.97
CA GLY K 129 -5.20 -28.11 -58.68
C GLY K 129 -3.80 -27.83 -59.21
N GLY K 130 -3.11 -28.91 -59.60
CA GLY K 130 -1.75 -28.81 -60.07
C GLY K 130 -1.63 -28.63 -61.58
N ASN K 131 -0.39 -28.40 -62.02
CA ASN K 131 -0.11 -28.12 -63.42
C ASN K 131 -0.16 -29.35 -64.31
N HIS K 132 -0.10 -30.55 -63.76
CA HIS K 132 -0.02 -31.77 -64.55
C HIS K 132 -1.38 -32.42 -64.76
N SER K 133 -2.47 -31.72 -64.45
CA SER K 133 -3.81 -32.24 -64.64
C SER K 133 -4.74 -31.09 -64.97
N GLN K 134 -5.93 -31.42 -65.48
CA GLN K 134 -6.94 -30.43 -65.81
C GLN K 134 -8.15 -30.48 -64.91
N TYR K 135 -8.20 -31.40 -63.95
CA TYR K 135 -9.37 -31.58 -63.10
C TYR K 135 -9.12 -31.00 -61.71
N VAL K 136 -10.23 -30.70 -61.03
CA VAL K 136 -10.16 -30.10 -59.70
C VAL K 136 -9.67 -31.14 -58.70
N GLY K 137 -8.69 -30.75 -57.89
CA GLY K 137 -8.25 -31.58 -56.79
C GLY K 137 -7.25 -32.64 -57.12
N GLU K 138 -6.66 -32.63 -58.31
CA GLU K 138 -5.65 -33.60 -58.68
C GLU K 138 -4.29 -32.94 -58.77
N ASP K 139 -3.24 -33.75 -58.58
CA ASP K 139 -1.86 -33.29 -58.61
C ASP K 139 -1.60 -32.27 -57.50
N MET K 140 -1.94 -32.65 -56.28
CA MET K 140 -1.79 -31.80 -55.10
C MET K 140 -0.60 -32.26 -54.27
N ASP K 141 0.01 -31.31 -53.56
CA ASP K 141 1.19 -31.56 -52.74
C ASP K 141 0.84 -31.35 -51.27
N VAL K 142 1.30 -32.26 -50.41
CA VAL K 142 1.05 -32.21 -48.97
C VAL K 142 2.37 -31.99 -48.26
N THR K 143 2.42 -30.98 -47.39
CA THR K 143 3.63 -30.63 -46.67
C THR K 143 3.34 -30.39 -45.20
N ARG K 144 4.31 -30.72 -44.36
CA ARG K 144 4.22 -30.54 -42.91
C ARG K 144 4.97 -29.28 -42.51
N ASP K 145 4.29 -28.39 -41.78
CA ASP K 145 4.89 -27.12 -41.36
C ASP K 145 4.39 -26.75 -39.97
N GLY K 146 5.27 -26.87 -38.98
CA GLY K 146 4.92 -26.50 -37.63
C GLY K 146 3.94 -27.46 -36.99
N ASP K 147 2.79 -26.95 -36.57
CA ASP K 147 1.74 -27.75 -35.93
C ASP K 147 0.62 -28.11 -36.88
N GLY K 148 0.79 -27.87 -38.18
CA GLY K 148 -0.26 -28.13 -39.13
C GLY K 148 0.25 -28.73 -40.43
N TRP K 149 -0.63 -28.79 -41.42
CA TRP K 149 -0.34 -29.34 -42.74
C TRP K 149 -0.91 -28.40 -43.79
N VAL K 150 -0.28 -28.38 -44.97
CA VAL K 150 -0.70 -27.53 -46.07
C VAL K 150 -0.88 -28.38 -47.32
N ILE K 151 -2.01 -28.20 -48.00
CA ILE K 151 -2.29 -28.88 -49.26
C ILE K 151 -2.43 -27.82 -50.36
N ARG K 152 -1.59 -27.94 -51.40
CA ARG K 152 -1.60 -26.99 -52.50
C ARG K 152 -1.26 -27.71 -53.81
N GLY K 153 -1.76 -27.15 -54.91
CA GLY K 153 -1.45 -27.71 -56.22
C GLY K 153 0.01 -27.53 -56.58
N ASN K 154 0.56 -28.52 -57.29
CA ASN K 154 1.96 -28.50 -57.66
C ASN K 154 2.21 -27.48 -58.76
N ASN K 155 3.29 -26.71 -58.60
CA ASN K 155 3.63 -25.61 -59.50
C ASN K 155 5.02 -25.88 -60.06
N ASP K 156 5.08 -26.71 -61.11
CA ASP K 156 6.33 -27.14 -61.72
C ASP K 156 6.12 -27.18 -63.22
N GLY K 157 6.79 -26.28 -63.94
CA GLY K 157 6.60 -26.19 -65.37
C GLY K 157 5.93 -24.90 -65.73
N GLY K 158 5.06 -24.94 -66.74
CA GLY K 158 4.30 -23.77 -67.13
C GLY K 158 2.83 -24.06 -67.10
N CYS K 159 2.05 -22.98 -67.20
CA CYS K 159 0.59 -23.08 -67.17
C CYS K 159 0.02 -22.00 -68.07
N ASP K 160 -1.23 -22.19 -68.48
CA ASP K 160 -1.97 -21.24 -69.30
C ASP K 160 -3.14 -20.69 -68.50
N GLY K 161 -3.24 -19.39 -68.39
CA GLY K 161 -4.28 -18.73 -67.62
C GLY K 161 -3.77 -17.39 -67.12
N TYR K 162 -4.71 -16.52 -66.75
CA TYR K 162 -4.33 -15.13 -66.45
C TYR K 162 -3.36 -15.07 -65.27
N ARG K 163 -3.73 -15.67 -64.14
CA ARG K 163 -2.87 -15.60 -62.96
C ARG K 163 -2.57 -16.99 -62.43
N CYS K 164 -2.45 -17.96 -63.31
CA CYS K 164 -2.04 -19.29 -62.89
C CYS K 164 -0.62 -19.21 -62.34
N GLY K 165 -0.41 -19.80 -61.18
CA GLY K 165 0.79 -19.56 -60.40
C GLY K 165 0.46 -19.06 -59.02
N ASP K 166 -0.67 -18.38 -58.88
CA ASP K 166 -1.26 -18.05 -57.59
C ASP K 166 -2.29 -19.12 -57.26
N LYS K 167 -1.84 -20.20 -56.64
CA LYS K 167 -2.68 -21.37 -56.39
C LYS K 167 -3.21 -21.36 -54.96
N THR K 168 -4.46 -21.84 -54.82
CA THR K 168 -5.13 -21.85 -53.54
C THR K 168 -4.53 -22.87 -52.59
N ALA K 169 -4.42 -22.52 -51.31
CA ALA K 169 -3.86 -23.39 -50.28
C ALA K 169 -4.92 -23.74 -49.25
N ILE K 170 -4.89 -24.98 -48.75
CA ILE K 170 -5.81 -25.45 -47.72
C ILE K 170 -4.99 -25.83 -46.50
N LYS K 171 -5.32 -25.30 -45.31
CA LYS K 171 -4.51 -25.53 -44.11
C LYS K 171 -5.32 -26.30 -43.06
N VAL K 172 -4.71 -27.31 -42.42
CA VAL K 172 -5.35 -28.12 -41.38
C VAL K 172 -4.56 -27.97 -40.09
N SER K 173 -5.24 -27.59 -39.00
CA SER K 173 -4.59 -27.39 -37.70
C SER K 173 -5.63 -27.49 -36.59
N ASN K 174 -5.17 -27.35 -35.35
CA ASN K 174 -6.04 -27.27 -34.17
C ASN K 174 -6.84 -28.56 -33.96
N PHE K 175 -6.14 -29.67 -33.83
CA PHE K 175 -6.80 -30.95 -33.64
C PHE K 175 -7.28 -31.13 -32.21
N ALA K 176 -8.47 -31.69 -32.06
CA ALA K 176 -9.09 -31.92 -30.75
C ALA K 176 -9.64 -33.35 -30.70
N TYR K 177 -9.80 -33.87 -29.48
CA TYR K 177 -10.12 -35.27 -29.27
C TYR K 177 -11.24 -35.40 -28.23
N ASN K 178 -12.35 -36.02 -28.63
CA ASN K 178 -13.50 -36.24 -27.75
C ASN K 178 -13.49 -37.70 -27.31
N LEU K 179 -13.11 -37.95 -26.06
CA LEU K 179 -12.84 -39.30 -25.58
C LEU K 179 -14.11 -40.08 -25.29
N ASP K 180 -14.00 -41.40 -25.41
CA ASP K 180 -14.98 -42.30 -24.80
C ASP K 180 -14.68 -42.41 -23.31
N PRO K 181 -15.68 -42.21 -22.46
CA PRO K 181 -15.39 -42.09 -21.01
C PRO K 181 -14.71 -43.30 -20.39
N ASP K 182 -15.03 -44.51 -20.84
CA ASP K 182 -14.54 -45.73 -20.21
C ASP K 182 -13.35 -46.34 -20.93
N SER K 183 -12.58 -45.55 -21.68
CA SER K 183 -11.44 -46.09 -22.40
C SER K 183 -10.09 -45.53 -21.99
N PHE K 184 -10.06 -44.53 -21.12
CA PHE K 184 -8.80 -43.88 -20.75
C PHE K 184 -8.02 -44.72 -19.74
N LYS K 185 -6.72 -44.88 -19.98
CA LYS K 185 -5.80 -45.52 -19.05
C LYS K 185 -4.48 -44.77 -19.07
N HIS K 186 -3.79 -44.74 -17.93
CA HIS K 186 -2.43 -44.23 -17.89
C HIS K 186 -1.55 -45.19 -17.12
N GLY K 187 -0.25 -45.09 -17.35
CA GLY K 187 0.76 -45.96 -16.77
C GLY K 187 1.43 -45.33 -15.56
N ASP K 188 2.71 -45.68 -15.36
CA ASP K 188 3.44 -45.28 -14.18
C ASP K 188 3.90 -43.83 -14.26
N VAL K 189 3.82 -43.13 -13.13
CA VAL K 189 4.25 -41.74 -13.03
C VAL K 189 5.67 -41.73 -12.47
N THR K 190 6.58 -41.06 -13.18
CA THR K 190 7.98 -40.99 -12.78
C THR K 190 8.40 -39.54 -12.58
N GLN K 191 9.35 -39.34 -11.66
CA GLN K 191 9.80 -38.01 -11.27
C GLN K 191 11.30 -37.87 -11.52
N SER K 192 11.72 -36.64 -11.82
CA SER K 192 13.15 -36.35 -11.98
C SER K 192 13.39 -34.90 -11.60
N ASP K 193 14.66 -34.61 -11.25
CA ASP K 193 15.11 -33.26 -10.90
C ASP K 193 14.38 -32.71 -9.67
N ARG K 194 14.49 -33.43 -8.56
CA ARG K 194 13.71 -33.14 -7.36
C ARG K 194 14.47 -32.17 -6.46
N GLN K 195 13.77 -31.09 -6.05
CA GLN K 195 14.33 -30.09 -5.15
C GLN K 195 13.39 -29.89 -3.97
N LEU K 196 13.93 -29.98 -2.76
CA LEU K 196 13.13 -29.89 -1.56
C LEU K 196 12.60 -28.47 -1.34
N VAL K 197 11.38 -28.37 -0.82
CA VAL K 197 10.80 -27.09 -0.41
C VAL K 197 10.79 -26.96 1.11
N LYS K 198 10.09 -27.88 1.79
CA LYS K 198 9.97 -27.82 3.24
C LYS K 198 9.46 -29.15 3.78
N THR K 199 9.68 -29.38 5.07
CA THR K 199 9.23 -30.61 5.73
C THR K 199 8.91 -30.31 7.20
N VAL K 200 8.11 -31.19 7.80
CA VAL K 200 7.72 -31.08 9.21
C VAL K 200 7.53 -32.47 9.80
N VAL K 201 7.95 -32.66 11.05
CA VAL K 201 7.73 -33.89 11.81
C VAL K 201 7.06 -33.53 13.13
N GLY K 202 6.34 -34.51 13.70
CA GLY K 202 5.63 -34.24 14.94
C GLY K 202 5.13 -35.49 15.62
N TRP K 203 4.51 -35.29 16.78
CA TRP K 203 3.93 -36.36 17.60
C TRP K 203 2.51 -35.98 17.99
N ALA K 204 1.65 -36.98 18.15
CA ALA K 204 0.29 -36.79 18.65
C ALA K 204 0.08 -37.71 19.85
N VAL K 205 -0.13 -37.12 21.03
CA VAL K 205 -0.10 -37.84 22.30
C VAL K 205 -1.52 -37.90 22.86
N ASN K 206 -1.93 -39.10 23.27
CA ASN K 206 -3.27 -39.33 23.84
C ASN K 206 -3.09 -39.97 25.21
N ASP K 207 -3.46 -39.23 26.26
CA ASP K 207 -3.30 -39.70 27.63
C ASP K 207 -4.62 -39.93 28.34
N SER K 208 -5.73 -39.87 27.62
CA SER K 208 -7.04 -40.09 28.22
C SER K 208 -7.44 -41.56 28.09
N ASP K 209 -8.69 -41.87 28.39
CA ASP K 209 -9.17 -43.25 28.46
C ASP K 209 -10.02 -43.65 27.26
N THR K 210 -10.14 -42.81 26.25
CA THR K 210 -10.90 -43.11 25.04
C THR K 210 -10.04 -42.78 23.83
N PRO K 211 -10.36 -43.35 22.66
CA PRO K 211 -9.72 -42.90 21.43
C PRO K 211 -10.03 -41.43 21.16
N GLN K 212 -9.06 -40.73 20.59
CA GLN K 212 -9.19 -39.31 20.28
C GLN K 212 -8.85 -39.07 18.82
N SER K 213 -9.64 -38.23 18.17
CA SER K 213 -9.43 -37.91 16.76
C SER K 213 -9.10 -36.45 16.49
N GLY K 214 -9.08 -35.60 17.51
CA GLY K 214 -8.90 -34.17 17.29
C GLY K 214 -7.47 -33.70 17.23
N TYR K 215 -6.77 -33.97 16.13
CA TYR K 215 -5.41 -33.48 15.88
C TYR K 215 -5.33 -32.96 14.46
N ASP K 216 -4.42 -32.02 14.22
CA ASP K 216 -4.21 -31.49 12.88
C ASP K 216 -2.84 -30.84 12.76
N VAL K 217 -2.13 -31.14 11.68
CA VAL K 217 -0.91 -30.44 11.29
C VAL K 217 -1.03 -30.07 9.81
N THR K 218 -0.75 -28.80 9.47
CA THR K 218 -0.93 -28.30 8.12
C THR K 218 0.29 -27.52 7.67
N LEU K 219 0.72 -27.74 6.43
CA LEU K 219 1.83 -27.03 5.80
C LEU K 219 1.35 -26.44 4.48
N ARG K 220 1.54 -25.12 4.30
CA ARG K 220 1.05 -24.42 3.12
C ARG K 220 2.17 -23.61 2.48
N TYR K 221 2.12 -23.46 1.15
CA TYR K 221 3.14 -22.78 0.38
C TYR K 221 2.50 -21.98 -0.77
N ASP K 222 2.87 -20.70 -0.90
CA ASP K 222 2.27 -19.79 -1.87
C ASP K 222 3.32 -19.04 -2.67
N THR K 223 2.97 -18.66 -3.91
CA THR K 223 3.76 -17.75 -4.73
C THR K 223 2.84 -16.83 -5.51
N ALA K 224 3.32 -15.62 -5.83
CA ALA K 224 2.48 -14.63 -6.49
C ALA K 224 3.32 -13.68 -7.34
N THR K 225 2.65 -13.01 -8.28
CA THR K 225 3.23 -11.96 -9.12
C THR K 225 2.22 -10.82 -9.28
N ASN K 226 2.71 -9.64 -9.66
CA ASN K 226 1.84 -8.48 -9.84
C ASN K 226 2.47 -7.48 -10.79
N TRP K 227 1.65 -6.50 -11.23
CA TRP K 227 2.08 -5.47 -12.17
C TRP K 227 1.16 -4.25 -12.05
N SER K 228 1.61 -3.11 -12.57
CA SER K 228 0.86 -1.87 -12.46
C SER K 228 1.36 -0.85 -13.48
N LYS K 229 0.49 0.12 -13.83
CA LYS K 229 0.81 1.22 -14.74
C LYS K 229 0.05 2.48 -14.33
N THR K 230 0.69 3.65 -14.49
CA THR K 230 0.11 4.91 -14.03
C THR K 230 0.40 6.04 -15.03
N ASN K 231 -0.54 6.98 -15.13
CA ASN K 231 -0.40 8.21 -15.91
C ASN K 231 -0.78 9.41 -15.06
N THR K 232 -0.04 10.51 -15.19
CA THR K 232 -0.30 11.72 -14.40
C THR K 232 -0.18 12.97 -15.28
N TYR K 233 -0.99 13.99 -14.95
CA TYR K 233 -0.94 15.29 -15.61
C TYR K 233 -1.06 16.38 -14.54
N GLY K 234 -0.42 17.52 -14.78
CA GLY K 234 -0.45 18.61 -13.82
C GLY K 234 -0.35 19.99 -14.43
N LEU K 235 -0.81 20.98 -13.66
CA LEU K 235 -0.75 22.39 -14.04
C LEU K 235 -0.32 23.21 -12.83
N SER K 236 0.27 24.38 -13.08
CA SER K 236 0.76 25.23 -11.99
C SER K 236 0.76 26.69 -12.43
N GLU K 237 0.61 27.58 -11.44
CA GLU K 237 0.65 29.02 -11.65
C GLU K 237 1.37 29.66 -10.49
N LYS K 238 2.21 30.67 -10.77
CA LYS K 238 2.94 31.39 -9.73
C LYS K 238 2.96 32.88 -10.05
N VAL K 239 2.85 33.70 -9.00
CA VAL K 239 2.87 35.15 -9.13
C VAL K 239 3.80 35.72 -8.05
N THR K 240 4.73 36.57 -8.46
CA THR K 240 5.73 37.14 -7.57
C THR K 240 5.66 38.67 -7.59
N THR K 241 5.96 39.28 -6.44
CA THR K 241 5.86 40.72 -6.29
C THR K 241 6.94 41.20 -5.32
N LYS K 242 7.55 42.37 -5.60
CA LYS K 242 8.54 42.96 -4.69
C LYS K 242 7.86 44.08 -3.90
N ASN K 243 8.06 44.14 -2.56
CA ASN K 243 7.36 45.12 -1.73
C ASN K 243 8.33 45.77 -0.75
N LYS K 244 8.21 47.10 -0.54
CA LYS K 244 9.11 47.85 0.34
C LYS K 244 8.29 48.48 1.47
N PHE K 245 8.90 48.63 2.66
CA PHE K 245 8.17 49.17 3.82
C PHE K 245 9.06 50.12 4.61
N LYS K 246 8.84 51.44 4.49
CA LYS K 246 9.61 52.43 5.23
C LYS K 246 9.00 52.64 6.62
N TRP K 247 9.05 51.59 7.46
CA TRP K 247 8.43 51.66 8.80
C TRP K 247 9.24 52.62 9.70
N PRO K 248 8.60 53.28 10.69
CA PRO K 248 9.34 54.14 11.64
C PRO K 248 10.39 53.33 12.37
N LEU K 249 11.58 53.93 12.63
CA LEU K 249 12.67 53.27 13.35
C LEU K 249 13.26 52.10 12.56
N VAL K 250 12.86 51.91 11.30
CA VAL K 250 13.46 50.90 10.44
C VAL K 250 13.98 51.53 9.18
N GLY K 251 13.43 52.70 8.80
CA GLY K 251 13.88 53.41 7.61
C GLY K 251 13.34 52.81 6.34
N GLU K 252 13.61 51.51 6.08
CA GLU K 252 13.17 50.84 4.86
C GLU K 252 13.42 49.34 4.97
N THR K 253 12.44 48.50 4.58
CA THR K 253 12.60 47.05 4.60
C THR K 253 12.11 46.48 3.28
N ALA K 254 12.94 45.67 2.60
CA ALA K 254 12.59 45.11 1.30
C ALA K 254 12.32 43.62 1.40
N LEU K 255 11.31 43.11 0.69
CA LEU K 255 10.96 41.70 0.72
C LEU K 255 10.10 41.38 -0.50
N SER K 256 10.14 40.12 -0.93
CA SER K 256 9.38 39.64 -2.06
C SER K 256 8.37 38.59 -1.62
N ILE K 257 7.21 38.58 -2.26
CA ILE K 257 6.11 37.69 -1.91
C ILE K 257 5.75 36.86 -3.15
N ALA K 258 5.56 35.55 -2.96
CA ALA K 258 5.18 34.65 -4.03
C ALA K 258 4.03 33.77 -3.60
N ILE K 259 3.08 33.55 -4.50
CA ILE K 259 1.91 32.70 -4.26
C ILE K 259 1.76 31.76 -5.43
N ALA K 260 1.46 30.49 -5.14
CA ALA K 260 1.37 29.46 -6.17
C ALA K 260 0.15 28.59 -5.95
N ALA K 261 -0.30 27.96 -7.03
CA ALA K 261 -1.42 27.01 -7.00
C ALA K 261 -1.16 25.92 -8.03
N ASN K 262 -1.56 24.70 -7.71
CA ASN K 262 -1.36 23.57 -8.61
C ASN K 262 -2.54 22.61 -8.54
N GLN K 263 -2.61 21.72 -9.53
CA GLN K 263 -3.69 20.77 -9.67
C GLN K 263 -3.18 19.56 -10.44
N SER K 264 -3.67 18.37 -10.10
CA SER K 264 -3.12 17.14 -10.66
C SER K 264 -4.20 16.07 -10.80
N TRP K 265 -3.98 15.16 -11.75
CA TRP K 265 -4.88 14.04 -12.02
C TRP K 265 -4.05 12.79 -12.28
N ALA K 266 -4.48 11.64 -11.75
CA ALA K 266 -3.74 10.39 -11.91
C ALA K 266 -4.70 9.24 -12.18
N SER K 267 -4.20 8.20 -12.85
CA SER K 267 -4.98 7.04 -13.25
C SER K 267 -4.10 5.79 -13.23
N GLN K 268 -4.63 4.69 -12.71
CA GLN K 268 -3.84 3.48 -12.47
C GLN K 268 -4.62 2.22 -12.85
N ASN K 269 -3.90 1.19 -13.30
CA ASN K 269 -4.44 -0.14 -13.60
C ASN K 269 -3.42 -1.21 -13.24
N GLY K 270 -3.91 -2.39 -12.86
CA GLY K 270 -3.00 -3.48 -12.49
C GLY K 270 -3.71 -4.80 -12.31
N GLY K 271 -2.94 -5.80 -11.86
CA GLY K 271 -3.46 -7.15 -11.64
C GLY K 271 -2.44 -8.03 -10.96
N SER K 272 -2.83 -9.29 -10.73
CA SER K 272 -1.96 -10.24 -10.02
C SER K 272 -2.42 -11.67 -10.26
N THR K 273 -1.60 -12.62 -9.80
CA THR K 273 -1.85 -14.06 -9.93
C THR K 273 -1.22 -14.80 -8.75
N THR K 274 -1.90 -15.83 -8.23
CA THR K 274 -1.43 -16.57 -7.06
C THR K 274 -1.67 -18.07 -7.25
N THR K 275 -0.74 -18.88 -6.73
CA THR K 275 -0.84 -20.34 -6.72
C THR K 275 -0.48 -20.86 -5.33
N SER K 276 -1.25 -21.86 -4.85
CA SER K 276 -1.14 -22.33 -3.47
C SER K 276 -1.23 -23.85 -3.41
N LEU K 277 -0.44 -24.46 -2.53
CA LEU K 277 -0.42 -25.90 -2.33
C LEU K 277 -0.43 -26.19 -0.83
N SER K 278 -1.38 -27.03 -0.39
CA SER K 278 -1.60 -27.27 1.03
C SER K 278 -1.73 -28.77 1.31
N GLN K 279 -1.23 -29.21 2.47
CA GLN K 279 -1.28 -30.62 2.88
C GLN K 279 -1.56 -30.72 4.38
N SER K 280 -2.35 -31.72 4.78
CA SER K 280 -2.75 -31.89 6.17
C SER K 280 -2.73 -33.36 6.57
N VAL K 281 -2.60 -33.62 7.87
CA VAL K 281 -2.70 -34.96 8.44
C VAL K 281 -3.47 -34.88 9.75
N ARG K 282 -4.37 -35.83 9.99
CA ARG K 282 -5.27 -35.83 11.15
C ARG K 282 -5.46 -37.23 11.71
N PRO K 283 -4.54 -37.69 12.54
CA PRO K 283 -4.57 -39.10 12.98
C PRO K 283 -5.61 -39.39 14.05
N THR K 284 -5.96 -40.68 14.14
CA THR K 284 -6.76 -41.22 15.23
C THR K 284 -5.88 -42.09 16.11
N VAL K 285 -5.78 -41.75 17.39
CA VAL K 285 -4.79 -42.33 18.29
C VAL K 285 -5.53 -43.16 19.34
N PRO K 286 -5.09 -44.39 19.63
CA PRO K 286 -5.74 -45.19 20.66
C PRO K 286 -5.46 -44.63 22.06
N ALA K 287 -6.25 -45.11 23.03
CA ALA K 287 -6.10 -44.65 24.40
C ALA K 287 -4.75 -45.04 24.97
N ARG K 288 -4.10 -44.07 25.65
CA ARG K 288 -2.82 -44.28 26.34
C ARG K 288 -1.71 -44.67 25.36
N SER K 289 -1.55 -43.90 24.29
CA SER K 289 -0.50 -44.15 23.31
C SER K 289 -0.23 -42.86 22.54
N LYS K 290 0.72 -42.94 21.61
CA LYS K 290 1.08 -41.80 20.78
C LYS K 290 1.54 -42.26 19.41
N ILE K 291 1.44 -41.35 18.43
CA ILE K 291 1.70 -41.66 17.02
C ILE K 291 2.56 -40.56 16.39
N PRO K 292 3.57 -40.91 15.58
CA PRO K 292 4.34 -39.90 14.84
C PRO K 292 3.83 -39.65 13.42
N VAL K 293 4.07 -38.43 12.94
CA VAL K 293 3.61 -38.00 11.62
C VAL K 293 4.72 -37.27 10.88
N LYS K 294 4.56 -37.14 9.55
CA LYS K 294 5.55 -36.45 8.72
C LYS K 294 4.90 -35.98 7.41
N ILE K 295 5.29 -34.79 6.94
CA ILE K 295 4.80 -34.20 5.70
C ILE K 295 5.98 -33.58 4.95
N GLU K 296 6.03 -33.78 3.63
CA GLU K 296 7.10 -33.24 2.79
C GLU K 296 6.52 -32.66 1.50
N LEU K 297 7.22 -31.66 0.94
CA LEU K 297 6.86 -31.05 -0.33
C LEU K 297 8.10 -30.86 -1.20
N TYR K 298 8.00 -31.23 -2.47
CA TYR K 298 9.10 -31.14 -3.42
C TYR K 298 8.64 -30.47 -4.71
N LYS K 299 9.60 -30.13 -5.55
CA LYS K 299 9.36 -29.73 -6.92
C LYS K 299 10.08 -30.70 -7.85
N ALA K 300 9.40 -31.11 -8.93
CA ALA K 300 9.94 -32.16 -9.80
C ALA K 300 9.32 -32.08 -11.19
N ASP K 301 9.95 -32.78 -12.13
CA ASP K 301 9.40 -33.01 -13.46
C ASP K 301 8.64 -34.34 -13.49
N ILE K 302 7.52 -34.37 -14.21
CA ILE K 302 6.58 -35.48 -14.18
C ILE K 302 6.37 -36.02 -15.60
N SER K 303 6.31 -37.35 -15.74
CA SER K 303 6.05 -37.99 -17.01
C SER K 303 5.20 -39.24 -16.81
N TYR K 304 4.32 -39.55 -17.77
CA TYR K 304 3.61 -40.83 -17.80
C TYR K 304 3.01 -41.04 -19.18
N PRO K 305 2.79 -42.30 -19.59
CA PRO K 305 2.09 -42.58 -20.85
C PRO K 305 0.60 -42.80 -20.65
N TYR K 306 -0.14 -42.80 -21.76
CA TYR K 306 -1.59 -42.93 -21.73
C TYR K 306 -2.10 -43.50 -23.06
N GLU K 307 -3.40 -43.83 -23.08
CA GLU K 307 -4.07 -44.29 -24.29
C GLU K 307 -5.57 -44.12 -24.14
N PHE K 308 -6.27 -43.98 -25.27
CA PHE K 308 -7.72 -43.85 -25.27
C PHE K 308 -8.26 -44.00 -26.69
N LYS K 309 -9.57 -43.85 -26.82
CA LYS K 309 -10.30 -43.91 -28.08
C LYS K 309 -11.17 -42.67 -28.21
N ALA K 310 -11.17 -42.03 -29.39
CA ALA K 310 -11.77 -40.69 -29.47
C ALA K 310 -12.31 -40.37 -30.85
N ASP K 311 -13.05 -39.26 -30.91
CA ASP K 311 -13.47 -38.59 -32.13
C ASP K 311 -12.53 -37.42 -32.39
N VAL K 312 -12.22 -37.17 -33.66
CA VAL K 312 -11.22 -36.19 -34.06
C VAL K 312 -11.90 -35.03 -34.79
N SER K 313 -11.51 -33.80 -34.44
CA SER K 313 -12.00 -32.59 -35.09
C SER K 313 -10.86 -31.60 -35.25
N TYR K 314 -11.02 -30.65 -36.18
CA TYR K 314 -9.92 -29.77 -36.58
C TYR K 314 -10.47 -28.51 -37.21
N ASP K 315 -9.56 -27.59 -37.54
CA ASP K 315 -9.86 -26.35 -38.23
C ASP K 315 -9.40 -26.42 -39.68
N LEU K 316 -10.10 -25.71 -40.56
CA LEU K 316 -9.84 -25.71 -41.99
C LEU K 316 -9.77 -24.26 -42.47
N THR K 317 -8.66 -23.89 -43.10
CA THR K 317 -8.47 -22.52 -43.58
C THR K 317 -8.21 -22.52 -45.08
N LEU K 318 -8.91 -21.66 -45.80
CA LEU K 318 -8.80 -21.54 -47.25
C LEU K 318 -8.23 -20.18 -47.61
N SER K 319 -7.18 -20.18 -48.44
CA SER K 319 -6.48 -18.95 -48.82
C SER K 319 -6.29 -18.89 -50.33
N GLY K 320 -6.64 -17.76 -50.93
CA GLY K 320 -6.51 -17.58 -52.36
C GLY K 320 -7.20 -16.30 -52.78
N PHE K 321 -7.36 -16.12 -54.08
CA PHE K 321 -8.12 -14.99 -54.58
C PHE K 321 -9.40 -15.47 -55.25
N LEU K 322 -10.44 -14.65 -55.17
CA LEU K 322 -11.78 -15.02 -55.62
C LEU K 322 -11.97 -14.67 -57.09
N ARG K 323 -12.64 -15.56 -57.81
CA ARG K 323 -12.75 -15.46 -59.26
C ARG K 323 -13.59 -14.26 -59.68
N TRP K 324 -13.20 -13.67 -60.81
CA TRP K 324 -13.86 -12.47 -61.31
C TRP K 324 -15.25 -12.79 -61.88
N GLY K 325 -15.39 -13.95 -62.53
CA GLY K 325 -16.68 -14.28 -63.12
C GLY K 325 -17.79 -14.44 -62.09
N GLY K 326 -17.51 -15.12 -61.00
CA GLY K 326 -18.49 -15.28 -59.95
C GLY K 326 -17.91 -15.98 -58.74
N ASN K 327 -18.35 -15.57 -57.56
CA ASN K 327 -17.93 -16.18 -56.32
C ASN K 327 -19.08 -16.07 -55.33
N ALA K 328 -18.95 -16.78 -54.20
CA ALA K 328 -20.05 -16.96 -53.27
C ALA K 328 -20.03 -16.01 -52.09
N TRP K 329 -19.07 -15.08 -52.02
CA TRP K 329 -19.10 -14.10 -50.92
C TRP K 329 -20.35 -13.24 -51.07
N TYR K 330 -20.97 -12.84 -49.94
CA TYR K 330 -22.27 -12.14 -49.99
C TYR K 330 -22.19 -10.78 -50.69
N THR K 331 -21.01 -10.13 -50.71
CA THR K 331 -20.85 -8.86 -51.42
C THR K 331 -20.48 -9.07 -52.88
N HIS K 332 -20.10 -10.32 -53.26
CA HIS K 332 -19.74 -10.68 -54.64
C HIS K 332 -18.71 -9.68 -55.21
N PRO K 333 -17.45 -9.62 -54.72
CA PRO K 333 -16.45 -8.68 -55.27
C PRO K 333 -16.03 -9.05 -56.68
N ASP K 334 -15.51 -8.06 -57.45
CA ASP K 334 -15.08 -8.29 -58.83
C ASP K 334 -13.70 -7.70 -59.06
N ASN K 335 -12.93 -7.48 -58.00
CA ASN K 335 -11.57 -6.93 -58.12
C ASN K 335 -10.54 -8.02 -57.84
N ARG K 336 -10.90 -9.31 -58.02
CA ARG K 336 -10.02 -10.43 -57.74
C ARG K 336 -9.23 -10.23 -56.43
N PRO K 337 -9.91 -10.15 -55.27
CA PRO K 337 -9.22 -9.88 -53.98
C PRO K 337 -8.71 -11.13 -53.28
N ASN K 338 -7.65 -10.99 -52.46
CA ASN K 338 -7.11 -12.14 -51.69
C ASN K 338 -8.04 -12.43 -50.51
N TRP K 339 -8.22 -13.71 -50.14
CA TRP K 339 -9.22 -14.03 -49.12
C TRP K 339 -8.78 -15.14 -48.16
N ASN K 340 -9.15 -15.03 -46.87
CA ASN K 340 -8.90 -16.07 -45.88
C ASN K 340 -10.19 -16.33 -45.10
N HIS K 341 -10.49 -17.59 -44.84
CA HIS K 341 -11.64 -17.94 -44.01
C HIS K 341 -11.40 -19.28 -43.33
N THR K 342 -11.88 -19.41 -42.09
CA THR K 342 -11.69 -20.60 -41.27
C THR K 342 -13.03 -21.24 -40.92
N PHE K 343 -13.14 -22.54 -41.14
CA PHE K 343 -14.26 -23.35 -40.71
C PHE K 343 -13.84 -24.30 -39.60
N VAL K 344 -14.75 -24.60 -38.68
CA VAL K 344 -14.50 -25.56 -37.62
C VAL K 344 -15.25 -26.84 -37.97
N ILE K 345 -14.50 -27.91 -38.24
CA ILE K 345 -15.09 -29.18 -38.67
C ILE K 345 -15.28 -30.02 -37.42
N GLY K 346 -16.44 -29.84 -36.77
CA GLY K 346 -16.73 -30.51 -35.53
C GLY K 346 -17.91 -29.86 -34.83
N PRO K 347 -17.90 -29.87 -33.50
CA PRO K 347 -18.99 -29.22 -32.75
C PRO K 347 -19.01 -27.71 -32.94
N TYR K 348 -20.18 -27.14 -32.67
CA TYR K 348 -20.41 -25.72 -32.90
C TYR K 348 -19.58 -24.84 -31.97
N LYS K 349 -19.01 -23.78 -32.51
CA LYS K 349 -18.35 -22.76 -31.71
C LYS K 349 -18.90 -21.35 -31.93
N ASP K 350 -19.17 -20.97 -33.17
CA ASP K 350 -19.81 -19.68 -33.45
C ASP K 350 -20.33 -19.68 -34.88
N LYS K 351 -21.13 -18.66 -35.19
CA LYS K 351 -21.86 -18.61 -36.45
C LYS K 351 -20.94 -18.47 -37.65
N ALA K 352 -19.86 -17.69 -37.52
CA ALA K 352 -19.02 -17.39 -38.68
C ALA K 352 -18.28 -18.60 -39.20
N SER K 353 -18.03 -19.61 -38.37
CA SER K 353 -17.26 -20.78 -38.77
C SER K 353 -18.07 -22.07 -38.80
N SER K 354 -19.39 -21.98 -38.73
CA SER K 354 -20.25 -23.16 -38.71
C SER K 354 -20.96 -23.29 -40.06
N ILE K 355 -20.67 -24.36 -40.78
CA ILE K 355 -21.32 -24.59 -42.08
C ILE K 355 -22.79 -24.93 -41.89
N ARG K 356 -23.11 -25.76 -40.89
CA ARG K 356 -24.49 -26.20 -40.70
C ARG K 356 -25.41 -25.04 -40.34
N TYR K 357 -24.94 -24.12 -39.49
CA TYR K 357 -25.77 -22.99 -39.11
C TYR K 357 -26.09 -22.11 -40.31
N GLN K 358 -25.08 -21.76 -41.09
CA GLN K 358 -25.30 -20.91 -42.26
C GLN K 358 -26.16 -21.60 -43.30
N TRP K 359 -25.99 -22.92 -43.47
CA TRP K 359 -26.80 -23.65 -44.44
C TRP K 359 -28.27 -23.66 -44.05
N ASP K 360 -28.57 -23.80 -42.73
CA ASP K 360 -29.94 -23.74 -42.26
C ASP K 360 -30.37 -22.29 -42.01
N LYS K 361 -29.80 -21.30 -42.71
CA LYS K 361 -30.28 -19.94 -42.46
C LYS K 361 -30.40 -19.21 -43.77
N ARG K 362 -30.52 -19.96 -44.88
CA ARG K 362 -30.57 -19.37 -46.21
C ARG K 362 -31.97 -18.85 -46.54
N TYR K 363 -32.90 -18.96 -45.59
CA TYR K 363 -34.27 -18.46 -45.77
C TYR K 363 -34.45 -17.12 -45.06
N ILE K 364 -33.44 -16.66 -44.34
CA ILE K 364 -33.51 -15.36 -43.68
C ILE K 364 -32.45 -14.46 -44.29
N PRO K 365 -32.84 -13.50 -45.15
CA PRO K 365 -31.82 -12.64 -45.77
C PRO K 365 -30.99 -11.82 -44.80
N GLY K 366 -31.53 -11.47 -43.64
CA GLY K 366 -30.79 -10.70 -42.67
C GLY K 366 -29.72 -11.46 -41.91
N GLU K 367 -29.69 -12.78 -42.04
CA GLU K 367 -28.66 -13.61 -41.42
C GLU K 367 -27.47 -13.86 -42.33
N VAL K 368 -27.59 -13.60 -43.63
CA VAL K 368 -26.56 -13.95 -44.59
C VAL K 368 -25.45 -12.92 -44.54
N LYS K 369 -24.42 -13.20 -43.76
CA LYS K 369 -23.34 -12.25 -43.55
C LYS K 369 -21.97 -12.77 -43.94
N TRP K 370 -21.82 -14.06 -44.26
CA TRP K 370 -20.52 -14.52 -44.72
C TRP K 370 -20.56 -15.12 -46.12
N TRP K 371 -21.23 -16.25 -46.31
CA TRP K 371 -21.23 -16.93 -47.60
C TRP K 371 -22.66 -17.08 -48.08
N ASP K 372 -22.84 -17.04 -49.40
CA ASP K 372 -24.15 -17.11 -50.02
C ASP K 372 -24.36 -18.53 -50.56
N TRP K 373 -25.07 -19.36 -49.80
CA TRP K 373 -25.26 -20.76 -50.17
C TRP K 373 -26.36 -20.94 -51.21
N ASN K 374 -27.32 -20.01 -51.27
CA ASN K 374 -28.32 -20.05 -52.35
C ASN K 374 -27.66 -19.91 -53.71
N TRP K 375 -26.61 -19.09 -53.80
CA TRP K 375 -25.89 -18.94 -55.06
C TRP K 375 -25.21 -20.24 -55.49
N THR K 376 -24.60 -20.95 -54.53
CA THR K 376 -23.98 -22.24 -54.86
C THR K 376 -25.02 -23.25 -55.32
N ILE K 377 -26.18 -23.29 -54.66
CA ILE K 377 -27.23 -24.20 -55.10
C ILE K 377 -27.69 -23.83 -56.51
N GLN K 378 -27.83 -22.54 -56.80
CA GLN K 378 -28.25 -22.12 -58.13
C GLN K 378 -27.22 -22.50 -59.19
N GLN K 379 -25.93 -22.38 -58.87
CA GLN K 379 -24.89 -22.69 -59.84
C GLN K 379 -24.68 -24.18 -60.07
N ASN K 380 -24.86 -25.01 -59.04
CA ASN K 380 -24.45 -26.41 -59.14
C ASN K 380 -25.56 -27.43 -58.94
N GLY K 381 -26.67 -27.08 -58.31
CA GLY K 381 -27.69 -28.07 -58.02
C GLY K 381 -27.71 -28.45 -56.55
N LEU K 382 -28.90 -28.81 -56.05
CA LEU K 382 -29.06 -29.04 -54.62
C LEU K 382 -28.38 -30.33 -54.18
N SER K 383 -28.58 -31.42 -54.91
CA SER K 383 -28.05 -32.72 -54.47
C SER K 383 -26.54 -32.74 -54.54
N THR K 384 -25.94 -32.09 -55.53
CA THR K 384 -24.49 -32.01 -55.62
C THR K 384 -23.89 -31.35 -54.37
N MET K 385 -24.44 -30.20 -53.98
CA MET K 385 -23.95 -29.52 -52.79
C MET K 385 -24.20 -30.33 -51.54
N GLN K 386 -25.36 -30.97 -51.44
CA GLN K 386 -25.66 -31.81 -50.27
C GLN K 386 -24.62 -32.93 -50.13
N ASN K 387 -24.31 -33.62 -51.22
CA ASN K 387 -23.39 -34.74 -51.14
C ASN K 387 -21.96 -34.27 -50.85
N ASN K 388 -21.52 -33.18 -51.47
CA ASN K 388 -20.19 -32.66 -51.17
C ASN K 388 -20.06 -32.25 -49.71
N LEU K 389 -21.06 -31.52 -49.19
CA LEU K 389 -20.97 -31.10 -47.80
C LEU K 389 -21.09 -32.27 -46.83
N ALA K 390 -21.85 -33.31 -47.20
CA ALA K 390 -21.91 -34.49 -46.36
C ALA K 390 -20.57 -35.20 -46.30
N ARG K 391 -19.85 -35.26 -47.42
CA ARG K 391 -18.52 -35.87 -47.39
C ARG K 391 -17.51 -35.01 -46.64
N VAL K 392 -17.68 -33.69 -46.65
CA VAL K 392 -16.72 -32.83 -45.93
C VAL K 392 -16.87 -32.99 -44.42
N LEU K 393 -18.11 -33.12 -43.91
CA LEU K 393 -18.37 -33.12 -42.48
C LEU K 393 -18.46 -34.53 -41.89
N ARG K 394 -17.80 -35.50 -42.50
CA ARG K 394 -17.90 -36.89 -42.05
C ARG K 394 -17.12 -37.09 -40.74
N PRO K 395 -17.69 -37.81 -39.77
CA PRO K 395 -16.98 -38.04 -38.50
C PRO K 395 -15.77 -38.96 -38.65
N VAL K 396 -14.79 -38.80 -37.75
CA VAL K 396 -13.54 -39.55 -37.77
C VAL K 396 -13.30 -40.13 -36.38
N ARG K 397 -12.90 -41.40 -36.31
CA ARG K 397 -12.58 -42.07 -35.07
C ARG K 397 -11.22 -42.75 -35.15
N ALA K 398 -10.53 -42.81 -34.01
CA ALA K 398 -9.21 -43.43 -33.97
C ALA K 398 -8.87 -43.81 -32.53
N GLY K 399 -7.88 -44.68 -32.40
CA GLY K 399 -7.25 -44.98 -31.11
C GLY K 399 -5.92 -44.27 -31.00
N ILE K 400 -5.62 -43.77 -29.81
CA ILE K 400 -4.47 -42.88 -29.59
C ILE K 400 -3.60 -43.45 -28.48
N THR K 401 -2.28 -43.32 -28.64
CA THR K 401 -1.32 -43.52 -27.56
C THR K 401 -0.41 -42.31 -27.51
N GLY K 402 0.00 -41.91 -26.31
CA GLY K 402 0.81 -40.71 -26.19
C GLY K 402 1.61 -40.66 -24.91
N ASP K 403 2.30 -39.54 -24.72
CA ASP K 403 3.15 -39.29 -23.56
C ASP K 403 2.90 -37.90 -23.01
N PHE K 404 2.84 -37.80 -21.68
CA PHE K 404 2.66 -36.54 -20.99
C PHE K 404 3.97 -36.13 -20.33
N SER K 405 4.25 -34.83 -20.29
CA SER K 405 5.48 -34.32 -19.69
C SER K 405 5.31 -32.86 -19.31
N ALA K 406 5.83 -32.48 -18.13
CA ALA K 406 5.80 -31.10 -17.69
C ALA K 406 6.91 -30.86 -16.67
N GLU K 407 7.37 -29.62 -16.59
CA GLU K 407 8.53 -29.25 -15.78
C GLU K 407 8.13 -28.49 -14.53
N SER K 408 8.79 -28.81 -13.42
CA SER K 408 8.67 -28.13 -12.13
C SER K 408 7.21 -28.04 -11.65
N GLN K 409 6.65 -29.21 -11.41
CA GLN K 409 5.34 -29.37 -10.79
C GLN K 409 5.54 -29.75 -9.31
N PHE K 410 4.47 -30.13 -8.63
CA PHE K 410 4.53 -30.42 -7.20
C PHE K 410 4.47 -31.91 -6.93
N ALA K 411 5.13 -32.33 -5.84
CA ALA K 411 5.11 -33.71 -5.38
C ALA K 411 5.08 -33.75 -3.85
N GLY K 412 4.19 -34.55 -3.28
CA GLY K 412 3.98 -34.56 -1.84
C GLY K 412 4.09 -35.95 -1.24
N ASN K 413 4.06 -35.99 0.09
CA ASN K 413 4.12 -37.23 0.85
C ASN K 413 3.59 -36.99 2.26
N ILE K 414 2.61 -37.79 2.69
CA ILE K 414 1.99 -37.68 4.00
C ILE K 414 1.98 -39.05 4.65
N GLU K 415 2.40 -39.13 5.92
CA GLU K 415 2.55 -40.41 6.61
C GLU K 415 1.98 -40.39 8.02
N ILE K 416 1.31 -41.49 8.40
CA ILE K 416 0.88 -41.76 9.77
C ILE K 416 1.59 -43.02 10.23
N GLY K 417 2.27 -42.95 11.37
CA GLY K 417 3.08 -44.05 11.86
C GLY K 417 2.33 -44.98 12.80
N ALA K 418 3.06 -45.98 13.30
CA ALA K 418 2.53 -47.00 14.20
C ALA K 418 2.48 -46.50 15.64
N PRO K 419 1.46 -46.90 16.41
CA PRO K 419 1.32 -46.40 17.78
C PRO K 419 2.36 -46.97 18.73
N VAL K 420 2.65 -46.20 19.78
CA VAL K 420 3.60 -46.55 20.81
C VAL K 420 2.89 -46.47 22.16
N PRO K 421 2.79 -47.56 22.93
CA PRO K 421 2.14 -47.49 24.24
C PRO K 421 2.91 -46.62 25.21
N LEU K 422 2.16 -45.92 26.08
CA LEU K 422 2.78 -45.04 27.06
C LEU K 422 3.21 -45.81 28.30
N ALA L 1 -3.24 -44.59 -48.74
CA ALA L 1 -1.82 -44.33 -48.59
C ALA L 1 -1.28 -44.86 -47.27
N GLU L 2 -0.11 -45.47 -47.30
CA GLU L 2 0.58 -46.01 -46.14
C GLU L 2 1.96 -45.37 -46.01
N PRO L 3 2.48 -45.25 -44.79
CA PRO L 3 3.81 -44.67 -44.61
C PRO L 3 4.89 -45.44 -45.35
N VAL L 4 5.88 -44.72 -45.88
CA VAL L 4 6.97 -45.32 -46.63
C VAL L 4 8.27 -45.04 -45.89
N TYR L 5 8.97 -46.10 -45.50
CA TYR L 5 10.29 -45.96 -44.91
C TYR L 5 11.35 -46.06 -46.00
N PRO L 6 12.21 -45.05 -46.15
CA PRO L 6 13.12 -45.03 -47.31
C PRO L 6 14.07 -46.21 -47.40
N ASP L 7 14.37 -46.87 -46.29
CA ASP L 7 15.30 -47.98 -46.32
C ASP L 7 14.72 -49.24 -46.96
N GLN L 8 13.42 -49.31 -47.16
CA GLN L 8 12.80 -50.49 -47.73
C GLN L 8 12.47 -50.35 -49.21
N LEU L 9 12.74 -49.21 -49.82
CA LEU L 9 12.47 -49.02 -51.24
C LEU L 9 13.42 -49.83 -52.10
N ARG L 10 12.90 -50.42 -53.17
CA ARG L 10 13.69 -51.22 -54.10
C ARG L 10 13.35 -50.85 -55.53
N LEU L 11 14.35 -50.91 -56.40
CA LEU L 11 14.22 -50.54 -57.81
C LEU L 11 14.39 -51.78 -58.66
N PHE L 12 13.29 -52.30 -59.21
CA PHE L 12 13.34 -53.40 -60.15
C PHE L 12 13.53 -52.90 -61.58
N SER L 13 13.98 -53.79 -62.45
CA SER L 13 14.20 -53.49 -63.86
C SER L 13 13.62 -54.60 -64.73
N LEU L 14 12.37 -54.97 -64.46
CA LEU L 14 11.71 -56.10 -65.12
C LEU L 14 10.61 -55.63 -66.05
N GLY L 15 10.86 -54.52 -66.75
CA GLY L 15 9.91 -54.01 -67.72
C GLY L 15 8.90 -53.06 -67.10
N GLN L 16 8.08 -52.48 -67.98
CA GLN L 16 7.13 -51.44 -67.58
C GLN L 16 5.98 -52.07 -66.81
N GLY L 17 5.86 -51.72 -65.52
CA GLY L 17 4.76 -52.16 -64.69
C GLY L 17 5.05 -53.37 -63.82
N VAL L 18 5.95 -54.25 -64.26
CA VAL L 18 6.25 -55.47 -63.51
C VAL L 18 7.06 -55.13 -62.28
N CYS L 19 6.66 -55.67 -61.13
CA CYS L 19 7.16 -55.18 -59.85
C CYS L 19 7.24 -56.35 -58.87
N GLY L 20 8.44 -56.93 -58.78
CA GLY L 20 8.78 -57.87 -57.72
C GLY L 20 7.86 -59.10 -57.65
N ASP L 21 8.06 -59.86 -56.57
CA ASP L 21 7.20 -60.98 -56.25
C ASP L 21 6.27 -60.71 -55.08
N LYS L 22 6.77 -60.09 -54.02
CA LYS L 22 5.95 -59.64 -52.91
C LYS L 22 6.01 -58.14 -52.78
N TYR L 23 6.01 -57.45 -53.91
CA TYR L 23 6.22 -56.01 -53.98
C TYR L 23 5.14 -55.37 -54.84
N ARG L 24 4.69 -54.20 -54.41
CA ARG L 24 3.70 -53.41 -55.13
C ARG L 24 4.32 -52.08 -55.57
N PRO L 25 3.86 -51.45 -56.68
CA PRO L 25 4.51 -50.20 -57.11
C PRO L 25 4.09 -49.05 -56.22
N VAL L 26 4.93 -48.00 -56.11
CA VAL L 26 4.63 -46.86 -55.23
C VAL L 26 3.73 -45.88 -55.98
N ASN L 27 2.68 -45.35 -55.30
CA ASN L 27 1.75 -44.40 -55.94
C ASN L 27 2.34 -42.99 -55.89
N ARG L 28 1.84 -42.08 -56.75
CA ARG L 28 2.37 -40.71 -56.86
C ARG L 28 2.31 -40.00 -55.51
N GLU L 29 1.25 -40.25 -54.72
CA GLU L 29 1.07 -39.60 -53.41
C GLU L 29 2.16 -40.02 -52.45
N GLU L 30 2.49 -41.33 -52.41
CA GLU L 30 3.52 -41.84 -51.52
C GLU L 30 4.90 -41.38 -51.95
N ALA L 31 5.15 -41.37 -53.28
CA ALA L 31 6.43 -40.91 -53.81
C ALA L 31 6.69 -39.47 -53.42
N GLN L 32 5.65 -38.62 -53.49
CA GLN L 32 5.79 -37.19 -53.13
C GLN L 32 6.03 -37.04 -51.63
N SER L 33 5.41 -37.91 -50.81
CA SER L 33 5.59 -37.85 -49.36
C SER L 33 7.05 -37.90 -48.96
N VAL L 34 7.89 -38.61 -49.73
CA VAL L 34 9.31 -38.74 -49.40
C VAL L 34 10.21 -38.28 -50.54
N LYS L 35 9.79 -37.25 -51.28
CA LYS L 35 10.42 -36.92 -52.56
C LYS L 35 11.92 -36.70 -52.43
N SER L 36 12.36 -35.94 -51.43
CA SER L 36 13.79 -35.63 -51.31
C SER L 36 14.63 -36.88 -51.08
N ASN L 37 14.13 -37.82 -50.28
CA ASN L 37 14.85 -39.07 -50.05
C ASN L 37 15.01 -39.85 -51.35
N ILE L 38 13.93 -39.98 -52.12
CA ILE L 38 14.00 -40.74 -53.37
C ILE L 38 14.92 -40.06 -54.37
N VAL L 39 14.82 -38.74 -54.50
CA VAL L 39 15.65 -38.00 -55.46
C VAL L 39 17.11 -38.11 -55.07
N GLY L 40 17.41 -38.17 -53.77
CA GLY L 40 18.78 -38.31 -53.35
C GLY L 40 19.43 -39.64 -53.66
N MET L 41 18.66 -40.59 -54.19
CA MET L 41 19.16 -41.93 -54.54
C MET L 41 19.11 -42.19 -56.04
N MET L 42 19.14 -41.14 -56.86
CA MET L 42 18.99 -41.30 -58.30
C MET L 42 20.14 -40.62 -59.03
N GLY L 43 20.42 -41.11 -60.23
CA GLY L 43 21.39 -40.45 -61.08
C GLY L 43 20.88 -39.13 -61.62
N GLN L 44 21.81 -38.30 -62.08
CA GLN L 44 21.50 -36.90 -62.37
C GLN L 44 20.46 -36.77 -63.48
N TRP L 45 20.45 -37.67 -64.45
CA TRP L 45 19.49 -37.61 -65.55
C TRP L 45 18.69 -38.91 -65.64
N GLN L 46 18.40 -39.51 -64.50
CA GLN L 46 17.67 -40.77 -64.44
C GLN L 46 16.17 -40.52 -64.46
N ILE L 47 15.44 -41.45 -65.08
CA ILE L 47 13.98 -41.42 -65.11
C ILE L 47 13.47 -42.80 -64.71
N SER L 48 12.58 -42.85 -63.71
CA SER L 48 12.06 -44.10 -63.20
C SER L 48 10.54 -44.04 -63.11
N GLY L 49 9.90 -45.21 -63.11
CA GLY L 49 8.47 -45.31 -63.22
C GLY L 49 7.75 -45.48 -61.89
N LEU L 50 6.45 -45.17 -61.91
CA LEU L 50 5.60 -45.27 -60.75
C LEU L 50 4.29 -45.94 -61.13
N ALA L 51 3.32 -45.92 -60.23
CA ALA L 51 2.03 -46.56 -60.47
C ALA L 51 1.08 -45.63 -61.23
N ASN L 52 0.26 -46.25 -62.08
CA ASN L 52 -0.79 -45.57 -62.85
C ASN L 52 -0.21 -44.55 -63.83
N GLY L 53 0.87 -44.94 -64.51
CA GLY L 53 1.43 -44.12 -65.56
C GLY L 53 2.00 -42.77 -65.14
N TRP L 54 2.77 -42.74 -64.05
CA TRP L 54 3.49 -41.55 -63.64
C TRP L 54 4.98 -41.85 -63.68
N VAL L 55 5.80 -40.81 -63.47
CA VAL L 55 7.25 -40.93 -63.61
C VAL L 55 7.91 -39.88 -62.73
N ILE L 56 9.08 -40.22 -62.17
CA ILE L 56 9.85 -39.30 -61.34
C ILE L 56 11.23 -39.12 -61.97
N MET L 57 11.77 -37.91 -61.86
CA MET L 57 13.00 -37.53 -62.53
C MET L 57 14.08 -37.16 -61.52
N GLY L 58 15.34 -37.23 -61.97
CA GLY L 58 16.46 -37.11 -61.09
C GLY L 58 16.81 -35.67 -60.75
N PRO L 59 17.91 -35.50 -60.02
CA PRO L 59 18.27 -34.16 -59.54
C PRO L 59 18.50 -33.13 -60.63
N GLY L 60 18.94 -33.57 -61.82
CA GLY L 60 19.12 -32.63 -62.91
C GLY L 60 17.82 -31.98 -63.36
N TYR L 61 16.71 -32.70 -63.21
CA TYR L 61 15.39 -32.19 -63.54
C TYR L 61 14.67 -31.58 -62.35
N ASN L 62 15.36 -31.37 -61.24
CA ASN L 62 14.80 -30.79 -60.02
C ASN L 62 13.74 -31.69 -59.39
N GLY L 63 13.78 -32.99 -59.67
CA GLY L 63 12.86 -33.94 -59.05
C GLY L 63 11.40 -33.76 -59.40
N GLU L 64 11.09 -33.60 -60.68
CA GLU L 64 9.73 -33.39 -61.13
C GLU L 64 8.98 -34.71 -61.27
N ILE L 65 7.71 -34.72 -60.89
CA ILE L 65 6.83 -35.87 -61.03
C ILE L 65 5.78 -35.53 -62.07
N LYS L 66 5.78 -36.25 -63.19
CA LYS L 66 4.90 -35.98 -64.32
C LYS L 66 4.48 -37.27 -64.97
N PRO L 67 3.38 -37.28 -65.73
CA PRO L 67 2.96 -38.50 -66.42
C PRO L 67 3.94 -38.94 -67.49
N GLY L 68 4.04 -40.25 -67.67
CA GLY L 68 4.98 -40.82 -68.61
C GLY L 68 5.09 -42.32 -68.41
N THR L 69 6.05 -42.93 -69.10
CA THR L 69 6.32 -44.36 -68.96
C THR L 69 7.81 -44.61 -68.94
N ALA L 70 8.22 -45.66 -68.22
CA ALA L 70 9.62 -46.03 -68.11
C ALA L 70 9.73 -47.51 -67.80
N SER L 71 10.92 -48.06 -68.06
CA SER L 71 11.18 -49.48 -67.81
C SER L 71 11.42 -49.77 -66.34
N ASN L 72 12.07 -48.87 -65.62
CA ASN L 72 12.31 -49.04 -64.20
C ASN L 72 11.01 -48.87 -63.40
N THR L 73 11.00 -49.40 -62.18
CA THR L 73 9.86 -49.21 -61.28
C THR L 73 10.34 -49.25 -59.84
N TRP L 74 10.08 -48.18 -59.09
CA TRP L 74 10.31 -48.18 -57.66
C TRP L 74 9.21 -48.99 -56.97
N CYS L 75 9.60 -49.89 -56.06
CA CYS L 75 8.66 -50.83 -55.48
C CYS L 75 8.88 -50.95 -53.96
N TYR L 76 7.81 -51.35 -53.28
CA TYR L 76 7.73 -51.44 -51.82
C TYR L 76 7.13 -52.79 -51.43
N PRO L 77 7.59 -53.39 -50.33
CA PRO L 77 7.10 -54.74 -49.96
C PRO L 77 5.60 -54.78 -49.67
N THR L 78 4.97 -55.89 -50.06
CA THR L 78 3.52 -56.04 -49.86
C THR L 78 3.17 -56.11 -48.38
N ASN L 79 3.97 -56.82 -47.59
CA ASN L 79 3.82 -56.89 -46.14
C ASN L 79 5.12 -56.41 -45.51
N PRO L 80 5.28 -55.11 -45.29
CA PRO L 80 6.55 -54.60 -44.78
C PRO L 80 6.76 -54.97 -43.32
N VAL L 81 8.04 -55.05 -42.94
CA VAL L 81 8.41 -55.38 -41.57
C VAL L 81 8.55 -54.08 -40.78
N THR L 82 8.47 -54.20 -39.45
CA THR L 82 8.64 -53.06 -38.56
C THR L 82 10.11 -52.92 -38.20
N GLY L 83 10.67 -51.74 -38.46
CA GLY L 83 12.07 -51.49 -38.15
C GLY L 83 12.26 -50.89 -36.78
N GLU L 84 11.48 -51.37 -35.82
CA GLU L 84 11.51 -50.83 -34.47
C GLU L 84 12.77 -51.26 -33.72
N ILE L 85 13.19 -50.41 -32.78
CA ILE L 85 14.34 -50.70 -31.92
C ILE L 85 13.95 -51.77 -30.91
N PRO L 86 14.67 -52.87 -30.81
CA PRO L 86 14.28 -53.95 -29.89
C PRO L 86 14.48 -53.55 -28.44
N THR L 87 13.90 -54.35 -27.55
CA THR L 87 14.01 -54.16 -26.11
C THR L 87 14.73 -55.36 -25.51
N LEU L 88 15.76 -55.10 -24.72
CA LEU L 88 16.56 -56.14 -24.10
C LEU L 88 16.16 -56.30 -22.63
N SER L 89 16.64 -57.38 -22.02
CA SER L 89 16.39 -57.60 -20.61
C SER L 89 17.27 -56.67 -19.77
N ALA L 90 16.87 -56.49 -18.52
CA ALA L 90 17.50 -55.48 -17.67
C ALA L 90 18.87 -55.92 -17.18
N LEU L 91 19.71 -54.93 -16.90
CA LEU L 91 21.05 -55.13 -16.37
C LEU L 91 21.03 -54.86 -14.87
N ASP L 92 21.46 -55.83 -14.07
CA ASP L 92 21.42 -55.74 -12.62
C ASP L 92 22.77 -55.33 -12.07
N ILE L 93 22.76 -54.35 -11.17
CA ILE L 93 23.98 -53.81 -10.56
C ILE L 93 23.94 -54.11 -9.07
N PRO L 94 25.05 -54.53 -8.47
CA PRO L 94 25.06 -54.83 -7.03
C PRO L 94 24.72 -53.61 -6.18
N ASP L 95 24.19 -53.89 -4.98
CA ASP L 95 23.63 -52.86 -4.12
C ASP L 95 24.69 -51.92 -3.57
N GLY L 96 24.24 -50.75 -3.14
CA GLY L 96 25.11 -49.75 -2.57
C GLY L 96 24.37 -48.43 -2.47
N ASP L 97 25.13 -47.37 -2.22
CA ASP L 97 24.53 -46.05 -2.27
C ASP L 97 24.64 -45.50 -3.70
N GLU L 98 24.17 -44.27 -3.92
CA GLU L 98 24.02 -43.76 -5.28
C GLU L 98 25.35 -43.69 -6.02
N VAL L 99 26.38 -43.14 -5.36
CA VAL L 99 27.68 -42.98 -6.01
C VAL L 99 28.31 -44.33 -6.30
N ASP L 100 28.10 -45.31 -5.42
CA ASP L 100 28.62 -46.65 -5.65
C ASP L 100 28.03 -47.28 -6.92
N VAL L 101 26.72 -47.11 -7.11
CA VAL L 101 26.05 -47.66 -8.29
C VAL L 101 26.51 -46.93 -9.55
N GLN L 102 26.65 -45.60 -9.46
CA GLN L 102 27.15 -44.85 -10.62
C GLN L 102 28.57 -45.27 -11.00
N TRP L 103 29.42 -45.57 -10.00
CA TRP L 103 30.77 -46.02 -10.30
C TRP L 103 30.75 -47.32 -11.08
N ARG L 104 29.91 -48.27 -10.65
CA ARG L 104 29.86 -49.55 -11.34
C ARG L 104 29.26 -49.45 -12.73
N LEU L 105 28.35 -48.51 -12.96
CA LEU L 105 27.76 -48.36 -14.30
C LEU L 105 28.78 -47.85 -15.31
N VAL L 106 29.50 -46.77 -14.98
CA VAL L 106 30.32 -46.11 -16.00
C VAL L 106 31.68 -46.75 -16.22
N HIS L 107 32.10 -47.69 -15.38
CA HIS L 107 33.33 -48.42 -15.60
C HIS L 107 33.09 -49.76 -16.33
N ASP L 108 31.88 -50.05 -16.73
CA ASP L 108 31.61 -51.29 -17.45
C ASP L 108 31.95 -51.09 -18.93
N SER L 109 32.86 -51.90 -19.44
CA SER L 109 33.37 -51.70 -20.80
C SER L 109 32.43 -52.26 -21.86
N ALA L 110 31.98 -53.51 -21.68
CA ALA L 110 31.15 -54.14 -22.68
C ALA L 110 29.71 -53.66 -22.68
N ASN L 111 29.23 -53.07 -21.59
CA ASN L 111 27.83 -52.71 -21.49
C ASN L 111 27.57 -51.21 -21.54
N PHE L 112 28.55 -50.36 -21.22
CA PHE L 112 28.36 -48.93 -21.29
C PHE L 112 29.32 -48.24 -22.25
N ILE L 113 30.64 -48.48 -22.12
CA ILE L 113 31.61 -47.64 -22.80
C ILE L 113 31.62 -47.87 -24.31
N LYS L 114 31.61 -49.14 -24.73
CA LYS L 114 31.61 -49.43 -26.16
C LYS L 114 30.35 -48.97 -26.88
N PRO L 115 29.13 -49.27 -26.43
CA PRO L 115 27.94 -48.82 -27.18
C PRO L 115 27.85 -47.31 -27.31
N THR L 116 28.18 -46.57 -26.25
CA THR L 116 28.11 -45.11 -26.31
C THR L 116 29.16 -44.53 -27.26
N SER L 117 30.37 -45.10 -27.24
CA SER L 117 31.39 -44.66 -28.18
C SER L 117 30.98 -44.93 -29.61
N TYR L 118 30.38 -46.09 -29.87
CA TYR L 118 29.93 -46.39 -31.23
C TYR L 118 28.79 -45.47 -31.64
N LEU L 119 27.91 -45.11 -30.71
CA LEU L 119 26.85 -44.16 -31.04
C LEU L 119 27.45 -42.82 -31.46
N ALA L 120 28.43 -42.33 -30.69
CA ALA L 120 29.06 -41.06 -31.05
C ALA L 120 29.80 -41.16 -32.39
N HIS L 121 30.41 -42.31 -32.67
CA HIS L 121 31.13 -42.48 -33.93
C HIS L 121 30.17 -42.52 -35.13
N TYR L 122 29.02 -43.18 -34.98
CA TYR L 122 28.10 -43.30 -36.10
C TYR L 122 27.46 -41.96 -36.46
N LEU L 123 27.31 -41.07 -35.50
CA LEU L 123 26.69 -39.77 -35.79
C LEU L 123 27.64 -38.77 -36.42
N GLY L 124 28.95 -39.06 -36.42
CA GLY L 124 29.90 -38.21 -37.09
C GLY L 124 30.89 -37.45 -36.22
N TYR L 125 30.94 -37.73 -34.92
CA TYR L 125 31.95 -37.12 -34.08
C TYR L 125 33.34 -37.69 -34.39
N ALA L 126 34.36 -36.87 -34.17
CA ALA L 126 35.73 -37.22 -34.54
C ALA L 126 36.53 -37.73 -33.35
N TRP L 127 37.46 -38.64 -33.64
CA TRP L 127 38.48 -39.12 -32.70
C TRP L 127 37.87 -39.64 -31.40
N VAL L 128 37.11 -40.72 -31.53
CA VAL L 128 36.51 -41.39 -30.37
C VAL L 128 37.39 -42.59 -30.01
N GLY L 129 38.38 -42.37 -29.18
CA GLY L 129 39.32 -43.42 -28.81
C GLY L 129 40.65 -42.84 -28.41
N GLY L 130 41.47 -43.68 -27.77
CA GLY L 130 42.76 -43.25 -27.26
C GLY L 130 43.90 -43.47 -28.24
N ASN L 131 45.07 -42.96 -27.85
CA ASN L 131 46.25 -43.01 -28.71
C ASN L 131 46.91 -44.38 -28.78
N HIS L 132 46.61 -45.28 -27.85
CA HIS L 132 47.29 -46.57 -27.79
C HIS L 132 46.51 -47.68 -28.47
N SER L 133 45.50 -47.34 -29.26
CA SER L 133 44.70 -48.32 -29.99
C SER L 133 44.24 -47.70 -31.29
N GLN L 134 43.78 -48.54 -32.20
CA GLN L 134 43.25 -48.09 -33.48
C GLN L 134 41.75 -48.30 -33.64
N TYR L 135 41.09 -48.88 -32.64
CA TYR L 135 39.67 -49.20 -32.74
C TYR L 135 38.84 -48.21 -31.94
N VAL L 136 37.56 -48.13 -32.31
CA VAL L 136 36.64 -47.20 -31.68
C VAL L 136 36.32 -47.68 -30.28
N GLY L 137 36.42 -46.77 -29.31
CA GLY L 137 35.98 -47.04 -27.95
C GLY L 137 36.97 -47.75 -27.07
N GLU L 138 38.24 -47.87 -27.49
CA GLU L 138 39.25 -48.50 -26.67
C GLU L 138 40.25 -47.46 -26.18
N ASP L 139 40.88 -47.77 -25.04
CA ASP L 139 41.86 -46.89 -24.40
C ASP L 139 41.21 -45.58 -23.98
N MET L 140 40.11 -45.69 -23.23
CA MET L 140 39.35 -44.55 -22.75
C MET L 140 39.61 -44.32 -21.27
N ASP L 141 39.50 -43.06 -20.85
CA ASP L 141 39.75 -42.65 -19.48
C ASP L 141 38.46 -42.17 -18.83
N VAL L 142 38.22 -42.59 -17.58
CA VAL L 142 37.02 -42.22 -16.84
C VAL L 142 37.43 -41.37 -15.65
N THR L 143 36.80 -40.21 -15.50
CA THR L 143 37.13 -39.27 -14.43
C THR L 143 35.87 -38.74 -13.77
N ARG L 144 35.97 -38.47 -12.47
CA ARG L 144 34.87 -37.94 -11.68
C ARG L 144 35.05 -36.44 -11.51
N ASP L 145 34.02 -35.67 -11.85
CA ASP L 145 34.08 -34.21 -11.76
C ASP L 145 32.73 -33.66 -11.35
N GLY L 146 32.64 -33.19 -10.11
CA GLY L 146 31.42 -32.60 -9.60
C GLY L 146 30.32 -33.61 -9.37
N ASP L 147 29.19 -33.44 -10.05
CA ASP L 147 28.04 -34.33 -9.93
C ASP L 147 27.95 -35.32 -11.09
N GLY L 148 28.97 -35.40 -11.93
CA GLY L 148 28.92 -36.27 -13.08
C GLY L 148 30.22 -36.98 -13.34
N TRP L 149 30.32 -37.62 -14.50
CA TRP L 149 31.48 -38.38 -14.93
C TRP L 149 31.79 -38.03 -16.38
N VAL L 150 33.06 -38.13 -16.76
CA VAL L 150 33.50 -37.81 -18.11
C VAL L 150 34.29 -38.99 -18.66
N ILE L 151 33.98 -39.41 -19.88
CA ILE L 151 34.70 -40.47 -20.57
C ILE L 151 35.35 -39.88 -21.83
N ARG L 152 36.67 -39.99 -21.93
CA ARG L 152 37.41 -39.44 -23.06
C ARG L 152 38.61 -40.34 -23.39
N GLY L 153 39.01 -40.32 -24.66
CA GLY L 153 40.18 -41.08 -25.06
C GLY L 153 41.46 -40.52 -24.47
N ASN L 154 42.39 -41.42 -24.15
CA ASN L 154 43.64 -41.02 -23.52
C ASN L 154 44.55 -40.33 -24.53
N ASN L 155 45.16 -39.23 -24.10
CA ASN L 155 45.98 -38.37 -24.96
C ASN L 155 47.37 -38.29 -24.34
N ASP L 156 48.19 -39.31 -24.61
CA ASP L 156 49.52 -39.43 -24.04
C ASP L 156 50.45 -39.96 -25.13
N GLY L 157 51.37 -39.12 -25.57
CA GLY L 157 52.26 -39.51 -26.64
C GLY L 157 51.99 -38.69 -27.87
N GLY L 158 52.08 -39.30 -29.06
CA GLY L 158 51.78 -38.64 -30.28
C GLY L 158 50.72 -39.38 -31.07
N CYS L 159 50.19 -38.71 -32.08
CA CYS L 159 49.15 -39.30 -32.93
C CYS L 159 49.33 -38.78 -34.35
N ASP L 160 48.75 -39.50 -35.30
CA ASP L 160 48.77 -39.12 -36.71
C ASP L 160 47.35 -38.82 -37.17
N GLY L 161 47.15 -37.65 -37.73
CA GLY L 161 45.83 -37.21 -38.17
C GLY L 161 45.77 -35.69 -38.12
N TYR L 162 44.81 -35.13 -38.85
CA TYR L 162 44.80 -33.67 -39.02
C TYR L 162 44.63 -32.95 -37.68
N ARG L 163 43.61 -33.29 -36.92
CA ARG L 163 43.38 -32.61 -35.65
C ARG L 163 43.27 -33.60 -34.51
N CYS L 164 44.03 -34.68 -34.58
CA CYS L 164 44.09 -35.61 -33.46
C CYS L 164 44.68 -34.89 -32.26
N GLY L 165 44.04 -35.03 -31.12
CA GLY L 165 44.32 -34.18 -29.97
C GLY L 165 43.09 -33.46 -29.50
N ASP L 166 42.16 -33.20 -30.42
CA ASP L 166 40.82 -32.74 -30.10
C ASP L 166 39.92 -33.97 -30.05
N LYS L 167 39.84 -34.61 -28.89
CA LYS L 167 39.13 -35.87 -28.75
C LYS L 167 37.74 -35.65 -28.15
N THR L 168 36.79 -36.47 -28.61
CA THR L 168 35.40 -36.35 -28.20
C THR L 168 35.21 -36.79 -26.76
N ALA L 169 34.36 -36.08 -26.02
CA ALA L 169 34.06 -36.37 -24.62
C ALA L 169 32.61 -36.77 -24.46
N ILE L 170 32.34 -37.72 -23.57
CA ILE L 170 30.98 -38.18 -23.27
C ILE L 170 30.71 -37.90 -21.80
N LYS L 171 29.61 -37.20 -21.47
CA LYS L 171 29.34 -36.79 -20.10
C LYS L 171 28.06 -37.46 -19.57
N VAL L 172 28.09 -37.98 -18.33
CA VAL L 172 26.94 -38.64 -17.71
C VAL L 172 26.57 -37.86 -16.44
N SER L 173 25.30 -37.45 -16.33
CA SER L 173 24.83 -36.69 -15.17
C SER L 173 23.31 -36.83 -15.05
N ASN L 174 22.75 -36.20 -14.02
CA ASN L 174 21.30 -36.10 -13.84
C ASN L 174 20.65 -37.46 -13.63
N PHE L 175 21.11 -38.18 -12.62
CA PHE L 175 20.56 -39.50 -12.35
C PHE L 175 19.22 -39.42 -11.64
N ALA L 176 18.30 -40.30 -12.04
CA ALA L 176 16.96 -40.36 -11.48
C ALA L 176 16.60 -41.80 -11.15
N TYR L 177 15.66 -41.98 -10.22
CA TYR L 177 15.34 -43.29 -9.67
C TYR L 177 13.83 -43.50 -9.64
N ASN L 178 13.35 -44.55 -10.32
CA ASN L 178 11.93 -44.89 -10.36
C ASN L 178 11.70 -46.08 -9.43
N LEU L 179 11.09 -45.82 -8.28
CA LEU L 179 11.02 -46.80 -7.20
C LEU L 179 9.95 -47.86 -7.46
N ASP L 180 10.17 -49.04 -6.90
CA ASP L 180 9.10 -50.02 -6.71
C ASP L 180 8.26 -49.59 -5.52
N PRO L 181 6.92 -49.51 -5.67
CA PRO L 181 6.11 -48.90 -4.61
C PRO L 181 6.21 -49.58 -3.25
N ASP L 182 6.37 -50.91 -3.20
CA ASP L 182 6.31 -51.65 -1.95
C ASP L 182 7.69 -51.99 -1.41
N SER L 183 8.72 -51.22 -1.76
CA SER L 183 10.06 -51.52 -1.29
C SER L 183 10.69 -50.43 -0.42
N PHE L 184 10.06 -49.28 -0.28
CA PHE L 184 10.65 -48.17 0.46
C PHE L 184 10.52 -48.36 1.97
N LYS L 185 11.62 -48.14 2.68
CA LYS L 185 11.63 -48.12 4.14
C LYS L 185 12.54 -47.01 4.62
N HIS L 186 12.22 -46.42 5.76
CA HIS L 186 13.12 -45.49 6.41
C HIS L 186 13.24 -45.82 7.90
N GLY L 187 14.32 -45.36 8.51
CA GLY L 187 14.65 -45.62 9.89
C GLY L 187 14.24 -44.49 10.81
N ASP L 188 15.02 -44.31 11.89
CA ASP L 188 14.67 -43.37 12.94
C ASP L 188 14.98 -41.93 12.52
N VAL L 189 14.09 -41.02 12.89
CA VAL L 189 14.26 -39.59 12.63
C VAL L 189 14.86 -38.94 13.86
N THR L 190 15.96 -38.22 13.68
CA THR L 190 16.67 -37.57 14.77
C THR L 190 16.74 -36.07 14.52
N GLN L 191 16.75 -35.30 15.62
CA GLN L 191 16.73 -33.85 15.57
C GLN L 191 17.95 -33.27 16.27
N SER L 192 18.41 -32.11 15.81
CA SER L 192 19.50 -31.40 16.45
C SER L 192 19.34 -29.91 16.22
N ASP L 193 19.96 -29.12 17.10
CA ASP L 193 19.98 -27.66 17.01
C ASP L 193 18.56 -27.08 17.10
N ARG L 194 17.89 -27.38 18.21
CA ARG L 194 16.48 -27.05 18.39
C ARG L 194 16.32 -25.66 19.00
N GLN L 195 15.49 -24.82 18.36
CA GLN L 195 15.20 -23.47 18.85
C GLN L 195 13.69 -23.29 18.93
N LEU L 196 13.22 -22.84 20.10
CA LEU L 196 11.78 -22.70 20.33
C LEU L 196 11.20 -21.55 19.53
N VAL L 197 9.97 -21.74 19.06
CA VAL L 197 9.21 -20.68 18.40
C VAL L 197 8.12 -20.15 19.32
N LYS L 198 7.18 -21.01 19.72
CA LYS L 198 6.06 -20.59 20.56
C LYS L 198 5.40 -21.81 21.18
N THR L 199 4.64 -21.57 22.26
CA THR L 199 3.92 -22.65 22.95
C THR L 199 2.63 -22.08 23.56
N VAL L 200 1.68 -22.97 23.83
CA VAL L 200 0.40 -22.61 24.47
C VAL L 200 -0.07 -23.77 25.34
N VAL L 201 -0.66 -23.43 26.49
CA VAL L 201 -1.29 -24.40 27.39
C VAL L 201 -2.72 -23.95 27.67
N GLY L 202 -3.57 -24.90 28.03
CA GLY L 202 -4.97 -24.56 28.27
C GLY L 202 -5.73 -25.67 28.96
N TRP L 203 -7.01 -25.37 29.24
CA TRP L 203 -7.95 -26.30 29.87
C TRP L 203 -9.24 -26.34 29.07
N ALA L 204 -9.92 -27.49 29.08
CA ALA L 204 -11.23 -27.65 28.48
C ALA L 204 -12.19 -28.20 29.53
N VAL L 205 -13.20 -27.42 29.90
CA VAL L 205 -14.05 -27.70 31.05
C VAL L 205 -15.44 -28.08 30.57
N ASN L 206 -15.96 -29.18 31.10
CA ASN L 206 -17.29 -29.69 30.74
C ASN L 206 -18.12 -29.81 32.02
N ASP L 207 -19.15 -28.99 32.15
CA ASP L 207 -19.98 -28.97 33.34
C ASP L 207 -21.41 -29.43 33.08
N SER L 208 -21.68 -29.96 31.90
CA SER L 208 -23.01 -30.44 31.57
C SER L 208 -23.13 -31.93 31.89
N ASP L 209 -24.22 -32.55 31.44
CA ASP L 209 -24.52 -33.94 31.79
C ASP L 209 -24.26 -34.93 30.66
N THR L 210 -23.67 -34.50 29.57
CA THR L 210 -23.33 -35.37 28.45
C THR L 210 -21.88 -35.12 28.04
N PRO L 211 -21.25 -36.06 27.35
CA PRO L 211 -19.95 -35.78 26.75
C PRO L 211 -20.05 -34.65 25.73
N GLN L 212 -18.99 -33.85 25.66
CA GLN L 212 -18.94 -32.71 24.75
C GLN L 212 -17.67 -32.79 23.91
N SER L 213 -17.80 -32.49 22.62
CA SER L 213 -16.67 -32.53 21.70
C SER L 213 -16.32 -31.18 21.09
N GLY L 214 -17.07 -30.12 21.39
CA GLY L 214 -16.86 -28.84 20.74
C GLY L 214 -15.84 -27.94 21.38
N TYR L 215 -14.55 -28.25 21.21
CA TYR L 215 -13.44 -27.42 21.68
C TYR L 215 -12.41 -27.32 20.58
N ASP L 216 -11.64 -26.23 20.58
CA ASP L 216 -10.56 -26.07 19.60
C ASP L 216 -9.55 -25.04 20.09
N VAL L 217 -8.26 -25.36 19.96
CA VAL L 217 -7.16 -24.43 20.17
C VAL L 217 -6.23 -24.55 18.97
N THR L 218 -5.85 -23.42 18.37
CA THR L 218 -5.04 -23.40 17.16
C THR L 218 -3.90 -22.41 17.29
N LEU L 219 -2.70 -22.82 16.84
CA LEU L 219 -1.52 -21.97 16.81
C LEU L 219 -0.94 -21.97 15.40
N ARG L 220 -0.75 -20.78 14.82
CA ARG L 220 -0.29 -20.65 13.44
C ARG L 220 0.91 -19.71 13.36
N TYR L 221 1.81 -19.98 12.41
CA TYR L 221 3.05 -19.23 12.24
C TYR L 221 3.37 -19.05 10.76
N ASP L 222 3.66 -17.82 10.33
CA ASP L 222 3.88 -17.48 8.93
C ASP L 222 5.15 -16.66 8.74
N THR L 223 5.77 -16.80 7.55
CA THR L 223 6.87 -15.94 7.11
C THR L 223 6.72 -15.65 5.62
N ALA L 224 7.22 -14.49 5.18
CA ALA L 224 7.06 -14.08 3.79
C ALA L 224 8.20 -13.17 3.35
N THR L 225 8.36 -13.07 2.02
CA THR L 225 9.32 -12.16 1.38
C THR L 225 8.66 -11.54 0.15
N ASN L 226 9.22 -10.42 -0.32
CA ASN L 226 8.67 -9.72 -1.49
C ASN L 226 9.74 -8.88 -2.15
N TRP L 227 9.44 -8.40 -3.37
CA TRP L 227 10.36 -7.60 -4.17
C TRP L 227 9.56 -6.79 -5.20
N SER L 228 10.20 -5.76 -5.76
CA SER L 228 9.53 -4.88 -6.71
C SER L 228 10.56 -4.07 -7.52
N LYS L 229 10.14 -3.60 -8.70
CA LYS L 229 10.96 -2.76 -9.57
C LYS L 229 10.07 -1.78 -10.34
N THR L 230 10.58 -0.55 -10.56
CA THR L 230 9.78 0.51 -11.18
C THR L 230 10.64 1.35 -12.14
N ASN L 231 10.01 1.83 -13.22
CA ASN L 231 10.61 2.76 -14.17
C ASN L 231 9.67 3.95 -14.39
N THR L 232 10.23 5.15 -14.49
CA THR L 232 9.44 6.36 -14.67
C THR L 232 10.07 7.28 -15.72
N TYR L 233 9.23 8.00 -16.47
CA TYR L 233 9.66 9.01 -17.43
C TYR L 233 8.77 10.24 -17.29
N GLY L 234 9.34 11.42 -17.56
CA GLY L 234 8.58 12.66 -17.43
C GLY L 234 9.01 13.75 -18.37
N LEU L 235 8.10 14.69 -18.59
CA LEU L 235 8.34 15.87 -19.42
C LEU L 235 7.74 17.09 -18.74
N SER L 236 8.27 18.27 -19.05
CA SER L 236 7.82 19.50 -18.42
C SER L 236 8.04 20.70 -19.34
N GLU L 237 7.20 21.72 -19.19
CA GLU L 237 7.31 22.96 -19.93
C GLU L 237 6.96 24.12 -19.01
N LYS L 238 7.70 25.23 -19.12
CA LYS L 238 7.45 26.41 -18.31
C LYS L 238 7.61 27.67 -19.17
N VAL L 239 6.75 28.66 -18.92
CA VAL L 239 6.78 29.94 -19.63
C VAL L 239 6.65 31.06 -18.61
N THR L 240 7.55 32.03 -18.67
CA THR L 240 7.59 33.14 -17.72
C THR L 240 7.49 34.47 -18.45
N THR L 241 6.86 35.44 -17.79
CA THR L 241 6.61 36.75 -18.39
C THR L 241 6.66 37.82 -17.31
N LYS L 242 7.22 38.99 -17.62
CA LYS L 242 7.24 40.12 -16.67
C LYS L 242 6.16 41.12 -17.08
N ASN L 243 5.35 41.61 -16.11
CA ASN L 243 4.21 42.49 -16.45
C ASN L 243 4.17 43.67 -15.50
N LYS L 244 3.87 44.88 -16.02
CA LYS L 244 3.84 46.11 -15.22
C LYS L 244 2.44 46.71 -15.27
N PHE L 245 2.01 47.39 -14.20
CA PHE L 245 0.65 47.94 -14.14
C PHE L 245 0.67 49.33 -13.49
N LYS L 246 0.54 50.39 -14.28
CA LYS L 246 0.51 51.76 -13.77
C LYS L 246 -0.92 52.12 -13.34
N TRP L 247 -1.43 51.44 -12.29
CA TRP L 247 -2.82 51.66 -11.85
C TRP L 247 -2.92 53.04 -11.18
N PRO L 248 -4.11 53.70 -11.23
CA PRO L 248 -4.30 54.99 -10.55
C PRO L 248 -4.04 54.83 -9.06
N LEU L 249 -3.42 55.85 -8.41
CA LEU L 249 -3.14 55.84 -6.98
C LEU L 249 -2.11 54.78 -6.61
N VAL L 250 -1.48 54.11 -7.59
CA VAL L 250 -0.40 53.17 -7.32
C VAL L 250 0.84 53.56 -8.10
N GLY L 251 0.66 54.31 -9.20
CA GLY L 251 1.77 54.77 -10.00
C GLY L 251 2.32 53.69 -10.90
N GLU L 252 2.76 52.56 -10.32
CA GLU L 252 3.36 51.46 -11.08
C GLU L 252 3.52 50.23 -10.21
N THR L 253 3.14 49.03 -10.69
CA THR L 253 3.31 47.79 -9.94
C THR L 253 3.93 46.74 -10.85
N ALA L 254 5.05 46.11 -10.41
CA ALA L 254 5.75 45.12 -11.23
C ALA L 254 5.56 43.72 -10.66
N LEU L 255 5.37 42.72 -11.54
CA LEU L 255 5.17 41.34 -11.12
C LEU L 255 5.46 40.42 -12.29
N SER L 256 5.84 39.19 -11.99
CA SER L 256 6.14 38.17 -12.99
C SER L 256 5.16 37.02 -12.87
N ILE L 257 4.81 36.41 -14.00
CA ILE L 257 3.83 35.34 -14.07
C ILE L 257 4.49 34.13 -14.72
N ALA L 258 4.28 32.95 -14.15
CA ALA L 258 4.82 31.71 -14.68
C ALA L 258 3.74 30.65 -14.72
N ILE L 259 3.73 29.86 -15.81
CA ILE L 259 2.78 28.77 -16.00
C ILE L 259 3.55 27.54 -16.43
N ALA L 260 3.19 26.39 -15.86
CA ALA L 260 3.91 25.14 -16.14
C ALA L 260 2.94 24.00 -16.37
N ALA L 261 3.42 22.98 -17.08
CA ALA L 261 2.65 21.76 -17.33
C ALA L 261 3.62 20.58 -17.35
N ASN L 262 3.17 19.43 -16.85
CA ASN L 262 4.00 18.24 -16.82
C ASN L 262 3.17 16.99 -17.08
N GLN L 263 3.86 15.90 -17.37
CA GLN L 263 3.25 14.63 -17.72
C GLN L 263 4.22 13.51 -17.37
N SER L 264 3.69 12.38 -16.92
CA SER L 264 4.53 11.30 -16.40
C SER L 264 3.92 9.93 -16.69
N TRP L 265 4.79 8.92 -16.76
CA TRP L 265 4.41 7.53 -17.01
C TRP L 265 5.24 6.63 -16.11
N ALA L 266 4.61 5.60 -15.53
CA ALA L 266 5.30 4.69 -14.62
C ALA L 266 4.88 3.25 -14.88
N SER L 267 5.76 2.31 -14.54
CA SER L 267 5.54 0.89 -14.78
C SER L 267 6.21 0.08 -13.67
N GLN L 268 5.52 -0.96 -13.17
CA GLN L 268 5.97 -1.70 -11.99
C GLN L 268 5.75 -3.20 -12.17
N ASN L 269 6.63 -4.00 -11.55
CA ASN L 269 6.53 -5.46 -11.51
C ASN L 269 7.03 -5.97 -10.16
N GLY L 270 6.48 -7.09 -9.69
CA GLY L 270 6.91 -7.65 -8.41
C GLY L 270 6.35 -9.03 -8.16
N GLY L 271 6.62 -9.54 -6.95
CA GLY L 271 6.17 -10.86 -6.54
C GLY L 271 6.44 -11.10 -5.06
N SER L 272 6.07 -12.31 -4.60
CA SER L 272 6.22 -12.66 -3.19
C SER L 272 6.14 -14.17 -3.00
N THR L 273 6.44 -14.61 -1.77
CA THR L 273 6.41 -16.02 -1.37
C THR L 273 6.06 -16.13 0.10
N THR L 274 5.26 -17.14 0.47
CA THR L 274 4.80 -17.32 1.85
C THR L 274 4.85 -18.80 2.25
N THR L 275 5.17 -19.06 3.52
CA THR L 275 5.15 -20.40 4.10
C THR L 275 4.45 -20.36 5.45
N SER L 276 3.63 -21.38 5.73
CA SER L 276 2.74 -21.38 6.89
C SER L 276 2.71 -22.75 7.54
N LEU L 277 2.68 -22.78 8.88
CA LEU L 277 2.61 -24.00 9.66
C LEU L 277 1.56 -23.85 10.75
N SER L 278 0.61 -24.80 10.82
CA SER L 278 -0.54 -24.70 11.70
C SER L 278 -0.74 -26.01 12.46
N GLN L 279 -1.20 -25.91 13.72
CA GLN L 279 -1.46 -27.07 14.57
C GLN L 279 -2.71 -26.83 15.42
N SER L 280 -3.50 -27.90 15.63
CA SER L 280 -4.77 -27.80 16.35
C SER L 280 -4.96 -29.00 17.26
N VAL L 281 -5.77 -28.82 18.31
CA VAL L 281 -6.18 -29.90 19.21
C VAL L 281 -7.66 -29.72 19.54
N ARG L 282 -8.41 -30.82 19.55
CA ARG L 282 -9.87 -30.80 19.73
C ARG L 282 -10.33 -31.96 20.60
N PRO L 283 -10.25 -31.83 21.92
CA PRO L 283 -10.52 -32.97 22.81
C PRO L 283 -12.00 -33.30 22.98
N THR L 284 -12.24 -34.55 23.40
CA THR L 284 -13.56 -35.00 23.83
C THR L 284 -13.52 -35.23 25.34
N VAL L 285 -14.36 -34.53 26.08
CA VAL L 285 -14.29 -34.46 27.53
C VAL L 285 -15.52 -35.16 28.12
N PRO L 286 -15.34 -36.03 29.11
CA PRO L 286 -16.50 -36.68 29.74
C PRO L 286 -17.31 -35.70 30.58
N ALA L 287 -18.53 -36.12 30.91
CA ALA L 287 -19.43 -35.27 31.69
C ALA L 287 -18.86 -35.00 33.08
N ARG L 288 -18.93 -33.72 33.49
CA ARG L 288 -18.51 -33.28 34.83
C ARG L 288 -17.01 -33.51 35.06
N SER L 289 -16.19 -33.06 34.12
CA SER L 289 -14.74 -33.21 34.25
C SER L 289 -14.06 -32.18 33.35
N LYS L 290 -12.73 -32.18 33.38
CA LYS L 290 -11.95 -31.26 32.56
C LYS L 290 -10.63 -31.91 32.16
N ILE L 291 -10.04 -31.39 31.06
CA ILE L 291 -8.84 -31.98 30.45
C ILE L 291 -7.84 -30.87 30.10
N PRO L 292 -6.55 -31.07 30.35
CA PRO L 292 -5.53 -30.10 29.90
C PRO L 292 -4.90 -30.46 28.56
N VAL L 293 -4.44 -29.42 27.86
CA VAL L 293 -3.85 -29.56 26.52
C VAL L 293 -2.58 -28.72 26.42
N LYS L 294 -1.76 -29.03 25.40
CA LYS L 294 -0.51 -28.31 25.17
C LYS L 294 -0.05 -28.49 23.71
N ILE L 295 0.49 -27.41 23.13
CA ILE L 295 1.00 -27.40 21.76
C ILE L 295 2.32 -26.64 21.73
N GLU L 296 3.31 -27.19 21.00
CA GLU L 296 4.63 -26.56 20.88
C GLU L 296 5.11 -26.60 19.43
N LEU L 297 5.95 -25.62 19.07
CA LEU L 297 6.56 -25.56 17.75
C LEU L 297 8.04 -25.20 17.88
N TYR L 298 8.90 -25.93 17.15
CA TYR L 298 10.34 -25.74 17.18
C TYR L 298 10.89 -25.66 15.76
N LYS L 299 12.15 -25.25 15.66
CA LYS L 299 12.94 -25.36 14.45
C LYS L 299 14.15 -26.25 14.73
N ALA L 300 14.46 -27.15 13.79
CA ALA L 300 15.50 -28.14 14.02
C ALA L 300 16.05 -28.67 12.70
N ASP L 301 17.20 -29.35 12.80
CA ASP L 301 17.76 -30.12 11.69
C ASP L 301 17.30 -31.58 11.79
N ILE L 302 17.04 -32.19 10.64
CA ILE L 302 16.41 -33.51 10.56
C ILE L 302 17.28 -34.46 9.75
N SER L 303 17.41 -35.71 10.22
CA SER L 303 18.17 -36.74 9.50
C SER L 303 17.47 -38.09 9.67
N TYR L 304 17.56 -38.93 8.63
CA TYR L 304 17.15 -40.34 8.73
C TYR L 304 17.72 -41.12 7.56
N PRO L 305 17.91 -42.44 7.71
CA PRO L 305 18.32 -43.28 6.59
C PRO L 305 17.14 -43.94 5.88
N TYR L 306 17.41 -44.50 4.71
CA TYR L 306 16.37 -45.11 3.88
C TYR L 306 16.97 -46.16 2.96
N GLU L 307 16.10 -46.91 2.28
CA GLU L 307 16.51 -47.90 1.29
C GLU L 307 15.33 -48.21 0.37
N PHE L 308 15.64 -48.65 -0.85
CA PHE L 308 14.61 -49.03 -1.82
C PHE L 308 15.25 -49.75 -3.01
N LYS L 309 14.41 -50.11 -3.98
CA LYS L 309 14.80 -50.77 -5.21
C LYS L 309 14.21 -49.99 -6.39
N ALA L 310 15.01 -49.74 -7.43
CA ALA L 310 14.59 -48.77 -8.44
C ALA L 310 15.17 -49.06 -9.81
N ASP L 311 14.64 -48.34 -10.80
CA ASP L 311 15.18 -48.22 -12.15
C ASP L 311 15.97 -46.92 -12.25
N VAL L 312 17.07 -46.95 -12.99
CA VAL L 312 18.00 -45.83 -13.06
C VAL L 312 17.99 -45.23 -14.46
N SER L 313 17.95 -43.90 -14.54
CA SER L 313 18.01 -43.17 -15.80
C SER L 313 18.88 -41.93 -15.62
N TYR L 314 19.38 -41.39 -16.75
CA TYR L 314 20.40 -40.34 -16.71
C TYR L 314 20.39 -39.57 -18.01
N ASP L 315 21.23 -38.53 -18.07
CA ASP L 315 21.45 -37.72 -19.26
C ASP L 315 22.80 -38.03 -19.87
N LEU L 316 22.89 -37.88 -21.19
CA LEU L 316 24.10 -38.19 -21.95
C LEU L 316 24.41 -37.00 -22.86
N THR L 317 25.62 -36.47 -22.75
CA THR L 317 26.03 -35.31 -23.54
C THR L 317 27.28 -35.64 -24.34
N LEU L 318 27.25 -35.31 -25.63
CA LEU L 318 28.35 -35.58 -26.55
C LEU L 318 28.94 -34.25 -27.03
N SER L 319 30.27 -34.13 -26.92
CA SER L 319 30.97 -32.89 -27.27
C SER L 319 32.17 -33.19 -28.15
N GLY L 320 32.29 -32.47 -29.25
CA GLY L 320 33.39 -32.66 -30.18
C GLY L 320 33.14 -31.87 -31.45
N PHE L 321 33.94 -32.13 -32.47
CA PHE L 321 33.70 -31.52 -33.77
C PHE L 321 33.31 -32.58 -34.78
N LEU L 322 32.48 -32.18 -35.74
CA LEU L 322 31.87 -33.09 -36.70
C LEU L 322 32.77 -33.26 -37.92
N ARG L 323 32.85 -34.49 -38.41
CA ARG L 323 33.79 -34.85 -39.46
C ARG L 323 33.44 -34.18 -40.78
N TRP L 324 34.49 -33.83 -41.53
CA TRP L 324 34.31 -33.12 -42.81
C TRP L 324 33.76 -34.04 -43.89
N GLY L 325 34.17 -35.31 -43.89
CA GLY L 325 33.71 -36.23 -44.92
C GLY L 325 32.21 -36.46 -44.88
N GLY L 326 31.66 -36.67 -43.69
CA GLY L 326 30.24 -36.86 -43.55
C GLY L 326 29.82 -36.94 -42.10
N ASN L 327 28.66 -36.40 -41.80
CA ASN L 327 28.10 -36.45 -40.46
C ASN L 327 26.58 -36.46 -40.59
N ALA L 328 25.91 -36.74 -39.46
CA ALA L 328 24.48 -37.03 -39.47
C ALA L 328 23.61 -35.83 -39.10
N TRP L 329 24.19 -34.65 -38.87
CA TRP L 329 23.35 -33.47 -38.61
C TRP L 329 22.53 -33.17 -39.87
N TYR L 330 21.27 -32.71 -39.70
CA TYR L 330 20.37 -32.55 -40.85
C TYR L 330 20.84 -31.49 -41.85
N THR L 331 21.67 -30.52 -41.42
CA THR L 331 22.22 -29.53 -42.33
C THR L 331 23.53 -30.00 -42.96
N HIS L 332 24.11 -31.08 -42.42
CA HIS L 332 25.37 -31.67 -42.92
C HIS L 332 26.45 -30.58 -43.11
N PRO L 333 26.98 -29.96 -42.02
CA PRO L 333 28.03 -28.93 -42.17
C PRO L 333 29.35 -29.50 -42.66
N ASP L 334 30.20 -28.66 -43.27
CA ASP L 334 31.50 -29.10 -43.79
C ASP L 334 32.61 -28.17 -43.36
N ASN L 335 32.39 -27.41 -42.28
CA ASN L 335 33.39 -26.47 -41.75
C ASN L 335 33.98 -27.01 -40.45
N ARG L 336 33.91 -28.34 -40.22
CA ARG L 336 34.39 -28.97 -39.00
C ARG L 336 34.01 -28.15 -37.75
N PRO L 337 32.70 -27.99 -37.45
CA PRO L 337 32.26 -27.15 -36.31
C PRO L 337 32.18 -27.90 -34.98
N ASN L 338 32.34 -27.18 -33.86
CA ASN L 338 32.23 -27.80 -32.52
C ASN L 338 30.76 -28.05 -32.21
N TRP L 339 30.43 -29.16 -31.52
CA TRP L 339 29.02 -29.51 -31.34
C TRP L 339 28.70 -30.08 -29.96
N ASN L 340 27.52 -29.75 -29.40
CA ASN L 340 27.04 -30.31 -28.15
C ASN L 340 25.60 -30.77 -28.32
N HIS L 341 25.26 -31.94 -27.78
CA HIS L 341 23.89 -32.42 -27.80
C HIS L 341 23.63 -33.34 -26.62
N THR L 342 22.41 -33.27 -26.07
CA THR L 342 22.04 -34.05 -24.90
C THR L 342 20.88 -34.98 -25.22
N PHE L 343 21.02 -36.24 -24.84
CA PHE L 343 19.95 -37.24 -24.92
C PHE L 343 19.52 -37.64 -23.52
N VAL L 344 18.24 -37.95 -23.36
CA VAL L 344 17.70 -38.43 -22.08
C VAL L 344 17.49 -39.94 -22.22
N ILE L 345 18.26 -40.72 -21.46
CA ILE L 345 18.22 -42.17 -21.54
C ILE L 345 17.22 -42.64 -20.48
N GLY L 346 15.95 -42.70 -20.86
CA GLY L 346 14.89 -43.05 -19.94
C GLY L 346 13.53 -42.68 -20.51
N PRO L 347 12.60 -42.31 -19.64
CA PRO L 347 11.28 -41.89 -20.11
C PRO L 347 11.33 -40.61 -20.92
N TYR L 348 10.28 -40.41 -21.71
CA TYR L 348 10.21 -39.29 -22.64
C TYR L 348 10.09 -37.96 -21.90
N LYS L 349 10.83 -36.96 -22.38
CA LYS L 349 10.67 -35.59 -21.88
C LYS L 349 10.38 -34.58 -22.99
N ASP L 350 11.04 -34.68 -24.14
CA ASP L 350 10.73 -33.83 -25.28
C ASP L 350 11.37 -34.40 -26.53
N LYS L 351 10.98 -33.85 -27.68
CA LYS L 351 11.37 -34.42 -28.98
C LYS L 351 12.85 -34.30 -29.24
N ALA L 352 13.49 -33.20 -28.83
CA ALA L 352 14.88 -32.96 -29.20
C ALA L 352 15.84 -33.95 -28.54
N SER L 353 15.46 -34.52 -27.39
CA SER L 353 16.35 -35.42 -26.65
C SER L 353 15.86 -36.86 -26.61
N SER L 354 14.88 -37.23 -27.43
CA SER L 354 14.33 -38.57 -27.42
C SER L 354 14.78 -39.31 -28.69
N ILE L 355 15.55 -40.38 -28.50
CA ILE L 355 16.02 -41.15 -29.64
C ILE L 355 14.87 -41.92 -30.28
N ARG L 356 13.98 -42.49 -29.47
CA ARG L 356 12.90 -43.31 -30.00
C ARG L 356 11.93 -42.48 -30.85
N TYR L 357 11.61 -41.26 -30.42
CA TYR L 357 10.71 -40.42 -31.19
C TYR L 357 11.29 -40.09 -32.56
N GLN L 358 12.54 -39.64 -32.58
CA GLN L 358 13.18 -39.28 -33.85
C GLN L 358 13.34 -40.49 -34.76
N TRP L 359 13.64 -41.67 -34.19
CA TRP L 359 13.80 -42.87 -34.99
C TRP L 359 12.49 -43.27 -35.65
N ASP L 360 11.36 -43.13 -34.93
CA ASP L 360 10.05 -43.42 -35.50
C ASP L 360 9.50 -42.20 -36.24
N LYS L 361 10.34 -41.31 -36.78
CA LYS L 361 9.76 -40.19 -37.51
C LYS L 361 10.57 -39.94 -38.76
N ARG L 362 11.31 -40.96 -39.22
CA ARG L 362 12.20 -40.83 -40.37
C ARG L 362 11.41 -40.93 -41.68
N TYR L 363 10.08 -41.09 -41.60
CA TYR L 363 9.24 -41.16 -42.79
C TYR L 363 8.53 -39.83 -43.04
N ILE L 364 8.72 -38.86 -42.14
CA ILE L 364 8.14 -37.53 -42.33
C ILE L 364 9.26 -36.53 -42.47
N PRO L 365 9.56 -36.05 -43.69
CA PRO L 365 10.67 -35.10 -43.83
C PRO L 365 10.53 -33.81 -43.05
N GLY L 366 9.31 -33.36 -42.78
CA GLY L 366 9.12 -32.13 -42.04
C GLY L 366 9.35 -32.24 -40.55
N GLU L 367 9.53 -33.45 -40.02
CA GLU L 367 9.86 -33.66 -38.62
C GLU L 367 11.35 -33.73 -38.36
N VAL L 368 12.18 -33.91 -39.40
CA VAL L 368 13.60 -34.14 -39.22
C VAL L 368 14.29 -32.81 -38.95
N LYS L 369 14.49 -32.50 -37.68
CA LYS L 369 15.04 -31.21 -37.29
C LYS L 369 16.31 -31.32 -36.46
N TRP L 370 16.71 -32.51 -36.01
CA TRP L 370 17.97 -32.60 -35.30
C TRP L 370 18.97 -33.55 -35.97
N TRP L 371 18.69 -34.84 -36.01
CA TRP L 371 19.63 -35.81 -36.54
C TRP L 371 18.97 -36.58 -37.68
N ASP L 372 19.77 -36.97 -38.66
CA ASP L 372 19.30 -37.66 -39.85
C ASP L 372 19.61 -39.15 -39.69
N TRP L 373 18.59 -39.93 -39.28
CA TRP L 373 18.80 -41.35 -39.03
C TRP L 373 18.77 -42.18 -40.30
N ASN L 374 18.10 -41.71 -41.35
CA ASN L 374 18.16 -42.38 -42.64
C ASN L 374 19.59 -42.41 -43.17
N TRP L 375 20.35 -41.34 -42.95
CA TRP L 375 21.74 -41.30 -43.38
C TRP L 375 22.58 -42.36 -42.66
N THR L 376 22.36 -42.52 -41.35
CA THR L 376 23.11 -43.55 -40.61
C THR L 376 22.75 -44.95 -41.10
N ILE L 377 21.47 -45.19 -41.38
CA ILE L 377 21.07 -46.49 -41.92
C ILE L 377 21.74 -46.71 -43.28
N GLN L 378 21.77 -45.69 -44.12
CA GLN L 378 22.40 -45.83 -45.43
C GLN L 378 23.90 -46.11 -45.31
N GLN L 379 24.57 -45.48 -44.35
CA GLN L 379 26.01 -45.66 -44.20
C GLN L 379 26.39 -46.99 -43.55
N ASN L 380 25.58 -47.51 -42.64
CA ASN L 380 26.00 -48.65 -41.83
C ASN L 380 25.13 -49.89 -41.94
N GLY L 381 23.89 -49.79 -42.38
CA GLY L 381 23.01 -50.94 -42.39
C GLY L 381 21.98 -50.87 -41.28
N LEU L 382 20.81 -51.47 -41.54
CA LEU L 382 19.69 -51.33 -40.62
C LEU L 382 19.91 -52.12 -39.33
N SER L 383 20.34 -53.38 -39.46
CA SER L 383 20.46 -54.24 -38.27
C SER L 383 21.58 -53.75 -37.35
N THR L 384 22.67 -53.24 -37.92
CA THR L 384 23.75 -52.70 -37.11
C THR L 384 23.26 -51.55 -36.22
N MET L 385 22.54 -50.60 -36.81
CA MET L 385 22.01 -49.49 -36.04
C MET L 385 20.98 -49.94 -35.02
N GLN L 386 20.12 -50.89 -35.40
CA GLN L 386 19.13 -51.42 -34.46
C GLN L 386 19.81 -52.02 -33.23
N ASN L 387 20.84 -52.84 -33.44
CA ASN L 387 21.48 -53.51 -32.32
C ASN L 387 22.26 -52.52 -31.44
N ASN L 388 22.95 -51.56 -32.06
CA ASN L 388 23.66 -50.56 -31.27
C ASN L 388 22.69 -49.73 -30.41
N LEU L 389 21.59 -49.28 -31.02
CA LEU L 389 20.64 -48.48 -30.25
C LEU L 389 19.92 -49.29 -29.19
N ALA L 390 19.71 -50.59 -29.44
CA ALA L 390 19.12 -51.44 -28.41
C ALA L 390 20.05 -51.59 -27.22
N ARG L 391 21.35 -51.71 -27.48
CA ARG L 391 22.30 -51.79 -26.37
C ARG L 391 22.44 -50.46 -25.63
N VAL L 392 22.26 -49.34 -26.31
CA VAL L 392 22.38 -48.04 -25.64
C VAL L 392 21.22 -47.81 -24.69
N LEU L 393 20.01 -48.22 -25.07
CA LEU L 393 18.80 -47.90 -24.31
C LEU L 393 18.39 -49.03 -23.36
N ARG L 394 19.33 -49.85 -22.91
CA ARG L 394 19.00 -50.99 -22.07
C ARG L 394 18.64 -50.54 -20.65
N PRO L 395 17.58 -51.11 -20.06
CA PRO L 395 17.19 -50.72 -18.70
C PRO L 395 18.19 -51.18 -17.64
N VAL L 396 18.23 -50.43 -16.53
CA VAL L 396 19.16 -50.68 -15.43
C VAL L 396 18.39 -50.73 -14.11
N ARG L 397 18.68 -51.72 -13.27
CA ARG L 397 18.05 -51.85 -11.96
C ARG L 397 19.10 -52.02 -10.88
N ALA L 398 18.78 -51.52 -9.67
CA ALA L 398 19.71 -51.61 -8.55
C ALA L 398 18.95 -51.42 -7.25
N GLY L 399 19.60 -51.83 -6.15
CA GLY L 399 19.13 -51.52 -4.81
C GLY L 399 19.96 -50.40 -4.22
N ILE L 400 19.31 -49.51 -3.48
CA ILE L 400 19.91 -48.26 -3.01
C ILE L 400 19.76 -48.16 -1.50
N THR L 401 20.80 -47.63 -0.84
CA THR L 401 20.72 -47.18 0.54
C THR L 401 21.27 -45.77 0.61
N GLY L 402 20.68 -44.93 1.45
CA GLY L 402 21.11 -43.55 1.51
C GLY L 402 20.76 -42.86 2.81
N ASP L 403 21.07 -41.57 2.87
CA ASP L 403 20.83 -40.73 4.05
C ASP L 403 20.20 -39.42 3.63
N PHE L 404 19.20 -38.98 4.40
CA PHE L 404 18.52 -37.71 4.19
C PHE L 404 18.97 -36.71 5.26
N SER L 405 19.06 -35.44 4.86
CA SER L 405 19.48 -34.39 5.80
C SER L 405 19.01 -33.03 5.30
N ALA L 406 18.54 -32.18 6.22
CA ALA L 406 18.14 -30.83 5.87
C ALA L 406 18.18 -29.95 7.11
N GLU L 407 18.39 -28.66 6.91
CA GLU L 407 18.61 -27.70 7.99
C GLU L 407 17.39 -26.80 8.21
N SER L 408 17.10 -26.56 9.48
CA SER L 408 16.07 -25.62 9.95
C SER L 408 14.69 -25.91 9.31
N GLN L 409 14.17 -27.08 9.63
CA GLN L 409 12.83 -27.50 9.29
C GLN L 409 11.95 -27.36 10.54
N PHE L 410 10.72 -27.88 10.48
CA PHE L 410 9.76 -27.72 11.56
C PHE L 410 9.60 -29.00 12.37
N ALA L 411 9.32 -28.84 13.66
CA ALA L 411 9.04 -29.96 14.56
C ALA L 411 7.95 -29.58 15.55
N GLY L 412 6.95 -30.44 15.72
CA GLY L 412 5.78 -30.12 16.52
C GLY L 412 5.51 -31.16 17.59
N ASN L 413 4.54 -30.83 18.46
CA ASN L 413 4.11 -31.71 19.54
C ASN L 413 2.71 -31.28 20.00
N ILE L 414 1.77 -32.22 20.03
CA ILE L 414 0.39 -31.95 20.45
C ILE L 414 -0.01 -33.01 21.47
N GLU L 415 -0.61 -32.58 22.58
CA GLU L 415 -0.92 -33.49 23.69
C GLU L 415 -2.33 -33.27 24.24
N ILE L 416 -3.02 -34.37 24.55
CA ILE L 416 -4.27 -34.38 25.29
C ILE L 416 -4.05 -35.14 26.59
N GLY L 417 -4.39 -34.52 27.72
CA GLY L 417 -4.11 -35.09 29.03
C GLY L 417 -5.26 -35.92 29.58
N ALA L 418 -5.05 -36.44 30.79
CA ALA L 418 -6.01 -37.28 31.49
C ALA L 418 -7.09 -36.44 32.18
N PRO L 419 -8.33 -36.93 32.21
CA PRO L 419 -9.43 -36.14 32.79
C PRO L 419 -9.34 -36.04 34.31
N VAL L 420 -9.92 -34.95 34.82
CA VAL L 420 -9.96 -34.64 36.25
C VAL L 420 -11.42 -34.44 36.64
N PRO L 421 -11.98 -35.23 37.56
CA PRO L 421 -13.37 -35.03 37.97
C PRO L 421 -13.57 -33.71 38.69
N LEU L 422 -14.73 -33.10 38.48
CA LEU L 422 -15.05 -31.82 39.11
C LEU L 422 -15.59 -32.01 40.52
N ALA M 1 34.44 -54.73 -13.90
CA ALA M 1 35.32 -53.96 -13.03
C ALA M 1 34.78 -53.89 -11.60
N GLU M 2 35.67 -54.04 -10.62
CA GLU M 2 35.35 -53.96 -9.20
C GLU M 2 36.20 -52.87 -8.55
N PRO M 3 35.69 -52.25 -7.49
CA PRO M 3 36.47 -51.21 -6.80
C PRO M 3 37.80 -51.75 -6.26
N VAL M 4 38.83 -50.91 -6.31
CA VAL M 4 40.17 -51.28 -5.86
C VAL M 4 40.54 -50.37 -4.69
N TYR M 5 40.80 -50.97 -3.54
CA TYR M 5 41.31 -50.23 -2.39
C TYR M 5 42.83 -50.26 -2.41
N PRO M 6 43.49 -49.10 -2.41
CA PRO M 6 44.95 -49.09 -2.60
C PRO M 6 45.74 -49.85 -1.55
N ASP M 7 45.19 -50.03 -0.35
CA ASP M 7 45.94 -50.71 0.70
C ASP M 7 46.03 -52.21 0.48
N GLN M 8 45.27 -52.78 -0.43
CA GLN M 8 45.29 -54.22 -0.66
C GLN M 8 46.11 -54.62 -1.89
N LEU M 9 46.68 -53.68 -2.62
CA LEU M 9 47.48 -54.00 -3.80
C LEU M 9 48.80 -54.63 -3.40
N ARG M 10 49.22 -55.65 -4.16
CA ARG M 10 50.47 -56.34 -3.91
C ARG M 10 51.23 -56.53 -5.21
N LEU M 11 52.55 -56.48 -5.13
CA LEU M 11 53.44 -56.60 -6.28
C LEU M 11 54.24 -57.90 -6.18
N PHE M 12 53.86 -58.88 -7.00
CA PHE M 12 54.62 -60.12 -7.09
C PHE M 12 55.75 -60.00 -8.11
N SER M 13 56.72 -60.90 -8.01
CA SER M 13 57.86 -60.94 -8.91
C SER M 13 58.13 -62.38 -9.34
N LEU M 14 57.08 -63.07 -9.78
CA LEU M 14 57.13 -64.49 -10.12
C LEU M 14 56.99 -64.71 -11.62
N GLY M 15 57.60 -63.82 -12.41
CA GLY M 15 57.60 -63.97 -13.84
C GLY M 15 56.41 -63.29 -14.49
N GLN M 16 56.42 -63.30 -15.82
CA GLN M 16 55.43 -62.58 -16.61
C GLN M 16 54.09 -63.32 -16.55
N GLY M 17 53.08 -62.69 -15.95
CA GLY M 17 51.74 -63.23 -15.90
C GLY M 17 51.39 -63.96 -14.62
N VAL M 18 52.37 -64.58 -13.97
CA VAL M 18 52.11 -65.36 -12.76
C VAL M 18 51.79 -64.42 -11.60
N CYS M 19 50.72 -64.73 -10.87
CA CYS M 19 50.14 -63.75 -9.95
C CYS M 19 49.56 -64.49 -8.74
N GLY M 20 50.37 -64.59 -7.69
CA GLY M 20 49.91 -65.02 -6.38
C GLY M 20 49.27 -66.41 -6.36
N ASP M 21 48.68 -66.72 -5.20
CA ASP M 21 47.89 -67.93 -5.04
C ASP M 21 46.40 -67.68 -4.98
N LYS M 22 45.97 -66.65 -4.25
CA LYS M 22 44.59 -66.23 -4.24
C LYS M 22 44.47 -64.82 -4.78
N TYR M 23 45.24 -64.52 -5.81
CA TYR M 23 45.36 -63.17 -6.36
C TYR M 23 45.18 -63.22 -7.87
N ARG M 24 44.50 -62.20 -8.40
CA ARG M 24 44.28 -62.03 -9.82
C ARG M 24 44.97 -60.75 -10.31
N PRO M 25 45.39 -60.66 -11.59
CA PRO M 25 46.10 -59.44 -12.02
C PRO M 25 45.12 -58.30 -12.20
N VAL M 26 45.59 -57.04 -12.08
CA VAL M 26 44.69 -55.87 -12.20
C VAL M 26 44.54 -55.52 -13.68
N ASN M 27 43.29 -55.21 -14.13
CA ASN M 27 43.05 -54.86 -15.53
C ASN M 27 43.36 -53.38 -15.76
N ARG M 28 43.58 -52.98 -17.03
CA ARG M 28 43.94 -51.60 -17.36
C ARG M 28 42.91 -50.60 -16.84
N GLU M 29 41.62 -50.97 -16.89
CA GLU M 29 40.55 -50.09 -16.44
C GLU M 29 40.65 -49.82 -14.95
N GLU M 30 40.91 -50.86 -14.15
CA GLU M 30 41.03 -50.72 -12.70
C GLU M 30 42.28 -49.95 -12.33
N ALA M 31 43.40 -50.23 -13.04
CA ALA M 31 44.65 -49.52 -12.78
C ALA M 31 44.48 -48.03 -13.00
N GLN M 32 43.76 -47.65 -14.07
CA GLN M 32 43.55 -46.23 -14.39
C GLN M 32 42.65 -45.58 -13.33
N SER M 33 41.67 -46.35 -12.79
CA SER M 33 40.76 -45.83 -11.78
C SER M 33 41.50 -45.25 -10.58
N VAL M 34 42.68 -45.82 -10.25
CA VAL M 34 43.45 -45.35 -9.09
C VAL M 34 44.88 -44.96 -9.48
N LYS M 35 45.05 -44.38 -10.67
CA LYS M 35 46.38 -44.23 -11.25
C LYS M 35 47.34 -43.48 -10.33
N SER M 36 46.90 -42.36 -9.75
CA SER M 36 47.81 -41.57 -8.93
C SER M 36 48.30 -42.33 -7.70
N ASN M 37 47.42 -43.11 -7.07
CA ASN M 37 47.83 -43.92 -5.93
C ASN M 37 48.90 -44.94 -6.32
N ILE M 38 48.69 -45.64 -7.45
CA ILE M 38 49.66 -46.65 -7.88
C ILE M 38 50.98 -46.00 -8.24
N VAL M 39 50.94 -44.89 -8.97
CA VAL M 39 52.16 -44.21 -9.40
C VAL M 39 52.92 -43.69 -8.20
N GLY M 40 52.22 -43.28 -7.15
CA GLY M 40 52.89 -42.81 -5.95
C GLY M 40 53.64 -43.88 -5.17
N MET M 41 53.52 -45.14 -5.57
CA MET M 41 54.17 -46.26 -4.90
C MET M 41 55.22 -46.93 -5.78
N MET M 42 55.77 -46.22 -6.75
CA MET M 42 56.70 -46.81 -7.71
C MET M 42 57.98 -46.01 -7.77
N GLY M 43 59.06 -46.69 -8.15
CA GLY M 43 60.32 -46.00 -8.39
C GLY M 43 60.28 -45.15 -9.64
N GLN M 44 61.22 -44.20 -9.72
CA GLN M 44 61.13 -43.15 -10.73
C GLN M 44 61.18 -43.69 -12.16
N TRP M 45 61.91 -44.78 -12.39
CA TRP M 45 62.01 -45.37 -13.72
C TRP M 45 61.57 -46.83 -13.70
N GLN M 46 60.59 -47.15 -12.88
CA GLN M 46 60.11 -48.51 -12.74
C GLN M 46 59.04 -48.81 -13.79
N ILE M 47 59.01 -50.07 -14.25
CA ILE M 47 58.00 -50.54 -15.18
C ILE M 47 57.43 -51.85 -14.63
N SER M 48 56.10 -51.92 -14.52
CA SER M 48 55.43 -53.08 -13.96
C SER M 48 54.29 -53.52 -14.87
N GLY M 49 53.91 -54.80 -14.75
CA GLY M 49 52.97 -55.40 -15.66
C GLY M 49 51.54 -55.43 -15.18
N LEU M 50 50.63 -55.61 -16.14
CA LEU M 50 49.20 -55.66 -15.87
C LEU M 50 48.59 -56.82 -16.63
N ALA M 51 47.26 -56.88 -16.67
CA ALA M 51 46.56 -57.97 -17.34
C ALA M 51 46.39 -57.68 -18.83
N ASN M 52 46.44 -58.75 -19.63
CA ASN M 52 46.21 -58.71 -21.07
C ASN M 52 47.27 -57.88 -21.79
N GLY M 53 48.53 -58.05 -21.40
CA GLY M 53 49.63 -57.41 -22.07
C GLY M 53 49.67 -55.89 -22.05
N TRP M 54 49.43 -55.29 -20.89
CA TRP M 54 49.59 -53.86 -20.68
C TRP M 54 50.69 -53.64 -19.66
N VAL M 55 51.06 -52.36 -19.46
CA VAL M 55 52.17 -52.01 -18.61
C VAL M 55 51.96 -50.59 -18.09
N ILE M 56 52.41 -50.34 -16.86
CA ILE M 56 52.33 -49.02 -16.24
C ILE M 56 53.73 -48.56 -15.88
N MET M 57 53.98 -47.26 -16.00
CA MET M 57 55.30 -46.68 -15.83
C MET M 57 55.33 -45.69 -14.67
N GLY M 58 56.53 -45.45 -14.15
CA GLY M 58 56.69 -44.71 -12.93
C GLY M 58 56.63 -43.20 -13.13
N PRO M 59 56.87 -42.46 -12.05
CA PRO M 59 56.72 -41.00 -12.11
C PRO M 59 57.61 -40.32 -13.13
N GLY M 60 58.78 -40.89 -13.44
CA GLY M 60 59.63 -40.29 -14.45
C GLY M 60 59.00 -40.28 -15.82
N TYR M 61 58.16 -41.27 -16.10
CA TYR M 61 57.44 -41.36 -17.36
C TYR M 61 56.06 -40.72 -17.31
N ASN M 62 55.75 -39.98 -16.24
CA ASN M 62 54.45 -39.32 -16.07
C ASN M 62 53.31 -40.31 -15.92
N GLY M 63 53.59 -41.54 -15.50
CA GLY M 63 52.56 -42.53 -15.25
C GLY M 63 51.77 -42.98 -16.47
N GLU M 64 52.46 -43.30 -17.56
CA GLU M 64 51.80 -43.71 -18.79
C GLU M 64 51.45 -45.18 -18.76
N ILE M 65 50.28 -45.52 -19.30
CA ILE M 65 49.81 -46.89 -19.43
C ILE M 65 49.79 -47.25 -20.92
N LYS M 66 50.62 -48.20 -21.31
CA LYS M 66 50.79 -48.57 -22.71
C LYS M 66 51.02 -50.06 -22.82
N PRO M 67 50.79 -50.66 -24.00
CA PRO M 67 51.03 -52.09 -24.17
C PRO M 67 52.51 -52.45 -24.06
N GLY M 68 52.77 -53.64 -23.53
CA GLY M 68 54.13 -54.09 -23.30
C GLY M 68 54.13 -55.34 -22.44
N THR M 69 55.33 -55.75 -22.02
CA THR M 69 55.48 -56.90 -21.14
C THR M 69 56.54 -56.61 -20.09
N ALA M 70 56.37 -57.21 -18.91
CA ALA M 70 57.29 -57.02 -17.79
C ALA M 70 57.22 -58.23 -16.87
N SER M 71 58.27 -58.38 -16.07
CA SER M 71 58.34 -59.49 -15.12
C SER M 71 57.48 -59.26 -13.88
N ASN M 72 57.38 -58.02 -13.41
CA ASN M 72 56.55 -57.70 -12.26
C ASN M 72 55.07 -57.77 -12.63
N THR M 73 54.22 -57.90 -11.62
CA THR M 73 52.78 -57.88 -11.82
C THR M 73 52.09 -57.34 -10.58
N TRP M 74 51.33 -56.26 -10.72
CA TRP M 74 50.46 -55.78 -9.65
C TRP M 74 49.24 -56.69 -9.53
N CYS M 75 48.92 -57.11 -8.31
CA CYS M 75 47.89 -58.11 -8.10
C CYS M 75 46.98 -57.72 -6.94
N TYR M 76 45.76 -58.26 -6.98
CA TYR M 76 44.67 -57.96 -6.05
C TYR M 76 44.03 -59.26 -5.57
N PRO M 77 43.61 -59.34 -4.31
CA PRO M 77 43.07 -60.61 -3.78
C PRO M 77 41.82 -61.08 -4.51
N THR M 78 41.70 -62.40 -4.66
CA THR M 78 40.55 -62.98 -5.36
C THR M 78 39.25 -62.75 -4.59
N ASN M 79 39.30 -62.89 -3.27
CA ASN M 79 38.16 -62.60 -2.40
C ASN M 79 38.60 -61.55 -1.39
N PRO M 80 38.50 -60.26 -1.73
CA PRO M 80 39.00 -59.22 -0.83
C PRO M 80 38.14 -59.07 0.41
N VAL M 81 38.77 -58.60 1.49
CA VAL M 81 38.08 -58.38 2.75
C VAL M 81 37.55 -56.95 2.78
N THR M 82 36.56 -56.71 3.64
CA THR M 82 35.99 -55.39 3.82
C THR M 82 36.77 -54.65 4.90
N GLY M 83 37.29 -53.47 4.56
CA GLY M 83 38.04 -52.68 5.52
C GLY M 83 37.17 -51.69 6.27
N GLU M 84 35.96 -52.12 6.62
CA GLU M 84 35.00 -51.24 7.26
C GLU M 84 35.38 -50.98 8.72
N ILE M 85 34.97 -49.82 9.21
CA ILE M 85 35.18 -49.45 10.62
C ILE M 85 34.23 -50.25 11.50
N PRO M 86 34.74 -50.97 12.50
CA PRO M 86 33.86 -51.81 13.33
C PRO M 86 32.95 -50.97 14.22
N THR M 87 31.95 -51.64 14.77
CA THR M 87 31.00 -51.03 15.70
C THR M 87 31.15 -51.69 17.07
N LEU M 88 31.29 -50.88 18.11
CA LEU M 88 31.45 -51.37 19.46
C LEU M 88 30.15 -51.24 20.23
N SER M 89 30.11 -51.87 21.40
CA SER M 89 28.94 -51.75 22.27
C SER M 89 28.92 -50.39 22.94
N ALA M 90 27.74 -50.00 23.43
CA ALA M 90 27.53 -48.65 23.91
C ALA M 90 28.18 -48.44 25.28
N LEU M 91 28.52 -47.18 25.55
CA LEU M 91 29.09 -46.75 26.81
C LEU M 91 28.00 -46.09 27.65
N ASP M 92 27.79 -46.59 28.86
CA ASP M 92 26.72 -46.12 29.73
C ASP M 92 27.26 -45.13 30.75
N ILE M 93 26.57 -44.01 30.89
CA ILE M 93 26.97 -42.93 31.81
C ILE M 93 25.90 -42.80 32.88
N PRO M 94 26.28 -42.61 34.15
CA PRO M 94 25.27 -42.49 35.21
C PRO M 94 24.37 -41.27 35.02
N ASP M 95 23.17 -41.37 35.59
CA ASP M 95 22.11 -40.39 35.34
C ASP M 95 22.43 -39.03 35.95
N GLY M 96 21.75 -38.02 35.43
CA GLY M 96 21.90 -36.66 35.90
C GLY M 96 21.26 -35.70 34.92
N ASP M 97 21.56 -34.42 35.08
CA ASP M 97 21.10 -33.46 34.08
C ASP M 97 22.17 -33.34 33.00
N GLU M 98 21.93 -32.45 32.02
CA GLU M 98 22.76 -32.43 30.81
C GLU M 98 24.22 -32.12 31.14
N VAL M 99 24.46 -31.08 31.97
CA VAL M 99 25.82 -30.68 32.28
C VAL M 99 26.53 -31.75 33.08
N ASP M 100 25.82 -32.46 33.96
CA ASP M 100 26.41 -33.54 34.72
C ASP M 100 26.92 -34.66 33.81
N VAL M 101 26.12 -35.01 32.79
CA VAL M 101 26.52 -36.07 31.85
C VAL M 101 27.69 -35.61 31.00
N GLN M 102 27.68 -34.35 30.56
CA GLN M 102 28.80 -33.82 29.79
C GLN M 102 30.09 -33.81 30.62
N TRP M 103 30.00 -33.52 31.92
CA TRP M 103 31.18 -33.53 32.76
C TRP M 103 31.79 -34.92 32.82
N ARG M 104 30.94 -35.95 32.99
CA ARG M 104 31.46 -37.31 33.08
C ARG M 104 32.02 -37.82 31.76
N LEU M 105 31.49 -37.35 30.63
CA LEU M 105 32.02 -37.79 29.34
C LEU M 105 33.42 -37.27 29.08
N VAL M 106 33.65 -35.96 29.28
CA VAL M 106 34.92 -35.37 28.84
C VAL M 106 36.07 -35.54 29.82
N HIS M 107 35.80 -36.01 31.03
CA HIS M 107 36.86 -36.30 31.98
C HIS M 107 37.27 -37.78 31.94
N ASP M 108 36.72 -38.57 31.08
CA ASP M 108 37.10 -39.97 30.98
C ASP M 108 38.37 -40.09 30.15
N SER M 109 39.43 -40.66 30.74
CA SER M 109 40.73 -40.67 30.09
C SER M 109 40.85 -41.80 29.06
N ALA M 110 40.46 -43.02 29.45
CA ALA M 110 40.63 -44.16 28.56
C ALA M 110 39.58 -44.22 27.46
N ASN M 111 38.44 -43.55 27.60
CA ASN M 111 37.38 -43.68 26.64
C ASN M 111 37.15 -42.43 25.78
N PHE M 112 37.58 -41.25 26.24
CA PHE M 112 37.43 -40.06 25.43
C PHE M 112 38.75 -39.37 25.11
N ILE M 113 39.59 -39.10 26.11
CA ILE M 113 40.72 -38.20 25.91
C ILE M 113 41.80 -38.83 25.04
N LYS M 114 42.15 -40.09 25.32
CA LYS M 114 43.19 -40.75 24.52
C LYS M 114 42.78 -40.97 23.06
N PRO M 115 41.62 -41.54 22.74
CA PRO M 115 41.30 -41.74 21.32
C PRO M 115 41.24 -40.46 20.50
N THR M 116 40.70 -39.39 21.07
CA THR M 116 40.61 -38.12 20.34
C THR M 116 42.00 -37.50 20.13
N SER M 117 42.86 -37.60 21.14
CA SER M 117 44.23 -37.11 20.97
C SER M 117 44.97 -37.90 19.91
N TYR M 118 44.79 -39.22 19.89
CA TYR M 118 45.45 -40.02 18.86
C TYR M 118 44.90 -39.71 17.48
N LEU M 119 43.60 -39.43 17.37
CA LEU M 119 43.04 -39.03 16.08
C LEU M 119 43.68 -37.74 15.59
N ALA M 120 43.82 -36.75 16.48
CA ALA M 120 44.45 -35.50 16.08
C ALA M 120 45.92 -35.71 15.71
N HIS M 121 46.61 -36.61 16.42
CA HIS M 121 48.02 -36.86 16.12
C HIS M 121 48.20 -37.57 14.78
N TYR M 122 47.31 -38.51 14.46
CA TYR M 122 47.46 -39.25 13.20
C TYR M 122 47.21 -38.37 11.99
N LEU M 123 46.37 -37.35 12.11
CA LEU M 123 46.08 -36.48 10.97
C LEU M 123 47.16 -35.44 10.72
N GLY M 124 48.08 -35.24 11.65
CA GLY M 124 49.19 -34.34 11.44
C GLY M 124 49.23 -33.08 12.28
N TYR M 125 48.36 -32.95 13.28
CA TYR M 125 48.45 -31.81 14.19
C TYR M 125 49.66 -31.94 15.09
N ALA M 126 50.19 -30.79 15.52
CA ALA M 126 51.42 -30.73 16.27
C ALA M 126 51.17 -30.59 17.77
N TRP M 127 52.08 -31.16 18.56
CA TRP M 127 52.15 -30.98 20.01
C TRP M 127 50.83 -31.29 20.71
N VAL M 128 50.44 -32.55 20.63
CA VAL M 128 49.22 -33.04 21.30
C VAL M 128 49.65 -33.71 22.61
N GLY M 129 49.75 -32.94 23.67
CA GLY M 129 50.20 -33.46 24.94
C GLY M 129 50.83 -32.37 25.78
N GLY M 130 50.98 -32.65 27.08
CA GLY M 130 51.51 -31.68 28.02
C GLY M 130 53.01 -31.77 28.19
N ASN M 131 53.54 -30.80 28.95
CA ASN M 131 54.98 -30.67 29.14
C ASN M 131 55.56 -31.69 30.10
N HIS M 132 54.74 -32.34 30.93
CA HIS M 132 55.23 -33.25 31.96
C HIS M 132 55.23 -34.70 31.52
N SER M 133 55.05 -34.96 30.23
CA SER M 133 55.05 -36.32 29.70
C SER M 133 55.62 -36.29 28.29
N GLN M 134 55.99 -37.46 27.78
CA GLN M 134 56.51 -37.60 26.43
C GLN M 134 55.56 -38.34 25.49
N TYR M 135 54.43 -38.82 25.97
CA TYR M 135 53.52 -39.61 25.18
C TYR M 135 52.31 -38.79 24.74
N VAL M 136 51.68 -39.26 23.66
CA VAL M 136 50.53 -38.57 23.09
C VAL M 136 49.33 -38.71 24.01
N GLY M 137 48.68 -37.59 24.30
CA GLY M 137 47.42 -37.61 25.03
C GLY M 137 47.53 -37.65 26.53
N GLU M 138 48.71 -37.44 27.09
CA GLU M 138 48.88 -37.43 28.54
C GLU M 138 49.18 -36.01 29.02
N ASP M 139 48.84 -35.76 30.29
CA ASP M 139 49.02 -34.45 30.91
C ASP M 139 48.20 -33.38 30.20
N MET M 140 46.90 -33.65 30.06
CA MET M 140 45.98 -32.76 29.38
C MET M 140 45.11 -32.04 30.41
N ASP M 141 44.66 -30.84 30.06
CA ASP M 141 43.84 -30.00 30.92
C ASP M 141 42.46 -29.83 30.33
N VAL M 142 41.42 -29.94 31.16
CA VAL M 142 40.04 -29.82 30.74
C VAL M 142 39.44 -28.58 31.39
N THR M 143 38.83 -27.71 30.58
CA THR M 143 38.27 -26.46 31.07
C THR M 143 36.88 -26.24 30.47
N ARG M 144 36.02 -25.60 31.26
CA ARG M 144 34.66 -25.27 30.86
C ARG M 144 34.60 -23.82 30.41
N ASP M 145 34.06 -23.58 29.21
CA ASP M 145 33.98 -22.23 28.66
C ASP M 145 32.70 -22.08 27.85
N GLY M 146 31.75 -21.34 28.39
CA GLY M 146 30.50 -21.10 27.70
C GLY M 146 29.61 -22.31 27.61
N ASP M 147 29.28 -22.73 26.39
CA ASP M 147 28.44 -23.90 26.15
C ASP M 147 29.24 -25.14 25.78
N GLY M 148 30.56 -25.10 25.91
CA GLY M 148 31.39 -26.22 25.51
C GLY M 148 32.52 -26.48 26.47
N TRP M 149 33.44 -27.35 26.05
CA TRP M 149 34.59 -27.74 26.83
C TRP M 149 35.82 -27.74 25.92
N VAL M 150 36.99 -27.49 26.52
CA VAL M 150 38.25 -27.43 25.79
C VAL M 150 39.25 -28.37 26.45
N ILE M 151 39.92 -29.19 25.65
CA ILE M 151 40.97 -30.09 26.11
C ILE M 151 42.28 -29.69 25.43
N ARG M 152 43.29 -29.36 26.24
CA ARG M 152 44.58 -28.93 25.73
C ARG M 152 45.70 -29.42 26.66
N GLY M 153 46.88 -29.62 26.08
CA GLY M 153 48.04 -30.01 26.87
C GLY M 153 48.49 -28.90 27.81
N ASN M 154 48.96 -29.30 28.99
CA ASN M 154 49.38 -28.33 30.00
C ASN M 154 50.69 -27.68 29.60
N ASN M 155 50.76 -26.36 29.78
CA ASN M 155 51.90 -25.55 29.36
C ASN M 155 52.44 -24.84 30.59
N ASP M 156 53.26 -25.54 31.36
CA ASP M 156 53.80 -25.03 32.63
C ASP M 156 55.24 -25.49 32.73
N GLY M 157 56.17 -24.55 32.65
CA GLY M 157 57.58 -24.89 32.68
C GLY M 157 58.22 -24.60 31.35
N GLY M 158 59.15 -25.44 30.91
CA GLY M 158 59.78 -25.29 29.63
C GLY M 158 59.63 -26.55 28.80
N CYS M 159 59.94 -26.41 27.51
CA CYS M 159 59.84 -27.53 26.58
C CYS M 159 60.95 -27.40 25.55
N ASP M 160 61.25 -28.51 24.89
CA ASP M 160 62.24 -28.56 23.83
C ASP M 160 61.55 -28.90 22.51
N GLY M 161 61.75 -28.09 21.50
CA GLY M 161 61.11 -28.27 20.20
C GLY M 161 60.96 -26.91 19.53
N TYR M 162 60.77 -26.94 18.21
CA TYR M 162 60.81 -25.69 17.44
C TYR M 162 59.72 -24.72 17.90
N ARG M 163 58.47 -25.18 17.91
CA ARG M 163 57.37 -24.29 18.27
C ARG M 163 56.54 -24.89 19.39
N CYS M 164 57.18 -25.61 20.29
CA CYS M 164 56.47 -26.12 21.46
C CYS M 164 56.01 -24.93 22.29
N GLY M 165 54.75 -24.95 22.70
CA GLY M 165 54.09 -23.78 23.24
C GLY M 165 52.85 -23.42 22.45
N ASP M 166 52.84 -23.77 21.17
CA ASP M 166 51.64 -23.73 20.34
C ASP M 166 51.04 -25.13 20.34
N LYS M 167 50.19 -25.40 21.34
CA LYS M 167 49.65 -26.73 21.55
C LYS M 167 48.25 -26.85 20.97
N THR M 168 47.94 -28.04 20.44
CA THR M 168 46.66 -28.29 19.79
C THR M 168 45.53 -28.35 20.79
N ALA M 169 44.37 -27.80 20.43
CA ALA M 169 43.20 -27.78 21.29
C ALA M 169 42.07 -28.59 20.66
N ILE M 170 41.29 -29.28 21.49
CA ILE M 170 40.14 -30.08 21.03
C ILE M 170 38.90 -29.50 21.71
N LYS M 171 37.87 -29.17 20.93
CA LYS M 171 36.67 -28.50 21.46
C LYS M 171 35.44 -29.40 21.30
N VAL M 172 34.60 -29.50 22.35
CA VAL M 172 33.38 -30.32 22.33
C VAL M 172 32.18 -29.39 22.58
N SER M 173 31.19 -29.43 21.68
CA SER M 173 30.00 -28.58 21.81
C SER M 173 28.86 -29.20 21.00
N ASN M 174 27.70 -28.54 21.03
CA ASN M 174 26.55 -28.90 20.20
C ASN M 174 26.01 -30.28 20.53
N PHE M 175 25.64 -30.49 21.79
CA PHE M 175 25.14 -31.78 22.22
C PHE M 175 23.69 -31.97 21.81
N ALA M 176 23.36 -33.19 21.36
CA ALA M 176 22.03 -33.55 20.92
C ALA M 176 21.62 -34.88 21.54
N TYR M 177 20.30 -35.10 21.63
CA TYR M 177 19.75 -36.23 22.37
C TYR M 177 18.67 -36.93 21.54
N ASN M 178 18.87 -38.22 21.27
CA ASN M 178 17.92 -39.03 20.51
C ASN M 178 17.16 -39.91 21.49
N LEU M 179 15.90 -39.57 21.75
CA LEU M 179 15.13 -40.17 22.83
C LEU M 179 14.61 -41.56 22.46
N ASP M 180 14.42 -42.38 23.49
CA ASP M 180 13.58 -43.57 23.37
C ASP M 180 12.12 -43.14 23.44
N PRO M 181 11.29 -43.57 22.48
CA PRO M 181 9.94 -43.01 22.38
C PRO M 181 9.08 -43.20 23.63
N ASP M 182 9.21 -44.32 24.33
CA ASP M 182 8.34 -44.66 25.45
C ASP M 182 8.93 -44.33 26.81
N SER M 183 9.88 -43.39 26.88
CA SER M 183 10.49 -43.06 28.15
C SER M 183 10.27 -41.63 28.61
N PHE M 184 9.66 -40.78 27.81
CA PHE M 184 9.51 -39.37 28.16
C PHE M 184 8.36 -39.18 29.14
N LYS M 185 8.60 -38.39 30.19
CA LYS M 185 7.58 -37.96 31.14
C LYS M 185 7.83 -36.52 31.51
N HIS M 186 6.76 -35.78 31.81
CA HIS M 186 6.89 -34.45 32.38
C HIS M 186 5.94 -34.30 33.55
N GLY M 187 6.24 -33.34 34.41
CA GLY M 187 5.51 -33.07 35.63
C GLY M 187 4.51 -31.94 35.48
N ASP M 188 4.29 -31.21 36.57
CA ASP M 188 3.25 -30.19 36.62
C ASP M 188 3.70 -28.91 35.91
N VAL M 189 2.76 -28.30 35.20
CA VAL M 189 3.00 -27.04 34.50
C VAL M 189 2.51 -25.90 35.39
N THR M 190 3.39 -24.93 35.63
CA THR M 190 3.08 -23.79 36.49
C THR M 190 3.23 -22.49 35.71
N GLN M 191 2.43 -21.50 36.09
CA GLN M 191 2.38 -20.22 35.41
C GLN M 191 2.71 -19.08 36.37
N SER M 192 3.31 -18.02 35.84
CA SER M 192 3.58 -16.82 36.63
C SER M 192 3.56 -15.61 35.72
N ASP M 193 3.34 -14.44 36.32
CA ASP M 193 3.34 -13.15 35.63
C ASP M 193 2.25 -13.09 34.55
N ARG M 194 1.00 -13.27 34.98
CA ARG M 194 -0.12 -13.42 34.07
C ARG M 194 -0.74 -12.06 33.76
N GLN M 195 -0.92 -11.77 32.47
CA GLN M 195 -1.53 -10.52 32.01
C GLN M 195 -2.66 -10.85 31.04
N LEU M 196 -3.84 -10.29 31.30
CA LEU M 196 -5.02 -10.59 30.50
C LEU M 196 -4.92 -9.99 29.10
N VAL M 197 -5.44 -10.72 28.11
CA VAL M 197 -5.56 -10.20 26.76
C VAL M 197 -7.01 -9.85 26.44
N LYS M 198 -7.91 -10.83 26.51
CA LYS M 198 -9.31 -10.61 26.16
C LYS M 198 -10.16 -11.75 26.68
N THR M 199 -11.47 -11.50 26.81
CA THR M 199 -12.42 -12.52 27.28
C THR M 199 -13.77 -12.28 26.63
N VAL M 200 -14.61 -13.33 26.61
CA VAL M 200 -15.96 -13.27 26.06
C VAL M 200 -16.86 -14.22 26.84
N VAL M 201 -18.11 -13.81 27.07
CA VAL M 201 -19.14 -14.64 27.69
C VAL M 201 -20.37 -14.64 26.79
N GLY M 202 -21.18 -15.69 26.90
CA GLY M 202 -22.35 -15.80 26.04
C GLY M 202 -23.32 -16.86 26.49
N TRP M 203 -24.43 -16.96 25.75
CA TRP M 203 -25.49 -17.94 26.00
C TRP M 203 -25.83 -18.64 24.69
N ALA M 204 -26.26 -19.89 24.79
CA ALA M 204 -26.75 -20.66 23.64
C ALA M 204 -28.14 -21.20 23.97
N VAL M 205 -29.15 -20.74 23.24
CA VAL M 205 -30.56 -20.96 23.58
C VAL M 205 -31.17 -21.92 22.58
N ASN M 206 -31.86 -22.94 23.07
CA ASN M 206 -32.53 -23.94 22.24
C ASN M 206 -34.00 -23.98 22.62
N ASP M 207 -34.85 -23.57 21.69
CA ASP M 207 -36.29 -23.49 21.94
C ASP M 207 -37.09 -24.47 21.09
N SER M 208 -36.42 -25.37 20.39
CA SER M 208 -37.09 -26.36 19.55
C SER M 208 -37.33 -27.64 20.34
N ASP M 209 -37.74 -28.70 19.66
CA ASP M 209 -38.15 -29.95 20.30
C ASP M 209 -37.11 -31.06 20.17
N THR M 210 -35.93 -30.78 19.64
CA THR M 210 -34.86 -31.75 19.51
C THR M 210 -33.57 -31.14 20.03
N PRO M 211 -32.60 -31.97 20.39
CA PRO M 211 -31.26 -31.44 20.69
C PRO M 211 -30.67 -30.75 19.47
N GLN M 212 -29.91 -29.68 19.72
CA GLN M 212 -29.29 -28.90 18.67
C GLN M 212 -27.80 -28.76 18.95
N SER M 213 -26.99 -28.90 17.90
CA SER M 213 -25.54 -28.80 18.02
C SER M 213 -24.92 -27.65 17.25
N GLY M 214 -25.71 -26.88 16.52
CA GLY M 214 -25.16 -25.84 15.66
C GLY M 214 -24.94 -24.50 16.32
N TYR M 215 -23.90 -24.38 17.15
CA TYR M 215 -23.50 -23.12 17.76
C TYR M 215 -21.99 -22.99 17.65
N ASP M 216 -21.51 -21.75 17.65
CA ASP M 216 -20.07 -21.50 17.62
C ASP M 216 -19.75 -20.10 18.11
N VAL M 217 -18.74 -19.98 18.97
CA VAL M 217 -18.15 -18.71 19.38
C VAL M 217 -16.64 -18.83 19.24
N THR M 218 -16.00 -17.85 18.58
CA THR M 218 -14.58 -17.90 18.29
C THR M 218 -13.90 -16.58 18.65
N LEU M 219 -12.73 -16.66 19.28
CA LEU M 219 -11.92 -15.50 19.63
C LEU M 219 -10.51 -15.70 19.07
N ARG M 220 -10.03 -14.73 18.28
CA ARG M 220 -8.73 -14.84 17.63
C ARG M 220 -7.88 -13.60 17.91
N TYR M 221 -6.55 -13.80 17.97
CA TYR M 221 -5.60 -12.75 18.30
C TYR M 221 -4.33 -12.90 17.47
N ASP M 222 -3.88 -11.81 16.83
CA ASP M 222 -2.74 -11.83 15.91
C ASP M 222 -1.75 -10.72 16.21
N THR M 223 -0.48 -10.95 15.89
CA THR M 223 0.57 -9.93 15.90
C THR M 223 1.50 -10.14 14.71
N ALA M 224 2.12 -9.05 14.24
CA ALA M 224 2.95 -9.12 13.05
C ALA M 224 4.04 -8.05 13.07
N THR M 225 5.09 -8.26 12.27
CA THR M 225 6.16 -7.30 12.05
C THR M 225 6.55 -7.31 10.58
N ASN M 226 7.23 -6.25 10.12
CA ASN M 226 7.63 -6.15 8.72
C ASN M 226 8.81 -5.20 8.58
N TRP M 227 9.44 -5.23 7.40
CA TRP M 227 10.61 -4.41 7.10
C TRP M 227 10.75 -4.25 5.58
N SER M 228 11.54 -3.26 5.15
CA SER M 228 11.70 -2.97 3.73
C SER M 228 12.95 -2.12 3.50
N LYS M 229 13.48 -2.17 2.26
CA LYS M 229 14.63 -1.38 1.83
C LYS M 229 14.50 -1.02 0.36
N THR M 230 14.96 0.19 -0.01
CA THR M 230 14.79 0.68 -1.37
C THR M 230 16.04 1.46 -1.84
N ASN M 231 16.32 1.38 -3.14
CA ASN M 231 17.37 2.16 -3.80
C ASN M 231 16.80 2.84 -5.04
N THR M 232 17.22 4.07 -5.30
CA THR M 232 16.73 4.84 -6.44
C THR M 232 17.88 5.59 -7.12
N TYR M 233 17.77 5.73 -8.45
CA TYR M 233 18.72 6.51 -9.26
C TYR M 233 17.93 7.35 -10.25
N GLY M 234 18.46 8.53 -10.59
CA GLY M 234 17.77 9.41 -11.52
C GLY M 234 18.70 10.27 -12.35
N LEU M 235 18.17 10.75 -13.49
CA LEU M 235 18.86 11.65 -14.39
C LEU M 235 17.90 12.73 -14.86
N SER M 236 18.44 13.88 -15.25
CA SER M 236 17.61 15.01 -15.66
C SER M 236 18.37 15.90 -16.64
N GLU M 237 17.62 16.56 -17.52
CA GLU M 237 18.17 17.51 -18.48
C GLU M 237 17.20 18.68 -18.63
N LYS M 238 17.76 19.90 -18.71
CA LYS M 238 16.94 21.10 -18.88
C LYS M 238 17.60 22.05 -19.88
N VAL M 239 16.77 22.70 -20.69
CA VAL M 239 17.23 23.66 -21.70
C VAL M 239 16.37 24.91 -21.61
N THR M 240 17.00 26.07 -21.52
CA THR M 240 16.29 27.34 -21.37
C THR M 240 16.67 28.30 -22.50
N THR M 241 15.71 29.14 -22.89
CA THR M 241 15.90 30.06 -24.00
C THR M 241 15.12 31.33 -23.75
N LYS M 242 15.68 32.50 -24.11
CA LYS M 242 14.97 33.78 -23.98
C LYS M 242 14.45 34.18 -25.36
N ASN M 243 13.17 34.61 -25.45
CA ASN M 243 12.57 34.92 -26.76
C ASN M 243 11.80 36.24 -26.70
N LYS M 244 11.90 37.07 -27.76
CA LYS M 244 11.25 38.38 -27.80
C LYS M 244 10.28 38.42 -28.97
N PHE M 245 9.18 39.18 -28.84
CA PHE M 245 8.15 39.23 -29.89
C PHE M 245 7.64 40.66 -30.07
N LYS M 246 8.07 41.34 -31.14
CA LYS M 246 7.60 42.71 -31.43
C LYS M 246 6.29 42.65 -32.19
N TRP M 247 5.22 42.16 -31.53
CA TRP M 247 3.91 42.01 -32.20
C TRP M 247 3.30 43.39 -32.45
N PRO M 248 2.47 43.56 -33.51
CA PRO M 248 1.78 44.85 -33.75
C PRO M 248 0.91 45.21 -32.57
N LEU M 249 0.85 46.51 -32.21
CA LEU M 249 0.03 47.00 -31.10
C LEU M 249 0.55 46.51 -29.75
N VAL M 250 1.71 45.86 -29.71
CA VAL M 250 2.33 45.45 -28.44
C VAL M 250 3.73 46.02 -28.35
N GLY M 251 4.35 46.32 -29.50
CA GLY M 251 5.68 46.89 -29.53
C GLY M 251 6.76 45.86 -29.29
N GLU M 252 6.71 45.16 -28.14
CA GLU M 252 7.72 44.16 -27.79
C GLU M 252 7.28 43.37 -26.57
N THR M 253 7.42 42.02 -26.60
CA THR M 253 7.06 41.18 -25.45
C THR M 253 8.19 40.20 -25.19
N ALA M 254 8.69 40.14 -23.94
CA ALA M 254 9.82 39.27 -23.60
C ALA M 254 9.35 38.11 -22.73
N LEU M 255 9.89 36.90 -22.98
CA LEU M 255 9.52 35.71 -22.21
C LEU M 255 10.59 34.65 -22.40
N SER M 256 10.71 33.77 -21.41
CA SER M 256 11.68 32.68 -21.43
C SER M 256 10.95 31.34 -21.45
N ILE M 257 11.54 30.36 -22.14
CA ILE M 257 10.95 29.05 -22.31
C ILE M 257 11.94 28.00 -21.79
N ALA M 258 11.44 27.03 -21.03
CA ALA M 258 12.26 25.96 -20.48
C ALA M 258 11.58 24.63 -20.72
N ILE M 259 12.38 23.62 -21.08
CA ILE M 259 11.90 22.26 -21.31
C ILE M 259 12.81 21.30 -20.57
N ALA M 260 12.22 20.30 -19.93
CA ALA M 260 12.97 19.36 -19.11
C ALA M 260 12.51 17.93 -19.36
N ALA M 261 13.39 16.99 -19.07
CA ALA M 261 13.10 15.56 -19.16
C ALA M 261 13.85 14.83 -18.06
N ASN M 262 13.23 13.79 -17.50
CA ASN M 262 13.85 13.01 -16.44
C ASN M 262 13.51 11.54 -16.58
N GLN M 263 14.26 10.71 -15.84
CA GLN M 263 14.14 9.27 -15.90
C GLN M 263 14.63 8.69 -14.58
N SER M 264 13.99 7.62 -14.12
CA SER M 264 14.27 7.09 -12.78
C SER M 264 14.11 5.57 -12.74
N TRP M 265 14.82 4.95 -11.81
CA TRP M 265 14.79 3.50 -11.59
C TRP M 265 14.78 3.23 -10.09
N ALA M 266 13.98 2.25 -9.65
CA ALA M 266 13.87 1.93 -8.24
C ALA M 266 13.82 0.42 -8.03
N SER M 267 14.25 -0.03 -6.85
CA SER M 267 14.34 -1.44 -6.51
C SER M 267 14.06 -1.63 -5.02
N GLN M 268 13.27 -2.65 -4.67
CA GLN M 268 12.79 -2.83 -3.30
C GLN M 268 12.83 -4.30 -2.89
N ASN M 269 13.05 -4.55 -1.59
CA ASN M 269 13.02 -5.88 -0.98
C ASN M 269 12.44 -5.78 0.42
N GLY M 270 11.78 -6.84 0.88
CA GLY M 270 11.20 -6.84 2.22
C GLY M 270 10.69 -8.19 2.66
N GLY M 271 10.04 -8.21 3.83
CA GLY M 271 9.50 -9.44 4.40
C GLY M 271 8.66 -9.16 5.62
N SER M 272 8.13 -10.23 6.22
CA SER M 272 7.25 -10.09 7.38
C SER M 272 7.14 -11.42 8.13
N THR M 273 6.50 -11.38 9.30
CA THR M 273 6.27 -12.54 10.16
C THR M 273 4.97 -12.34 10.95
N THR M 274 4.21 -13.42 11.14
CA THR M 274 2.91 -13.35 11.83
C THR M 274 2.73 -14.55 12.76
N THR M 275 2.07 -14.32 13.90
CA THR M 275 1.71 -15.35 14.86
C THR M 275 0.25 -15.18 15.28
N SER M 276 -0.48 -16.31 15.38
CA SER M 276 -1.91 -16.28 15.60
C SER M 276 -2.34 -17.34 16.61
N LEU M 277 -3.31 -17.00 17.46
CA LEU M 277 -3.85 -17.91 18.46
C LEU M 277 -5.37 -17.83 18.45
N SER M 278 -6.04 -18.98 18.33
CA SER M 278 -7.48 -19.05 18.13
C SER M 278 -8.10 -20.07 19.08
N GLN M 279 -9.31 -19.79 19.56
CA GLN M 279 -10.04 -20.68 20.46
C GLN M 279 -11.54 -20.66 20.13
N SER M 280 -12.19 -21.83 20.24
CA SER M 280 -13.60 -21.97 19.89
C SER M 280 -14.32 -22.86 20.88
N VAL M 281 -15.64 -22.69 20.97
CA VAL M 281 -16.51 -23.54 21.77
C VAL M 281 -17.80 -23.79 20.99
N ARG M 282 -18.29 -25.04 21.02
CA ARG M 282 -19.44 -25.47 20.22
C ARG M 282 -20.33 -26.43 21.00
N PRO M 283 -21.21 -25.91 21.85
CA PRO M 283 -21.97 -26.78 22.77
C PRO M 283 -23.12 -27.53 22.10
N THR M 284 -23.53 -28.61 22.76
CA THR M 284 -24.73 -29.35 22.43
C THR M 284 -25.76 -29.13 23.54
N VAL M 285 -26.92 -28.58 23.17
CA VAL M 285 -27.90 -28.08 24.14
C VAL M 285 -29.14 -28.97 24.07
N PRO M 286 -29.69 -29.41 25.19
CA PRO M 286 -30.91 -30.21 25.17
C PRO M 286 -32.12 -29.38 24.77
N ALA M 287 -33.20 -30.09 24.42
CA ALA M 287 -34.43 -29.42 24.00
C ALA M 287 -35.02 -28.59 25.12
N ARG M 288 -35.43 -27.35 24.78
CA ARG M 288 -36.09 -26.43 25.71
C ARG M 288 -35.20 -26.06 26.90
N SER M 289 -33.97 -25.64 26.61
CA SER M 289 -33.04 -25.24 27.65
C SER M 289 -31.98 -24.32 27.04
N LYS M 290 -31.06 -23.87 27.89
CA LYS M 290 -29.97 -23.00 27.44
C LYS M 290 -28.72 -23.24 28.29
N ILE M 291 -27.57 -22.89 27.71
CA ILE M 291 -26.26 -23.17 28.31
C ILE M 291 -25.36 -21.93 28.22
N PRO M 292 -24.62 -21.59 29.28
CA PRO M 292 -23.64 -20.50 29.19
C PRO M 292 -22.22 -20.97 28.88
N VAL M 293 -21.44 -20.09 28.24
CA VAL M 293 -20.08 -20.38 27.81
C VAL M 293 -19.15 -19.23 28.17
N LYS M 294 -17.84 -19.51 28.15
CA LYS M 294 -16.83 -18.50 28.46
C LYS M 294 -15.47 -18.90 27.88
N ILE M 295 -14.73 -17.92 27.36
CA ILE M 295 -13.39 -18.12 26.78
C ILE M 295 -12.48 -16.99 27.26
N GLU M 296 -11.24 -17.34 27.65
CA GLU M 296 -10.25 -16.36 28.10
C GLU M 296 -8.89 -16.64 27.48
N LEU M 297 -8.09 -15.57 27.34
CA LEU M 297 -6.72 -15.68 26.84
C LEU M 297 -5.79 -14.81 27.68
N TYR M 298 -4.64 -15.37 28.06
CA TYR M 298 -3.66 -14.70 28.90
C TYR M 298 -2.26 -14.83 28.29
N LYS M 299 -1.33 -14.06 28.83
CA LYS M 299 0.09 -14.22 28.58
C LYS M 299 0.79 -14.53 29.90
N ALA M 300 1.71 -15.49 29.89
CA ALA M 300 2.32 -15.95 31.13
C ALA M 300 3.67 -16.62 30.84
N ASP M 301 4.45 -16.80 31.92
CA ASP M 301 5.67 -17.61 31.90
C ASP M 301 5.35 -19.04 32.32
N ILE M 302 6.01 -20.01 31.68
CA ILE M 302 5.68 -21.42 31.82
C ILE M 302 6.92 -22.20 32.25
N SER M 303 6.74 -23.14 33.19
CA SER M 303 7.83 -24.01 33.65
C SER M 303 7.30 -25.41 33.92
N TYR M 304 8.13 -26.43 33.67
CA TYR M 304 7.83 -27.80 34.10
C TYR M 304 9.10 -28.64 34.04
N PRO M 305 9.19 -29.70 34.85
CA PRO M 305 10.32 -30.64 34.75
C PRO M 305 10.02 -31.83 33.84
N TYR M 306 11.08 -32.57 33.50
CA TYR M 306 10.96 -33.70 32.59
C TYR M 306 12.09 -34.70 32.83
N GLU M 307 11.98 -35.86 32.18
CA GLU M 307 13.03 -36.88 32.22
C GLU M 307 12.87 -37.83 31.04
N PHE M 308 13.97 -38.45 30.63
CA PHE M 308 13.95 -39.42 29.53
C PHE M 308 15.27 -40.18 29.48
N LYS M 309 15.39 -41.06 28.49
CA LYS M 309 16.57 -41.87 28.22
C LYS M 309 16.95 -41.69 26.75
N ALA M 310 18.24 -41.49 26.47
CA ALA M 310 18.61 -41.05 25.12
C ALA M 310 20.01 -41.49 24.72
N ASP M 311 20.30 -41.30 23.43
CA ASP M 311 21.63 -41.39 22.85
C ASP M 311 22.19 -39.99 22.69
N VAL M 312 23.50 -39.84 22.92
CA VAL M 312 24.15 -38.53 22.96
C VAL M 312 25.11 -38.40 21.77
N SER M 313 25.07 -37.24 21.12
CA SER M 313 25.97 -36.91 20.02
C SER M 313 26.40 -35.46 20.12
N TYR M 314 27.52 -35.11 19.47
CA TYR M 314 28.15 -33.82 19.67
C TYR M 314 29.04 -33.50 18.48
N ASP M 315 29.61 -32.28 18.49
CA ASP M 315 30.58 -31.82 17.51
C ASP M 315 31.98 -31.81 18.10
N LEU M 316 32.96 -32.01 17.22
CA LEU M 316 34.37 -32.08 17.62
C LEU M 316 35.17 -31.16 16.70
N THR M 317 35.93 -30.23 17.29
CA THR M 317 36.72 -29.28 16.53
C THR M 317 38.18 -29.37 16.93
N LEU M 318 39.06 -29.44 15.92
CA LEU M 318 40.50 -29.56 16.14
C LEU M 318 41.19 -28.31 15.61
N SER M 319 42.04 -27.71 16.45
CA SER M 319 42.72 -26.46 16.12
C SER M 319 44.21 -26.57 16.42
N GLY M 320 45.03 -26.18 15.46
CA GLY M 320 46.48 -26.23 15.63
C GLY M 320 47.15 -25.97 14.31
N PHE M 321 48.46 -26.21 14.26
CA PHE M 321 49.18 -26.11 13.01
C PHE M 321 49.67 -27.48 12.56
N LEU M 322 49.75 -27.67 11.25
CA LEU M 322 50.05 -28.98 10.66
C LEU M 322 51.55 -29.16 10.49
N ARG M 323 52.02 -30.37 10.77
CA ARG M 323 53.44 -30.66 10.84
C ARG M 323 54.10 -30.55 9.47
N TRP M 324 55.36 -30.09 9.48
CA TRP M 324 56.10 -29.87 8.24
C TRP M 324 56.52 -31.19 7.60
N GLY M 325 56.87 -32.18 8.42
CA GLY M 325 57.32 -33.45 7.86
C GLY M 325 56.25 -34.16 7.06
N GLY M 326 55.03 -34.21 7.58
CA GLY M 326 53.94 -34.83 6.86
C GLY M 326 52.62 -34.64 7.58
N ASN M 327 51.56 -34.46 6.82
CA ASN M 327 50.22 -34.33 7.36
C ASN M 327 49.24 -34.90 6.34
N ALA M 328 47.99 -35.07 6.77
CA ALA M 328 47.00 -35.82 6.01
C ALA M 328 46.08 -34.94 5.18
N TRP M 329 46.26 -33.62 5.17
CA TRP M 329 45.42 -32.78 4.29
C TRP M 329 45.72 -33.15 2.84
N TYR M 330 44.70 -33.12 1.96
CA TYR M 330 44.87 -33.61 0.58
C TYR M 330 45.86 -32.78 -0.23
N THR M 331 46.09 -31.50 0.12
CA THR M 331 47.07 -30.67 -0.56
C THR M 331 48.46 -30.82 0.06
N HIS M 332 48.55 -31.45 1.24
CA HIS M 332 49.81 -31.67 1.96
C HIS M 332 50.65 -30.38 2.03
N PRO M 333 50.23 -29.34 2.79
CA PRO M 333 51.02 -28.09 2.89
C PRO M 333 52.32 -28.29 3.65
N ASP M 334 53.32 -27.41 3.41
CA ASP M 334 54.63 -27.51 4.08
C ASP M 334 55.05 -26.16 4.64
N ASN M 335 54.08 -25.26 4.86
CA ASN M 335 54.38 -23.93 5.41
C ASN M 335 53.89 -23.85 6.86
N ARG M 336 53.75 -25.00 7.55
CA ARG M 336 53.25 -25.06 8.91
C ARG M 336 52.06 -24.10 9.13
N PRO M 337 50.92 -24.32 8.44
CA PRO M 337 49.76 -23.41 8.52
C PRO M 337 48.80 -23.73 9.67
N ASN M 338 48.08 -22.71 10.18
CA ASN M 338 47.08 -22.93 11.26
C ASN M 338 45.84 -23.58 10.65
N TRP M 339 45.17 -24.50 11.39
CA TRP M 339 44.06 -25.24 10.77
C TRP M 339 42.89 -25.47 11.73
N ASN M 340 41.65 -25.43 11.20
CA ASN M 340 40.44 -25.75 11.96
C ASN M 340 39.58 -26.70 11.15
N HIS M 341 39.02 -27.71 11.81
CA HIS M 341 38.09 -28.63 11.15
C HIS M 341 37.12 -29.21 12.16
N THR M 342 35.87 -29.41 11.74
CA THR M 342 34.81 -29.90 12.61
C THR M 342 34.26 -31.23 12.09
N PHE M 343 34.17 -32.21 12.98
CA PHE M 343 33.52 -33.49 12.70
C PHE M 343 32.23 -33.59 13.52
N VAL M 344 31.23 -34.28 12.96
CA VAL M 344 29.99 -34.54 13.66
C VAL M 344 30.00 -36.00 14.12
N ILE M 345 30.03 -36.21 15.43
CA ILE M 345 30.13 -37.56 15.99
C ILE M 345 28.71 -38.02 16.27
N GLY M 346 28.08 -38.62 15.25
CA GLY M 346 26.70 -39.04 15.34
C GLY M 346 26.13 -39.33 13.97
N PRO M 347 24.84 -39.08 13.78
CA PRO M 347 24.23 -39.30 12.47
C PRO M 347 24.77 -38.35 11.42
N TYR M 348 24.59 -38.76 10.17
CA TYR M 348 25.14 -38.04 9.02
C TYR M 348 24.47 -36.68 8.84
N LYS M 349 25.27 -35.66 8.55
CA LYS M 349 24.76 -34.36 8.17
C LYS M 349 25.28 -33.86 6.83
N ASP M 350 26.56 -34.04 6.54
CA ASP M 350 27.12 -33.71 5.23
C ASP M 350 28.49 -34.35 5.07
N LYS M 351 28.99 -34.31 3.84
CA LYS M 351 30.20 -35.05 3.49
C LYS M 351 31.44 -34.51 4.19
N ALA M 352 31.54 -33.19 4.37
CA ALA M 352 32.76 -32.60 4.90
C ALA M 352 33.02 -32.97 6.35
N SER M 353 31.97 -33.29 7.11
CA SER M 353 32.11 -33.58 8.54
C SER M 353 31.81 -35.03 8.89
N SER M 354 31.72 -35.93 7.92
CA SER M 354 31.40 -37.32 8.17
C SER M 354 32.65 -38.18 7.96
N ILE M 355 33.11 -38.82 9.03
CA ILE M 355 34.29 -39.67 8.94
C ILE M 355 33.97 -40.93 8.14
N ARG M 356 32.79 -41.52 8.36
CA ARG M 356 32.45 -42.78 7.70
C ARG M 356 32.34 -42.61 6.19
N TYR M 357 31.74 -41.51 5.74
CA TYR M 357 31.60 -41.28 4.30
C TYR M 357 32.97 -41.16 3.62
N GLN M 358 33.85 -40.34 4.19
CA GLN M 358 35.18 -40.15 3.61
C GLN M 358 35.99 -41.44 3.65
N TRP M 359 35.86 -42.22 4.74
CA TRP M 359 36.60 -43.47 4.84
C TRP M 359 36.16 -44.47 3.77
N ASP M 360 34.84 -44.53 3.48
CA ASP M 360 34.34 -45.39 2.42
C ASP M 360 34.42 -44.70 1.06
N LYS M 361 35.36 -43.77 0.85
CA LYS M 361 35.41 -43.17 -0.48
C LYS M 361 36.86 -43.02 -0.90
N ARG M 362 37.76 -43.80 -0.28
CA ARG M 362 39.18 -43.70 -0.54
C ARG M 362 39.57 -44.43 -1.83
N TYR M 363 38.59 -45.01 -2.53
CA TYR M 363 38.83 -45.69 -3.79
C TYR M 363 38.44 -44.81 -4.98
N ILE M 364 37.89 -43.63 -4.72
CA ILE M 364 37.56 -42.70 -5.79
C ILE M 364 38.40 -41.44 -5.61
N PRO M 365 39.45 -41.26 -6.43
CA PRO M 365 40.29 -40.06 -6.25
C PRO M 365 39.57 -38.74 -6.40
N GLY M 366 38.50 -38.68 -7.19
CA GLY M 366 37.77 -37.44 -7.37
C GLY M 366 36.90 -37.03 -6.20
N GLU M 367 36.71 -37.91 -5.22
CA GLU M 367 35.94 -37.59 -4.02
C GLU M 367 36.82 -37.07 -2.88
N VAL M 368 38.14 -37.24 -2.97
CA VAL M 368 39.04 -36.90 -1.87
C VAL M 368 39.26 -35.40 -1.86
N LYS M 369 38.49 -34.69 -1.05
CA LYS M 369 38.54 -33.25 -1.02
C LYS M 369 38.85 -32.67 0.35
N TRP M 370 38.86 -33.48 1.41
CA TRP M 370 39.25 -32.92 2.71
C TRP M 370 40.47 -33.61 3.31
N TRP M 371 40.37 -34.88 3.68
CA TRP M 371 41.45 -35.58 4.36
C TRP M 371 41.83 -36.81 3.54
N ASP M 372 43.11 -37.15 3.59
CA ASP M 372 43.66 -38.27 2.82
C ASP M 372 43.83 -39.46 3.77
N TRP M 373 42.87 -40.39 3.75
CA TRP M 373 42.90 -41.52 4.68
C TRP M 373 43.83 -42.63 4.19
N ASN M 374 44.07 -42.73 2.88
CA ASN M 374 45.06 -43.68 2.38
C ASN M 374 46.45 -43.37 2.94
N TRP M 375 46.77 -42.08 3.09
CA TRP M 375 48.06 -41.69 3.66
C TRP M 375 48.18 -42.14 5.11
N THR M 376 47.12 -42.00 5.90
CA THR M 376 47.16 -42.46 7.29
C THR M 376 47.32 -43.96 7.37
N ILE M 377 46.63 -44.71 6.50
CA ILE M 377 46.80 -46.16 6.48
C ILE M 377 48.24 -46.51 6.11
N GLN M 378 48.82 -45.81 5.14
CA GLN M 378 50.20 -46.09 4.74
C GLN M 378 51.18 -45.79 5.87
N GLN M 379 50.94 -44.72 6.64
CA GLN M 379 51.85 -44.35 7.70
C GLN M 379 51.72 -45.23 8.94
N ASN M 380 50.53 -45.72 9.26
CA ASN M 380 50.31 -46.38 10.55
C ASN M 380 49.83 -47.82 10.48
N GLY M 381 49.27 -48.27 9.38
CA GLY M 381 48.72 -49.61 9.34
C GLY M 381 47.19 -49.59 9.38
N LEU M 382 46.59 -50.60 8.75
CA LEU M 382 45.14 -50.60 8.59
C LEU M 382 44.42 -50.88 9.92
N SER M 383 44.87 -51.89 10.66
CA SER M 383 44.16 -52.29 11.88
C SER M 383 44.27 -51.21 12.95
N THR M 384 45.42 -50.54 13.03
CA THR M 384 45.57 -49.44 14.00
C THR M 384 44.54 -48.34 13.76
N MET M 385 44.41 -47.90 12.50
CA MET M 385 43.43 -46.87 12.19
C MET M 385 42.01 -47.35 12.41
N GLN M 386 41.73 -48.60 12.05
CA GLN M 386 40.39 -49.15 12.27
C GLN M 386 40.02 -49.12 13.75
N ASN M 387 40.94 -49.55 14.62
CA ASN M 387 40.63 -49.61 16.05
C ASN M 387 40.51 -48.22 16.65
N ASN M 388 41.38 -47.29 16.27
CA ASN M 388 41.27 -45.93 16.77
C ASN M 388 39.95 -45.29 16.35
N LEU M 389 39.57 -45.42 15.08
CA LEU M 389 38.32 -44.82 14.64
C LEU M 389 37.10 -45.50 15.23
N ALA M 390 37.19 -46.81 15.50
CA ALA M 390 36.09 -47.48 16.18
C ALA M 390 35.92 -46.96 17.60
N ARG M 391 37.02 -46.70 18.30
CA ARG M 391 36.90 -46.13 19.64
C ARG M 391 36.41 -44.68 19.62
N VAL M 392 36.72 -43.93 18.57
CA VAL M 392 36.26 -42.53 18.52
C VAL M 392 34.75 -42.46 18.31
N LEU M 393 34.19 -43.35 17.47
CA LEU M 393 32.79 -43.27 17.08
C LEU M 393 31.88 -44.16 17.94
N ARG M 394 32.27 -44.44 19.18
CA ARG M 394 31.49 -45.34 20.02
C ARG M 394 30.21 -44.67 20.51
N PRO M 395 29.07 -45.38 20.49
CA PRO M 395 27.81 -44.77 20.96
C PRO M 395 27.79 -44.54 22.47
N VAL M 396 26.99 -43.55 22.88
CA VAL M 396 26.87 -43.14 24.29
C VAL M 396 25.40 -43.09 24.67
N ARG M 397 25.06 -43.64 25.84
CA ARG M 397 23.69 -43.61 26.35
C ARG M 397 23.67 -43.09 27.78
N ALA M 398 22.58 -42.42 28.14
CA ALA M 398 22.43 -41.86 29.48
C ALA M 398 20.96 -41.59 29.77
N GLY M 399 20.67 -41.43 31.06
CA GLY M 399 19.38 -40.93 31.51
C GLY M 399 19.48 -39.48 31.91
N ILE M 400 18.45 -38.70 31.59
CA ILE M 400 18.49 -37.24 31.71
C ILE M 400 17.31 -36.78 32.55
N THR M 401 17.54 -35.77 33.39
CA THR M 401 16.49 -35.00 34.04
C THR M 401 16.76 -33.53 33.80
N GLY M 402 15.69 -32.73 33.62
CA GLY M 402 15.90 -31.34 33.31
C GLY M 402 14.69 -30.48 33.63
N ASP M 403 14.80 -29.20 33.29
CA ASP M 403 13.77 -28.20 33.54
C ASP M 403 13.54 -27.36 32.28
N PHE M 404 12.28 -27.09 31.99
CA PHE M 404 11.89 -26.24 30.87
C PHE M 404 11.40 -24.90 31.38
N SER M 405 11.67 -23.83 30.64
CA SER M 405 11.26 -22.49 31.03
C SER M 405 11.23 -21.57 29.82
N ALA M 406 10.20 -20.72 29.74
CA ALA M 406 10.09 -19.74 28.68
C ALA M 406 9.20 -18.59 29.12
N GLU M 407 9.43 -17.42 28.55
CA GLU M 407 8.78 -16.19 28.96
C GLU M 407 7.72 -15.73 27.96
N SER M 408 6.59 -15.26 28.48
CA SER M 408 5.50 -14.64 27.73
C SER M 408 5.00 -15.55 26.60
N GLN M 409 4.46 -16.70 27.00
CA GLN M 409 3.77 -17.63 26.12
C GLN M 409 2.26 -17.46 26.31
N PHE M 410 1.46 -18.35 25.75
CA PHE M 410 0.01 -18.24 25.78
C PHE M 410 -0.61 -19.22 26.77
N ALA M 411 -1.73 -18.81 27.36
CA ALA M 411 -2.51 -19.65 28.27
C ALA M 411 -4.00 -19.42 28.05
N GLY M 412 -4.78 -20.49 27.92
CA GLY M 412 -6.18 -20.37 27.57
C GLY M 412 -7.08 -21.11 28.56
N ASN M 413 -8.39 -20.90 28.37
CA ASN M 413 -9.43 -21.53 29.19
C ASN M 413 -10.75 -21.49 28.43
N ILE M 414 -11.40 -22.65 28.27
CA ILE M 414 -12.68 -22.77 27.57
C ILE M 414 -13.63 -23.57 28.45
N GLU M 415 -14.86 -23.08 28.60
CA GLU M 415 -15.82 -23.69 29.52
C GLU M 415 -17.21 -23.82 28.92
N ILE M 416 -17.86 -24.97 29.17
CA ILE M 416 -19.27 -25.19 28.87
C ILE M 416 -19.99 -25.44 30.19
N GLY M 417 -21.06 -24.68 30.44
CA GLY M 417 -21.76 -24.73 31.71
C GLY M 417 -22.92 -25.71 31.71
N ALA M 418 -23.62 -25.76 32.86
CA ALA M 418 -24.74 -26.65 33.09
C ALA M 418 -26.03 -26.08 32.48
N PRO M 419 -26.91 -26.94 31.96
CA PRO M 419 -28.12 -26.45 31.31
C PRO M 419 -29.15 -25.89 32.29
N VAL M 420 -29.97 -24.97 31.79
CA VAL M 420 -31.02 -24.32 32.55
C VAL M 420 -32.34 -24.53 31.80
N PRO M 421 -33.35 -25.17 32.40
CA PRO M 421 -34.62 -25.35 31.71
C PRO M 421 -35.35 -24.03 31.47
N LEU M 422 -36.04 -23.96 30.34
CA LEU M 422 -36.77 -22.74 29.99
C LEU M 422 -38.14 -22.70 30.65
N ALA N 1 36.74 -41.09 36.56
CA ALA N 1 36.70 -39.85 37.33
C ALA N 1 35.31 -39.57 37.88
N GLU N 2 35.25 -39.13 39.14
CA GLU N 2 34.02 -38.77 39.82
C GLU N 2 34.10 -37.32 40.29
N PRO N 3 32.96 -36.64 40.40
CA PRO N 3 32.97 -35.25 40.86
C PRO N 3 33.54 -35.12 42.27
N VAL N 4 34.27 -34.03 42.51
CA VAL N 4 34.90 -33.77 43.79
C VAL N 4 34.30 -32.51 44.38
N TYR N 5 33.69 -32.63 45.56
CA TYR N 5 33.20 -31.47 46.29
C TYR N 5 34.27 -30.97 47.23
N PRO N 6 34.69 -29.71 47.15
CA PRO N 6 35.85 -29.25 47.92
C PRO N 6 35.70 -29.36 49.43
N ASP N 7 34.47 -29.38 49.94
CA ASP N 7 34.28 -29.44 51.38
C ASP N 7 34.58 -30.81 51.96
N GLN N 8 34.71 -31.84 51.14
CA GLN N 8 34.97 -33.19 51.65
C GLN N 8 36.43 -33.61 51.54
N LEU N 9 37.30 -32.77 51.00
CA LEU N 9 38.71 -33.11 50.88
C LEU N 9 39.40 -33.12 52.24
N ARG N 10 40.28 -34.10 52.45
CA ARG N 10 41.02 -34.22 53.70
C ARG N 10 42.48 -34.49 53.42
N LEU N 11 43.35 -33.97 54.27
CA LEU N 11 44.80 -34.09 54.12
C LEU N 11 45.35 -34.95 55.25
N PHE N 12 45.72 -36.20 54.94
CA PHE N 12 46.37 -37.07 55.89
C PHE N 12 47.88 -36.86 55.87
N SER N 13 48.54 -37.30 56.94
CA SER N 13 49.99 -37.19 57.09
C SER N 13 50.54 -38.51 57.61
N LEU N 14 50.15 -39.62 56.98
CA LEU N 14 50.50 -40.97 57.41
C LEU N 14 51.48 -41.64 56.46
N GLY N 15 52.42 -40.85 55.94
CA GLY N 15 53.45 -41.38 55.07
C GLY N 15 53.04 -41.37 53.60
N GLN N 16 53.99 -41.74 52.76
CA GLN N 16 53.81 -41.66 51.31
C GLN N 16 52.86 -42.77 50.84
N GLY N 17 51.70 -42.38 50.33
CA GLY N 17 50.75 -43.31 49.77
C GLY N 17 49.63 -43.74 50.71
N VAL N 18 49.88 -43.76 52.01
CA VAL N 18 48.88 -44.21 52.97
C VAL N 18 47.80 -43.16 53.11
N CYS N 19 46.54 -43.60 53.05
CA CYS N 19 45.43 -42.67 52.86
C CYS N 19 44.20 -43.19 53.60
N GLY N 20 44.02 -42.70 54.83
CA GLY N 20 42.79 -42.88 55.58
C GLY N 20 42.40 -44.34 55.81
N ASP N 21 41.18 -44.50 56.32
CA ASP N 21 40.57 -45.80 56.48
C ASP N 21 39.46 -46.08 55.47
N LYS N 22 38.59 -45.10 55.23
CA LYS N 22 37.59 -45.20 54.18
C LYS N 22 37.81 -44.12 53.15
N TYR N 23 39.08 -43.88 52.83
CA TYR N 23 39.50 -42.79 51.95
C TYR N 23 40.44 -43.31 50.88
N ARG N 24 40.28 -42.78 49.67
CA ARG N 24 41.13 -43.11 48.53
C ARG N 24 41.90 -41.86 48.07
N PRO N 25 43.10 -41.98 47.48
CA PRO N 25 43.85 -40.77 47.10
C PRO N 25 43.22 -40.14 45.87
N VAL N 26 43.40 -38.81 45.68
CA VAL N 26 42.81 -38.11 44.53
C VAL N 26 43.72 -38.26 43.32
N ASN N 27 43.15 -38.54 42.12
CA ASN N 27 43.96 -38.70 40.91
C ASN N 27 44.26 -37.33 40.30
N ARG N 28 45.30 -37.25 39.44
CA ARG N 28 45.74 -35.99 38.84
C ARG N 28 44.59 -35.30 38.10
N GLU N 29 43.74 -36.09 37.43
CA GLU N 29 42.61 -35.54 36.66
C GLU N 29 41.62 -34.84 37.56
N GLU N 30 41.28 -35.46 38.71
CA GLU N 30 40.34 -34.89 39.67
C GLU N 30 40.92 -33.67 40.34
N ALA N 31 42.22 -33.73 40.70
CA ALA N 31 42.88 -32.60 41.33
C ALA N 31 42.86 -31.38 40.43
N GLN N 32 43.08 -31.59 39.11
CA GLN N 32 43.08 -30.47 38.15
C GLN N 32 41.67 -29.91 37.99
N SER N 33 40.64 -30.78 38.07
CA SER N 33 39.25 -30.34 37.93
C SER N 33 38.90 -29.24 38.92
N VAL N 34 39.52 -29.24 40.11
CA VAL N 34 39.22 -28.24 41.13
C VAL N 34 40.48 -27.51 41.59
N LYS N 35 41.42 -27.26 40.67
CA LYS N 35 42.75 -26.83 41.06
C LYS N 35 42.74 -25.57 41.92
N SER N 36 41.96 -24.55 41.54
CA SER N 36 41.98 -23.30 42.29
C SER N 36 41.50 -23.47 43.71
N ASN N 37 40.47 -24.30 43.92
CA ASN N 37 39.99 -24.57 45.27
C ASN N 37 41.07 -25.22 46.13
N ILE N 38 41.75 -26.23 45.58
CA ILE N 38 42.79 -26.92 46.36
C ILE N 38 43.94 -25.98 46.66
N VAL N 39 44.38 -25.21 45.66
CA VAL N 39 45.51 -24.30 45.85
C VAL N 39 45.17 -23.24 46.88
N GLY N 40 43.91 -22.82 46.93
CA GLY N 40 43.51 -21.83 47.91
C GLY N 40 43.54 -22.31 49.35
N MET N 41 43.80 -23.60 49.58
CA MET N 41 43.83 -24.18 50.92
C MET N 41 45.22 -24.67 51.30
N MET N 42 46.28 -24.12 50.69
CA MET N 42 47.63 -24.60 50.91
C MET N 42 48.53 -23.45 51.32
N GLY N 43 49.60 -23.80 52.03
CA GLY N 43 50.62 -22.82 52.36
C GLY N 43 51.43 -22.42 51.15
N GLN N 44 52.11 -21.27 51.27
CA GLN N 44 52.71 -20.64 50.09
C GLN N 44 53.79 -21.51 49.45
N TRP N 45 54.51 -22.29 50.23
CA TRP N 45 55.56 -23.16 49.69
C TRP N 45 55.31 -24.62 50.07
N GLN N 46 54.05 -25.01 50.12
CA GLN N 46 53.67 -26.36 50.52
C GLN N 46 53.69 -27.29 49.31
N ILE N 47 54.05 -28.55 49.55
CA ILE N 47 54.02 -29.59 48.53
C ILE N 47 53.30 -30.80 49.10
N SER N 48 52.28 -31.29 48.39
CA SER N 48 51.47 -32.41 48.84
C SER N 48 51.34 -33.45 47.74
N GLY N 49 51.04 -34.68 48.14
CA GLY N 49 51.07 -35.81 47.23
C GLY N 49 49.71 -36.19 46.66
N LEU N 50 49.76 -36.93 45.56
CA LEU N 50 48.56 -37.39 44.87
C LEU N 50 48.73 -38.86 44.51
N ALA N 51 47.84 -39.38 43.69
CA ALA N 51 47.87 -40.79 43.29
C ALA N 51 48.79 -41.00 42.10
N ASN N 52 49.44 -42.17 42.08
CA ASN N 52 50.30 -42.62 40.99
C ASN N 52 51.52 -41.71 40.81
N GLY N 53 52.13 -41.31 41.93
CA GLY N 53 53.36 -40.56 41.89
C GLY N 53 53.29 -39.18 41.26
N TRP N 54 52.27 -38.39 41.60
CA TRP N 54 52.17 -37.00 41.20
C TRP N 54 52.20 -36.13 42.44
N VAL N 55 52.27 -34.81 42.24
CA VAL N 55 52.42 -33.86 43.34
C VAL N 55 51.85 -32.53 42.91
N ILE N 56 51.27 -31.80 43.88
CA ILE N 56 50.71 -30.47 43.64
C ILE N 56 51.42 -29.47 44.55
N MET N 57 51.61 -28.25 44.05
CA MET N 57 52.40 -27.24 44.72
C MET N 57 51.54 -26.02 45.05
N GLY N 58 52.01 -25.24 46.03
CA GLY N 58 51.22 -24.18 46.60
C GLY N 58 51.25 -22.91 45.75
N PRO N 59 50.62 -21.86 46.28
CA PRO N 59 50.48 -20.62 45.51
C PRO N 59 51.80 -19.98 45.10
N GLY N 60 52.86 -20.18 45.88
CA GLY N 60 54.16 -19.63 45.50
C GLY N 60 54.69 -20.22 44.22
N TYR N 61 54.33 -21.48 43.94
CA TYR N 61 54.73 -22.16 42.72
C TYR N 61 53.69 -22.05 41.61
N ASN N 62 52.68 -21.20 41.78
CA ASN N 62 51.61 -21.00 40.81
C ASN N 62 50.75 -22.24 40.62
N GLY N 63 50.72 -23.13 41.61
CA GLY N 63 49.86 -24.30 41.57
C GLY N 63 50.18 -25.31 40.49
N GLU N 64 51.46 -25.67 40.35
CA GLU N 64 51.89 -26.61 39.32
C GLU N 64 51.69 -28.04 39.78
N ILE N 65 51.26 -28.90 38.84
CA ILE N 65 51.10 -30.33 39.07
C ILE N 65 52.15 -31.07 38.26
N LYS N 66 53.06 -31.75 38.94
CA LYS N 66 54.20 -32.42 38.31
C LYS N 66 54.50 -33.70 39.03
N PRO N 67 55.20 -34.65 38.38
CA PRO N 67 55.57 -35.89 39.06
C PRO N 67 56.55 -35.67 40.21
N GLY N 68 56.41 -36.50 41.24
CA GLY N 68 57.23 -36.37 42.43
C GLY N 68 56.68 -37.25 43.54
N THR N 69 57.25 -37.09 44.74
CA THR N 69 56.78 -37.82 45.91
C THR N 69 56.76 -36.90 47.12
N ALA N 70 55.84 -37.17 48.04
CA ALA N 70 55.69 -36.37 49.25
C ALA N 70 55.04 -37.21 50.34
N SER N 71 55.22 -36.76 51.59
CA SER N 71 54.66 -37.47 52.72
C SER N 71 53.16 -37.21 52.89
N ASN N 72 52.70 -36.01 52.59
CA ASN N 72 51.28 -35.68 52.67
C ASN N 72 50.50 -36.36 51.55
N THR N 73 49.20 -36.49 51.74
CA THR N 73 48.33 -37.02 50.69
C THR N 73 46.93 -36.43 50.83
N TRP N 74 46.45 -35.76 49.78
CA TRP N 74 45.06 -35.33 49.73
C TRP N 74 44.16 -36.54 49.45
N CYS N 75 43.08 -36.67 50.23
CA CYS N 75 42.25 -37.87 50.16
C CYS N 75 40.78 -37.51 50.18
N TYR N 76 39.97 -38.42 49.63
CA TYR N 76 38.53 -38.26 49.43
C TYR N 76 37.81 -39.51 49.91
N PRO N 77 36.62 -39.38 50.50
CA PRO N 77 35.93 -40.55 51.06
C PRO N 77 35.58 -41.61 50.02
N THR N 78 35.67 -42.88 50.44
CA THR N 78 35.38 -43.99 49.53
C THR N 78 33.92 -44.01 49.11
N ASN N 79 33.02 -43.75 50.05
CA ASN N 79 31.59 -43.64 49.78
C ASN N 79 31.14 -42.26 50.25
N PRO N 80 31.23 -41.24 49.40
CA PRO N 80 30.91 -39.89 49.83
C PRO N 80 29.41 -39.70 50.03
N VAL N 81 29.06 -38.76 50.91
CA VAL N 81 27.68 -38.45 51.20
C VAL N 81 27.22 -37.33 50.26
N THR N 82 25.90 -37.22 50.10
CA THR N 82 25.31 -36.18 49.28
C THR N 82 25.05 -34.95 50.14
N GLY N 83 25.59 -33.81 49.72
CA GLY N 83 25.41 -32.57 50.45
C GLY N 83 24.22 -31.78 49.97
N GLU N 84 23.13 -32.48 49.63
CA GLU N 84 21.96 -31.84 49.06
C GLU N 84 21.19 -31.07 50.13
N ILE N 85 20.49 -30.03 49.68
CA ILE N 85 19.61 -29.23 50.55
C ILE N 85 18.38 -30.03 50.89
N PRO N 86 18.05 -30.22 52.17
CA PRO N 86 16.88 -31.04 52.53
C PRO N 86 15.58 -30.36 52.16
N THR N 87 14.51 -31.14 52.21
CA THR N 87 13.16 -30.67 51.94
C THR N 87 12.32 -30.83 53.20
N LEU N 88 11.65 -29.76 53.61
CA LEU N 88 10.83 -29.76 54.81
C LEU N 88 9.35 -29.87 54.44
N SER N 89 8.53 -30.13 55.45
CA SER N 89 7.09 -30.18 55.22
C SER N 89 6.52 -28.77 55.05
N ALA N 90 5.34 -28.70 54.46
CA ALA N 90 4.77 -27.42 54.05
C ALA N 90 4.25 -26.63 55.24
N LEU N 91 4.24 -25.31 55.08
CA LEU N 91 3.72 -24.37 56.06
C LEU N 91 2.34 -23.92 55.64
N ASP N 92 1.35 -24.11 56.51
CA ASP N 92 -0.04 -23.81 56.20
C ASP N 92 -0.43 -22.44 56.76
N ILE N 93 -1.07 -21.63 55.93
CA ILE N 93 -1.49 -20.28 56.29
C ILE N 93 -3.01 -20.23 56.26
N PRO N 94 -3.66 -19.58 57.23
CA PRO N 94 -5.12 -19.51 57.23
C PRO N 94 -5.67 -18.78 56.03
N ASP N 95 -6.92 -19.12 55.69
CA ASP N 95 -7.54 -18.69 54.44
C ASP N 95 -7.81 -17.19 54.42
N GLY N 96 -7.97 -16.66 53.21
CA GLY N 96 -8.26 -15.26 53.02
C GLY N 96 -8.07 -14.90 51.56
N ASP N 97 -8.03 -13.60 51.29
CA ASP N 97 -7.70 -13.17 49.94
C ASP N 97 -6.17 -13.01 49.84
N GLU N 98 -5.70 -12.56 48.67
CA GLU N 98 -4.26 -12.60 48.40
C GLU N 98 -3.48 -11.72 49.38
N VAL N 99 -3.95 -10.48 49.61
CA VAL N 99 -3.23 -9.56 50.47
C VAL N 99 -3.23 -10.06 51.91
N ASP N 100 -4.34 -10.69 52.34
CA ASP N 100 -4.40 -11.24 53.69
C ASP N 100 -3.34 -12.33 53.90
N VAL N 101 -3.16 -13.20 52.91
CA VAL N 101 -2.17 -14.27 53.02
C VAL N 101 -0.76 -13.70 52.99
N GLN N 102 -0.52 -12.70 52.14
CA GLN N 102 0.79 -12.06 52.11
C GLN N 102 1.12 -11.37 53.44
N TRP N 103 0.10 -10.77 54.09
CA TRP N 103 0.34 -10.14 55.39
C TRP N 103 0.79 -11.17 56.41
N ARG N 104 0.13 -12.33 56.45
CA ARG N 104 0.49 -13.34 57.42
C ARG N 104 1.85 -13.98 57.13
N LEU N 105 2.26 -14.05 55.87
CA LEU N 105 3.56 -14.63 55.56
C LEU N 105 4.71 -13.74 56.05
N VAL N 106 4.66 -12.44 55.73
CA VAL N 106 5.83 -11.61 55.97
C VAL N 106 5.96 -11.09 57.40
N HIS N 107 4.93 -11.25 58.22
CA HIS N 107 5.02 -10.89 59.63
C HIS N 107 5.41 -12.08 60.51
N ASP N 108 5.68 -13.22 59.95
CA ASP N 108 6.08 -14.37 60.75
C ASP N 108 7.57 -14.28 61.05
N SER N 109 7.92 -14.25 62.34
CA SER N 109 9.30 -14.00 62.74
C SER N 109 10.15 -15.26 62.65
N ALA N 110 9.68 -16.38 63.19
CA ALA N 110 10.48 -17.59 63.23
C ALA N 110 10.53 -18.32 61.88
N ASN N 111 9.59 -18.06 60.98
CA ASN N 111 9.53 -18.82 59.74
C ASN N 111 9.92 -18.02 58.50
N PHE N 112 9.85 -16.69 58.54
CA PHE N 112 10.25 -15.89 57.40
C PHE N 112 11.37 -14.92 57.71
N ILE N 113 11.24 -14.10 58.76
CA ILE N 113 12.14 -12.96 58.93
C ILE N 113 13.55 -13.40 59.32
N LYS N 114 13.65 -14.33 60.27
CA LYS N 114 14.98 -14.79 60.70
C LYS N 114 15.74 -15.53 59.60
N PRO N 115 15.18 -16.53 58.92
CA PRO N 115 15.97 -17.23 57.88
C PRO N 115 16.44 -16.32 56.76
N THR N 116 15.60 -15.39 56.31
CA THR N 116 16.00 -14.49 55.24
C THR N 116 17.10 -13.52 55.68
N SER N 117 16.99 -13.02 56.91
CA SER N 117 18.05 -12.16 57.45
C SER N 117 19.36 -12.91 57.56
N TYR N 118 19.32 -14.16 58.02
CA TYR N 118 20.55 -14.94 58.12
C TYR N 118 21.13 -15.24 56.73
N LEU N 119 20.27 -15.47 55.74
CA LEU N 119 20.78 -15.66 54.39
C LEU N 119 21.51 -14.41 53.90
N ALA N 120 20.93 -13.24 54.11
CA ALA N 120 21.60 -12.01 53.70
C ALA N 120 22.91 -11.79 54.47
N HIS N 121 22.93 -12.17 55.76
CA HIS N 121 24.15 -12.00 56.55
C HIS N 121 25.25 -12.94 56.10
N TYR N 122 24.91 -14.18 55.76
CA TYR N 122 25.94 -15.15 55.36
C TYR N 122 26.58 -14.79 54.03
N LEU N 123 25.85 -14.12 53.15
CA LEU N 123 26.41 -13.76 51.84
C LEU N 123 27.29 -12.53 51.89
N GLY N 124 27.27 -11.77 52.98
CA GLY N 124 28.17 -10.65 53.13
C GLY N 124 27.53 -9.27 53.14
N TYR N 125 26.21 -9.17 53.20
CA TYR N 125 25.57 -7.87 53.33
C TYR N 125 25.79 -7.30 54.73
N ALA N 126 25.81 -5.98 54.83
CA ALA N 126 26.14 -5.29 56.06
C ALA N 126 24.90 -4.83 56.81
N TRP N 127 25.00 -4.81 58.14
CA TRP N 127 24.01 -4.21 59.05
C TRP N 127 22.61 -4.75 58.82
N VAL N 128 22.45 -6.04 59.07
CA VAL N 128 21.14 -6.70 58.96
C VAL N 128 20.55 -6.79 60.37
N GLY N 129 19.82 -5.77 60.78
CA GLY N 129 19.26 -5.72 62.11
C GLY N 129 19.06 -4.29 62.56
N GLY N 130 18.26 -4.13 63.62
CA GLY N 130 17.91 -2.82 64.12
C GLY N 130 18.85 -2.33 65.21
N ASN N 131 18.64 -1.06 65.61
CA ASN N 131 19.52 -0.40 66.58
C ASN N 131 19.29 -0.85 68.01
N HIS N 132 18.16 -1.48 68.31
CA HIS N 132 17.82 -1.83 69.69
C HIS N 132 18.20 -3.26 70.04
N SER N 133 19.00 -3.92 69.21
CA SER N 133 19.44 -5.28 69.47
C SER N 133 20.85 -5.46 68.89
N GLN N 134 21.52 -6.52 69.32
CA GLN N 134 22.84 -6.85 68.81
C GLN N 134 22.88 -8.10 67.96
N TYR N 135 21.76 -8.77 67.78
CA TYR N 135 21.72 -10.03 67.04
C TYR N 135 21.15 -9.83 65.64
N VAL N 136 21.49 -10.77 64.76
CA VAL N 136 21.05 -10.70 63.37
C VAL N 136 19.56 -10.99 63.29
N GLY N 137 18.84 -10.13 62.57
CA GLY N 137 17.45 -10.38 62.27
C GLY N 137 16.45 -9.95 63.33
N GLU N 138 16.89 -9.20 64.34
CA GLU N 138 15.97 -8.72 65.37
C GLU N 138 15.78 -7.22 65.24
N ASP N 139 14.63 -6.76 65.74
CA ASP N 139 14.25 -5.34 65.69
C ASP N 139 14.12 -4.86 64.24
N MET N 140 13.33 -5.59 63.46
CA MET N 140 13.11 -5.30 62.05
C MET N 140 11.73 -4.68 61.85
N ASP N 141 11.61 -3.85 60.82
CA ASP N 141 10.38 -3.13 60.51
C ASP N 141 9.82 -3.63 59.18
N VAL N 142 8.51 -3.85 59.14
CA VAL N 142 7.82 -4.34 57.94
C VAL N 142 6.88 -3.25 57.44
N THR N 143 6.99 -2.91 56.16
CA THR N 143 6.18 -1.84 55.56
C THR N 143 5.62 -2.29 54.22
N ARG N 144 4.43 -1.79 53.92
CA ARG N 144 3.73 -2.07 52.67
C ARG N 144 3.93 -0.92 51.70
N ASP N 145 4.41 -1.23 50.48
CA ASP N 145 4.67 -0.20 49.48
C ASP N 145 4.34 -0.73 48.10
N GLY N 146 3.24 -0.25 47.53
CA GLY N 146 2.84 -0.65 46.19
C GLY N 146 2.34 -2.07 46.12
N ASP N 147 3.00 -2.91 45.31
CA ASP N 147 2.62 -4.30 45.15
C ASP N 147 3.52 -5.25 45.95
N GLY N 148 4.35 -4.72 46.84
CA GLY N 148 5.27 -5.54 47.60
C GLY N 148 5.40 -5.12 49.03
N TRP N 149 6.38 -5.70 49.72
CA TRP N 149 6.66 -5.44 51.11
C TRP N 149 8.17 -5.26 51.28
N VAL N 150 8.56 -4.47 52.29
CA VAL N 150 9.96 -4.20 52.57
C VAL N 150 10.24 -4.51 54.03
N ILE N 151 11.32 -5.24 54.30
CA ILE N 151 11.77 -5.55 55.65
C ILE N 151 13.16 -4.93 55.85
N ARG N 152 13.28 -4.06 56.85
CA ARG N 152 14.54 -3.38 57.14
C ARG N 152 14.68 -3.17 58.64
N GLY N 153 15.93 -3.10 59.09
CA GLY N 153 16.20 -2.83 60.50
C GLY N 153 15.80 -1.42 60.89
N ASN N 154 15.31 -1.29 62.12
CA ASN N 154 14.85 0.00 62.61
C ASN N 154 16.02 0.93 62.89
N ASN N 155 15.88 2.18 62.47
CA ASN N 155 16.94 3.18 62.54
C ASN N 155 16.41 4.36 63.36
N ASP N 156 16.48 4.23 64.68
CA ASP N 156 15.94 5.22 65.61
C ASP N 156 16.91 5.34 66.78
N GLY N 157 17.57 6.48 66.88
CA GLY N 157 18.55 6.66 67.92
C GLY N 157 19.93 6.77 67.33
N GLY N 158 20.94 6.21 68.00
CA GLY N 158 22.28 6.21 67.50
C GLY N 158 22.82 4.80 67.42
N CYS N 159 23.95 4.66 66.72
CA CYS N 159 24.60 3.37 66.55
C CYS N 159 26.10 3.58 66.51
N ASP N 160 26.84 2.50 66.77
CA ASP N 160 28.29 2.50 66.72
C ASP N 160 28.75 1.59 65.59
N GLY N 161 29.56 2.10 64.70
CA GLY N 161 30.04 1.36 63.54
C GLY N 161 30.35 2.33 62.41
N TYR N 162 31.16 1.87 61.45
CA TYR N 162 31.67 2.79 60.43
C TYR N 162 30.53 3.40 59.61
N ARG N 163 29.67 2.58 59.05
CA ARG N 163 28.59 3.10 58.21
C ARG N 163 27.25 2.58 58.67
N CYS N 164 27.09 2.40 59.98
CA CYS N 164 25.79 2.03 60.52
C CYS N 164 24.81 3.18 60.24
N GLY N 165 23.64 2.84 59.73
CA GLY N 165 22.74 3.81 59.16
C GLY N 165 22.41 3.49 57.72
N ASP N 166 23.33 2.81 57.03
CA ASP N 166 23.07 2.20 55.74
C ASP N 166 22.71 0.75 55.99
N LYS N 167 21.42 0.49 56.22
CA LYS N 167 20.96 -0.84 56.60
C LYS N 167 20.38 -1.58 55.40
N THR N 168 20.60 -2.90 55.40
CA THR N 168 20.18 -3.75 54.30
C THR N 168 18.66 -3.91 54.27
N ALA N 169 18.09 -3.92 53.08
CA ALA N 169 16.65 -4.07 52.88
C ALA N 169 16.35 -5.36 52.14
N ILE N 170 15.24 -6.02 52.49
CA ILE N 170 14.80 -7.25 51.84
C ILE N 170 13.41 -6.97 51.24
N LYS N 171 13.23 -7.25 49.94
CA LYS N 171 11.98 -6.91 49.27
C LYS N 171 11.26 -8.18 48.78
N VAL N 172 9.94 -8.27 48.99
CA VAL N 172 9.13 -9.43 48.58
C VAL N 172 8.06 -8.94 47.59
N SER N 173 8.00 -9.56 46.41
CA SER N 173 7.04 -9.18 45.37
C SER N 173 6.84 -10.35 44.42
N ASN N 174 5.96 -10.15 43.42
CA ASN N 174 5.76 -11.10 42.33
C ASN N 174 5.22 -12.44 42.82
N PHE N 175 4.07 -12.39 43.50
CA PHE N 175 3.48 -13.61 44.04
C PHE N 175 2.76 -14.39 42.95
N ALA N 176 2.90 -15.72 42.99
CA ALA N 176 2.30 -16.62 42.02
C ALA N 176 1.63 -17.78 42.76
N TYR N 177 0.66 -18.41 42.11
CA TYR N 177 -0.20 -19.40 42.74
C TYR N 177 -0.34 -20.63 41.85
N ASN N 178 0.05 -21.79 42.36
CA ASN N 178 -0.04 -23.06 41.63
C ASN N 178 -1.24 -23.84 42.18
N LEU N 179 -2.32 -23.89 41.42
CA LEU N 179 -3.59 -24.40 41.90
C LEU N 179 -3.63 -25.92 41.95
N ASP N 180 -4.44 -26.43 42.87
CA ASP N 180 -4.90 -27.82 42.79
C ASP N 180 -5.99 -27.93 41.74
N PRO N 181 -5.88 -28.86 40.79
CA PRO N 181 -6.79 -28.85 39.63
C PRO N 181 -8.27 -28.97 39.99
N ASP N 182 -8.61 -29.73 41.03
CA ASP N 182 -10.01 -30.02 41.35
C ASP N 182 -10.57 -29.15 42.46
N SER N 183 -10.01 -27.96 42.67
CA SER N 183 -10.48 -27.10 43.74
C SER N 183 -11.05 -25.76 43.27
N PHE N 184 -10.94 -25.43 41.99
CA PHE N 184 -11.36 -24.12 41.51
C PHE N 184 -12.88 -24.06 41.34
N LYS N 185 -13.49 -22.98 41.82
CA LYS N 185 -14.90 -22.69 41.61
C LYS N 185 -15.06 -21.20 41.37
N HIS N 186 -16.05 -20.83 40.57
CA HIS N 186 -16.43 -19.43 40.44
C HIS N 186 -17.94 -19.29 40.54
N GLY N 187 -18.39 -18.08 40.86
CA GLY N 187 -19.78 -17.76 41.07
C GLY N 187 -20.43 -17.13 39.85
N ASP N 188 -21.39 -16.25 40.10
CA ASP N 188 -22.21 -15.68 39.04
C ASP N 188 -21.46 -14.58 38.29
N VAL N 189 -21.64 -14.55 36.98
CA VAL N 189 -21.04 -13.53 36.12
C VAL N 189 -22.07 -12.43 35.89
N THR N 190 -21.66 -11.19 36.17
CA THR N 190 -22.55 -10.04 36.03
C THR N 190 -21.95 -9.04 35.05
N GLN N 191 -22.84 -8.32 34.35
CA GLN N 191 -22.44 -7.38 33.31
C GLN N 191 -22.96 -5.97 33.64
N SER N 192 -22.20 -4.97 33.19
CA SER N 192 -22.63 -3.58 33.35
C SER N 192 -22.05 -2.76 32.22
N ASP N 193 -22.70 -1.62 31.95
CA ASP N 193 -22.28 -0.65 30.94
C ASP N 193 -22.28 -1.27 29.54
N ARG N 194 -23.45 -1.75 29.12
CA ARG N 194 -23.59 -2.52 27.89
C ARG N 194 -23.87 -1.60 26.70
N GLN N 195 -23.09 -1.76 25.64
CA GLN N 195 -23.25 -0.99 24.41
C GLN N 195 -23.36 -1.94 23.22
N LEU N 196 -24.40 -1.77 22.41
CA LEU N 196 -24.64 -2.67 21.30
C LEU N 196 -23.61 -2.49 20.18
N VAL N 197 -23.25 -3.60 19.54
CA VAL N 197 -22.39 -3.56 18.36
C VAL N 197 -23.19 -3.83 17.10
N LYS N 198 -23.83 -5.00 17.01
CA LYS N 198 -24.59 -5.38 15.82
C LYS N 198 -25.50 -6.55 16.14
N THR N 199 -26.51 -6.75 15.29
CA THR N 199 -27.46 -7.85 15.45
C THR N 199 -27.97 -8.28 14.08
N VAL N 200 -28.49 -9.52 14.02
CA VAL N 200 -29.07 -10.08 12.79
C VAL N 200 -30.20 -11.03 13.16
N VAL N 201 -31.27 -11.02 12.35
CA VAL N 201 -32.40 -11.94 12.48
C VAL N 201 -32.61 -12.62 11.13
N GLY N 202 -33.21 -13.82 11.16
CA GLY N 202 -33.42 -14.55 9.93
C GLY N 202 -34.37 -15.72 10.09
N TRP N 203 -34.62 -16.39 8.96
CA TRP N 203 -35.49 -17.56 8.89
C TRP N 203 -34.78 -18.68 8.14
N ALA N 204 -35.09 -19.92 8.49
CA ALA N 204 -34.58 -21.10 7.79
C ALA N 204 -35.77 -21.96 7.37
N VAL N 205 -35.98 -22.10 6.06
CA VAL N 205 -37.20 -22.68 5.51
C VAL N 205 -36.87 -24.04 4.90
N ASN N 206 -37.67 -25.05 5.24
CA ASN N 206 -37.49 -26.41 4.73
C ASN N 206 -38.79 -26.86 4.07
N ASP N 207 -38.76 -27.04 2.76
CA ASP N 207 -39.94 -27.40 1.99
C ASP N 207 -39.85 -28.79 1.39
N SER N 208 -38.84 -29.56 1.75
CA SER N 208 -38.69 -30.91 1.21
C SER N 208 -39.34 -31.92 2.14
N ASP N 209 -39.10 -33.20 1.91
CA ASP N 209 -39.78 -34.28 2.63
C ASP N 209 -38.90 -34.95 3.68
N THR N 210 -37.71 -34.44 3.95
CA THR N 210 -36.82 -34.98 4.96
C THR N 210 -36.32 -33.85 5.83
N PRO N 211 -35.84 -34.15 7.04
CA PRO N 211 -35.15 -33.13 7.82
C PRO N 211 -33.89 -32.65 7.10
N GLN N 212 -33.59 -31.37 7.26
CA GLN N 212 -32.44 -30.74 6.62
C GLN N 212 -31.60 -30.03 7.68
N SER N 213 -30.28 -30.17 7.56
CA SER N 213 -29.35 -29.55 8.49
C SER N 213 -28.43 -28.52 7.87
N GLY N 214 -28.50 -28.31 6.56
CA GLY N 214 -27.55 -27.43 5.89
C GLY N 214 -27.92 -25.97 5.86
N TYR N 215 -27.79 -25.27 6.99
CA TYR N 215 -28.00 -23.83 7.09
C TYR N 215 -26.87 -23.22 7.89
N ASP N 216 -26.59 -21.94 7.65
CA ASP N 216 -25.57 -21.24 8.42
C ASP N 216 -25.76 -19.73 8.30
N VAL N 217 -25.67 -19.04 9.44
CA VAL N 217 -25.60 -17.58 9.50
C VAL N 217 -24.43 -17.21 10.42
N THR N 218 -23.57 -16.29 9.95
CA THR N 218 -22.36 -15.93 10.67
C THR N 218 -22.20 -14.42 10.73
N LEU N 219 -21.82 -13.90 11.91
CA LEU N 219 -21.55 -12.49 12.13
C LEU N 219 -20.16 -12.35 12.73
N ARG N 220 -19.31 -11.52 12.10
CA ARG N 220 -17.92 -11.36 12.53
C ARG N 220 -17.58 -9.88 12.69
N TYR N 221 -16.68 -9.59 13.64
CA TYR N 221 -16.30 -8.23 13.98
C TYR N 221 -14.80 -8.15 14.30
N ASP N 222 -14.09 -7.21 13.69
CA ASP N 222 -12.63 -7.09 13.80
C ASP N 222 -12.21 -5.66 14.13
N THR N 223 -11.07 -5.53 14.81
CA THR N 223 -10.39 -4.25 15.02
C THR N 223 -8.89 -4.44 14.93
N ALA N 224 -8.16 -3.39 14.52
CA ALA N 224 -6.73 -3.50 14.31
C ALA N 224 -6.04 -2.16 14.52
N THR N 225 -4.72 -2.22 14.75
CA THR N 225 -3.85 -1.05 14.86
C THR N 225 -2.53 -1.34 14.15
N ASN N 226 -1.79 -0.28 13.80
CA ASN N 226 -0.52 -0.44 13.10
C ASN N 226 0.37 0.77 13.33
N TRP N 227 1.65 0.64 12.96
CA TRP N 227 2.65 1.69 13.14
C TRP N 227 3.82 1.45 12.17
N SER N 228 4.62 2.49 11.95
CA SER N 228 5.73 2.41 11.00
C SER N 228 6.73 3.54 11.24
N LYS N 229 7.98 3.33 10.80
CA LYS N 229 9.05 4.31 10.89
C LYS N 229 10.01 4.17 9.70
N THR N 230 10.53 5.31 9.20
CA THR N 230 11.35 5.32 8.00
C THR N 230 12.51 6.32 8.13
N ASN N 231 13.64 5.97 7.51
CA ASN N 231 14.81 6.85 7.40
C ASN N 231 15.26 6.91 5.94
N THR N 232 15.67 8.09 5.48
CA THR N 232 16.10 8.29 4.10
C THR N 232 17.36 9.16 4.04
N TYR N 233 18.22 8.89 3.05
CA TYR N 233 19.41 9.69 2.77
C TYR N 233 19.54 9.88 1.27
N GLY N 234 20.09 11.02 0.86
CA GLY N 234 20.22 11.32 -0.56
C GLY N 234 21.41 12.18 -0.90
N LEU N 235 21.82 12.11 -2.17
CA LEU N 235 22.90 12.91 -2.72
C LEU N 235 22.50 13.41 -4.11
N SER N 236 23.11 14.52 -4.53
CA SER N 236 22.77 15.12 -5.82
C SER N 236 23.96 15.90 -6.36
N GLU N 237 24.01 16.00 -7.69
CA GLU N 237 25.03 16.76 -8.39
C GLU N 237 24.40 17.44 -9.60
N LYS N 238 24.78 18.70 -9.85
CA LYS N 238 24.27 19.45 -10.99
C LYS N 238 25.40 20.25 -11.64
N VAL N 239 25.37 20.32 -12.97
CA VAL N 239 26.35 21.06 -13.76
C VAL N 239 25.63 21.90 -14.79
N THR N 240 25.94 23.19 -14.86
CA THR N 240 25.28 24.13 -15.76
C THR N 240 26.30 24.80 -16.67
N THR N 241 25.87 25.11 -17.89
CA THR N 241 26.75 25.68 -18.91
C THR N 241 25.95 26.63 -19.80
N LYS N 242 26.56 27.76 -20.19
CA LYS N 242 25.90 28.70 -21.11
C LYS N 242 26.48 28.50 -22.51
N ASN N 243 25.63 28.42 -23.55
CA ASN N 243 26.12 28.12 -24.91
C ASN N 243 25.47 29.05 -25.93
N LYS N 244 26.26 29.53 -26.91
CA LYS N 244 25.77 30.47 -27.92
C LYS N 244 25.92 29.86 -29.31
N PHE N 245 25.00 30.19 -30.24
CA PHE N 245 25.03 29.59 -31.58
C PHE N 245 24.72 30.63 -32.65
N LYS N 246 25.74 31.10 -33.38
CA LYS N 246 25.56 32.08 -34.44
C LYS N 246 25.17 31.37 -35.74
N TRP N 247 23.98 30.74 -35.77
CA TRP N 247 23.55 29.97 -36.95
C TRP N 247 23.22 30.93 -38.10
N PRO N 248 23.38 30.49 -39.37
CA PRO N 248 23.00 31.35 -40.52
C PRO N 248 21.53 31.70 -40.46
N LEU N 249 21.18 32.95 -40.83
CA LEU N 249 19.78 33.42 -40.84
C LEU N 249 19.22 33.53 -39.43
N VAL N 250 20.04 33.36 -38.39
CA VAL N 250 19.60 33.57 -37.01
C VAL N 250 20.49 34.58 -36.32
N GLY N 251 21.72 34.74 -36.82
CA GLY N 251 22.66 35.70 -36.27
C GLY N 251 23.29 35.22 -34.99
N GLU N 252 22.48 34.89 -33.96
CA GLU N 252 22.99 34.45 -32.66
C GLU N 252 21.85 33.92 -31.80
N THR N 253 22.03 32.76 -31.14
CA THR N 253 21.01 32.20 -30.25
C THR N 253 21.67 31.79 -28.94
N ALA N 254 21.14 32.26 -27.79
CA ALA N 254 21.73 31.96 -26.49
C ALA N 254 20.85 31.00 -25.71
N LEU N 255 21.45 30.03 -25.00
CA LEU N 255 20.71 29.06 -24.22
C LEU N 255 21.65 28.42 -23.20
N SER N 256 21.08 27.95 -22.09
CA SER N 256 21.83 27.30 -21.03
C SER N 256 21.39 25.85 -20.90
N ILE N 257 22.34 24.98 -20.54
CA ILE N 257 22.11 23.54 -20.45
C ILE N 257 22.49 23.10 -19.04
N ALA N 258 21.64 22.27 -18.42
CA ALA N 258 21.89 21.74 -17.09
C ALA N 258 21.64 20.25 -17.07
N ILE N 259 22.51 19.52 -16.36
CA ILE N 259 22.41 18.06 -16.22
C ILE N 259 22.56 17.74 -14.74
N ALA N 260 21.73 16.81 -14.26
CA ALA N 260 21.72 16.46 -12.84
C ALA N 260 21.65 14.95 -12.67
N ALA N 261 22.12 14.49 -11.50
CA ALA N 261 22.04 13.08 -11.12
C ALA N 261 21.83 12.99 -9.62
N ASN N 262 21.05 12.00 -9.19
CA ASN N 262 20.77 11.82 -7.76
C ASN N 262 20.70 10.34 -7.42
N GLN N 263 20.75 10.06 -6.11
CA GLN N 263 20.77 8.72 -5.59
C GLN N 263 20.20 8.74 -4.17
N SER N 264 19.49 7.68 -3.80
CA SER N 264 18.75 7.68 -2.53
C SER N 264 18.70 6.28 -1.93
N TRP N 265 18.56 6.22 -0.61
CA TRP N 265 18.45 4.98 0.16
C TRP N 265 17.40 5.16 1.25
N ALA N 266 16.57 4.13 1.45
CA ALA N 266 15.51 4.20 2.44
C ALA N 266 15.40 2.88 3.21
N SER N 267 14.89 2.96 4.45
CA SER N 267 14.77 1.82 5.33
C SER N 267 13.53 1.97 6.21
N GLN N 268 12.78 0.88 6.39
CA GLN N 268 11.48 0.94 7.06
C GLN N 268 11.28 -0.25 8.00
N ASN N 269 10.53 -0.03 9.09
CA ASN N 269 10.14 -1.06 10.05
C ASN N 269 8.73 -0.78 10.57
N GLY N 270 7.99 -1.83 10.91
CA GLY N 270 6.63 -1.65 11.42
C GLY N 270 6.03 -2.92 11.98
N GLY N 271 4.75 -2.83 12.34
CA GLY N 271 4.03 -3.96 12.92
C GLY N 271 2.55 -3.65 13.07
N SER N 272 1.80 -4.63 13.59
CA SER N 272 0.36 -4.48 13.74
C SER N 272 -0.18 -5.51 14.73
N THR N 273 -1.47 -5.35 15.08
CA THR N 273 -2.19 -6.23 16.00
C THR N 273 -3.67 -6.28 15.62
N THR N 274 -4.29 -7.46 15.74
CA THR N 274 -5.68 -7.65 15.35
C THR N 274 -6.42 -8.53 16.37
N THR N 275 -7.70 -8.23 16.60
CA THR N 275 -8.58 -9.01 17.46
C THR N 275 -9.91 -9.24 16.74
N SER N 276 -10.45 -10.46 16.86
CA SER N 276 -11.63 -10.88 16.09
C SER N 276 -12.57 -11.70 16.94
N LEU N 277 -13.88 -11.48 16.74
CA LEU N 277 -14.93 -12.20 17.46
C LEU N 277 -15.99 -12.65 16.46
N SER N 278 -16.31 -13.95 16.48
CA SER N 278 -17.20 -14.56 15.49
C SER N 278 -18.25 -15.43 16.17
N GLN N 279 -19.46 -15.46 15.60
CA GLN N 279 -20.57 -16.25 16.12
C GLN N 279 -21.38 -16.85 14.97
N SER N 280 -21.87 -18.08 15.15
CA SER N 280 -22.60 -18.79 14.11
C SER N 280 -23.77 -19.56 14.69
N VAL N 281 -24.77 -19.84 13.86
CA VAL N 281 -25.91 -20.68 14.21
C VAL N 281 -26.25 -21.57 13.01
N ARG N 282 -26.55 -22.84 13.28
CA ARG N 282 -26.78 -23.85 12.23
C ARG N 282 -27.92 -24.79 12.61
N PRO N 283 -29.16 -24.40 12.39
CA PRO N 283 -30.30 -25.18 12.89
C PRO N 283 -30.60 -26.43 12.08
N THR N 284 -31.31 -27.36 12.73
CA THR N 284 -31.88 -28.53 12.08
C THR N 284 -33.40 -28.37 12.06
N VAL N 285 -33.98 -28.38 10.87
CA VAL N 285 -35.38 -28.01 10.66
C VAL N 285 -36.16 -29.25 10.23
N PRO N 286 -37.33 -29.51 10.83
CA PRO N 286 -38.13 -30.66 10.40
C PRO N 286 -38.74 -30.44 9.02
N ALA N 287 -39.22 -31.54 8.44
CA ALA N 287 -39.81 -31.48 7.10
C ALA N 287 -41.07 -30.63 7.09
N ARG N 288 -41.17 -29.76 6.08
CA ARG N 288 -42.34 -28.90 5.86
C ARG N 288 -42.57 -27.93 7.02
N SER N 289 -41.52 -27.21 7.41
CA SER N 289 -41.63 -26.24 8.49
C SER N 289 -40.49 -25.23 8.35
N LYS N 290 -40.46 -24.26 9.27
CA LYS N 290 -39.42 -23.24 9.27
C LYS N 290 -39.13 -22.79 10.70
N ILE N 291 -37.92 -22.23 10.89
CA ILE N 291 -37.42 -21.87 12.22
C ILE N 291 -36.78 -20.48 12.17
N PRO N 292 -37.03 -19.62 13.17
CA PRO N 292 -36.33 -18.32 13.24
C PRO N 292 -35.09 -18.35 14.13
N VAL N 293 -34.14 -17.47 13.80
CA VAL N 293 -32.85 -17.38 14.51
C VAL N 293 -32.51 -15.93 14.81
N LYS N 294 -31.56 -15.73 15.74
CA LYS N 294 -31.11 -14.40 16.12
C LYS N 294 -29.73 -14.45 16.77
N ILE N 295 -28.89 -13.46 16.46
CA ILE N 295 -27.53 -13.34 17.00
C ILE N 295 -27.28 -11.88 17.38
N GLU N 296 -26.67 -11.66 18.55
CA GLU N 296 -26.35 -10.31 19.03
C GLU N 296 -24.93 -10.27 19.60
N LEU N 297 -24.32 -9.08 19.53
CA LEU N 297 -22.99 -8.84 20.11
C LEU N 297 -22.99 -7.51 20.85
N TYR N 298 -22.42 -7.51 22.05
CA TYR N 298 -22.35 -6.33 22.91
C TYR N 298 -20.93 -6.14 23.44
N LYS N 299 -20.70 -4.98 24.03
CA LYS N 299 -19.51 -4.71 24.83
C LYS N 299 -19.93 -4.37 26.25
N ALA N 300 -19.23 -4.92 27.24
CA ALA N 300 -19.66 -4.77 28.64
C ALA N 300 -18.48 -4.98 29.58
N ASP N 301 -18.68 -4.58 30.83
CA ASP N 301 -17.77 -4.89 31.93
C ASP N 301 -18.22 -6.16 32.65
N ILE N 302 -17.26 -6.98 33.07
CA ILE N 302 -17.52 -8.32 33.58
C ILE N 302 -16.92 -8.48 34.97
N SER N 303 -17.66 -9.12 35.88
CA SER N 303 -17.19 -9.39 37.24
C SER N 303 -17.68 -10.76 37.69
N TYR N 304 -16.87 -11.46 38.50
CA TYR N 304 -17.31 -12.67 39.20
C TYR N 304 -16.34 -13.00 40.32
N PRO N 305 -16.79 -13.70 41.36
CA PRO N 305 -15.88 -14.17 42.42
C PRO N 305 -15.40 -15.59 42.17
N TYR N 306 -14.38 -15.99 42.93
CA TYR N 306 -13.76 -17.30 42.77
C TYR N 306 -13.09 -17.74 44.07
N GLU N 307 -12.64 -19.00 44.10
CA GLU N 307 -11.89 -19.54 45.23
C GLU N 307 -11.11 -20.78 44.78
N PHE N 308 -10.01 -21.07 45.48
CA PHE N 308 -9.21 -22.25 45.17
C PHE N 308 -8.21 -22.49 46.30
N LYS N 309 -7.38 -23.52 46.11
CA LYS N 309 -6.32 -23.91 47.03
C LYS N 309 -5.01 -24.04 46.25
N ALA N 310 -3.92 -23.49 46.78
CA ALA N 310 -2.72 -23.35 45.94
C ALA N 310 -1.43 -23.38 46.74
N ASP N 311 -0.32 -23.47 46.00
CA ASP N 311 1.04 -23.25 46.49
C ASP N 311 1.47 -21.84 46.12
N VAL N 312 2.22 -21.20 47.02
CA VAL N 312 2.58 -19.79 46.87
C VAL N 312 4.10 -19.67 46.64
N SER N 313 4.48 -18.83 45.67
CA SER N 313 5.87 -18.53 45.38
C SER N 313 6.03 -17.05 45.07
N TYR N 314 7.27 -16.55 45.20
CA TYR N 314 7.50 -15.10 45.15
C TYR N 314 8.96 -14.85 44.79
N ASP N 315 9.29 -13.56 44.62
CA ASP N 315 10.65 -13.09 44.37
C ASP N 315 11.22 -12.43 45.62
N LEU N 316 12.54 -12.52 45.76
CA LEU N 316 13.25 -11.98 46.92
C LEU N 316 14.42 -11.14 46.43
N THR N 317 14.49 -9.89 46.86
CA THR N 317 15.53 -8.97 46.44
C THR N 317 16.30 -8.44 47.64
N LEU N 318 17.62 -8.48 47.58
CA LEU N 318 18.49 -8.04 48.66
C LEU N 318 19.29 -6.82 48.20
N SER N 319 19.26 -5.76 49.00
CA SER N 319 19.92 -4.50 48.67
C SER N 319 20.75 -3.99 49.83
N GLY N 320 21.99 -3.63 49.55
CA GLY N 320 22.89 -3.13 50.59
C GLY N 320 24.29 -3.03 50.03
N PHE N 321 25.26 -2.81 50.92
CA PHE N 321 26.66 -2.83 50.51
C PHE N 321 27.37 -4.01 51.14
N LEU N 322 28.37 -4.53 50.42
CA LEU N 322 29.06 -5.75 50.80
C LEU N 322 30.25 -5.45 51.71
N ARG N 323 30.44 -6.30 52.71
CA ARG N 323 31.40 -6.04 53.76
C ARG N 323 32.83 -6.11 53.24
N TRP N 324 33.69 -5.26 53.82
CA TRP N 324 35.08 -5.16 53.38
C TRP N 324 35.89 -6.37 53.82
N GLY N 325 35.61 -6.92 54.99
CA GLY N 325 36.38 -8.05 55.48
C GLY N 325 36.23 -9.28 54.61
N GLY N 326 35.00 -9.59 54.20
CA GLY N 326 34.78 -10.73 53.34
C GLY N 326 33.33 -10.81 52.91
N ASN N 327 33.11 -11.23 51.67
CA ASN N 327 31.79 -11.43 51.12
C ASN N 327 31.84 -12.55 50.11
N ALA N 328 30.67 -13.02 49.69
CA ALA N 328 30.55 -14.24 48.91
C ALA N 328 30.45 -14.01 47.41
N TRP N 329 30.51 -12.76 46.93
CA TRP N 329 30.51 -12.54 45.48
C TRP N 329 31.77 -13.18 44.88
N TYR N 330 31.67 -13.75 43.67
CA TYR N 330 32.79 -14.52 43.09
C TYR N 330 34.03 -13.66 42.82
N THR N 331 33.87 -12.33 42.63
CA THR N 331 35.01 -11.45 42.43
C THR N 331 35.55 -10.93 43.76
N HIS N 332 34.80 -11.13 44.86
CA HIS N 332 35.20 -10.69 46.22
C HIS N 332 35.67 -9.22 46.20
N PRO N 333 34.79 -8.23 45.97
CA PRO N 333 35.21 -6.81 45.99
C PRO N 333 35.60 -6.33 47.37
N ASP N 334 36.43 -5.26 47.45
CA ASP N 334 36.88 -4.72 48.73
C ASP N 334 36.71 -3.20 48.77
N ASN N 335 35.84 -2.67 47.91
CA ASN N 335 35.58 -1.22 47.86
C ASN N 335 34.21 -0.91 48.46
N ARG N 336 33.68 -1.79 49.33
CA ARG N 336 32.36 -1.63 49.93
C ARG N 336 31.33 -1.13 48.90
N PRO N 337 31.02 -1.91 47.84
CA PRO N 337 30.10 -1.46 46.78
C PRO N 337 28.63 -1.76 47.06
N ASN N 338 27.71 -0.96 46.50
CA ASN N 338 26.26 -1.20 46.67
C ASN N 338 25.84 -2.37 45.80
N TRP N 339 24.90 -3.22 46.26
CA TRP N 339 24.59 -4.44 45.50
C TRP N 339 23.10 -4.78 45.49
N ASN N 340 22.60 -5.32 44.36
CA ASN N 340 21.22 -5.80 44.25
C ASN N 340 21.23 -7.18 43.61
N HIS N 341 20.43 -8.10 44.13
CA HIS N 341 20.29 -9.42 43.53
C HIS N 341 18.91 -9.99 43.83
N THR N 342 18.34 -10.72 42.87
CA THR N 342 17.00 -11.29 42.99
C THR N 342 17.05 -12.81 42.89
N PHE N 343 16.41 -13.47 43.85
CA PHE N 343 16.19 -14.92 43.83
C PHE N 343 14.72 -15.23 43.60
N VAL N 344 14.45 -16.34 42.93
CA VAL N 344 13.08 -16.80 42.71
C VAL N 344 12.85 -17.98 43.66
N ILE N 345 11.95 -17.80 44.63
CA ILE N 345 11.69 -18.81 45.65
C ILE N 345 10.51 -19.64 45.14
N GLY N 346 10.82 -20.67 44.37
CA GLY N 346 9.81 -21.50 43.75
C GLY N 346 10.39 -22.34 42.64
N PRO N 347 9.60 -22.61 41.60
CA PRO N 347 10.11 -23.39 40.47
C PRO N 347 11.19 -22.65 39.70
N TYR N 348 11.97 -23.43 38.97
CA TYR N 348 13.14 -22.91 38.25
C TYR N 348 12.73 -21.98 37.12
N LYS N 349 13.45 -20.87 36.98
CA LYS N 349 13.30 -19.98 35.82
C LYS N 349 14.59 -19.73 35.07
N ASP N 350 15.71 -19.54 35.77
CA ASP N 350 17.01 -19.41 35.11
C ASP N 350 18.11 -19.56 36.14
N LYS N 351 19.34 -19.69 35.65
CA LYS N 351 20.48 -20.04 36.50
C LYS N 351 20.82 -18.93 37.49
N ALA N 352 20.71 -17.66 37.07
CA ALA N 352 21.17 -16.57 37.92
C ALA N 352 20.33 -16.40 39.18
N SER N 353 19.07 -16.84 39.17
CA SER N 353 18.17 -16.65 40.30
C SER N 353 17.77 -17.95 40.99
N SER N 354 18.45 -19.06 40.69
CA SER N 354 18.12 -20.36 41.27
C SER N 354 19.18 -20.75 42.29
N ILE N 355 18.77 -20.86 43.55
CA ILE N 355 19.72 -21.25 44.60
C ILE N 355 20.12 -22.71 44.44
N ARG N 356 19.16 -23.59 44.12
CA ARG N 356 19.45 -25.01 44.03
C ARG N 356 20.43 -25.32 42.90
N TYR N 357 20.28 -24.67 41.75
CA TYR N 357 21.19 -24.91 40.64
C TYR N 357 22.63 -24.53 41.00
N GLN N 358 22.81 -23.33 41.56
CA GLN N 358 24.14 -22.87 41.91
C GLN N 358 24.74 -23.73 43.01
N TRP N 359 23.92 -24.17 43.98
CA TRP N 359 24.43 -25.01 45.06
C TRP N 359 24.92 -26.35 44.54
N ASP N 360 24.22 -26.94 43.55
CA ASP N 360 24.64 -28.18 42.94
C ASP N 360 25.64 -27.92 41.80
N LYS N 361 26.40 -26.82 41.83
CA LYS N 361 27.36 -26.63 40.75
C LYS N 361 28.66 -26.12 41.31
N ARG N 362 28.89 -26.34 42.61
CA ARG N 362 30.07 -25.83 43.28
C ARG N 362 31.28 -26.71 43.02
N TYR N 363 31.12 -27.76 42.20
CA TYR N 363 32.23 -28.65 41.85
C TYR N 363 32.76 -28.32 40.44
N ILE N 364 32.12 -27.38 39.75
CA ILE N 364 32.59 -26.96 38.44
C ILE N 364 33.00 -25.50 38.52
N PRO N 365 34.31 -25.20 38.56
CA PRO N 365 34.72 -23.79 38.67
C PRO N 365 34.26 -22.89 37.55
N GLY N 366 34.07 -23.43 36.34
CA GLY N 366 33.61 -22.62 35.23
C GLY N 366 32.15 -22.23 35.26
N GLU N 367 31.37 -22.81 36.16
CA GLU N 367 29.97 -22.45 36.32
C GLU N 367 29.75 -21.36 37.37
N VAL N 368 30.75 -21.08 38.21
CA VAL N 368 30.58 -20.16 39.33
C VAL N 368 30.66 -18.73 38.83
N LYS N 369 29.50 -18.14 38.55
CA LYS N 369 29.45 -16.81 37.97
C LYS N 369 28.66 -15.80 38.79
N TRP N 370 27.96 -16.23 39.84
CA TRP N 370 27.29 -15.24 40.67
C TRP N 370 27.76 -15.27 42.13
N TRP N 371 27.49 -16.34 42.86
CA TRP N 371 27.81 -16.40 44.28
C TRP N 371 28.71 -17.60 44.53
N ASP N 372 29.60 -17.46 45.51
CA ASP N 372 30.57 -18.48 45.86
C ASP N 372 30.09 -19.23 47.10
N TRP N 373 29.46 -20.39 46.90
CA TRP N 373 28.89 -21.14 48.02
C TRP N 373 29.93 -21.95 48.77
N ASN N 374 31.03 -22.32 48.11
CA ASN N 374 32.14 -22.97 48.83
C ASN N 374 32.70 -22.05 49.91
N TRP N 375 32.76 -20.75 49.64
CA TRP N 375 33.23 -19.79 50.64
C TRP N 375 32.32 -19.75 51.85
N THR N 376 31.00 -19.77 51.63
CA THR N 376 30.07 -19.78 52.77
C THR N 376 30.20 -21.05 53.58
N ILE N 377 30.37 -22.20 52.91
CA ILE N 377 30.59 -23.45 53.65
C ILE N 377 31.87 -23.37 54.47
N GLN N 378 32.93 -22.82 53.88
CA GLN N 378 34.19 -22.70 54.60
C GLN N 378 34.06 -21.78 55.82
N GLN N 379 33.30 -20.69 55.68
CA GLN N 379 33.17 -19.74 56.79
C GLN N 379 32.25 -20.23 57.89
N ASN N 380 31.20 -20.99 57.57
CA ASN N 380 30.16 -21.29 58.56
C ASN N 380 29.95 -22.77 58.86
N GLY N 381 30.35 -23.67 57.99
CA GLY N 381 30.06 -25.07 58.22
C GLY N 381 28.96 -25.57 57.29
N LEU N 382 29.03 -26.86 56.94
CA LEU N 382 28.13 -27.41 55.95
C LEU N 382 26.70 -27.54 56.47
N SER N 383 26.53 -28.08 57.69
CA SER N 383 25.19 -28.33 58.20
C SER N 383 24.45 -27.03 58.50
N THR N 384 25.16 -26.00 58.97
CA THR N 384 24.54 -24.71 59.20
C THR N 384 23.93 -24.14 57.92
N MET N 385 24.71 -24.14 56.83
CA MET N 385 24.19 -23.64 55.56
C MET N 385 23.06 -24.50 55.04
N GLN N 386 23.17 -25.82 55.18
CA GLN N 386 22.10 -26.71 54.73
C GLN N 386 20.79 -26.39 55.45
N ASN N 387 20.84 -26.23 56.77
CA ASN N 387 19.62 -25.99 57.53
C ASN N 387 19.03 -24.60 57.23
N ASN N 388 19.88 -23.58 57.11
CA ASN N 388 19.37 -22.26 56.77
C ASN N 388 18.71 -22.25 55.40
N LEU N 389 19.35 -22.86 54.40
CA LEU N 389 18.76 -22.88 53.06
C LEU N 389 17.51 -23.74 53.00
N ALA N 390 17.44 -24.80 53.80
CA ALA N 390 16.22 -25.60 53.85
C ALA N 390 15.07 -24.79 54.44
N ARG N 391 15.33 -23.98 55.46
CA ARG N 391 14.27 -23.14 56.00
C ARG N 391 13.87 -22.02 55.04
N VAL N 392 14.80 -21.53 54.22
CA VAL N 392 14.45 -20.45 53.29
C VAL N 392 13.53 -20.97 52.17
N LEU N 393 13.77 -22.19 51.69
CA LEU N 393 13.06 -22.71 50.53
C LEU N 393 11.85 -23.58 50.90
N ARG N 394 11.26 -23.35 52.07
CA ARG N 394 10.17 -24.19 52.54
C ARG N 394 8.88 -23.89 51.76
N PRO N 395 8.13 -24.92 51.35
CA PRO N 395 6.88 -24.68 50.61
C PRO N 395 5.78 -24.06 51.47
N VAL N 396 4.88 -23.33 50.80
CA VAL N 396 3.78 -22.61 51.46
C VAL N 396 2.47 -22.96 50.77
N ARG N 397 1.42 -23.25 51.55
CA ARG N 397 0.11 -23.55 51.02
C ARG N 397 -0.95 -22.69 51.71
N ALA N 398 -2.01 -22.36 50.95
CA ALA N 398 -3.08 -21.54 51.49
C ALA N 398 -4.33 -21.72 50.65
N GLY N 399 -5.46 -21.31 51.22
CA GLY N 399 -6.72 -21.19 50.49
C GLY N 399 -6.99 -19.73 50.18
N ILE N 400 -7.53 -19.48 48.98
CA ILE N 400 -7.67 -18.13 48.45
C ILE N 400 -9.11 -17.88 48.05
N THR N 401 -9.59 -16.66 48.29
CA THR N 401 -10.84 -16.15 47.72
C THR N 401 -10.55 -14.81 47.08
N GLY N 402 -11.20 -14.51 45.96
CA GLY N 402 -10.91 -13.28 45.27
C GLY N 402 -12.03 -12.83 44.35
N ASP N 403 -11.77 -11.74 43.64
CA ASP N 403 -12.72 -11.14 42.71
C ASP N 403 -12.03 -10.81 41.38
N PHE N 404 -12.72 -11.09 40.28
CA PHE N 404 -12.24 -10.78 38.95
C PHE N 404 -13.02 -9.60 38.38
N SER N 405 -12.34 -8.76 37.60
CA SER N 405 -12.99 -7.58 37.01
C SER N 405 -12.19 -7.12 35.80
N ALA N 406 -12.90 -6.73 34.73
CA ALA N 406 -12.27 -6.19 33.54
C ALA N 406 -13.27 -5.34 32.77
N GLU N 407 -12.75 -4.37 32.02
CA GLU N 407 -13.57 -3.37 31.33
C GLU N 407 -13.63 -3.61 29.83
N SER N 408 -14.81 -3.43 29.26
CA SER N 408 -15.08 -3.46 27.82
C SER N 408 -14.59 -4.77 27.18
N GLN N 409 -15.19 -5.86 27.61
CA GLN N 409 -15.01 -7.18 27.03
C GLN N 409 -16.22 -7.49 26.13
N PHE N 410 -16.33 -8.73 25.67
CA PHE N 410 -17.39 -9.12 24.74
C PHE N 410 -18.47 -9.93 25.43
N ALA N 411 -19.70 -9.79 24.93
CA ALA N 411 -20.85 -10.56 25.41
C ALA N 411 -21.76 -10.92 24.23
N GLY N 412 -22.16 -12.18 24.13
CA GLY N 412 -22.90 -12.66 22.99
C GLY N 412 -24.20 -13.35 23.38
N ASN N 413 -25.00 -13.67 22.36
CA ASN N 413 -26.27 -14.36 22.52
C ASN N 413 -26.68 -15.00 21.20
N ILE N 414 -26.96 -16.30 21.20
CA ILE N 414 -27.36 -17.04 20.02
C ILE N 414 -28.61 -17.85 20.33
N GLU N 415 -29.62 -17.78 19.45
CA GLU N 415 -30.92 -18.40 19.73
C GLU N 415 -31.45 -19.17 18.52
N ILE N 416 -32.03 -20.35 18.79
CA ILE N 416 -32.80 -21.12 17.81
C ILE N 416 -34.23 -21.22 18.33
N GLY N 417 -35.20 -20.83 17.50
CA GLY N 417 -36.59 -20.77 17.90
C GLY N 417 -37.37 -22.04 17.61
N ALA N 418 -38.66 -22.00 17.94
CA ALA N 418 -39.58 -23.12 17.79
C ALA N 418 -40.08 -23.23 16.34
N PRO N 419 -40.29 -24.44 15.84
CA PRO N 419 -40.70 -24.60 14.44
C PRO N 419 -42.15 -24.19 14.20
N VAL N 420 -42.42 -23.78 12.96
CA VAL N 420 -43.72 -23.35 12.50
C VAL N 420 -44.12 -24.20 11.30
N PRO N 421 -45.21 -24.96 11.35
CA PRO N 421 -45.61 -25.75 10.19
C PRO N 421 -46.01 -24.88 9.00
N LEU N 422 -45.71 -25.37 7.80
CA LEU N 422 -46.03 -24.62 6.59
C LEU N 422 -47.46 -24.88 6.15
#